data_4A52
#
_entry.id   4A52
#
_cell.length_a   1.000
_cell.length_b   1.000
_cell.length_c   1.000
_cell.angle_alpha   90.00
_cell.angle_beta   90.00
_cell.angle_gamma   90.00
#
_symmetry.space_group_name_H-M   'P 1'
#
loop_
_entity.id
_entity.type
_entity.pdbx_description
1 polymer 'PUTATIVE L, D-TRANSPEPTIDASE YKUD'
2 non-polymer '(5R)-5-[(1S,2R)-1-formyl-2-hydroxypropyl]-3-[(2-{[(E)-iminomethyl]amino}ethyl)sulfanyl]-4,5-dihydro-1H-pyrrole-2-carbox ylic acid'
#
_entity_poly.entity_id   1
_entity_poly.type   'polypeptide(L)'
_entity_poly.pdbx_seq_one_letter_code
;GRKLLTYQVKQGDTLNSIAADFRISTAALLQANPSLQAGLTAGQSIVIPGLPDPYTIPYHIAVSIGAKTLTLSLNNRVMK
TYPIAVGKILTQTPTGEFYIINRQRNPGGPFGAYWLSLSKQHYGIHGTNNPASIGKAVSKGCIRMHNKDVIELASIVPNG
TRVTINRGSHHHHHH
;
_entity_poly.pdbx_strand_id   A
#
# COMPACT_ATOMS: atom_id res chain seq x y z
N GLY A 1 10.94 18.46 12.86
CA GLY A 1 10.08 17.28 13.14
C GLY A 1 9.89 16.44 11.90
N ARG A 2 9.09 15.38 12.04
CA ARG A 2 8.80 14.50 10.91
C ARG A 2 7.62 15.02 10.12
N LYS A 3 7.77 15.02 8.81
CA LYS A 3 6.77 15.56 7.89
C LYS A 3 5.58 14.64 7.77
N LEU A 4 4.46 15.20 7.37
CA LEU A 4 3.27 14.43 7.05
C LEU A 4 3.32 13.94 5.59
N LEU A 5 2.42 13.01 5.24
CA LEU A 5 2.49 12.26 4.00
C LEU A 5 2.05 13.06 2.80
N THR A 6 2.64 12.74 1.68
CA THR A 6 2.14 13.23 0.41
C THR A 6 1.61 12.07 -0.46
N TYR A 7 0.61 12.43 -1.25
CA TYR A 7 -0.06 11.53 -2.17
C TYR A 7 -0.19 12.23 -3.51
N GLN A 8 -0.16 11.51 -4.61
CA GLN A 8 -0.38 12.09 -5.91
C GLN A 8 -1.42 11.25 -6.61
N VAL A 9 -2.56 11.84 -6.86
CA VAL A 9 -3.75 11.15 -7.29
C VAL A 9 -3.66 10.79 -8.76
N LYS A 10 -4.44 9.79 -9.15
CA LYS A 10 -4.40 9.31 -10.50
C LYS A 10 -5.70 9.64 -11.19
N GLN A 11 -5.65 9.77 -12.50
CA GLN A 11 -6.78 10.24 -13.29
C GLN A 11 -8.06 9.46 -12.98
N GLY A 12 -9.04 10.17 -12.44
CA GLY A 12 -10.33 9.58 -12.18
C GLY A 12 -10.67 9.51 -10.70
N ASP A 13 -9.68 9.77 -9.86
CA ASP A 13 -9.87 9.74 -8.40
C ASP A 13 -10.87 10.80 -7.92
N THR A 14 -11.50 10.52 -6.77
CA THR A 14 -12.47 11.43 -6.18
C THR A 14 -12.26 11.63 -4.69
N LEU A 15 -12.72 12.77 -4.19
CA LEU A 15 -12.48 13.19 -2.82
C LEU A 15 -12.78 12.11 -1.78
N ASN A 16 -14.00 11.62 -1.74
CA ASN A 16 -14.44 10.75 -0.65
C ASN A 16 -13.66 9.44 -0.69
N SER A 17 -13.54 8.96 -1.93
CA SER A 17 -12.89 7.70 -2.25
C SER A 17 -11.46 7.71 -1.75
N ILE A 18 -10.78 8.82 -1.97
CA ILE A 18 -9.40 9.00 -1.59
C ILE A 18 -9.24 9.20 -0.08
N ALA A 19 -10.13 9.97 0.52
CA ALA A 19 -10.10 10.19 1.96
C ALA A 19 -10.16 8.88 2.73
N ALA A 20 -11.23 8.16 2.62
CA ALA A 20 -11.31 6.91 3.36
C ALA A 20 -10.53 5.79 2.65
N ASP A 21 -10.01 6.08 1.49
CA ASP A 21 -8.89 5.31 0.95
C ASP A 21 -7.68 5.53 1.84
N PHE A 22 -7.55 6.73 2.38
CA PHE A 22 -6.51 7.00 3.34
C PHE A 22 -6.99 6.84 4.78
N ARG A 23 -8.13 6.17 4.92
CA ARG A 23 -8.69 5.87 6.24
C ARG A 23 -8.89 7.16 7.04
N ILE A 24 -9.49 8.17 6.42
CA ILE A 24 -9.60 9.49 7.03
C ILE A 24 -10.91 10.11 6.56
N SER A 25 -11.10 11.34 6.97
CA SER A 25 -12.25 12.12 6.55
C SER A 25 -11.85 13.06 5.45
N THR A 26 -12.76 13.29 4.51
CA THR A 26 -12.48 14.15 3.39
C THR A 26 -12.16 15.53 3.88
N ALA A 27 -12.85 15.90 4.95
CA ALA A 27 -12.69 17.19 5.57
C ALA A 27 -11.28 17.37 6.13
N ALA A 28 -10.66 16.28 6.59
CA ALA A 28 -9.32 16.38 7.16
C ALA A 28 -8.30 16.47 6.05
N LEU A 29 -8.55 15.72 4.99
CA LEU A 29 -7.70 15.78 3.81
C LEU A 29 -7.96 17.09 3.07
N LEU A 30 -9.10 17.71 3.35
CA LEU A 30 -9.42 19.02 2.85
C LEU A 30 -8.73 20.11 3.65
N GLN A 31 -8.67 19.89 4.96
CA GLN A 31 -8.09 20.85 5.88
C GLN A 31 -6.68 21.15 5.48
N ALA A 32 -5.99 20.08 5.17
CA ALA A 32 -4.64 20.14 4.71
C ALA A 32 -4.53 20.48 3.23
N ASN A 33 -5.62 20.26 2.49
CA ASN A 33 -5.59 20.38 1.04
C ASN A 33 -6.90 20.98 0.54
N PRO A 34 -7.09 22.28 0.79
CA PRO A 34 -8.27 23.01 0.33
C PRO A 34 -8.49 22.96 -1.17
N SER A 35 -7.53 22.46 -1.92
CA SER A 35 -7.76 22.28 -3.35
C SER A 35 -8.88 21.27 -3.56
N LEU A 36 -8.92 20.31 -2.65
CA LEU A 36 -9.80 19.17 -2.77
C LEU A 36 -11.24 19.42 -2.36
N GLN A 37 -11.58 20.60 -1.80
CA GLN A 37 -12.99 20.86 -1.46
C GLN A 37 -13.87 20.53 -2.62
N ALA A 38 -13.36 20.92 -3.75
CA ALA A 38 -14.03 20.70 -4.99
C ALA A 38 -13.76 19.31 -5.54
N GLY A 39 -12.49 18.90 -5.54
CA GLY A 39 -12.14 17.58 -5.98
C GLY A 39 -10.66 17.32 -6.05
N LEU A 40 -10.35 16.23 -6.71
CA LEU A 40 -8.99 15.79 -6.94
C LEU A 40 -8.66 15.85 -8.43
N THR A 41 -7.39 15.89 -8.74
CA THR A 41 -6.93 15.99 -10.11
C THR A 41 -5.76 15.04 -10.37
N ALA A 42 -5.80 14.33 -11.50
CA ALA A 42 -4.68 13.47 -11.91
C ALA A 42 -3.34 14.16 -11.80
N GLY A 43 -2.44 13.48 -11.09
CA GLY A 43 -1.08 13.96 -10.92
C GLY A 43 -0.97 14.99 -9.83
N GLN A 44 -2.12 15.46 -9.36
CA GLN A 44 -2.15 16.36 -8.24
C GLN A 44 -1.62 15.70 -7.00
N SER A 45 -1.08 16.52 -6.13
CA SER A 45 -0.40 16.06 -4.97
C SER A 45 -1.11 16.56 -3.73
N ILE A 46 -1.31 15.70 -2.75
CA ILE A 46 -2.07 16.08 -1.58
C ILE A 46 -1.38 15.57 -0.33
N VAL A 47 -1.65 16.26 0.77
CA VAL A 47 -1.09 15.88 2.06
C VAL A 47 -2.10 15.10 2.87
N ILE A 48 -1.58 14.21 3.69
CA ILE A 48 -2.41 13.34 4.49
C ILE A 48 -2.11 13.63 5.95
N PRO A 49 -2.83 14.60 6.50
CA PRO A 49 -2.60 15.08 7.86
C PRO A 49 -2.76 13.99 8.91
N GLY A 50 -1.88 14.01 9.90
CA GLY A 50 -1.87 12.99 10.91
C GLY A 50 -1.09 11.76 10.49
N LEU A 51 -0.68 11.73 9.23
CA LEU A 51 0.12 10.64 8.70
C LEU A 51 1.47 11.19 8.25
N PRO A 52 2.58 10.58 8.70
CA PRO A 52 3.95 11.03 8.39
C PRO A 52 4.35 10.83 6.93
N ASP A 53 5.48 11.43 6.59
CA ASP A 53 5.97 11.49 5.22
C ASP A 53 6.87 10.31 4.89
N PRO A 54 6.67 9.74 3.70
CA PRO A 54 7.37 8.53 3.29
C PRO A 54 8.81 8.77 2.88
N TYR A 55 9.23 10.02 2.91
CA TYR A 55 10.59 10.38 2.61
C TYR A 55 11.41 10.52 3.90
N THR A 56 10.75 10.89 5.01
CA THR A 56 11.37 10.81 6.32
C THR A 56 11.62 9.34 6.62
N ILE A 57 10.68 8.56 6.13
CA ILE A 57 10.72 7.11 6.23
C ILE A 57 11.67 6.51 5.18
N PRO A 58 12.65 5.68 5.57
CA PRO A 58 13.37 4.90 4.62
C PRO A 58 12.86 3.45 4.62
N TYR A 59 11.99 3.18 3.71
CA TYR A 59 11.48 1.85 3.44
C TYR A 59 10.92 1.86 2.03
N HIS A 60 11.19 0.83 1.25
CA HIS A 60 10.89 0.87 -0.17
C HIS A 60 10.40 -0.53 -0.56
N ILE A 61 9.13 -0.60 -0.83
CA ILE A 61 8.50 -1.86 -1.16
C ILE A 61 8.42 -2.02 -2.66
N ALA A 62 9.22 -2.93 -3.17
CA ALA A 62 9.27 -3.19 -4.59
C ALA A 62 8.67 -4.54 -4.90
N VAL A 63 7.40 -4.50 -5.24
CA VAL A 63 6.69 -5.70 -5.61
C VAL A 63 6.31 -5.63 -7.06
N SER A 64 7.11 -6.25 -7.87
CA SER A 64 6.85 -6.25 -9.26
C SER A 64 6.03 -7.48 -9.60
N ILE A 65 4.96 -7.26 -10.34
CA ILE A 65 4.10 -8.33 -10.79
C ILE A 65 4.91 -9.28 -11.65
N GLY A 66 5.83 -8.69 -12.39
CA GLY A 66 6.75 -9.49 -13.18
C GLY A 66 7.67 -10.31 -12.29
N ALA A 67 8.18 -9.67 -11.26
CA ALA A 67 9.04 -10.32 -10.26
C ALA A 67 8.26 -11.34 -9.40
N LYS A 68 6.96 -11.11 -9.31
CA LYS A 68 6.04 -11.93 -8.52
C LYS A 68 6.46 -12.04 -7.06
N THR A 69 7.33 -11.14 -6.61
CA THR A 69 7.73 -11.08 -5.23
C THR A 69 7.87 -9.65 -4.77
N LEU A 70 7.43 -9.42 -3.54
CA LEU A 70 7.44 -8.12 -2.93
C LEU A 70 8.70 -7.95 -2.12
N THR A 71 9.52 -6.99 -2.51
CA THR A 71 10.81 -6.82 -1.88
C THR A 71 10.79 -5.70 -0.86
N LEU A 72 11.19 -5.99 0.36
CA LEU A 72 11.26 -4.95 1.35
C LEU A 72 12.61 -4.25 1.12
N SER A 73 12.73 -2.96 1.37
CA SER A 73 14.04 -2.31 1.19
C SER A 73 14.22 -1.12 2.12
N LEU A 74 15.36 -1.11 2.78
CA LEU A 74 15.72 -0.02 3.65
C LEU A 74 17.03 0.61 3.23
N ASN A 75 17.03 1.90 3.00
CA ASN A 75 18.27 2.64 2.79
C ASN A 75 18.92 2.16 1.49
N ASN A 76 18.05 1.86 0.52
CA ASN A 76 18.42 1.49 -0.86
C ASN A 76 18.82 0.03 -0.96
N ARG A 77 18.72 -0.68 0.15
CA ARG A 77 18.91 -2.12 0.07
C ARG A 77 17.83 -2.92 0.78
N VAL A 78 17.48 -4.01 0.12
CA VAL A 78 16.42 -4.91 0.57
C VAL A 78 16.62 -5.39 1.98
N MET A 79 15.50 -5.61 2.60
CA MET A 79 15.42 -6.13 3.94
C MET A 79 15.16 -7.60 3.86
N LYS A 80 14.25 -7.90 2.96
CA LYS A 80 13.76 -9.25 2.73
C LYS A 80 12.71 -9.25 1.62
N THR A 81 12.47 -10.39 1.00
CA THR A 81 11.46 -10.49 -0.07
C THR A 81 10.34 -11.47 0.30
N TYR A 82 9.10 -11.05 0.10
CA TYR A 82 7.95 -11.89 0.44
C TYR A 82 7.16 -12.21 -0.83
N PRO A 83 6.57 -13.42 -0.91
CA PRO A 83 5.78 -13.81 -2.06
C PRO A 83 4.36 -13.27 -1.99
N ILE A 84 3.80 -12.91 -3.14
CA ILE A 84 2.45 -12.35 -3.20
C ILE A 84 1.69 -12.95 -4.38
N ALA A 85 0.39 -12.65 -4.50
CA ALA A 85 -0.40 -13.13 -5.64
C ALA A 85 -0.28 -12.18 -6.82
N VAL A 86 0.26 -12.72 -7.91
CA VAL A 86 0.42 -11.97 -9.13
C VAL A 86 -0.51 -12.49 -10.21
N GLY A 87 -0.53 -13.81 -10.36
CA GLY A 87 -1.35 -14.43 -11.36
C GLY A 87 -0.52 -15.24 -12.33
N LYS A 88 -1.14 -15.75 -13.38
CA LYS A 88 -0.44 -16.55 -14.35
C LYS A 88 -0.50 -15.87 -15.72
N ILE A 89 -1.44 -14.94 -15.88
CA ILE A 89 -1.59 -14.19 -17.11
C ILE A 89 -2.33 -12.88 -16.83
N LEU A 90 -1.64 -11.97 -16.17
CA LEU A 90 -2.24 -10.70 -15.77
C LEU A 90 -1.28 -9.54 -16.08
N THR A 91 -1.55 -8.85 -17.18
CA THR A 91 -0.70 -7.76 -17.64
C THR A 91 -1.24 -6.40 -17.19
N GLN A 92 -0.90 -5.33 -17.94
CA GLN A 92 -1.30 -3.96 -17.62
C GLN A 92 -0.50 -3.46 -16.41
N THR A 93 0.56 -2.70 -16.68
CA THR A 93 1.40 -2.16 -15.62
C THR A 93 0.71 -0.98 -14.93
N PRO A 94 0.35 -1.12 -13.64
CA PRO A 94 -0.23 -0.03 -12.87
C PRO A 94 0.84 0.99 -12.48
N THR A 95 1.02 1.99 -13.33
CA THR A 95 2.06 3.00 -13.11
C THR A 95 1.66 3.99 -12.01
N GLY A 96 1.64 3.49 -10.79
CA GLY A 96 1.34 4.33 -9.64
C GLY A 96 2.02 3.83 -8.40
N GLU A 97 2.07 4.65 -7.37
CA GLU A 97 2.67 4.25 -6.11
C GLU A 97 1.63 4.28 -5.00
N PHE A 98 1.76 3.35 -4.07
CA PHE A 98 0.89 3.30 -2.91
C PHE A 98 1.75 3.42 -1.68
N TYR A 99 1.14 3.59 -0.52
CA TYR A 99 1.89 3.61 0.72
C TYR A 99 1.25 2.68 1.75
N ILE A 100 2.11 2.00 2.49
CA ILE A 100 1.68 1.28 3.67
C ILE A 100 1.10 2.28 4.63
N ILE A 101 -0.21 2.29 4.75
CA ILE A 101 -0.86 3.32 5.54
C ILE A 101 -1.30 2.80 6.90
N ASN A 102 -1.52 1.50 7.03
CA ASN A 102 -2.11 1.01 8.27
C ASN A 102 -1.78 -0.45 8.58
N ARG A 103 -1.91 -0.70 9.86
CA ARG A 103 -1.79 -2.04 10.42
C ARG A 103 -2.79 -2.22 11.55
N GLN A 104 -3.48 -3.35 11.52
CA GLN A 104 -4.55 -3.64 12.42
C GLN A 104 -4.15 -4.65 13.46
N ARG A 105 -4.64 -4.40 14.64
CA ARG A 105 -4.53 -5.28 15.75
C ARG A 105 -5.05 -6.67 15.44
N ASN A 106 -4.46 -7.63 16.14
CA ASN A 106 -4.81 -9.03 16.02
C ASN A 106 -6.32 -9.23 16.05
N PRO A 107 -6.89 -9.42 14.84
CA PRO A 107 -8.33 -9.57 14.64
C PRO A 107 -8.91 -10.70 15.48
N GLY A 108 -8.27 -11.85 15.39
CA GLY A 108 -8.70 -13.01 16.13
C GLY A 108 -9.21 -14.11 15.23
N GLY A 109 -9.44 -13.77 13.96
CA GLY A 109 -9.97 -14.74 13.03
C GLY A 109 -9.07 -14.94 11.83
N PRO A 110 -9.58 -15.66 10.80
CA PRO A 110 -8.85 -15.96 9.55
C PRO A 110 -8.50 -14.73 8.70
N PHE A 111 -8.53 -13.56 9.31
CA PHE A 111 -8.21 -12.33 8.60
C PHE A 111 -6.69 -12.28 8.33
N GLY A 112 -5.96 -13.11 9.06
CA GLY A 112 -4.55 -13.32 8.76
C GLY A 112 -3.62 -12.54 9.67
N ALA A 113 -3.94 -12.54 10.96
CA ALA A 113 -3.04 -12.01 12.00
C ALA A 113 -2.97 -10.49 12.01
N TYR A 114 -2.96 -9.88 10.83
CA TYR A 114 -2.77 -8.45 10.70
C TYR A 114 -3.47 -7.96 9.43
N TRP A 115 -4.01 -6.76 9.49
CA TRP A 115 -4.56 -6.12 8.30
C TRP A 115 -3.79 -4.85 7.99
N LEU A 116 -2.94 -4.91 6.99
CA LEU A 116 -2.21 -3.73 6.55
C LEU A 116 -2.77 -3.21 5.24
N SER A 117 -2.90 -1.90 5.18
CA SER A 117 -3.59 -1.26 4.08
C SER A 117 -2.64 -0.59 3.09
N LEU A 118 -3.00 -0.62 1.81
CA LEU A 118 -2.29 0.14 0.80
C LEU A 118 -3.03 1.45 0.58
N SER A 119 -2.62 2.25 -0.39
CA SER A 119 -3.20 3.59 -0.54
C SER A 119 -4.15 3.71 -1.74
N LYS A 120 -4.41 2.63 -2.46
CA LYS A 120 -5.35 2.73 -3.57
C LYS A 120 -6.40 1.63 -3.56
N GLN A 121 -7.57 1.98 -3.04
CA GLN A 121 -8.78 1.16 -3.08
C GLN A 121 -8.57 -0.32 -2.73
N HIS A 122 -8.62 -1.17 -3.74
CA HIS A 122 -8.70 -2.61 -3.52
C HIS A 122 -7.31 -3.25 -3.49
N TYR A 123 -6.42 -2.66 -2.71
CA TYR A 123 -5.09 -3.20 -2.53
C TYR A 123 -4.71 -3.16 -1.06
N GLY A 124 -4.22 -4.27 -0.55
CA GLY A 124 -3.81 -4.34 0.84
C GLY A 124 -2.78 -5.42 1.06
N ILE A 125 -2.00 -5.27 2.11
CA ILE A 125 -1.01 -6.26 2.50
C ILE A 125 -1.47 -6.96 3.77
N HIS A 126 -1.79 -8.23 3.66
CA HIS A 126 -2.41 -8.92 4.78
C HIS A 126 -1.90 -10.35 4.94
N GLY A 127 -2.59 -11.09 5.78
CA GLY A 127 -2.21 -12.46 6.05
C GLY A 127 -3.29 -13.46 5.74
N THR A 128 -2.99 -14.73 5.96
CA THR A 128 -3.80 -15.81 5.45
C THR A 128 -3.86 -16.99 6.42
N ASN A 129 -4.67 -17.97 6.06
CA ASN A 129 -4.58 -19.31 6.64
C ASN A 129 -4.08 -20.28 5.58
N ASN A 130 -4.10 -19.83 4.33
CA ASN A 130 -3.60 -20.63 3.21
C ASN A 130 -2.53 -19.87 2.46
N PRO A 131 -1.25 -20.20 2.69
CA PRO A 131 -0.12 -19.57 2.01
C PRO A 131 0.31 -20.30 0.75
N ALA A 132 -0.40 -21.35 0.38
CA ALA A 132 0.06 -22.21 -0.70
C ALA A 132 -0.30 -21.61 -2.05
N SER A 133 -1.26 -20.71 -2.03
CA SER A 133 -1.67 -19.98 -3.23
C SER A 133 -0.82 -18.74 -3.41
N ILE A 134 0.01 -18.46 -2.41
CA ILE A 134 0.80 -17.26 -2.38
C ILE A 134 2.04 -17.37 -3.26
N GLY A 135 1.97 -16.71 -4.41
CA GLY A 135 3.05 -16.74 -5.37
C GLY A 135 2.92 -17.88 -6.35
N LYS A 136 1.99 -18.80 -6.08
CA LYS A 136 1.88 -20.01 -6.87
C LYS A 136 0.46 -20.24 -7.38
N ALA A 137 -0.39 -19.23 -7.27
CA ALA A 137 -1.77 -19.37 -7.71
C ALA A 137 -2.35 -18.03 -8.14
N VAL A 138 -3.48 -18.08 -8.84
CA VAL A 138 -4.14 -16.89 -9.35
C VAL A 138 -5.19 -16.38 -8.35
N SER A 139 -4.72 -15.97 -7.18
CA SER A 139 -5.61 -15.53 -6.11
C SER A 139 -6.09 -14.09 -6.30
N LYS A 140 -6.61 -13.83 -7.51
CA LYS A 140 -7.18 -12.52 -7.90
C LYS A 140 -6.42 -11.32 -7.31
N GLY A 141 -5.09 -11.36 -7.42
CA GLY A 141 -4.26 -10.26 -6.95
C GLY A 141 -4.45 -9.94 -5.47
N CYS A 142 -4.11 -10.89 -4.60
CA CYS A 142 -4.13 -10.65 -3.17
C CYS A 142 -2.71 -10.57 -2.63
N ILE A 143 -2.41 -9.49 -1.92
CA ILE A 143 -1.08 -9.28 -1.40
C ILE A 143 -1.02 -9.75 0.05
N ARG A 144 -1.00 -11.06 0.23
CA ARG A 144 -1.01 -11.65 1.56
C ARG A 144 0.09 -12.70 1.68
N MET A 145 0.58 -12.89 2.89
CA MET A 145 1.64 -13.88 3.15
C MET A 145 1.37 -14.57 4.48
N HIS A 146 2.40 -15.20 5.02
CA HIS A 146 2.27 -15.92 6.30
C HIS A 146 2.02 -14.92 7.41
N ASN A 147 1.35 -15.35 8.46
CA ASN A 147 1.01 -14.47 9.57
C ASN A 147 2.25 -13.72 10.06
N LYS A 148 3.25 -14.43 10.53
CA LYS A 148 4.41 -13.79 11.11
C LYS A 148 5.15 -12.94 10.07
N ASP A 149 5.06 -13.33 8.80
CA ASP A 149 5.73 -12.60 7.72
C ASP A 149 5.10 -11.23 7.54
N VAL A 150 3.79 -11.17 7.61
CA VAL A 150 3.07 -9.92 7.41
C VAL A 150 3.17 -9.05 8.67
N ILE A 151 3.55 -9.65 9.79
CA ILE A 151 3.82 -8.88 11.02
C ILE A 151 5.28 -8.45 11.08
N GLU A 152 6.23 -9.28 10.66
CA GLU A 152 7.57 -8.80 10.37
C GLU A 152 7.55 -7.51 9.57
N LEU A 153 7.09 -7.60 8.32
CA LEU A 153 6.96 -6.43 7.45
C LEU A 153 6.22 -5.32 8.18
N ALA A 154 5.16 -5.73 8.87
CA ALA A 154 4.21 -4.81 9.48
C ALA A 154 4.89 -3.81 10.39
N SER A 155 5.67 -4.35 11.31
CA SER A 155 6.27 -3.55 12.36
C SER A 155 7.47 -2.77 11.83
N ILE A 156 7.97 -3.17 10.67
CA ILE A 156 9.11 -2.51 10.07
C ILE A 156 8.63 -1.40 9.15
N VAL A 157 7.69 -1.72 8.30
CA VAL A 157 7.12 -0.74 7.40
C VAL A 157 6.13 0.16 8.15
N PRO A 158 6.41 1.47 8.19
CA PRO A 158 5.63 2.44 8.93
C PRO A 158 4.41 2.92 8.14
N ASN A 159 3.69 3.84 8.76
CA ASN A 159 2.43 4.37 8.21
C ASN A 159 2.59 5.07 6.86
N GLY A 160 3.80 5.07 6.32
CA GLY A 160 4.02 5.68 5.02
C GLY A 160 5.12 4.99 4.25
N THR A 161 4.95 3.71 4.00
CA THR A 161 5.94 2.95 3.26
C THR A 161 5.63 2.98 1.77
N ARG A 162 6.64 3.19 0.95
CA ARG A 162 6.43 3.32 -0.48
C ARG A 162 6.38 1.96 -1.14
N VAL A 163 5.30 1.72 -1.88
CA VAL A 163 5.10 0.42 -2.52
C VAL A 163 4.56 0.58 -3.93
N THR A 164 5.23 -0.04 -4.88
CA THR A 164 4.84 0.02 -6.27
C THR A 164 4.48 -1.37 -6.83
N ILE A 165 3.43 -1.42 -7.65
CA ILE A 165 3.06 -2.71 -8.25
C ILE A 165 3.07 -2.61 -9.77
N ASN A 166 4.04 -3.27 -10.38
CA ASN A 166 4.31 -3.10 -11.80
C ASN A 166 4.74 -4.41 -12.43
N ARG A 167 4.24 -4.64 -13.63
CA ARG A 167 4.56 -5.81 -14.41
C ARG A 167 5.94 -5.69 -15.04
N GLY A 168 6.46 -4.47 -15.08
CA GLY A 168 7.79 -4.24 -15.60
C GLY A 168 7.85 -4.36 -17.11
N SER A 169 8.23 -5.53 -17.59
CA SER A 169 8.38 -5.75 -19.02
C SER A 169 7.51 -6.92 -19.46
N GLY A 1 3.62 15.22 14.52
CA GLY A 1 5.08 15.50 14.56
C GLY A 1 5.75 15.16 13.25
N ARG A 2 6.89 15.80 12.97
CA ARG A 2 7.65 15.56 11.75
C ARG A 2 6.86 15.95 10.51
N LYS A 3 7.43 15.65 9.36
CA LYS A 3 6.76 15.88 8.09
C LYS A 3 5.61 14.91 7.93
N LEU A 4 4.55 15.34 7.25
CA LEU A 4 3.42 14.47 6.96
C LEU A 4 3.49 13.91 5.54
N LEU A 5 2.60 12.96 5.23
CA LEU A 5 2.65 12.17 4.01
C LEU A 5 2.14 12.93 2.82
N THR A 6 2.67 12.58 1.66
CA THR A 6 2.12 13.05 0.42
C THR A 6 1.59 11.89 -0.46
N TYR A 7 0.58 12.23 -1.23
CA TYR A 7 -0.09 11.34 -2.16
C TYR A 7 -0.24 12.08 -3.49
N GLN A 8 -0.19 11.38 -4.60
CA GLN A 8 -0.41 11.99 -5.90
C GLN A 8 -1.47 11.18 -6.59
N VAL A 9 -2.62 11.79 -6.82
CA VAL A 9 -3.81 11.09 -7.20
C VAL A 9 -3.74 10.63 -8.65
N LYS A 10 -4.51 9.61 -8.96
CA LYS A 10 -4.48 9.00 -10.26
C LYS A 10 -5.70 9.43 -11.04
N GLN A 11 -5.50 9.55 -12.33
CA GLN A 11 -6.51 10.09 -13.22
C GLN A 11 -7.86 9.42 -13.06
N GLY A 12 -8.78 10.16 -12.43
CA GLY A 12 -10.12 9.67 -12.26
C GLY A 12 -10.51 9.52 -10.80
N ASP A 13 -9.54 9.70 -9.90
CA ASP A 13 -9.80 9.60 -8.46
C ASP A 13 -10.79 10.65 -7.97
N THR A 14 -11.47 10.35 -6.86
CA THR A 14 -12.47 11.25 -6.29
C THR A 14 -12.29 11.46 -4.80
N LEU A 15 -12.78 12.59 -4.30
CA LEU A 15 -12.55 13.01 -2.93
C LEU A 15 -12.82 11.93 -1.88
N ASN A 16 -14.04 11.42 -1.81
CA ASN A 16 -14.45 10.56 -0.70
C ASN A 16 -13.66 9.26 -0.71
N SER A 17 -13.46 8.80 -1.94
CA SER A 17 -12.73 7.57 -2.21
C SER A 17 -11.35 7.68 -1.64
N ILE A 18 -10.68 8.76 -1.97
CA ILE A 18 -9.29 8.97 -1.62
C ILE A 18 -9.11 9.14 -0.12
N ALA A 19 -10.05 9.83 0.52
CA ALA A 19 -10.03 9.98 1.95
C ALA A 19 -10.05 8.64 2.65
N ALA A 20 -11.07 7.85 2.43
CA ALA A 20 -11.09 6.55 3.10
C ALA A 20 -10.27 5.51 2.34
N ASP A 21 -9.75 5.87 1.19
CA ASP A 21 -8.58 5.18 0.65
C ASP A 21 -7.42 5.38 1.61
N PHE A 22 -7.37 6.55 2.26
CA PHE A 22 -6.37 6.82 3.27
C PHE A 22 -6.93 6.65 4.68
N ARG A 23 -8.06 5.97 4.77
CA ARG A 23 -8.72 5.67 6.05
C ARG A 23 -8.88 6.95 6.88
N ILE A 24 -9.49 7.98 6.29
CA ILE A 24 -9.59 9.28 6.94
C ILE A 24 -10.89 9.94 6.52
N SER A 25 -11.04 11.20 6.91
CA SER A 25 -12.16 12.00 6.52
C SER A 25 -11.77 12.88 5.36
N THR A 26 -12.71 13.10 4.45
CA THR A 26 -12.47 13.94 3.30
C THR A 26 -12.19 15.34 3.76
N ALA A 27 -12.90 15.72 4.80
CA ALA A 27 -12.76 17.00 5.42
C ALA A 27 -11.38 17.17 6.05
N ALA A 28 -10.76 16.07 6.48
CA ALA A 28 -9.45 16.16 7.10
C ALA A 28 -8.37 16.26 6.05
N LEU A 29 -8.58 15.53 4.98
CA LEU A 29 -7.69 15.61 3.83
C LEU A 29 -7.96 16.93 3.09
N LEU A 30 -9.12 17.52 3.33
CA LEU A 30 -9.43 18.84 2.84
C LEU A 30 -8.78 19.91 3.70
N GLN A 31 -8.76 19.66 5.00
CA GLN A 31 -8.22 20.60 5.96
C GLN A 31 -6.80 20.93 5.60
N ALA A 32 -6.10 19.89 5.25
CA ALA A 32 -4.72 19.99 4.82
C ALA A 32 -4.60 20.36 3.36
N ASN A 33 -5.66 20.15 2.58
CA ASN A 33 -5.59 20.31 1.14
C ASN A 33 -6.88 20.92 0.63
N PRO A 34 -7.09 22.20 0.90
CA PRO A 34 -8.27 22.95 0.44
C PRO A 34 -8.46 22.95 -1.07
N SER A 35 -7.49 22.47 -1.82
CA SER A 35 -7.67 22.32 -3.25
C SER A 35 -8.77 21.29 -3.53
N LEU A 36 -8.84 20.31 -2.65
CA LEU A 36 -9.70 19.15 -2.82
C LEU A 36 -11.15 19.38 -2.43
N GLN A 37 -11.52 20.56 -1.90
CA GLN A 37 -12.90 20.78 -1.46
C GLN A 37 -13.84 20.40 -2.56
N ALA A 38 -13.42 20.76 -3.73
CA ALA A 38 -14.16 20.46 -4.92
C ALA A 38 -13.84 19.08 -5.46
N GLY A 39 -12.55 18.76 -5.52
CA GLY A 39 -12.16 17.47 -6.00
C GLY A 39 -10.66 17.29 -6.11
N LEU A 40 -10.31 16.22 -6.80
CA LEU A 40 -8.95 15.80 -7.01
C LEU A 40 -8.60 15.86 -8.49
N THR A 41 -7.32 15.96 -8.77
CA THR A 41 -6.83 16.01 -10.14
C THR A 41 -5.69 15.01 -10.33
N ALA A 42 -5.73 14.26 -11.43
CA ALA A 42 -4.63 13.37 -11.78
C ALA A 42 -3.27 14.04 -11.72
N GLY A 43 -2.37 13.38 -11.03
CA GLY A 43 -1.02 13.89 -10.86
C GLY A 43 -0.92 14.91 -9.77
N GLN A 44 -2.06 15.40 -9.32
CA GLN A 44 -2.12 16.30 -8.20
C GLN A 44 -1.61 15.63 -6.96
N SER A 45 -1.09 16.43 -6.09
CA SER A 45 -0.39 15.97 -4.92
C SER A 45 -1.09 16.46 -3.68
N ILE A 46 -1.32 15.58 -2.73
CA ILE A 46 -2.08 15.93 -1.56
C ILE A 46 -1.39 15.44 -0.31
N VAL A 47 -1.67 16.09 0.79
CA VAL A 47 -1.09 15.73 2.07
C VAL A 47 -2.08 14.95 2.90
N ILE A 48 -1.55 14.06 3.71
CA ILE A 48 -2.35 13.19 4.52
C ILE A 48 -2.04 13.50 5.98
N PRO A 49 -2.77 14.47 6.53
CA PRO A 49 -2.52 15.00 7.86
C PRO A 49 -2.59 13.93 8.94
N GLY A 50 -1.75 14.08 9.97
CA GLY A 50 -1.68 13.10 11.03
C GLY A 50 -0.87 11.87 10.64
N LEU A 51 -0.46 11.81 9.38
CA LEU A 51 0.37 10.73 8.88
C LEU A 51 1.70 11.29 8.45
N PRO A 52 2.81 10.76 8.99
CA PRO A 52 4.17 11.23 8.68
C PRO A 52 4.59 11.02 7.23
N ASP A 53 5.76 11.53 6.90
CA ASP A 53 6.23 11.61 5.52
C ASP A 53 7.04 10.38 5.14
N PRO A 54 6.85 9.89 3.90
CA PRO A 54 7.47 8.66 3.41
C PRO A 54 8.88 8.87 2.89
N TYR A 55 9.32 10.11 2.79
CA TYR A 55 10.65 10.42 2.28
C TYR A 55 11.66 10.47 3.42
N THR A 56 11.18 10.84 4.61
CA THR A 56 11.99 10.79 5.81
C THR A 56 12.01 9.35 6.34
N ILE A 57 11.10 8.55 5.80
CA ILE A 57 11.05 7.13 6.04
C ILE A 57 11.97 6.41 5.05
N PRO A 58 12.92 5.56 5.50
CA PRO A 58 13.64 4.73 4.58
C PRO A 58 13.09 3.31 4.60
N TYR A 59 12.19 3.08 3.68
CA TYR A 59 11.64 1.77 3.36
C TYR A 59 11.10 1.84 1.96
N HIS A 60 11.27 0.81 1.16
CA HIS A 60 10.83 0.85 -0.23
C HIS A 60 10.23 -0.52 -0.53
N ILE A 61 8.96 -0.55 -0.84
CA ILE A 61 8.33 -1.81 -1.17
C ILE A 61 8.24 -1.97 -2.68
N ALA A 62 9.03 -2.89 -3.19
CA ALA A 62 9.07 -3.12 -4.62
C ALA A 62 8.53 -4.49 -4.96
N VAL A 63 7.29 -4.49 -5.37
CA VAL A 63 6.62 -5.70 -5.75
C VAL A 63 6.14 -5.61 -7.18
N SER A 64 6.92 -6.18 -8.05
CA SER A 64 6.49 -6.34 -9.40
C SER A 64 5.84 -7.69 -9.50
N ILE A 65 4.54 -7.71 -9.79
CA ILE A 65 3.85 -8.95 -10.08
C ILE A 65 4.57 -9.71 -11.21
N GLY A 66 5.28 -8.96 -12.05
CA GLY A 66 6.18 -9.57 -13.00
C GLY A 66 7.36 -10.25 -12.31
N ALA A 67 7.99 -9.54 -11.39
CA ALA A 67 9.03 -10.11 -10.53
C ALA A 67 8.45 -11.21 -9.64
N LYS A 68 7.14 -11.13 -9.44
CA LYS A 68 6.36 -12.10 -8.69
C LYS A 68 6.75 -12.13 -7.22
N THR A 69 7.55 -11.17 -6.78
CA THR A 69 7.91 -11.07 -5.39
C THR A 69 8.04 -9.64 -4.93
N LEU A 70 7.63 -9.43 -3.69
CA LEU A 70 7.60 -8.12 -3.09
C LEU A 70 8.86 -7.91 -2.26
N THR A 71 9.61 -6.87 -2.58
CA THR A 71 10.89 -6.66 -1.93
C THR A 71 10.81 -5.57 -0.88
N LEU A 72 11.23 -5.89 0.33
CA LEU A 72 11.28 -4.88 1.36
C LEU A 72 12.61 -4.15 1.18
N SER A 73 12.72 -2.89 1.53
CA SER A 73 14.00 -2.19 1.37
C SER A 73 14.17 -1.09 2.40
N LEU A 74 15.31 -1.13 3.06
CA LEU A 74 15.68 -0.09 3.99
C LEU A 74 16.92 0.64 3.50
N ASN A 75 16.84 1.96 3.40
CA ASN A 75 18.01 2.77 3.09
C ASN A 75 18.52 2.41 1.67
N ASN A 76 17.56 2.12 0.79
CA ASN A 76 17.83 1.76 -0.61
C ASN A 76 18.40 0.34 -0.75
N ARG A 77 18.43 -0.39 0.36
CA ARG A 77 18.77 -1.81 0.25
C ARG A 77 17.78 -2.73 0.96
N VAL A 78 17.48 -3.82 0.27
CA VAL A 78 16.44 -4.76 0.66
C VAL A 78 16.61 -5.28 2.07
N MET A 79 15.48 -5.58 2.64
CA MET A 79 15.38 -6.15 3.96
C MET A 79 15.08 -7.61 3.81
N LYS A 80 14.19 -7.86 2.87
CA LYS A 80 13.67 -9.20 2.60
C LYS A 80 12.76 -9.19 1.38
N THR A 81 12.39 -10.38 0.90
CA THR A 81 11.47 -10.50 -0.22
C THR A 81 10.35 -11.49 0.10
N TYR A 82 9.10 -11.09 -0.13
CA TYR A 82 7.94 -11.90 0.21
C TYR A 82 7.15 -12.29 -1.03
N PRO A 83 6.48 -13.46 -1.00
CA PRO A 83 5.67 -13.92 -2.11
C PRO A 83 4.27 -13.35 -2.07
N ILE A 84 3.74 -13.01 -3.24
CA ILE A 84 2.42 -12.39 -3.33
C ILE A 84 1.64 -13.00 -4.51
N ALA A 85 0.43 -12.49 -4.76
CA ALA A 85 -0.38 -12.93 -5.91
C ALA A 85 0.04 -12.15 -7.15
N VAL A 86 0.12 -12.85 -8.27
CA VAL A 86 0.79 -12.32 -9.45
C VAL A 86 0.11 -12.73 -10.76
N GLY A 87 0.83 -12.57 -11.86
CA GLY A 87 0.29 -12.79 -13.19
C GLY A 87 0.89 -11.83 -14.20
N LYS A 88 1.97 -12.27 -14.86
CA LYS A 88 2.76 -11.39 -15.71
C LYS A 88 2.38 -11.53 -17.20
N ILE A 89 2.77 -12.66 -17.79
CA ILE A 89 2.53 -12.94 -19.21
C ILE A 89 3.31 -11.96 -20.13
N LEU A 90 2.75 -10.78 -20.41
CA LEU A 90 3.40 -9.84 -21.34
C LEU A 90 3.60 -8.44 -20.75
N THR A 91 2.80 -7.47 -21.20
CA THR A 91 3.02 -6.06 -20.82
C THR A 91 1.71 -5.27 -20.73
N GLN A 92 1.59 -4.47 -19.65
CA GLN A 92 0.43 -3.59 -19.45
C GLN A 92 0.62 -2.79 -18.15
N THR A 93 0.58 -3.50 -17.02
CA THR A 93 0.79 -2.93 -15.68
C THR A 93 -0.10 -1.72 -15.40
N PRO A 94 -1.30 -1.96 -14.85
CA PRO A 94 -2.12 -0.88 -14.29
C PRO A 94 -1.52 -0.41 -12.97
N THR A 95 -0.32 0.15 -13.08
CA THR A 95 0.48 0.53 -11.93
C THR A 95 -0.24 1.52 -11.03
N GLY A 96 -0.64 1.04 -9.87
CA GLY A 96 -1.19 1.91 -8.86
C GLY A 96 -0.21 2.08 -7.73
N GLU A 97 0.39 3.25 -7.62
CA GLU A 97 1.35 3.51 -6.57
C GLU A 97 0.65 3.74 -5.26
N PHE A 98 1.02 2.97 -4.28
CA PHE A 98 0.38 3.02 -2.97
C PHE A 98 1.42 3.27 -1.90
N TYR A 99 0.93 3.49 -0.69
CA TYR A 99 1.75 3.60 0.49
C TYR A 99 1.19 2.72 1.59
N ILE A 100 2.09 2.08 2.34
CA ILE A 100 1.73 1.47 3.59
C ILE A 100 1.21 2.56 4.49
N ILE A 101 -0.05 2.50 4.83
CA ILE A 101 -0.61 3.56 5.63
C ILE A 101 -0.86 3.14 7.07
N ASN A 102 -1.10 1.84 7.32
CA ASN A 102 -1.43 1.43 8.68
C ASN A 102 -1.49 -0.08 8.87
N ARG A 103 -1.95 -0.41 10.05
CA ARG A 103 -2.06 -1.77 10.56
C ARG A 103 -3.12 -1.82 11.64
N GLN A 104 -4.00 -2.79 11.52
CA GLN A 104 -5.18 -2.88 12.35
C GLN A 104 -5.04 -3.92 13.44
N ARG A 105 -5.84 -3.70 14.44
CA ARG A 105 -6.05 -4.63 15.50
C ARG A 105 -6.46 -6.00 14.99
N ASN A 106 -6.14 -6.96 15.83
CA ASN A 106 -6.49 -8.35 15.64
C ASN A 106 -7.94 -8.50 15.17
N PRO A 107 -8.08 -8.80 13.88
CA PRO A 107 -9.37 -9.03 13.25
C PRO A 107 -10.18 -10.11 13.93
N GLY A 108 -9.54 -11.28 14.09
CA GLY A 108 -10.19 -12.41 14.72
C GLY A 108 -10.62 -13.47 13.73
N GLY A 109 -10.74 -13.07 12.48
CA GLY A 109 -11.11 -14.01 11.44
C GLY A 109 -9.93 -14.38 10.57
N PRO A 110 -10.18 -15.09 9.46
CA PRO A 110 -9.16 -15.42 8.46
C PRO A 110 -8.62 -14.21 7.72
N PHE A 111 -8.23 -13.20 8.45
CA PHE A 111 -7.71 -11.97 7.87
C PHE A 111 -6.19 -12.03 7.79
N GLY A 112 -5.61 -12.89 8.61
CA GLY A 112 -4.20 -13.19 8.50
C GLY A 112 -3.33 -12.44 9.49
N ALA A 113 -3.75 -12.42 10.75
CA ALA A 113 -2.92 -11.92 11.86
C ALA A 113 -2.81 -10.40 11.89
N TYR A 114 -3.00 -9.77 10.75
CA TYR A 114 -2.94 -8.32 10.65
C TYR A 114 -3.77 -7.84 9.48
N TRP A 115 -4.28 -6.62 9.58
CA TRP A 115 -4.83 -5.94 8.43
C TRP A 115 -4.03 -4.67 8.19
N LEU A 116 -3.11 -4.72 7.24
CA LEU A 116 -2.34 -3.55 6.89
C LEU A 116 -2.88 -2.93 5.62
N SER A 117 -2.92 -1.61 5.61
CA SER A 117 -3.62 -0.88 4.59
C SER A 117 -2.67 -0.20 3.62
N LEU A 118 -3.10 -0.15 2.38
CA LEU A 118 -2.40 0.59 1.35
C LEU A 118 -3.14 1.91 1.11
N SER A 119 -2.68 2.70 0.16
CA SER A 119 -3.31 4.00 -0.12
C SER A 119 -4.61 3.84 -0.89
N LYS A 120 -5.01 2.60 -1.14
CA LYS A 120 -6.27 2.32 -1.80
C LYS A 120 -7.06 1.31 -0.99
N GLN A 121 -8.38 1.43 -1.02
CA GLN A 121 -9.23 0.48 -0.32
C GLN A 121 -9.50 -0.75 -1.18
N HIS A 122 -8.89 -0.79 -2.37
CA HIS A 122 -9.01 -1.96 -3.24
C HIS A 122 -7.92 -2.99 -2.94
N TYR A 123 -6.78 -2.51 -2.46
CA TYR A 123 -5.65 -3.38 -2.21
C TYR A 123 -5.11 -3.17 -0.80
N GLY A 124 -4.62 -4.24 -0.20
CA GLY A 124 -4.05 -4.16 1.12
C GLY A 124 -3.04 -5.25 1.36
N ILE A 125 -2.07 -4.97 2.20
CA ILE A 125 -1.08 -5.94 2.59
C ILE A 125 -1.52 -6.65 3.86
N HIS A 126 -1.79 -7.93 3.77
CA HIS A 126 -2.29 -8.65 4.92
C HIS A 126 -1.93 -10.13 4.85
N GLY A 127 -2.63 -10.91 5.62
CA GLY A 127 -2.32 -12.31 5.72
C GLY A 127 -3.47 -13.19 5.32
N THR A 128 -3.25 -14.49 5.37
CA THR A 128 -4.17 -15.42 4.77
C THR A 128 -4.44 -16.60 5.70
N ASN A 129 -5.36 -17.44 5.27
CA ASN A 129 -5.58 -18.73 5.89
C ASN A 129 -5.04 -19.83 4.96
N ASN A 130 -4.97 -19.48 3.68
CA ASN A 130 -4.40 -20.36 2.67
C ASN A 130 -3.29 -19.63 1.91
N PRO A 131 -2.03 -19.97 2.21
CA PRO A 131 -0.87 -19.36 1.56
C PRO A 131 -0.44 -20.10 0.30
N ALA A 132 -1.19 -21.12 -0.09
CA ALA A 132 -0.80 -21.94 -1.22
C ALA A 132 -1.25 -21.30 -2.51
N SER A 133 -2.26 -20.44 -2.38
CA SER A 133 -2.75 -19.66 -3.51
C SER A 133 -1.78 -18.52 -3.80
N ILE A 134 -0.95 -18.21 -2.81
CA ILE A 134 0.05 -17.17 -2.92
C ILE A 134 1.16 -17.58 -3.87
N GLY A 135 1.16 -17.00 -5.05
CA GLY A 135 2.18 -17.31 -6.03
C GLY A 135 1.60 -17.51 -7.41
N LYS A 136 2.05 -18.56 -8.09
CA LYS A 136 1.67 -18.81 -9.47
C LYS A 136 0.37 -19.60 -9.57
N ALA A 137 -0.26 -19.86 -8.42
CA ALA A 137 -1.49 -20.64 -8.37
C ALA A 137 -2.61 -19.94 -9.13
N VAL A 138 -2.89 -18.70 -8.76
CA VAL A 138 -3.95 -17.94 -9.39
C VAL A 138 -3.61 -16.44 -9.36
N SER A 139 -4.17 -15.69 -10.30
CA SER A 139 -3.92 -14.26 -10.40
C SER A 139 -4.83 -13.48 -9.45
N LYS A 140 -5.29 -12.30 -9.89
CA LYS A 140 -6.08 -11.38 -9.06
C LYS A 140 -5.20 -10.77 -7.96
N GLY A 141 -4.99 -9.46 -8.04
CA GLY A 141 -4.11 -8.78 -7.11
C GLY A 141 -4.46 -9.02 -5.65
N CYS A 142 -3.76 -9.97 -5.04
CA CYS A 142 -3.99 -10.32 -3.64
C CYS A 142 -2.67 -10.31 -2.88
N ILE A 143 -2.46 -9.29 -2.08
CA ILE A 143 -1.20 -9.11 -1.38
C ILE A 143 -1.30 -9.71 0.04
N ARG A 144 -1.16 -11.03 0.10
CA ARG A 144 -1.32 -11.76 1.35
C ARG A 144 -0.12 -12.66 1.60
N MET A 145 0.18 -12.90 2.87
CA MET A 145 1.32 -13.75 3.25
C MET A 145 1.00 -14.53 4.51
N HIS A 146 2.02 -15.10 5.13
CA HIS A 146 1.86 -15.85 6.36
C HIS A 146 1.73 -14.87 7.52
N ASN A 147 1.19 -15.33 8.65
CA ASN A 147 1.01 -14.49 9.81
C ASN A 147 2.31 -13.78 10.19
N LYS A 148 3.29 -14.53 10.65
CA LYS A 148 4.53 -13.93 11.14
C LYS A 148 5.23 -13.08 10.08
N ASP A 149 5.06 -13.45 8.81
CA ASP A 149 5.67 -12.70 7.71
C ASP A 149 5.05 -11.32 7.59
N VAL A 150 3.73 -11.26 7.73
CA VAL A 150 3.01 -10.00 7.58
C VAL A 150 3.15 -9.15 8.83
N ILE A 151 3.59 -9.75 9.93
CA ILE A 151 3.91 -9.00 11.16
C ILE A 151 5.36 -8.50 11.11
N GLU A 152 6.32 -9.31 10.66
CA GLU A 152 7.63 -8.78 10.32
C GLU A 152 7.55 -7.50 9.51
N LEU A 153 7.07 -7.61 8.27
CA LEU A 153 6.92 -6.44 7.39
C LEU A 153 6.18 -5.34 8.12
N ALA A 154 5.13 -5.76 8.83
CA ALA A 154 4.18 -4.85 9.44
C ALA A 154 4.86 -3.83 10.33
N SER A 155 5.64 -4.35 11.26
CA SER A 155 6.20 -3.52 12.30
C SER A 155 7.42 -2.75 11.79
N ILE A 156 7.94 -3.16 10.64
CA ILE A 156 9.10 -2.51 10.07
C ILE A 156 8.67 -1.40 9.13
N VAL A 157 7.74 -1.71 8.26
CA VAL A 157 7.22 -0.71 7.35
C VAL A 157 6.24 0.22 8.09
N PRO A 158 6.57 1.52 8.12
CA PRO A 158 5.81 2.52 8.86
C PRO A 158 4.60 3.02 8.09
N ASN A 159 3.90 3.97 8.71
CA ASN A 159 2.64 4.52 8.19
C ASN A 159 2.80 5.20 6.84
N GLY A 160 4.02 5.23 6.31
CA GLY A 160 4.25 5.87 5.03
C GLY A 160 5.31 5.15 4.21
N THR A 161 5.08 3.88 3.93
CA THR A 161 6.00 3.13 3.10
C THR A 161 5.53 3.14 1.65
N ARG A 162 6.43 3.39 0.72
CA ARG A 162 6.04 3.42 -0.68
C ARG A 162 6.05 2.02 -1.27
N VAL A 163 4.99 1.71 -2.00
CA VAL A 163 4.80 0.39 -2.57
C VAL A 163 4.23 0.49 -3.98
N THR A 164 4.93 -0.11 -4.93
CA THR A 164 4.55 -0.05 -6.33
C THR A 164 4.25 -1.45 -6.88
N ILE A 165 3.22 -1.51 -7.73
CA ILE A 165 2.91 -2.80 -8.35
C ILE A 165 2.88 -2.72 -9.87
N ASN A 166 3.69 -3.55 -10.52
CA ASN A 166 3.75 -3.64 -11.96
C ASN A 166 3.96 -5.10 -12.33
N ARG A 167 2.97 -5.60 -13.04
CA ARG A 167 2.84 -7.01 -13.31
C ARG A 167 3.34 -7.48 -14.67
N GLY A 168 2.93 -6.80 -15.71
CA GLY A 168 2.98 -7.34 -17.03
C GLY A 168 1.64 -7.12 -17.70
N SER A 169 1.17 -8.07 -18.48
CA SER A 169 -0.10 -7.89 -19.19
C SER A 169 -1.28 -8.13 -18.26
N GLY A 1 2.85 15.93 14.58
CA GLY A 1 4.31 15.93 14.78
C GLY A 1 5.05 15.38 13.57
N ARG A 2 6.24 15.93 13.31
CA ARG A 2 7.07 15.51 12.16
C ARG A 2 6.39 15.81 10.84
N LYS A 3 7.04 15.41 9.76
CA LYS A 3 6.50 15.60 8.43
C LYS A 3 5.35 14.63 8.19
N LEU A 4 4.33 15.09 7.48
CA LEU A 4 3.18 14.26 7.15
C LEU A 4 3.28 13.72 5.72
N LEU A 5 2.41 12.78 5.38
CA LEU A 5 2.49 12.02 4.14
C LEU A 5 2.06 12.83 2.94
N THR A 6 2.63 12.52 1.81
CA THR A 6 2.13 13.02 0.55
C THR A 6 1.62 11.88 -0.35
N TYR A 7 0.63 12.24 -1.14
CA TYR A 7 -0.01 11.37 -2.11
C TYR A 7 -0.12 12.13 -3.43
N GLN A 8 -0.07 11.43 -4.54
CA GLN A 8 -0.27 12.04 -5.84
C GLN A 8 -1.34 11.23 -6.54
N VAL A 9 -2.43 11.87 -6.88
CA VAL A 9 -3.60 11.21 -7.36
C VAL A 9 -3.48 10.85 -8.84
N LYS A 10 -4.26 9.88 -9.26
CA LYS A 10 -4.21 9.42 -10.63
C LYS A 10 -5.48 9.84 -11.32
N GLN A 11 -5.43 9.97 -12.63
CA GLN A 11 -6.57 10.44 -13.39
C GLN A 11 -7.83 9.66 -13.09
N GLY A 12 -8.84 10.38 -12.65
CA GLY A 12 -10.14 9.79 -12.42
C GLY A 12 -10.47 9.66 -10.94
N ASP A 13 -9.48 9.92 -10.09
CA ASP A 13 -9.68 9.85 -8.64
C ASP A 13 -10.61 10.95 -8.14
N THR A 14 -11.31 10.67 -7.03
CA THR A 14 -12.29 11.61 -6.48
C THR A 14 -12.12 11.79 -4.97
N LEU A 15 -12.61 12.92 -4.47
CA LEU A 15 -12.39 13.31 -3.08
C LEU A 15 -12.73 12.20 -2.06
N ASN A 16 -13.97 11.75 -2.05
CA ASN A 16 -14.45 10.89 -0.97
C ASN A 16 -13.73 9.56 -1.00
N SER A 17 -13.50 9.10 -2.22
CA SER A 17 -12.79 7.87 -2.50
C SER A 17 -11.43 7.91 -1.87
N ILE A 18 -10.69 8.94 -2.19
CA ILE A 18 -9.32 9.08 -1.79
C ILE A 18 -9.17 9.22 -0.28
N ALA A 19 -10.10 9.95 0.34
CA ALA A 19 -10.12 10.11 1.78
C ALA A 19 -10.19 8.77 2.48
N ALA A 20 -11.25 8.02 2.30
CA ALA A 20 -11.33 6.75 2.99
C ALA A 20 -10.56 5.65 2.26
N ASP A 21 -10.01 5.98 1.10
CA ASP A 21 -8.88 5.24 0.57
C ASP A 21 -7.67 5.46 1.47
N PHE A 22 -7.62 6.60 2.15
CA PHE A 22 -6.60 6.83 3.16
C PHE A 22 -7.16 6.67 4.57
N ARG A 23 -8.31 6.01 4.66
CA ARG A 23 -8.98 5.72 5.93
C ARG A 23 -9.11 7.00 6.76
N ILE A 24 -9.71 8.04 6.19
CA ILE A 24 -9.78 9.33 6.83
C ILE A 24 -11.08 10.01 6.40
N SER A 25 -11.22 11.26 6.80
CA SER A 25 -12.33 12.06 6.37
C SER A 25 -11.88 13.00 5.27
N THR A 26 -12.77 13.23 4.31
CA THR A 26 -12.47 14.10 3.21
C THR A 26 -12.18 15.48 3.72
N ALA A 27 -12.88 15.85 4.77
CA ALA A 27 -12.72 17.13 5.41
C ALA A 27 -11.34 17.27 6.02
N ALA A 28 -10.72 16.17 6.45
CA ALA A 28 -9.41 16.24 7.06
C ALA A 28 -8.34 16.35 5.99
N LEU A 29 -8.56 15.62 4.91
CA LEU A 29 -7.67 15.68 3.76
C LEU A 29 -7.90 17.01 3.03
N LEU A 30 -9.05 17.62 3.28
CA LEU A 30 -9.35 18.94 2.78
C LEU A 30 -8.68 20.01 3.63
N GLN A 31 -8.66 19.77 4.93
CA GLN A 31 -8.10 20.72 5.88
C GLN A 31 -6.68 21.01 5.54
N ALA A 32 -6.00 19.94 5.21
CA ALA A 32 -4.63 20.00 4.80
C ALA A 32 -4.47 20.38 3.33
N ASN A 33 -5.52 20.19 2.55
CA ASN A 33 -5.44 20.36 1.11
C ASN A 33 -6.74 20.97 0.58
N PRO A 34 -6.93 22.25 0.84
CA PRO A 34 -8.10 23.00 0.39
C PRO A 34 -8.32 22.98 -1.11
N SER A 35 -7.35 22.53 -1.87
CA SER A 35 -7.55 22.39 -3.31
C SER A 35 -8.66 21.38 -3.55
N LEU A 36 -8.69 20.39 -2.68
CA LEU A 36 -9.56 19.24 -2.84
C LEU A 36 -11.02 19.49 -2.46
N GLN A 37 -11.37 20.66 -1.89
CA GLN A 37 -12.78 20.90 -1.59
C GLN A 37 -13.61 20.63 -2.81
N ALA A 38 -13.07 21.10 -3.89
CA ALA A 38 -13.69 20.93 -5.16
C ALA A 38 -13.42 19.54 -5.74
N GLY A 39 -12.16 19.12 -5.70
CA GLY A 39 -11.83 17.79 -6.15
C GLY A 39 -10.37 17.50 -6.17
N LEU A 40 -10.06 16.43 -6.87
CA LEU A 40 -8.71 15.96 -7.08
C LEU A 40 -8.36 16.02 -8.56
N THR A 41 -7.08 16.04 -8.85
CA THR A 41 -6.60 16.12 -10.22
C THR A 41 -5.43 15.16 -10.43
N ALA A 42 -5.46 14.44 -11.55
CA ALA A 42 -4.34 13.58 -11.94
C ALA A 42 -2.99 14.26 -11.78
N GLY A 43 -2.11 13.58 -11.06
CA GLY A 43 -0.77 14.06 -10.84
C GLY A 43 -0.71 15.05 -9.72
N GLN A 44 -1.85 15.52 -9.28
CA GLN A 44 -1.92 16.41 -8.15
C GLN A 44 -1.44 15.71 -6.91
N SER A 45 -0.94 16.51 -6.00
CA SER A 45 -0.26 16.01 -4.84
C SER A 45 -0.98 16.50 -3.59
N ILE A 46 -1.23 15.60 -2.67
CA ILE A 46 -2.00 15.95 -1.49
C ILE A 46 -1.31 15.43 -0.24
N VAL A 47 -1.66 16.02 0.88
CA VAL A 47 -1.10 15.65 2.17
C VAL A 47 -2.12 14.89 2.97
N ILE A 48 -1.62 13.98 3.78
CA ILE A 48 -2.46 13.11 4.57
C ILE A 48 -2.20 13.40 6.03
N PRO A 49 -2.94 14.36 6.58
CA PRO A 49 -2.73 14.87 7.93
C PRO A 49 -2.85 13.78 9.00
N GLY A 50 -2.01 13.89 10.00
CA GLY A 50 -1.96 12.90 11.05
C GLY A 50 -1.15 11.68 10.66
N LEU A 51 -0.73 11.62 9.41
CA LEU A 51 0.10 10.52 8.93
C LEU A 51 1.45 11.07 8.51
N PRO A 52 2.55 10.51 9.04
CA PRO A 52 3.93 10.96 8.78
C PRO A 52 4.37 10.80 7.33
N ASP A 53 5.58 11.27 7.06
CA ASP A 53 6.11 11.39 5.71
C ASP A 53 6.85 10.13 5.30
N PRO A 54 6.70 9.72 4.04
CA PRO A 54 7.31 8.53 3.50
C PRO A 54 8.73 8.77 3.00
N TYR A 55 9.15 10.04 3.02
CA TYR A 55 10.51 10.39 2.65
C TYR A 55 11.40 10.49 3.87
N THR A 56 10.80 10.81 5.01
CA THR A 56 11.52 10.76 6.28
C THR A 56 11.56 9.31 6.75
N ILE A 57 10.72 8.52 6.10
CA ILE A 57 10.73 7.07 6.22
C ILE A 57 11.63 6.45 5.16
N PRO A 58 12.61 5.61 5.51
CA PRO A 58 13.27 4.81 4.53
C PRO A 58 12.76 3.38 4.60
N TYR A 59 11.82 3.10 3.75
CA TYR A 59 11.28 1.76 3.51
C TYR A 59 10.63 1.80 2.16
N HIS A 60 10.79 0.77 1.35
CA HIS A 60 10.39 0.85 -0.03
C HIS A 60 9.94 -0.52 -0.47
N ILE A 61 8.71 -0.57 -0.91
CA ILE A 61 8.12 -1.82 -1.32
C ILE A 61 8.07 -1.92 -2.82
N ALA A 62 8.87 -2.82 -3.35
CA ALA A 62 8.93 -3.03 -4.77
C ALA A 62 8.37 -4.39 -5.13
N VAL A 63 7.10 -4.37 -5.45
CA VAL A 63 6.40 -5.57 -5.82
C VAL A 63 5.93 -5.45 -7.26
N SER A 64 6.69 -6.04 -8.12
CA SER A 64 6.31 -6.08 -9.49
C SER A 64 5.51 -7.35 -9.69
N ILE A 65 4.23 -7.20 -9.99
CA ILE A 65 3.40 -8.30 -10.41
C ILE A 65 4.13 -9.11 -11.48
N GLY A 66 4.86 -8.43 -12.36
CA GLY A 66 5.70 -9.15 -13.31
C GLY A 66 6.77 -10.00 -12.62
N ALA A 67 7.37 -9.42 -11.59
CA ALA A 67 8.36 -10.10 -10.75
C ALA A 67 7.77 -11.18 -9.84
N LYS A 68 6.47 -11.06 -9.53
CA LYS A 68 5.75 -11.97 -8.63
C LYS A 68 6.32 -11.96 -7.20
N THR A 69 7.18 -11.01 -6.90
CA THR A 69 7.70 -10.90 -5.55
C THR A 69 7.85 -9.47 -5.10
N LEU A 70 7.45 -9.27 -3.87
CA LEU A 70 7.44 -7.97 -3.24
C LEU A 70 8.71 -7.77 -2.45
N THR A 71 9.47 -6.75 -2.81
CA THR A 71 10.76 -6.55 -2.17
C THR A 71 10.72 -5.46 -1.12
N LEU A 72 11.13 -5.80 0.09
CA LEU A 72 11.20 -4.81 1.13
C LEU A 72 12.54 -4.10 0.95
N SER A 73 12.63 -2.79 1.01
CA SER A 73 13.94 -2.17 0.86
C SER A 73 14.12 -0.94 1.73
N LEU A 74 15.21 -0.98 2.51
CA LEU A 74 15.56 0.09 3.41
C LEU A 74 16.82 0.78 2.92
N ASN A 75 16.75 2.10 2.73
CA ASN A 75 17.93 2.87 2.42
C ASN A 75 18.47 2.46 1.05
N ASN A 76 17.51 2.10 0.18
CA ASN A 76 17.78 1.73 -1.22
C ASN A 76 18.32 0.30 -1.33
N ARG A 77 18.38 -0.39 -0.20
CA ARG A 77 18.72 -1.80 -0.25
C ARG A 77 17.74 -2.68 0.51
N VAL A 78 17.44 -3.80 -0.15
CA VAL A 78 16.40 -4.73 0.29
C VAL A 78 16.63 -5.25 1.69
N MET A 79 15.52 -5.50 2.31
CA MET A 79 15.46 -6.06 3.64
C MET A 79 15.17 -7.52 3.53
N LYS A 80 14.27 -7.80 2.61
CA LYS A 80 13.76 -9.14 2.34
C LYS A 80 12.72 -9.11 1.21
N THR A 81 12.47 -10.26 0.59
CA THR A 81 11.50 -10.33 -0.51
C THR A 81 10.40 -11.34 -0.18
N TYR A 82 9.14 -10.95 -0.40
CA TYR A 82 8.01 -11.80 -0.04
C TYR A 82 7.18 -12.16 -1.27
N PRO A 83 6.57 -13.35 -1.24
CA PRO A 83 5.71 -13.82 -2.33
C PRO A 83 4.32 -13.22 -2.25
N ILE A 84 3.77 -12.88 -3.41
CA ILE A 84 2.41 -12.34 -3.47
C ILE A 84 1.66 -12.97 -4.66
N ALA A 85 0.38 -12.69 -4.79
CA ALA A 85 -0.42 -13.28 -5.87
C ALA A 85 -0.29 -12.50 -7.17
N VAL A 86 -0.07 -13.22 -8.25
CA VAL A 86 0.15 -12.64 -9.56
C VAL A 86 -0.41 -13.56 -10.66
N GLY A 87 -0.80 -12.98 -11.78
CA GLY A 87 -1.22 -13.76 -12.93
C GLY A 87 -1.32 -12.94 -14.19
N LYS A 88 -0.23 -12.28 -14.58
CA LYS A 88 -0.22 -11.37 -15.72
C LYS A 88 1.15 -11.31 -16.40
N ILE A 89 1.17 -10.89 -17.68
CA ILE A 89 2.39 -10.91 -18.49
C ILE A 89 2.79 -9.50 -18.96
N LEU A 90 2.22 -9.02 -20.09
CA LEU A 90 2.59 -7.71 -20.63
C LEU A 90 1.47 -7.09 -21.50
N THR A 91 0.91 -5.97 -21.05
CA THR A 91 -0.13 -5.24 -21.76
C THR A 91 -0.31 -3.83 -21.18
N GLN A 92 -0.69 -3.72 -19.90
CA GLN A 92 -1.11 -2.45 -19.32
C GLN A 92 -0.35 -2.05 -18.05
N THR A 93 -0.53 -2.78 -16.94
CA THR A 93 -0.11 -2.32 -15.62
C THR A 93 -0.84 -1.02 -15.25
N PRO A 94 -2.17 -1.09 -15.02
CA PRO A 94 -2.98 0.08 -14.70
C PRO A 94 -2.91 0.45 -13.22
N THR A 95 -2.34 -0.45 -12.44
CA THR A 95 -2.26 -0.28 -11.00
C THR A 95 -1.36 0.90 -10.64
N GLY A 96 -1.89 1.79 -9.82
CA GLY A 96 -1.13 2.95 -9.39
C GLY A 96 -0.25 2.63 -8.20
N GLU A 97 0.59 3.59 -7.82
CA GLU A 97 1.45 3.41 -6.67
C GLU A 97 0.68 3.71 -5.39
N PHE A 98 0.98 2.96 -4.34
CA PHE A 98 0.28 3.09 -3.08
C PHE A 98 1.28 3.36 -1.97
N TYR A 99 0.77 3.49 -0.76
CA TYR A 99 1.59 3.58 0.42
C TYR A 99 1.02 2.69 1.52
N ILE A 100 1.91 2.04 2.26
CA ILE A 100 1.54 1.37 3.48
C ILE A 100 0.97 2.41 4.40
N ILE A 101 -0.28 2.28 4.76
CA ILE A 101 -0.89 3.31 5.55
C ILE A 101 -1.03 2.89 7.01
N ASN A 102 -1.14 1.58 7.31
CA ASN A 102 -1.28 1.18 8.71
C ASN A 102 -1.22 -0.32 8.97
N ARG A 103 -1.56 -0.61 10.20
CA ARG A 103 -1.64 -1.97 10.73
C ARG A 103 -2.66 -2.02 11.84
N GLN A 104 -3.55 -3.00 11.77
CA GLN A 104 -4.66 -3.08 12.67
C GLN A 104 -4.43 -4.11 13.74
N ARG A 105 -5.15 -3.89 14.80
CA ARG A 105 -5.25 -4.82 15.89
C ARG A 105 -5.67 -6.20 15.44
N ASN A 106 -5.24 -7.17 16.23
CA ASN A 106 -5.55 -8.57 16.02
C ASN A 106 -7.03 -8.76 15.71
N PRO A 107 -7.29 -9.03 14.42
CA PRO A 107 -8.64 -9.26 13.90
C PRO A 107 -9.36 -10.37 14.65
N GLY A 108 -8.67 -11.51 14.75
CA GLY A 108 -9.23 -12.65 15.43
C GLY A 108 -9.65 -13.74 14.47
N GLY A 109 -9.85 -13.36 13.22
CA GLY A 109 -10.28 -14.31 12.21
C GLY A 109 -9.14 -14.71 11.30
N PRO A 110 -9.46 -15.42 10.20
CA PRO A 110 -8.49 -15.84 9.17
C PRO A 110 -7.78 -14.68 8.45
N PHE A 111 -7.86 -13.48 9.02
CA PHE A 111 -7.31 -12.29 8.40
C PHE A 111 -5.78 -12.36 8.38
N GLY A 112 -5.23 -13.20 9.23
CA GLY A 112 -3.81 -13.50 9.16
C GLY A 112 -2.97 -12.72 10.15
N ALA A 113 -3.44 -12.66 11.40
CA ALA A 113 -2.65 -12.14 12.53
C ALA A 113 -2.55 -10.61 12.52
N TYR A 114 -2.72 -10.00 11.36
CA TYR A 114 -2.64 -8.55 11.22
C TYR A 114 -3.40 -8.09 9.99
N TRP A 115 -3.89 -6.87 10.03
CA TRP A 115 -4.50 -6.23 8.87
C TRP A 115 -3.74 -4.96 8.52
N LEU A 116 -2.91 -5.04 7.51
CA LEU A 116 -2.19 -3.87 7.04
C LEU A 116 -2.77 -3.38 5.73
N SER A 117 -2.91 -2.08 5.63
CA SER A 117 -3.64 -1.47 4.54
C SER A 117 -2.72 -0.80 3.52
N LEU A 118 -3.13 -0.87 2.25
CA LEU A 118 -2.49 -0.11 1.20
C LEU A 118 -3.23 1.22 1.06
N SER A 119 -2.90 2.04 0.08
CA SER A 119 -3.57 3.33 -0.06
C SER A 119 -4.87 3.21 -0.86
N LYS A 120 -4.83 3.61 -2.13
CA LYS A 120 -6.03 3.67 -2.95
C LYS A 120 -6.48 2.26 -3.29
N GLN A 121 -7.80 2.08 -3.32
CA GLN A 121 -8.41 0.76 -3.44
C GLN A 121 -8.20 0.00 -2.13
N HIS A 122 -9.29 -0.48 -1.55
CA HIS A 122 -9.23 -1.11 -0.23
C HIS A 122 -8.61 -2.50 -0.29
N TYR A 123 -7.35 -2.53 -0.64
CA TYR A 123 -6.55 -3.74 -0.58
C TYR A 123 -5.46 -3.54 0.46
N GLY A 124 -4.84 -4.62 0.89
CA GLY A 124 -3.85 -4.52 1.93
C GLY A 124 -2.87 -5.65 1.92
N ILE A 125 -1.77 -5.44 2.62
CA ILE A 125 -0.79 -6.49 2.85
C ILE A 125 -1.14 -7.16 4.15
N HIS A 126 -1.65 -8.38 4.06
CA HIS A 126 -2.14 -9.05 5.25
C HIS A 126 -1.75 -10.53 5.24
N GLY A 127 -2.43 -11.29 6.08
CA GLY A 127 -2.07 -12.69 6.23
C GLY A 127 -3.20 -13.63 5.89
N THR A 128 -2.90 -14.92 5.98
CA THR A 128 -3.77 -15.95 5.45
C THR A 128 -3.76 -17.19 6.32
N ASN A 129 -4.59 -18.15 5.94
CA ASN A 129 -4.54 -19.50 6.48
C ASN A 129 -3.99 -20.45 5.41
N ASN A 130 -3.97 -19.97 4.17
CA ASN A 130 -3.43 -20.75 3.06
C ASN A 130 -2.36 -19.95 2.34
N PRO A 131 -1.08 -20.29 2.58
CA PRO A 131 0.05 -19.63 1.92
C PRO A 131 0.45 -20.31 0.63
N ALA A 132 -0.30 -21.31 0.21
CA ALA A 132 0.09 -22.13 -0.92
C ALA A 132 -0.32 -21.46 -2.23
N SER A 133 -1.22 -20.49 -2.11
CA SER A 133 -1.67 -19.72 -3.26
C SER A 133 -0.91 -18.40 -3.34
N ILE A 134 0.08 -18.27 -2.48
CA ILE A 134 0.85 -17.04 -2.36
C ILE A 134 2.20 -17.16 -3.06
N GLY A 135 2.44 -16.33 -4.05
CA GLY A 135 3.73 -16.30 -4.70
C GLY A 135 3.81 -17.23 -5.88
N LYS A 136 2.88 -17.08 -6.80
CA LYS A 136 2.86 -17.89 -8.01
C LYS A 136 2.01 -17.22 -9.08
N ALA A 137 2.38 -17.45 -10.34
CA ALA A 137 1.66 -16.85 -11.45
C ALA A 137 0.49 -17.74 -11.86
N VAL A 138 -0.71 -17.36 -11.47
CA VAL A 138 -1.90 -18.11 -11.79
C VAL A 138 -3.14 -17.21 -11.80
N SER A 139 -3.27 -16.39 -10.77
CA SER A 139 -4.42 -15.50 -10.64
C SER A 139 -4.08 -14.35 -9.71
N LYS A 140 -4.67 -13.18 -9.97
CA LYS A 140 -4.45 -12.01 -9.14
C LYS A 140 -5.36 -12.09 -7.91
N GLY A 141 -4.94 -12.90 -6.95
CA GLY A 141 -5.67 -13.01 -5.69
C GLY A 141 -5.41 -11.80 -4.80
N CYS A 142 -5.25 -12.02 -3.50
CA CYS A 142 -4.99 -10.92 -2.59
C CYS A 142 -3.57 -10.98 -2.05
N ILE A 143 -3.17 -9.90 -1.39
CA ILE A 143 -1.80 -9.74 -0.92
C ILE A 143 -1.67 -10.30 0.50
N ARG A 144 -1.54 -11.62 0.58
CA ARG A 144 -1.49 -12.29 1.87
C ARG A 144 -0.17 -13.02 2.05
N MET A 145 0.20 -13.25 3.30
CA MET A 145 1.44 -13.96 3.63
C MET A 145 1.29 -14.68 4.97
N HIS A 146 2.40 -15.17 5.52
CA HIS A 146 2.35 -15.89 6.80
C HIS A 146 2.12 -14.90 7.93
N ASN A 147 1.55 -15.38 9.03
CA ASN A 147 1.31 -14.54 10.19
C ASN A 147 2.55 -13.77 10.61
N LYS A 148 3.56 -14.46 11.09
CA LYS A 148 4.75 -13.78 11.61
C LYS A 148 5.43 -12.94 10.52
N ASP A 149 5.31 -13.37 9.26
CA ASP A 149 5.89 -12.65 8.15
C ASP A 149 5.24 -11.29 7.95
N VAL A 150 3.91 -11.25 8.07
CA VAL A 150 3.16 -10.03 7.89
C VAL A 150 3.31 -9.11 9.10
N ILE A 151 3.71 -9.68 10.23
CA ILE A 151 4.02 -8.90 11.43
C ILE A 151 5.48 -8.42 11.39
N GLU A 152 6.42 -9.24 10.94
CA GLU A 152 7.75 -8.74 10.58
C GLU A 152 7.66 -7.48 9.74
N LEU A 153 7.13 -7.62 8.52
CA LEU A 153 6.97 -6.48 7.62
C LEU A 153 6.22 -5.36 8.32
N ALA A 154 5.18 -5.75 9.03
CA ALA A 154 4.26 -4.83 9.69
C ALA A 154 5.00 -3.82 10.54
N SER A 155 5.79 -4.34 11.45
CA SER A 155 6.44 -3.53 12.46
C SER A 155 7.61 -2.75 11.84
N ILE A 156 8.05 -3.17 10.65
CA ILE A 156 9.16 -2.52 9.98
C ILE A 156 8.62 -1.42 9.07
N VAL A 157 7.69 -1.78 8.20
CA VAL A 157 7.12 -0.82 7.28
C VAL A 157 6.11 0.07 8.00
N PRO A 158 6.41 1.35 8.10
CA PRO A 158 5.64 2.30 8.87
C PRO A 158 4.40 2.79 8.13
N ASN A 159 3.66 3.67 8.80
CA ASN A 159 2.39 4.21 8.29
C ASN A 159 2.54 4.95 6.95
N GLY A 160 3.75 5.02 6.42
CA GLY A 160 3.98 5.72 5.17
C GLY A 160 5.06 5.06 4.33
N THR A 161 4.85 3.80 4.00
CA THR A 161 5.80 3.09 3.16
C THR A 161 5.37 3.16 1.70
N ARG A 162 6.31 3.43 0.80
CA ARG A 162 5.98 3.54 -0.60
C ARG A 162 5.99 2.15 -1.26
N VAL A 163 4.93 1.88 -2.02
CA VAL A 163 4.75 0.57 -2.63
C VAL A 163 4.18 0.68 -4.04
N THR A 164 4.90 0.11 -5.00
CA THR A 164 4.53 0.18 -6.39
C THR A 164 4.10 -1.20 -6.91
N ILE A 165 3.03 -1.22 -7.70
CA ILE A 165 2.63 -2.50 -8.32
C ILE A 165 2.61 -2.40 -9.83
N ASN A 166 3.47 -3.18 -10.46
CA ASN A 166 3.63 -3.14 -11.90
C ASN A 166 3.84 -4.54 -12.44
N ARG A 167 2.91 -4.86 -13.32
CA ARG A 167 2.68 -6.20 -13.79
C ARG A 167 3.25 -6.48 -15.15
N GLY A 168 3.01 -5.59 -16.05
CA GLY A 168 3.18 -5.90 -17.43
C GLY A 168 1.86 -5.79 -18.13
N SER A 169 0.99 -6.80 -17.95
CA SER A 169 -0.35 -6.77 -18.54
C SER A 169 -1.37 -6.34 -17.50
N GLY A 1 5.56 13.71 15.14
CA GLY A 1 6.10 15.09 15.07
C GLY A 1 7.12 15.25 13.95
N ARG A 2 6.77 14.78 12.77
CA ARG A 2 7.64 14.92 11.60
C ARG A 2 6.82 15.36 10.41
N LYS A 3 7.43 15.32 9.24
CA LYS A 3 6.74 15.58 7.99
C LYS A 3 5.55 14.68 7.82
N LEU A 4 4.54 15.20 7.18
CA LEU A 4 3.35 14.43 6.85
C LEU A 4 3.41 13.92 5.42
N LEU A 5 2.49 13.01 5.09
CA LEU A 5 2.54 12.24 3.86
C LEU A 5 2.00 13.01 2.67
N THR A 6 2.52 12.68 1.51
CA THR A 6 1.95 13.17 0.27
C THR A 6 1.41 12.04 -0.61
N TYR A 7 0.40 12.40 -1.40
CA TYR A 7 -0.28 11.52 -2.34
C TYR A 7 -0.43 12.27 -3.65
N GLN A 8 -0.42 11.57 -4.77
CA GLN A 8 -0.67 12.19 -6.06
C GLN A 8 -1.76 11.39 -6.73
N VAL A 9 -2.86 12.04 -7.05
CA VAL A 9 -4.05 11.39 -7.51
C VAL A 9 -4.00 11.08 -9.00
N LYS A 10 -4.83 10.13 -9.41
CA LYS A 10 -4.86 9.70 -10.77
C LYS A 10 -6.15 10.17 -11.40
N GLN A 11 -6.11 10.41 -12.70
CA GLN A 11 -7.24 10.97 -13.43
C GLN A 11 -8.52 10.20 -13.17
N GLY A 12 -9.46 10.85 -12.52
CA GLY A 12 -10.75 10.25 -12.27
C GLY A 12 -11.01 10.02 -10.80
N ASP A 13 -9.99 10.18 -9.96
CA ASP A 13 -10.15 10.05 -8.51
C ASP A 13 -11.12 11.08 -7.94
N THR A 14 -11.73 10.75 -6.81
CA THR A 14 -12.71 11.62 -6.18
C THR A 14 -12.48 11.80 -4.70
N LEU A 15 -12.90 12.95 -4.19
CA LEU A 15 -12.62 13.35 -2.82
C LEU A 15 -12.90 12.25 -1.79
N ASN A 16 -14.13 11.76 -1.74
CA ASN A 16 -14.54 10.88 -0.66
C ASN A 16 -13.78 9.58 -0.71
N SER A 17 -13.60 9.12 -1.96
CA SER A 17 -12.92 7.88 -2.27
C SER A 17 -11.50 7.93 -1.74
N ILE A 18 -10.84 9.03 -2.02
CA ILE A 18 -9.44 9.22 -1.67
C ILE A 18 -9.23 9.35 -0.16
N ALA A 19 -10.14 10.06 0.49
CA ALA A 19 -10.10 10.20 1.93
C ALA A 19 -10.12 8.85 2.61
N ALA A 20 -11.13 8.05 2.37
CA ALA A 20 -11.14 6.74 2.98
C ALA A 20 -10.30 5.73 2.21
N ASP A 21 -9.77 6.13 1.07
CA ASP A 21 -8.58 5.47 0.53
C ASP A 21 -7.45 5.64 1.54
N PHE A 22 -7.41 6.80 2.19
CA PHE A 22 -6.41 7.06 3.21
C PHE A 22 -6.95 6.88 4.61
N ARG A 23 -8.09 6.22 4.72
CA ARG A 23 -8.70 5.89 6.00
C ARG A 23 -8.88 7.15 6.85
N ILE A 24 -9.48 8.19 6.27
CA ILE A 24 -9.57 9.48 6.92
C ILE A 24 -10.88 10.13 6.52
N SER A 25 -11.04 11.37 6.94
CA SER A 25 -12.18 12.16 6.56
C SER A 25 -11.77 13.11 5.45
N THR A 26 -12.69 13.34 4.51
CA THR A 26 -12.42 14.21 3.39
C THR A 26 -12.11 15.59 3.89
N ALA A 27 -12.78 15.95 4.96
CA ALA A 27 -12.61 17.24 5.59
C ALA A 27 -11.21 17.41 6.16
N ALA A 28 -10.58 16.32 6.60
CA ALA A 28 -9.25 16.41 7.17
C ALA A 28 -8.22 16.52 6.07
N LEU A 29 -8.48 15.79 4.99
CA LEU A 29 -7.64 15.86 3.82
C LEU A 29 -7.91 17.18 3.08
N LEU A 30 -9.07 17.77 3.35
CA LEU A 30 -9.40 19.09 2.86
C LEU A 30 -8.72 20.17 3.66
N GLN A 31 -8.65 19.97 4.96
CA GLN A 31 -8.08 20.94 5.87
C GLN A 31 -6.66 21.23 5.49
N ALA A 32 -5.98 20.16 5.17
CA ALA A 32 -4.62 20.20 4.73
C ALA A 32 -4.51 20.53 3.24
N ASN A 33 -5.59 20.36 2.50
CA ASN A 33 -5.58 20.52 1.05
C ASN A 33 -6.89 21.13 0.60
N PRO A 34 -7.08 22.42 0.87
CA PRO A 34 -8.28 23.16 0.49
C PRO A 34 -8.58 23.14 -1.01
N SER A 35 -7.65 22.70 -1.83
CA SER A 35 -7.94 22.56 -3.25
C SER A 35 -9.05 21.54 -3.44
N LEU A 36 -9.02 20.53 -2.60
CA LEU A 36 -9.86 19.36 -2.74
C LEU A 36 -11.30 19.57 -2.32
N GLN A 37 -11.67 20.73 -1.75
CA GLN A 37 -13.07 20.94 -1.35
C GLN A 37 -14.00 20.60 -2.47
N ALA A 38 -13.56 21.01 -3.62
CA ALA A 38 -14.30 20.76 -4.83
C ALA A 38 -13.99 19.39 -5.41
N GLY A 39 -12.70 19.04 -5.46
CA GLY A 39 -12.32 17.74 -5.95
C GLY A 39 -10.84 17.54 -6.06
N LEU A 40 -10.50 16.50 -6.79
CA LEU A 40 -9.14 16.10 -7.04
C LEU A 40 -8.82 16.16 -8.53
N THR A 41 -7.55 16.26 -8.85
CA THR A 41 -7.08 16.35 -10.22
C THR A 41 -5.91 15.40 -10.47
N ALA A 42 -5.95 14.70 -11.61
CA ALA A 42 -4.83 13.87 -12.04
C ALA A 42 -3.48 14.55 -11.88
N GLY A 43 -2.60 13.86 -11.20
CA GLY A 43 -1.25 14.32 -10.99
C GLY A 43 -1.16 15.29 -9.84
N GLN A 44 -2.30 15.76 -9.38
CA GLN A 44 -2.36 16.62 -8.22
C GLN A 44 -1.84 15.90 -7.01
N SER A 45 -1.29 16.68 -6.13
CA SER A 45 -0.56 16.18 -5.00
C SER A 45 -1.23 16.66 -3.72
N ILE A 46 -1.46 15.76 -2.80
CA ILE A 46 -2.21 16.10 -1.60
C ILE A 46 -1.51 15.57 -0.37
N VAL A 47 -1.67 16.29 0.71
CA VAL A 47 -1.08 15.91 1.99
C VAL A 47 -2.08 15.13 2.80
N ILE A 48 -1.56 14.23 3.61
CA ILE A 48 -2.35 13.35 4.42
C ILE A 48 -2.04 13.63 5.88
N PRO A 49 -2.76 14.59 6.44
CA PRO A 49 -2.51 15.09 7.78
C PRO A 49 -2.61 14.00 8.85
N GLY A 50 -1.75 14.10 9.85
CA GLY A 50 -1.70 13.10 10.90
C GLY A 50 -0.92 11.85 10.49
N LEU A 51 -0.53 11.79 9.23
CA LEU A 51 0.26 10.68 8.72
C LEU A 51 1.61 11.22 8.26
N PRO A 52 2.72 10.64 8.74
CA PRO A 52 4.09 11.08 8.43
C PRO A 52 4.48 10.87 6.97
N ASP A 53 5.68 11.35 6.62
CA ASP A 53 6.13 11.40 5.24
C ASP A 53 6.87 10.13 4.87
N PRO A 54 6.66 9.66 3.65
CA PRO A 54 7.22 8.40 3.17
C PRO A 54 8.65 8.55 2.66
N TYR A 55 9.11 9.79 2.54
CA TYR A 55 10.48 10.05 2.13
C TYR A 55 11.36 10.25 3.35
N THR A 56 10.77 10.71 4.45
CA THR A 56 11.46 10.75 5.72
C THR A 56 11.68 9.31 6.17
N ILE A 57 10.73 8.50 5.79
CA ILE A 57 10.76 7.06 5.99
C ILE A 57 11.70 6.41 5.00
N PRO A 58 12.67 5.58 5.44
CA PRO A 58 13.40 4.74 4.53
C PRO A 58 12.88 3.31 4.58
N TYR A 59 12.02 3.02 3.67
CA TYR A 59 11.51 1.69 3.41
C TYR A 59 10.97 1.71 1.99
N HIS A 60 11.20 0.65 1.22
CA HIS A 60 10.90 0.68 -0.18
C HIS A 60 10.44 -0.71 -0.60
N ILE A 61 9.15 -0.80 -0.84
CA ILE A 61 8.52 -2.06 -1.16
C ILE A 61 8.43 -2.24 -2.65
N ALA A 62 9.22 -3.16 -3.16
CA ALA A 62 9.25 -3.41 -4.58
C ALA A 62 8.67 -4.77 -4.89
N VAL A 63 7.40 -4.75 -5.21
CA VAL A 63 6.71 -5.95 -5.58
C VAL A 63 6.37 -5.90 -7.05
N SER A 64 7.21 -6.53 -7.81
CA SER A 64 6.99 -6.59 -9.22
C SER A 64 6.24 -7.86 -9.52
N ILE A 65 4.97 -7.72 -9.87
CA ILE A 65 4.14 -8.81 -10.30
C ILE A 65 4.84 -9.72 -11.32
N GLY A 66 5.69 -9.13 -12.13
CA GLY A 66 6.52 -9.93 -13.02
C GLY A 66 7.50 -10.80 -12.24
N ALA A 67 8.11 -10.17 -11.25
CA ALA A 67 9.02 -10.84 -10.31
C ALA A 67 8.26 -11.78 -9.37
N LYS A 68 6.98 -11.50 -9.19
CA LYS A 68 6.07 -12.28 -8.34
C LYS A 68 6.52 -12.30 -6.88
N THR A 69 7.40 -11.39 -6.51
CA THR A 69 7.84 -11.29 -5.13
C THR A 69 7.97 -9.84 -4.70
N LEU A 70 7.55 -9.61 -3.48
CA LEU A 70 7.54 -8.30 -2.87
C LEU A 70 8.80 -8.10 -2.06
N THR A 71 9.59 -7.10 -2.41
CA THR A 71 10.87 -6.90 -1.75
C THR A 71 10.80 -5.79 -0.72
N LEU A 72 11.19 -6.09 0.50
CA LEU A 72 11.24 -5.05 1.51
C LEU A 72 12.58 -4.35 1.33
N SER A 73 12.69 -3.06 1.58
CA SER A 73 14.00 -2.39 1.44
C SER A 73 14.15 -1.21 2.38
N LEU A 74 15.29 -1.17 3.05
CA LEU A 74 15.63 -0.09 3.93
C LEU A 74 16.91 0.59 3.48
N ASN A 75 16.87 1.90 3.29
CA ASN A 75 18.09 2.66 3.07
C ASN A 75 18.72 2.24 1.74
N ASN A 76 17.84 1.91 0.78
CA ASN A 76 18.20 1.56 -0.59
C ASN A 76 18.68 0.11 -0.69
N ARG A 77 18.63 -0.61 0.42
CA ARG A 77 18.86 -2.03 0.34
C ARG A 77 17.82 -2.87 1.04
N VAL A 78 17.48 -3.97 0.38
CA VAL A 78 16.44 -4.88 0.81
C VAL A 78 16.63 -5.36 2.23
N MET A 79 15.50 -5.62 2.83
CA MET A 79 15.41 -6.17 4.16
C MET A 79 15.19 -7.64 4.05
N LYS A 80 14.28 -7.94 3.13
CA LYS A 80 13.83 -9.30 2.88
C LYS A 80 12.76 -9.32 1.77
N THR A 81 12.61 -10.43 1.08
CA THR A 81 11.62 -10.54 0.02
C THR A 81 10.56 -11.58 0.37
N TYR A 82 9.29 -11.25 0.14
CA TYR A 82 8.21 -12.16 0.43
C TYR A 82 7.35 -12.39 -0.79
N PRO A 83 7.05 -13.66 -1.09
CA PRO A 83 6.15 -14.01 -2.19
C PRO A 83 4.72 -13.58 -1.90
N ILE A 84 4.01 -13.21 -2.96
CA ILE A 84 2.64 -12.71 -2.84
C ILE A 84 1.77 -13.36 -3.93
N ALA A 85 0.48 -13.04 -3.98
CA ALA A 85 -0.34 -13.55 -5.08
C ALA A 85 -0.23 -12.63 -6.26
N VAL A 86 0.34 -13.16 -7.30
CA VAL A 86 0.26 -12.57 -8.60
C VAL A 86 -0.75 -13.39 -9.38
N GLY A 87 -2.01 -12.95 -9.34
CA GLY A 87 -3.06 -13.69 -9.98
C GLY A 87 -4.41 -13.48 -9.34
N LYS A 88 -5.28 -12.74 -10.03
CA LYS A 88 -6.66 -12.56 -9.63
C LYS A 88 -7.44 -11.86 -10.72
N ILE A 89 -6.93 -10.71 -11.17
CA ILE A 89 -7.62 -9.94 -12.20
C ILE A 89 -6.90 -10.09 -13.55
N LEU A 90 -6.22 -9.05 -14.01
CA LEU A 90 -5.56 -9.07 -15.31
C LEU A 90 -4.16 -8.48 -15.23
N THR A 91 -3.43 -8.56 -16.33
CA THR A 91 -2.10 -8.01 -16.42
C THR A 91 -2.18 -6.50 -16.68
N GLN A 92 -2.31 -5.74 -15.59
CA GLN A 92 -2.48 -4.29 -15.68
C GLN A 92 -1.16 -3.60 -16.06
N THR A 93 -0.42 -3.16 -15.02
CA THR A 93 0.87 -2.42 -15.10
C THR A 93 0.74 -0.93 -14.73
N PRO A 94 -0.25 -0.16 -15.26
CA PRO A 94 -0.49 1.22 -14.80
C PRO A 94 -0.97 1.25 -13.36
N THR A 95 -0.04 1.02 -12.45
CA THR A 95 -0.32 1.03 -11.04
C THR A 95 0.67 1.93 -10.32
N GLY A 96 0.17 3.03 -9.78
CA GLY A 96 1.03 3.99 -9.12
C GLY A 96 1.52 3.47 -7.78
N GLU A 97 2.28 4.30 -7.09
CA GLU A 97 2.83 3.91 -5.81
C GLU A 97 1.74 3.99 -4.74
N PHE A 98 1.83 3.08 -3.79
CA PHE A 98 0.94 3.09 -2.64
C PHE A 98 1.81 3.23 -1.41
N TYR A 99 1.20 3.52 -0.29
CA TYR A 99 1.93 3.58 0.96
C TYR A 99 1.28 2.68 2.01
N ILE A 100 2.10 1.95 2.74
CA ILE A 100 1.66 1.22 3.92
C ILE A 100 1.07 2.21 4.88
N ILE A 101 -0.23 2.20 5.03
CA ILE A 101 -0.88 3.25 5.78
C ILE A 101 -1.41 2.78 7.13
N ASN A 102 -1.73 1.50 7.28
CA ASN A 102 -2.34 1.06 8.53
C ASN A 102 -2.15 -0.41 8.83
N ARG A 103 -2.35 -0.68 10.10
CA ARG A 103 -2.29 -2.03 10.68
C ARG A 103 -3.44 -2.21 11.65
N GLN A 104 -4.13 -3.34 11.56
CA GLN A 104 -5.24 -3.61 12.46
C GLN A 104 -4.94 -4.78 13.36
N ARG A 105 -5.46 -4.64 14.56
CA ARG A 105 -5.40 -5.65 15.60
C ARG A 105 -5.83 -7.01 15.12
N ASN A 106 -5.33 -8.04 15.78
CA ASN A 106 -5.68 -9.42 15.46
C ASN A 106 -7.17 -9.56 15.24
N PRO A 107 -7.54 -9.59 13.96
CA PRO A 107 -8.92 -9.59 13.49
C PRO A 107 -9.75 -10.71 14.10
N GLY A 108 -9.22 -11.92 13.99
CA GLY A 108 -9.92 -13.10 14.46
C GLY A 108 -10.32 -14.02 13.33
N GLY A 109 -10.37 -13.48 12.12
CA GLY A 109 -10.73 -14.28 10.96
C GLY A 109 -9.52 -14.56 10.07
N PRO A 110 -9.76 -15.15 8.89
CA PRO A 110 -8.73 -15.45 7.88
C PRO A 110 -8.03 -14.21 7.30
N PHE A 111 -7.86 -13.18 8.12
CA PHE A 111 -7.20 -11.96 7.71
C PHE A 111 -5.69 -12.14 7.68
N GLY A 112 -5.20 -12.99 8.57
CA GLY A 112 -3.80 -13.35 8.57
C GLY A 112 -2.98 -12.57 9.57
N ALA A 113 -3.53 -12.42 10.78
CA ALA A 113 -2.79 -11.87 11.92
C ALA A 113 -2.60 -10.36 11.86
N TYR A 114 -2.78 -9.77 10.69
CA TYR A 114 -2.68 -8.33 10.54
C TYR A 114 -3.46 -7.88 9.31
N TRP A 115 -4.29 -6.86 9.46
CA TRP A 115 -4.86 -6.20 8.30
C TRP A 115 -4.07 -4.93 8.03
N LEU A 116 -3.19 -4.99 7.05
CA LEU A 116 -2.42 -3.82 6.65
C LEU A 116 -2.92 -3.29 5.32
N SER A 117 -3.07 -1.99 5.25
CA SER A 117 -3.66 -1.36 4.09
C SER A 117 -2.63 -0.64 3.24
N LEU A 118 -2.84 -0.68 1.93
CA LEU A 118 -2.14 0.20 1.02
C LEU A 118 -2.94 1.51 0.95
N SER A 119 -2.49 2.45 0.15
CA SER A 119 -3.14 3.76 0.10
C SER A 119 -4.28 3.81 -0.90
N LYS A 120 -4.61 2.68 -1.53
CA LYS A 120 -5.66 2.68 -2.52
C LYS A 120 -6.69 1.60 -2.27
N GLN A 121 -7.92 2.04 -1.99
CA GLN A 121 -9.07 1.16 -1.85
C GLN A 121 -8.81 0.01 -0.87
N HIS A 122 -9.36 -1.16 -1.16
CA HIS A 122 -9.20 -2.31 -0.28
C HIS A 122 -7.93 -3.09 -0.59
N TYR A 123 -7.08 -2.53 -1.43
CA TYR A 123 -5.78 -3.15 -1.71
C TYR A 123 -4.90 -3.01 -0.47
N GLY A 124 -4.42 -4.13 0.03
CA GLY A 124 -3.62 -4.10 1.23
C GLY A 124 -2.66 -5.26 1.32
N ILE A 125 -1.68 -5.11 2.18
CA ILE A 125 -0.73 -6.15 2.49
C ILE A 125 -1.20 -6.88 3.73
N HIS A 126 -1.50 -8.15 3.62
CA HIS A 126 -2.06 -8.87 4.74
C HIS A 126 -1.58 -10.31 4.81
N GLY A 127 -2.29 -11.09 5.59
CA GLY A 127 -1.91 -12.48 5.79
C GLY A 127 -2.95 -13.47 5.37
N THR A 128 -2.68 -14.73 5.63
CA THR A 128 -3.43 -15.81 5.02
C THR A 128 -3.66 -16.96 6.00
N ASN A 129 -4.44 -17.92 5.56
CA ASN A 129 -4.50 -19.22 6.20
C ASN A 129 -3.77 -20.22 5.32
N ASN A 130 -3.61 -19.85 4.06
CA ASN A 130 -2.93 -20.69 3.08
C ASN A 130 -1.83 -19.91 2.39
N PRO A 131 -0.57 -20.13 2.79
CA PRO A 131 0.60 -19.53 2.15
C PRO A 131 1.18 -20.41 1.05
N ALA A 132 0.54 -21.53 0.77
CA ALA A 132 1.09 -22.51 -0.15
C ALA A 132 0.73 -22.14 -1.58
N SER A 133 -0.42 -21.49 -1.74
CA SER A 133 -0.86 -21.02 -3.05
C SER A 133 -0.26 -19.63 -3.33
N ILE A 134 0.47 -19.12 -2.35
CA ILE A 134 1.14 -17.85 -2.48
C ILE A 134 2.27 -17.95 -3.52
N GLY A 135 2.10 -17.21 -4.61
CA GLY A 135 3.00 -17.34 -5.74
C GLY A 135 2.45 -18.31 -6.77
N LYS A 136 1.78 -17.77 -7.79
CA LYS A 136 1.12 -18.60 -8.80
C LYS A 136 1.06 -17.89 -10.14
N ALA A 137 0.30 -18.47 -11.08
CA ALA A 137 0.09 -17.83 -12.37
C ALA A 137 -1.06 -16.84 -12.30
N VAL A 138 -1.45 -16.27 -13.45
CA VAL A 138 -2.42 -15.17 -13.51
C VAL A 138 -1.73 -13.87 -13.08
N SER A 139 -2.35 -12.71 -13.29
CA SER A 139 -1.73 -11.46 -12.92
C SER A 139 -2.63 -10.65 -11.99
N LYS A 140 -2.00 -9.76 -11.21
CA LYS A 140 -2.70 -8.87 -10.27
C LYS A 140 -3.52 -9.68 -9.26
N GLY A 141 -2.88 -10.10 -8.19
CA GLY A 141 -3.58 -10.85 -7.16
C GLY A 141 -3.66 -10.08 -5.85
N CYS A 142 -3.66 -10.82 -4.74
CA CYS A 142 -3.68 -10.20 -3.42
C CYS A 142 -2.29 -10.22 -2.81
N ILE A 143 -1.98 -9.19 -2.04
CA ILE A 143 -0.67 -9.09 -1.42
C ILE A 143 -0.72 -9.61 0.01
N ARG A 144 -0.81 -10.93 0.13
CA ARG A 144 -0.92 -11.55 1.45
C ARG A 144 0.19 -12.57 1.64
N MET A 145 0.62 -12.75 2.88
CA MET A 145 1.75 -13.61 3.20
C MET A 145 1.45 -14.47 4.43
N HIS A 146 2.50 -15.08 4.95
CA HIS A 146 2.42 -15.88 6.16
C HIS A 146 2.28 -14.94 7.36
N ASN A 147 1.55 -15.37 8.38
CA ASN A 147 1.19 -14.48 9.50
C ASN A 147 2.42 -13.79 10.10
N LYS A 148 3.32 -14.54 10.69
CA LYS A 148 4.47 -13.95 11.37
C LYS A 148 5.31 -13.11 10.39
N ASP A 149 5.23 -13.44 9.11
CA ASP A 149 5.99 -12.76 8.07
C ASP A 149 5.36 -11.41 7.75
N VAL A 150 4.03 -11.35 7.79
CA VAL A 150 3.32 -10.10 7.54
C VAL A 150 3.38 -9.20 8.78
N ILE A 151 3.72 -9.80 9.92
CA ILE A 151 3.97 -9.03 11.15
C ILE A 151 5.41 -8.55 11.18
N GLU A 152 6.37 -9.36 10.75
CA GLU A 152 7.69 -8.86 10.44
C GLU A 152 7.64 -7.57 9.61
N LEU A 153 7.20 -7.70 8.36
CA LEU A 153 7.07 -6.56 7.47
C LEU A 153 6.31 -5.43 8.15
N ALA A 154 5.23 -5.83 8.81
CA ALA A 154 4.27 -4.89 9.37
C ALA A 154 4.91 -3.91 10.32
N SER A 155 5.69 -4.46 11.25
CA SER A 155 6.26 -3.68 12.31
C SER A 155 7.46 -2.88 11.82
N ILE A 156 7.99 -3.28 10.67
CA ILE A 156 9.14 -2.61 10.10
C ILE A 156 8.67 -1.48 9.18
N VAL A 157 7.70 -1.80 8.35
CA VAL A 157 7.12 -0.81 7.46
C VAL A 157 6.17 0.12 8.24
N PRO A 158 6.47 1.42 8.23
CA PRO A 158 5.70 2.42 8.97
C PRO A 158 4.49 2.92 8.19
N ASN A 159 3.78 3.87 8.81
CA ASN A 159 2.53 4.42 8.28
C ASN A 159 2.67 5.08 6.90
N GLY A 160 3.85 5.03 6.31
CA GLY A 160 4.04 5.60 4.99
C GLY A 160 5.11 4.88 4.19
N THR A 161 4.93 3.58 4.00
CA THR A 161 5.90 2.79 3.26
C THR A 161 5.57 2.75 1.78
N ARG A 162 6.58 2.95 0.95
CA ARG A 162 6.38 3.07 -0.49
C ARG A 162 6.34 1.69 -1.14
N VAL A 163 5.31 1.45 -1.92
CA VAL A 163 5.12 0.14 -2.55
C VAL A 163 4.57 0.29 -3.98
N THR A 164 5.22 -0.39 -4.93
CA THR A 164 4.79 -0.33 -6.32
C THR A 164 4.48 -1.73 -6.89
N ILE A 165 3.47 -1.79 -7.76
CA ILE A 165 3.15 -3.08 -8.39
C ILE A 165 3.11 -2.99 -9.92
N ASN A 166 4.04 -3.72 -10.54
CA ASN A 166 4.28 -3.64 -11.96
C ASN A 166 4.63 -5.03 -12.50
N ARG A 167 4.11 -5.31 -13.68
CA ARG A 167 4.21 -6.62 -14.27
C ARG A 167 5.42 -6.75 -15.18
N GLY A 168 5.70 -5.69 -15.92
CA GLY A 168 6.82 -5.68 -16.83
C GLY A 168 6.53 -6.41 -18.12
N SER A 169 6.15 -7.68 -18.00
CA SER A 169 5.81 -8.50 -19.14
C SER A 169 4.73 -9.49 -18.75
N GLY A 1 3.80 13.27 14.56
CA GLY A 1 5.27 13.40 14.50
C GLY A 1 5.78 13.38 13.08
N ARG A 2 6.97 13.94 12.86
CA ARG A 2 7.57 14.03 11.53
C ARG A 2 6.71 14.83 10.56
N LYS A 3 7.15 14.87 9.32
CA LYS A 3 6.33 15.39 8.23
C LYS A 3 5.14 14.49 8.02
N LEU A 4 4.08 15.04 7.47
CA LEU A 4 2.90 14.25 7.12
C LEU A 4 2.99 13.74 5.69
N LEU A 5 2.12 12.81 5.33
CA LEU A 5 2.21 12.07 4.08
C LEU A 5 1.80 12.92 2.91
N THR A 6 2.41 12.65 1.78
CA THR A 6 1.96 13.21 0.54
C THR A 6 1.43 12.11 -0.40
N TYR A 7 0.46 12.50 -1.20
CA TYR A 7 -0.20 11.64 -2.17
C TYR A 7 -0.30 12.41 -3.47
N GLN A 8 -0.24 11.73 -4.58
CA GLN A 8 -0.41 12.35 -5.86
C GLN A 8 -1.47 11.57 -6.60
N VAL A 9 -2.62 12.19 -6.79
CA VAL A 9 -3.81 11.50 -7.17
C VAL A 9 -3.73 11.03 -8.61
N LYS A 10 -4.52 10.03 -8.93
CA LYS A 10 -4.45 9.39 -10.21
C LYS A 10 -5.66 9.77 -11.03
N GLN A 11 -5.46 9.83 -12.33
CA GLN A 11 -6.49 10.31 -13.24
C GLN A 11 -7.86 9.71 -12.96
N GLY A 12 -8.79 10.59 -12.59
CA GLY A 12 -10.16 10.18 -12.39
C GLY A 12 -10.57 10.15 -10.93
N ASP A 13 -9.62 10.29 -10.02
CA ASP A 13 -9.86 10.21 -8.59
C ASP A 13 -10.86 11.27 -8.09
N THR A 14 -11.52 10.96 -6.97
CA THR A 14 -12.51 11.86 -6.38
C THR A 14 -12.33 11.99 -4.88
N LEU A 15 -12.86 13.07 -4.32
CA LEU A 15 -12.63 13.42 -2.93
C LEU A 15 -12.93 12.29 -1.94
N ASN A 16 -14.16 11.79 -1.95
CA ASN A 16 -14.61 10.91 -0.89
C ASN A 16 -13.85 9.60 -0.91
N SER A 17 -13.70 9.11 -2.14
CA SER A 17 -13.04 7.86 -2.43
C SER A 17 -11.63 7.88 -1.88
N ILE A 18 -10.93 8.96 -2.17
CA ILE A 18 -9.55 9.12 -1.80
C ILE A 18 -9.38 9.27 -0.28
N ALA A 19 -10.29 10.03 0.33
CA ALA A 19 -10.28 10.22 1.78
C ALA A 19 -10.33 8.90 2.52
N ALA A 20 -11.40 8.17 2.42
CA ALA A 20 -11.49 6.92 3.17
C ALA A 20 -10.75 5.78 2.47
N ASP A 21 -10.24 6.04 1.28
CA ASP A 21 -9.13 5.23 0.76
C ASP A 21 -7.89 5.50 1.59
N PHE A 22 -7.79 6.67 2.19
CA PHE A 22 -6.72 6.94 3.13
C PHE A 22 -7.18 6.80 4.57
N ARG A 23 -8.34 6.17 4.74
CA ARG A 23 -8.90 5.89 6.07
C ARG A 23 -9.04 7.18 6.87
N ILE A 24 -9.68 8.19 6.28
CA ILE A 24 -9.76 9.51 6.89
C ILE A 24 -11.06 10.17 6.47
N SER A 25 -11.20 11.42 6.84
CA SER A 25 -12.32 12.23 6.39
C SER A 25 -11.92 13.04 5.20
N THR A 26 -12.87 13.29 4.31
CA THR A 26 -12.63 14.16 3.19
C THR A 26 -12.33 15.54 3.73
N ALA A 27 -13.02 15.88 4.80
CA ALA A 27 -12.86 17.17 5.42
C ALA A 27 -11.48 17.33 6.04
N ALA A 28 -10.85 16.23 6.46
CA ALA A 28 -9.53 16.32 7.06
C ALA A 28 -8.49 16.43 5.96
N LEU A 29 -8.71 15.71 4.88
CA LEU A 29 -7.85 15.79 3.72
C LEU A 29 -8.09 17.12 3.03
N LEU A 30 -9.24 17.72 3.29
CA LEU A 30 -9.53 19.06 2.82
C LEU A 30 -8.85 20.11 3.66
N GLN A 31 -8.82 19.85 4.96
CA GLN A 31 -8.26 20.80 5.90
C GLN A 31 -6.82 21.07 5.57
N ALA A 32 -6.15 20.00 5.24
CA ALA A 32 -4.76 20.05 4.83
C ALA A 32 -4.61 20.42 3.37
N ASN A 33 -5.69 20.32 2.60
CA ASN A 33 -5.66 20.55 1.16
C ASN A 33 -6.91 21.31 0.73
N PRO A 34 -7.00 22.59 1.12
CA PRO A 34 -8.15 23.47 0.86
C PRO A 34 -8.58 23.56 -0.60
N SER A 35 -7.72 23.27 -1.56
CA SER A 35 -8.15 23.29 -2.95
C SER A 35 -9.11 22.14 -3.23
N LEU A 36 -8.85 21.04 -2.55
CA LEU A 36 -9.52 19.79 -2.75
C LEU A 36 -11.01 19.82 -2.41
N GLN A 37 -11.50 20.93 -1.84
CA GLN A 37 -12.91 21.05 -1.47
C GLN A 37 -13.78 20.61 -2.59
N ALA A 38 -13.36 21.02 -3.74
CA ALA A 38 -14.07 20.71 -4.94
C ALA A 38 -13.74 19.32 -5.46
N GLY A 39 -12.45 19.00 -5.49
CA GLY A 39 -12.05 17.70 -5.93
C GLY A 39 -10.58 17.51 -6.03
N LEU A 40 -10.25 16.48 -6.77
CA LEU A 40 -8.89 16.06 -7.01
C LEU A 40 -8.54 16.14 -8.49
N THR A 41 -7.26 16.21 -8.77
CA THR A 41 -6.78 16.25 -10.15
C THR A 41 -5.62 15.29 -10.33
N ALA A 42 -5.66 14.50 -11.41
CA ALA A 42 -4.55 13.63 -11.75
C ALA A 42 -3.21 14.32 -11.69
N GLY A 43 -2.30 13.71 -10.95
CA GLY A 43 -0.96 14.24 -10.80
C GLY A 43 -0.88 15.29 -9.72
N GLN A 44 -2.02 15.76 -9.27
CA GLN A 44 -2.07 16.67 -8.14
C GLN A 44 -1.59 15.98 -6.90
N SER A 45 -1.07 16.78 -6.02
CA SER A 45 -0.40 16.30 -4.84
C SER A 45 -1.11 16.79 -3.61
N ILE A 46 -1.37 15.90 -2.67
CA ILE A 46 -2.15 16.25 -1.50
C ILE A 46 -1.53 15.67 -0.25
N VAL A 47 -1.75 16.35 0.86
CA VAL A 47 -1.26 15.91 2.14
C VAL A 47 -2.30 15.10 2.88
N ILE A 48 -1.81 14.16 3.66
CA ILE A 48 -2.66 13.27 4.41
C ILE A 48 -2.40 13.50 5.88
N PRO A 49 -3.14 14.44 6.47
CA PRO A 49 -2.94 14.87 7.84
C PRO A 49 -3.09 13.73 8.85
N GLY A 50 -2.27 13.76 9.89
CA GLY A 50 -2.27 12.72 10.89
C GLY A 50 -1.46 11.50 10.47
N LEU A 51 -1.01 11.50 9.23
CA LEU A 51 -0.20 10.41 8.69
C LEU A 51 1.17 10.97 8.34
N PRO A 52 2.26 10.33 8.79
CA PRO A 52 3.64 10.78 8.54
C PRO A 52 4.08 10.64 7.09
N ASP A 53 5.24 11.21 6.80
CA ASP A 53 5.75 11.35 5.44
C ASP A 53 6.61 10.17 5.01
N PRO A 54 6.43 9.72 3.78
CA PRO A 54 7.10 8.53 3.24
C PRO A 54 8.49 8.83 2.68
N TYR A 55 8.86 10.10 2.66
CA TYR A 55 10.14 10.51 2.09
C TYR A 55 11.21 10.61 3.18
N THR A 56 10.78 10.83 4.41
CA THR A 56 11.69 10.76 5.56
C THR A 56 11.77 9.32 6.05
N ILE A 57 10.85 8.49 5.56
CA ILE A 57 10.86 7.07 5.79
C ILE A 57 11.75 6.37 4.77
N PRO A 58 12.76 5.59 5.19
CA PRO A 58 13.47 4.76 4.26
C PRO A 58 12.97 3.32 4.38
N TYR A 59 12.07 3.00 3.52
CA TYR A 59 11.56 1.65 3.32
C TYR A 59 10.96 1.61 1.93
N HIS A 60 11.21 0.57 1.17
CA HIS A 60 10.90 0.59 -0.23
C HIS A 60 10.42 -0.82 -0.62
N ILE A 61 9.16 -0.90 -0.90
CA ILE A 61 8.54 -2.16 -1.22
C ILE A 61 8.49 -2.33 -2.72
N ALA A 62 9.33 -3.23 -3.21
CA ALA A 62 9.44 -3.45 -4.62
C ALA A 62 8.87 -4.82 -4.98
N VAL A 63 7.62 -4.78 -5.34
CA VAL A 63 6.94 -5.98 -5.75
C VAL A 63 6.58 -5.88 -7.22
N SER A 64 7.40 -6.47 -8.02
CA SER A 64 7.14 -6.50 -9.42
C SER A 64 6.35 -7.74 -9.72
N ILE A 65 5.19 -7.57 -10.34
CA ILE A 65 4.36 -8.67 -10.72
C ILE A 65 5.10 -9.59 -11.68
N GLY A 66 6.03 -8.99 -12.41
CA GLY A 66 6.95 -9.76 -13.21
C GLY A 66 7.90 -10.59 -12.34
N ALA A 67 8.46 -9.92 -11.34
CA ALA A 67 9.34 -10.56 -10.35
C ALA A 67 8.59 -11.58 -9.49
N LYS A 68 7.28 -11.38 -9.39
CA LYS A 68 6.37 -12.21 -8.61
C LYS A 68 6.74 -12.28 -7.13
N THR A 69 7.62 -11.40 -6.69
CA THR A 69 8.01 -11.32 -5.29
C THR A 69 8.14 -9.87 -4.85
N LEU A 70 7.72 -9.65 -3.62
CA LEU A 70 7.71 -8.34 -3.03
C LEU A 70 8.97 -8.14 -2.19
N THR A 71 9.76 -7.16 -2.55
CA THR A 71 11.04 -6.98 -1.90
C THR A 71 11.00 -5.85 -0.90
N LEU A 72 11.40 -6.13 0.33
CA LEU A 72 11.46 -5.09 1.31
C LEU A 72 12.81 -4.38 1.10
N SER A 73 12.90 -3.08 1.24
CA SER A 73 14.19 -2.43 1.05
C SER A 73 14.37 -1.23 1.96
N LEU A 74 15.49 -1.22 2.66
CA LEU A 74 15.85 -0.12 3.51
C LEU A 74 17.14 0.51 3.04
N ASN A 75 17.13 1.81 2.79
CA ASN A 75 18.36 2.54 2.53
C ASN A 75 18.94 2.07 1.19
N ASN A 76 18.02 1.74 0.28
CA ASN A 76 18.33 1.34 -1.10
C ASN A 76 18.84 -0.09 -1.17
N ARG A 77 18.84 -0.77 -0.04
CA ARG A 77 19.09 -2.20 -0.07
C ARG A 77 18.08 -3.01 0.71
N VAL A 78 17.72 -4.13 0.08
CA VAL A 78 16.67 -5.02 0.56
C VAL A 78 16.86 -5.45 1.99
N MET A 79 15.73 -5.68 2.61
CA MET A 79 15.65 -6.18 3.95
C MET A 79 15.41 -7.67 3.88
N LYS A 80 14.49 -7.98 2.98
CA LYS A 80 14.02 -9.35 2.77
C LYS A 80 13.02 -9.37 1.62
N THR A 81 12.82 -10.52 0.99
CA THR A 81 11.87 -10.63 -0.11
C THR A 81 10.75 -11.61 0.25
N TYR A 82 9.51 -11.19 0.06
CA TYR A 82 8.36 -12.00 0.41
C TYR A 82 7.58 -12.38 -0.84
N PRO A 83 7.03 -13.60 -0.88
CA PRO A 83 6.18 -14.03 -1.98
C PRO A 83 4.75 -13.53 -1.80
N ILE A 84 4.14 -13.12 -2.90
CA ILE A 84 2.82 -12.51 -2.85
C ILE A 84 1.93 -13.03 -3.97
N ALA A 85 0.75 -12.43 -4.11
CA ALA A 85 -0.16 -12.75 -5.20
C ALA A 85 0.19 -11.94 -6.44
N VAL A 86 0.32 -12.62 -7.57
CA VAL A 86 0.82 -12.01 -8.80
C VAL A 86 0.27 -12.71 -10.03
N GLY A 87 -0.96 -13.21 -9.91
CA GLY A 87 -1.57 -13.92 -11.01
C GLY A 87 -2.42 -13.04 -11.90
N LYS A 88 -3.17 -13.68 -12.80
CA LYS A 88 -4.01 -12.99 -13.78
C LYS A 88 -3.18 -12.07 -14.67
N ILE A 89 -2.67 -12.64 -15.76
CA ILE A 89 -1.88 -11.88 -16.72
C ILE A 89 -2.79 -10.99 -17.57
N LEU A 90 -3.17 -9.85 -17.01
CA LEU A 90 -4.03 -8.90 -17.70
C LEU A 90 -3.19 -7.90 -18.48
N THR A 91 -1.87 -7.98 -18.30
CA THR A 91 -0.91 -7.11 -18.99
C THR A 91 -0.90 -5.69 -18.42
N GLN A 92 -1.97 -5.32 -17.74
CA GLN A 92 -2.07 -4.00 -17.13
C GLN A 92 -1.09 -3.86 -15.97
N THR A 93 -0.20 -2.89 -16.09
CA THR A 93 0.72 -2.54 -15.03
C THR A 93 0.08 -1.50 -14.12
N PRO A 94 -0.12 -1.81 -12.82
CA PRO A 94 -0.62 -0.85 -11.85
C PRO A 94 0.22 0.42 -11.84
N THR A 95 -0.38 1.52 -12.25
CA THR A 95 0.34 2.75 -12.46
C THR A 95 0.31 3.62 -11.21
N GLY A 96 1.47 4.07 -10.76
CA GLY A 96 1.55 4.89 -9.58
C GLY A 96 1.74 4.07 -8.33
N GLU A 97 2.54 4.57 -7.40
CA GLU A 97 2.87 3.84 -6.19
C GLU A 97 1.73 3.89 -5.19
N PHE A 98 1.86 3.07 -4.16
CA PHE A 98 0.99 3.13 -2.99
C PHE A 98 1.87 3.32 -1.77
N TYR A 99 1.25 3.55 -0.63
CA TYR A 99 1.98 3.60 0.63
C TYR A 99 1.32 2.70 1.65
N ILE A 100 2.14 1.99 2.40
CA ILE A 100 1.69 1.26 3.57
C ILE A 100 1.06 2.23 4.52
N ILE A 101 -0.26 2.23 4.59
CA ILE A 101 -0.95 3.27 5.32
C ILE A 101 -1.23 2.87 6.76
N ASN A 102 -1.33 1.57 7.08
CA ASN A 102 -1.57 1.20 8.47
C ASN A 102 -1.43 -0.29 8.77
N ARG A 103 -1.66 -0.53 10.05
CA ARG A 103 -1.69 -1.87 10.65
C ARG A 103 -2.72 -1.87 11.77
N GLN A 104 -2.96 -3.03 12.39
CA GLN A 104 -4.14 -3.17 13.19
C GLN A 104 -3.96 -4.12 14.34
N ARG A 105 -4.79 -3.88 15.33
CA ARG A 105 -5.03 -4.80 16.41
C ARG A 105 -5.40 -6.17 15.89
N ASN A 106 -5.06 -7.19 16.66
CA ASN A 106 -5.38 -8.58 16.33
C ASN A 106 -6.85 -8.74 16.00
N PRO A 107 -7.14 -8.95 14.71
CA PRO A 107 -8.50 -9.17 14.20
C PRO A 107 -9.16 -10.39 14.82
N GLY A 108 -8.45 -11.51 14.77
CA GLY A 108 -8.97 -12.77 15.26
C GLY A 108 -9.52 -13.62 14.15
N GLY A 109 -9.87 -12.97 13.04
CA GLY A 109 -10.40 -13.68 11.89
C GLY A 109 -9.33 -14.04 10.90
N PRO A 110 -9.73 -14.51 9.71
CA PRO A 110 -8.82 -14.88 8.60
C PRO A 110 -7.97 -13.72 8.05
N PHE A 111 -7.80 -12.67 8.84
CA PHE A 111 -6.99 -11.53 8.42
C PHE A 111 -5.51 -11.84 8.49
N GLY A 112 -5.18 -12.88 9.25
CA GLY A 112 -3.81 -13.35 9.31
C GLY A 112 -2.96 -12.56 10.28
N ALA A 113 -3.47 -12.39 11.50
CA ALA A 113 -2.71 -11.81 12.62
C ALA A 113 -2.57 -10.30 12.53
N TYR A 114 -2.74 -9.74 11.33
CA TYR A 114 -2.62 -8.30 11.13
C TYR A 114 -3.41 -7.86 9.91
N TRP A 115 -3.99 -6.67 9.99
CA TRP A 115 -4.57 -6.03 8.83
C TRP A 115 -3.75 -4.81 8.46
N LEU A 116 -2.92 -4.93 7.44
CA LEU A 116 -2.18 -3.81 6.94
C LEU A 116 -2.76 -3.35 5.62
N SER A 117 -2.87 -2.06 5.48
CA SER A 117 -3.59 -1.48 4.35
C SER A 117 -2.65 -0.87 3.34
N LEU A 118 -3.02 -0.99 2.07
CA LEU A 118 -2.35 -0.26 1.01
C LEU A 118 -3.09 1.07 0.83
N SER A 119 -2.73 1.86 -0.15
CA SER A 119 -3.39 3.15 -0.31
C SER A 119 -4.73 3.01 -1.02
N LYS A 120 -4.69 2.65 -2.29
CA LYS A 120 -5.89 2.67 -3.12
C LYS A 120 -6.71 1.39 -3.03
N GLN A 121 -8.01 1.56 -3.23
CA GLN A 121 -8.95 0.45 -3.39
C GLN A 121 -9.04 -0.40 -2.14
N HIS A 122 -9.69 -1.55 -2.25
CA HIS A 122 -9.86 -2.44 -1.11
C HIS A 122 -8.78 -3.52 -1.13
N TYR A 123 -7.55 -3.09 -1.39
CA TYR A 123 -6.41 -4.00 -1.42
C TYR A 123 -5.44 -3.66 -0.31
N GLY A 124 -4.87 -4.67 0.31
CA GLY A 124 -3.97 -4.45 1.42
C GLY A 124 -2.99 -5.58 1.59
N ILE A 125 -1.94 -5.32 2.34
CA ILE A 125 -0.96 -6.34 2.68
C ILE A 125 -1.35 -6.99 3.99
N HIS A 126 -1.83 -8.20 3.92
CA HIS A 126 -2.33 -8.87 5.11
C HIS A 126 -1.92 -10.33 5.15
N GLY A 127 -2.62 -11.08 5.99
CA GLY A 127 -2.26 -12.47 6.19
C GLY A 127 -3.38 -13.43 5.86
N THR A 128 -2.99 -14.68 5.70
CA THR A 128 -3.87 -15.70 5.14
C THR A 128 -4.09 -16.85 6.11
N ASN A 129 -5.02 -17.71 5.75
CA ASN A 129 -5.17 -19.01 6.39
C ASN A 129 -4.59 -20.07 5.46
N ASN A 130 -4.53 -19.71 4.17
CA ASN A 130 -3.99 -20.60 3.15
C ASN A 130 -2.86 -19.89 2.40
N PRO A 131 -1.61 -20.25 2.68
CA PRO A 131 -0.44 -19.63 2.06
C PRO A 131 -0.11 -20.23 0.70
N ALA A 132 -0.95 -21.15 0.24
CA ALA A 132 -0.71 -21.82 -1.01
C ALA A 132 -1.32 -21.02 -2.14
N SER A 133 -2.12 -20.03 -1.76
CA SER A 133 -2.69 -19.08 -2.70
C SER A 133 -1.65 -18.06 -3.11
N ILE A 134 -0.69 -17.83 -2.20
CA ILE A 134 0.44 -16.95 -2.46
C ILE A 134 1.24 -17.47 -3.65
N GLY A 135 1.29 -16.67 -4.70
CA GLY A 135 1.92 -17.09 -5.93
C GLY A 135 0.95 -17.00 -7.09
N LYS A 136 -0.32 -17.20 -6.79
CA LYS A 136 -1.38 -17.12 -7.80
C LYS A 136 -2.14 -15.82 -7.67
N ALA A 137 -3.38 -15.78 -8.15
CA ALA A 137 -4.17 -14.56 -8.11
C ALA A 137 -5.16 -14.54 -6.96
N VAL A 138 -6.23 -15.33 -7.08
CA VAL A 138 -7.37 -15.27 -6.16
C VAL A 138 -8.14 -13.98 -6.37
N SER A 139 -9.28 -14.09 -7.05
CA SER A 139 -10.09 -12.94 -7.46
C SER A 139 -9.32 -12.09 -8.48
N LYS A 140 -8.56 -11.12 -8.01
CA LYS A 140 -7.70 -10.33 -8.88
C LYS A 140 -6.30 -10.27 -8.30
N GLY A 141 -6.11 -10.92 -7.16
CA GLY A 141 -4.86 -10.86 -6.45
C GLY A 141 -5.07 -10.65 -4.96
N CYS A 142 -4.68 -11.63 -4.16
CA CYS A 142 -4.87 -11.53 -2.72
C CYS A 142 -3.54 -11.45 -1.98
N ILE A 143 -3.26 -10.29 -1.41
CA ILE A 143 -1.98 -10.03 -0.77
C ILE A 143 -2.03 -10.50 0.70
N ARG A 144 -2.13 -11.81 0.89
CA ARG A 144 -2.27 -12.39 2.22
C ARG A 144 -1.24 -13.49 2.48
N MET A 145 -0.24 -13.14 3.28
CA MET A 145 0.93 -13.99 3.52
C MET A 145 0.91 -14.59 4.92
N HIS A 146 2.05 -15.13 5.36
CA HIS A 146 2.12 -15.80 6.67
C HIS A 146 1.92 -14.80 7.79
N ASN A 147 1.32 -15.25 8.88
CA ASN A 147 1.09 -14.38 10.05
C ASN A 147 2.36 -13.66 10.45
N LYS A 148 3.33 -14.39 10.96
CA LYS A 148 4.54 -13.79 11.51
C LYS A 148 5.29 -12.96 10.47
N ASP A 149 5.15 -13.32 9.20
CA ASP A 149 5.84 -12.59 8.12
C ASP A 149 5.17 -11.25 7.87
N VAL A 150 3.84 -11.22 7.94
CA VAL A 150 3.11 -9.97 7.73
C VAL A 150 3.24 -9.08 8.96
N ILE A 151 3.68 -9.65 10.08
CA ILE A 151 4.01 -8.86 11.27
C ILE A 151 5.48 -8.43 11.24
N GLU A 152 6.40 -9.27 10.80
CA GLU A 152 7.74 -8.81 10.44
C GLU A 152 7.70 -7.54 9.61
N LEU A 153 7.21 -7.67 8.38
CA LEU A 153 7.07 -6.52 7.48
C LEU A 153 6.35 -5.38 8.19
N ALA A 154 5.31 -5.76 8.91
CA ALA A 154 4.38 -4.82 9.55
C ALA A 154 5.10 -3.80 10.42
N SER A 155 5.91 -4.31 11.32
CA SER A 155 6.54 -3.48 12.33
C SER A 155 7.72 -2.72 11.74
N ILE A 156 8.18 -3.16 10.58
CA ILE A 156 9.30 -2.52 9.92
C ILE A 156 8.80 -1.45 8.98
N VAL A 157 7.85 -1.81 8.14
CA VAL A 157 7.26 -0.85 7.23
C VAL A 157 6.27 0.04 7.96
N PRO A 158 6.55 1.33 8.02
CA PRO A 158 5.76 2.29 8.76
C PRO A 158 4.56 2.78 7.97
N ASN A 159 3.81 3.68 8.60
CA ASN A 159 2.55 4.19 8.05
C ASN A 159 2.72 4.97 6.76
N GLY A 160 3.93 4.98 6.22
CA GLY A 160 4.17 5.62 4.93
C GLY A 160 5.24 4.90 4.13
N THR A 161 5.06 3.61 3.93
CA THR A 161 6.03 2.83 3.17
C THR A 161 5.72 2.85 1.69
N ARG A 162 6.74 3.04 0.89
CA ARG A 162 6.59 3.18 -0.54
C ARG A 162 6.55 1.82 -1.20
N VAL A 163 5.47 1.55 -1.91
CA VAL A 163 5.25 0.24 -2.53
C VAL A 163 4.76 0.39 -3.97
N THR A 164 5.46 -0.29 -4.87
CA THR A 164 5.11 -0.28 -6.27
C THR A 164 4.75 -1.67 -6.80
N ILE A 165 3.72 -1.73 -7.65
CA ILE A 165 3.40 -3.01 -8.29
C ILE A 165 3.39 -2.86 -9.80
N ASN A 166 4.33 -3.55 -10.42
CA ASN A 166 4.55 -3.42 -11.84
C ASN A 166 4.94 -4.76 -12.43
N ARG A 167 4.23 -5.12 -13.46
CA ARG A 167 4.40 -6.41 -14.09
C ARG A 167 5.37 -6.34 -15.26
N GLY A 168 5.50 -5.16 -15.80
CA GLY A 168 6.38 -4.95 -16.93
C GLY A 168 5.70 -5.33 -18.22
N SER A 169 6.36 -6.17 -19.00
CA SER A 169 5.79 -6.64 -20.25
C SER A 169 6.18 -8.10 -20.47
N GLY A 1 7.55 17.68 16.13
CA GLY A 1 6.73 17.60 14.90
C GLY A 1 7.41 16.82 13.81
N ARG A 2 6.68 16.52 12.75
CA ARG A 2 7.22 15.74 11.65
C ARG A 2 6.67 16.27 10.33
N LYS A 3 7.19 15.71 9.24
CA LYS A 3 6.60 15.92 7.94
C LYS A 3 5.52 14.88 7.73
N LEU A 4 4.45 15.26 7.06
CA LEU A 4 3.34 14.35 6.79
C LEU A 4 3.40 13.78 5.39
N LEU A 5 2.52 12.83 5.10
CA LEU A 5 2.58 12.03 3.88
C LEU A 5 2.08 12.81 2.68
N THR A 6 2.61 12.47 1.53
CA THR A 6 2.05 12.94 0.29
C THR A 6 1.50 11.78 -0.56
N TYR A 7 0.48 12.13 -1.33
CA TYR A 7 -0.21 11.22 -2.23
C TYR A 7 -0.35 11.92 -3.58
N GLN A 8 -0.36 11.16 -4.65
CA GLN A 8 -0.61 11.71 -5.97
C GLN A 8 -1.69 10.87 -6.58
N VAL A 9 -2.83 11.48 -6.84
CA VAL A 9 -4.02 10.77 -7.23
C VAL A 9 -3.94 10.27 -8.66
N LYS A 10 -4.73 9.27 -8.95
CA LYS A 10 -4.71 8.61 -10.21
C LYS A 10 -5.96 8.95 -10.97
N GLN A 11 -5.87 8.93 -12.28
CA GLN A 11 -6.97 9.35 -13.13
C GLN A 11 -8.26 8.64 -12.76
N GLY A 12 -9.19 9.41 -12.22
CA GLY A 12 -10.48 8.87 -11.87
C GLY A 12 -10.74 8.92 -10.37
N ASP A 13 -9.72 9.24 -9.58
CA ASP A 13 -9.88 9.35 -8.12
C ASP A 13 -10.78 10.52 -7.73
N THR A 14 -11.52 10.36 -6.64
CA THR A 14 -12.40 11.41 -6.13
C THR A 14 -12.28 11.59 -4.62
N LEU A 15 -12.77 12.72 -4.13
CA LEU A 15 -12.58 13.15 -2.75
C LEU A 15 -12.89 12.09 -1.70
N ASN A 16 -14.13 11.63 -1.64
CA ASN A 16 -14.59 10.80 -0.51
C ASN A 16 -13.85 9.48 -0.51
N SER A 17 -13.70 8.98 -1.72
CA SER A 17 -13.05 7.71 -2.01
C SER A 17 -11.64 7.72 -1.47
N ILE A 18 -10.92 8.80 -1.77
CA ILE A 18 -9.54 8.95 -1.41
C ILE A 18 -9.35 9.14 0.09
N ALA A 19 -10.23 9.93 0.70
CA ALA A 19 -10.17 10.17 2.13
C ALA A 19 -10.22 8.86 2.91
N ALA A 20 -11.30 8.14 2.85
CA ALA A 20 -11.35 6.90 3.61
C ALA A 20 -10.62 5.76 2.90
N ASP A 21 -10.15 6.03 1.70
CA ASP A 21 -9.06 5.25 1.10
C ASP A 21 -7.80 5.47 1.95
N PHE A 22 -7.65 6.67 2.51
CA PHE A 22 -6.56 6.95 3.43
C PHE A 22 -7.00 6.85 4.88
N ARG A 23 -8.16 6.23 5.10
CA ARG A 23 -8.67 5.97 6.45
C ARG A 23 -8.83 7.28 7.22
N ILE A 24 -9.44 8.28 6.59
CA ILE A 24 -9.52 9.62 7.16
C ILE A 24 -10.84 10.26 6.73
N SER A 25 -10.99 11.51 7.09
CA SER A 25 -12.13 12.29 6.65
C SER A 25 -11.73 13.16 5.48
N THR A 26 -12.67 13.38 4.57
CA THR A 26 -12.41 14.20 3.41
C THR A 26 -12.08 15.60 3.87
N ALA A 27 -12.78 16.00 4.90
CA ALA A 27 -12.60 17.30 5.49
C ALA A 27 -11.20 17.46 6.08
N ALA A 28 -10.59 16.37 6.55
CA ALA A 28 -9.27 16.45 7.14
C ALA A 28 -8.22 16.51 6.05
N LEU A 29 -8.46 15.76 5.00
CA LEU A 29 -7.60 15.78 3.83
C LEU A 29 -7.84 17.08 3.05
N LEU A 30 -8.98 17.70 3.29
CA LEU A 30 -9.28 19.02 2.76
C LEU A 30 -8.58 20.10 3.55
N GLN A 31 -8.54 19.91 4.86
CA GLN A 31 -7.98 20.89 5.77
C GLN A 31 -6.55 21.15 5.41
N ALA A 32 -5.88 20.06 5.12
CA ALA A 32 -4.51 20.09 4.69
C ALA A 32 -4.38 20.41 3.21
N ASN A 33 -5.44 20.20 2.45
CA ASN A 33 -5.39 20.32 0.99
C ASN A 33 -6.67 20.95 0.48
N PRO A 34 -6.83 22.25 0.70
CA PRO A 34 -7.99 23.00 0.23
C PRO A 34 -8.18 22.95 -1.29
N SER A 35 -7.23 22.44 -2.04
CA SER A 35 -7.45 22.25 -3.45
C SER A 35 -8.58 21.26 -3.67
N LEU A 36 -8.70 20.34 -2.73
CA LEU A 36 -9.61 19.22 -2.84
C LEU A 36 -11.05 19.53 -2.44
N GLN A 37 -11.36 20.71 -1.89
CA GLN A 37 -12.75 21.01 -1.51
C GLN A 37 -13.66 20.70 -2.66
N ALA A 38 -13.17 21.07 -3.79
CA ALA A 38 -13.90 20.86 -5.01
C ALA A 38 -13.69 19.44 -5.54
N GLY A 39 -12.45 18.99 -5.56
CA GLY A 39 -12.17 17.63 -5.97
C GLY A 39 -10.71 17.29 -6.07
N LEU A 40 -10.48 16.17 -6.71
CA LEU A 40 -9.15 15.66 -6.97
C LEU A 40 -8.87 15.67 -8.46
N THR A 41 -7.60 15.66 -8.80
CA THR A 41 -7.17 15.64 -10.19
C THR A 41 -6.02 14.65 -10.38
N ALA A 42 -6.10 13.83 -11.43
CA ALA A 42 -5.01 12.91 -11.76
C ALA A 42 -3.66 13.59 -11.80
N GLY A 43 -2.73 12.98 -11.09
CA GLY A 43 -1.37 13.49 -11.02
C GLY A 43 -1.21 14.57 -9.99
N GLN A 44 -2.33 15.07 -9.48
CA GLN A 44 -2.29 16.00 -8.37
C GLN A 44 -1.66 15.34 -7.17
N SER A 45 -1.17 16.18 -6.29
CA SER A 45 -0.48 15.73 -5.11
C SER A 45 -1.15 16.29 -3.86
N ILE A 46 -1.29 15.47 -2.84
CA ILE A 46 -1.94 15.92 -1.62
C ILE A 46 -1.16 15.48 -0.40
N VAL A 47 -1.57 16.00 0.74
CA VAL A 47 -0.99 15.65 2.02
C VAL A 47 -2.00 14.91 2.86
N ILE A 48 -1.49 14.04 3.70
CA ILE A 48 -2.33 13.19 4.52
C ILE A 48 -2.06 13.49 5.97
N PRO A 49 -2.77 14.47 6.51
CA PRO A 49 -2.55 14.98 7.86
C PRO A 49 -2.67 13.92 8.95
N GLY A 50 -1.77 14.00 9.91
CA GLY A 50 -1.70 13.01 10.97
C GLY A 50 -0.90 11.78 10.56
N LEU A 51 -0.53 11.70 9.30
CA LEU A 51 0.29 10.62 8.80
C LEU A 51 1.63 11.18 8.36
N PRO A 52 2.75 10.66 8.89
CA PRO A 52 4.10 11.16 8.62
C PRO A 52 4.55 10.96 7.16
N ASP A 53 5.74 11.46 6.87
CA ASP A 53 6.25 11.52 5.51
C ASP A 53 7.02 10.25 5.19
N PRO A 54 6.87 9.76 3.96
CA PRO A 54 7.50 8.54 3.51
C PRO A 54 8.95 8.78 3.08
N TYR A 55 9.37 10.03 3.17
CA TYR A 55 10.76 10.39 2.91
C TYR A 55 11.56 10.45 4.21
N THR A 56 10.88 10.78 5.32
CA THR A 56 11.48 10.67 6.64
C THR A 56 11.67 9.20 6.96
N ILE A 57 10.78 8.44 6.36
CA ILE A 57 10.79 6.99 6.43
C ILE A 57 11.74 6.42 5.38
N PRO A 58 12.72 5.59 5.75
CA PRO A 58 13.43 4.81 4.77
C PRO A 58 12.91 3.39 4.78
N TYR A 59 12.00 3.15 3.89
CA TYR A 59 11.45 1.83 3.61
C TYR A 59 10.88 1.89 2.21
N HIS A 60 11.20 0.93 1.38
CA HIS A 60 11.01 1.03 -0.05
C HIS A 60 10.52 -0.32 -0.55
N ILE A 61 9.29 -0.35 -1.00
CA ILE A 61 8.70 -1.60 -1.40
C ILE A 61 8.68 -1.75 -2.91
N ALA A 62 9.48 -2.69 -3.39
CA ALA A 62 9.57 -2.94 -4.81
C ALA A 62 8.99 -4.30 -5.15
N VAL A 63 7.76 -4.25 -5.61
CA VAL A 63 7.08 -5.45 -6.03
C VAL A 63 6.77 -5.36 -7.51
N SER A 64 7.59 -6.02 -8.28
CA SER A 64 7.43 -6.00 -9.71
C SER A 64 6.63 -7.22 -10.13
N ILE A 65 5.64 -7.02 -10.98
CA ILE A 65 4.86 -8.11 -11.52
C ILE A 65 5.74 -9.07 -12.27
N GLY A 66 6.73 -8.52 -12.93
CA GLY A 66 7.71 -9.33 -13.61
C GLY A 66 8.50 -10.17 -12.63
N ALA A 67 8.88 -9.53 -11.53
CA ALA A 67 9.60 -10.18 -10.44
C ALA A 67 8.73 -11.16 -9.65
N LYS A 68 7.42 -10.91 -9.66
CA LYS A 68 6.42 -11.69 -8.91
C LYS A 68 6.74 -11.78 -7.41
N THR A 69 7.62 -10.91 -6.94
CA THR A 69 7.96 -10.86 -5.54
C THR A 69 8.11 -9.43 -5.06
N LEU A 70 7.64 -9.20 -3.85
CA LEU A 70 7.65 -7.90 -3.24
C LEU A 70 8.87 -7.76 -2.36
N THR A 71 9.73 -6.84 -2.70
CA THR A 71 10.99 -6.71 -1.99
C THR A 71 10.95 -5.58 -0.98
N LEU A 72 11.32 -5.88 0.26
CA LEU A 72 11.36 -4.86 1.27
C LEU A 72 12.70 -4.14 1.10
N SER A 73 12.81 -2.87 1.35
CA SER A 73 14.10 -2.20 1.21
C SER A 73 14.27 -1.03 2.15
N LEU A 74 15.37 -1.08 2.88
CA LEU A 74 15.71 -0.02 3.81
C LEU A 74 16.98 0.68 3.34
N ASN A 75 16.89 1.99 3.18
CA ASN A 75 18.06 2.79 2.86
C ASN A 75 18.65 2.35 1.51
N ASN A 76 17.75 2.10 0.55
CA ASN A 76 18.09 1.66 -0.81
C ASN A 76 18.52 0.20 -0.87
N ARG A 77 18.56 -0.46 0.27
CA ARG A 77 18.89 -1.87 0.23
C ARG A 77 17.92 -2.77 0.96
N VAL A 78 17.62 -3.87 0.28
CA VAL A 78 16.55 -4.78 0.65
C VAL A 78 16.71 -5.34 2.05
N MET A 79 15.58 -5.60 2.63
CA MET A 79 15.46 -6.16 3.94
C MET A 79 15.17 -7.63 3.82
N LYS A 80 14.28 -7.90 2.88
CA LYS A 80 13.79 -9.25 2.59
C LYS A 80 12.75 -9.21 1.49
N THR A 81 12.52 -10.33 0.82
CA THR A 81 11.55 -10.38 -0.29
C THR A 81 10.39 -11.34 0.04
N TYR A 82 9.16 -10.91 -0.24
CA TYR A 82 7.98 -11.70 0.08
C TYR A 82 7.14 -11.95 -1.17
N PRO A 83 6.68 -13.19 -1.35
CA PRO A 83 5.79 -13.57 -2.48
C PRO A 83 4.45 -12.86 -2.45
N ILE A 84 3.93 -12.54 -3.63
CA ILE A 84 2.61 -11.91 -3.76
C ILE A 84 1.89 -12.45 -5.00
N ALA A 85 0.61 -12.14 -5.15
CA ALA A 85 -0.13 -12.52 -6.36
C ALA A 85 0.01 -11.46 -7.44
N VAL A 86 0.41 -11.92 -8.61
CA VAL A 86 0.72 -11.05 -9.73
C VAL A 86 -0.33 -11.16 -10.84
N GLY A 87 -0.97 -12.31 -10.94
CA GLY A 87 -1.93 -12.54 -11.99
C GLY A 87 -1.25 -12.98 -13.27
N LYS A 88 -1.52 -12.28 -14.36
CA LYS A 88 -0.88 -12.56 -15.65
C LYS A 88 -1.31 -11.56 -16.72
N ILE A 89 -2.56 -11.11 -16.68
CA ILE A 89 -3.02 -10.15 -17.68
C ILE A 89 -4.00 -9.13 -17.09
N LEU A 90 -4.67 -9.49 -16.00
CA LEU A 90 -5.69 -8.63 -15.41
C LEU A 90 -5.06 -7.57 -14.50
N THR A 91 -3.79 -7.31 -14.73
CA THR A 91 -3.07 -6.25 -14.01
C THR A 91 -1.94 -5.74 -14.89
N GLN A 92 -2.05 -4.48 -15.29
CA GLN A 92 -1.07 -3.89 -16.19
C GLN A 92 0.13 -3.37 -15.42
N THR A 93 1.17 -2.95 -16.14
CA THR A 93 2.34 -2.39 -15.51
C THR A 93 1.99 -1.21 -14.59
N PRO A 94 1.30 -0.17 -15.12
CA PRO A 94 0.99 1.03 -14.34
C PRO A 94 -0.17 0.78 -13.37
N THR A 95 0.12 0.09 -12.30
CA THR A 95 -0.87 -0.14 -11.27
C THR A 95 -0.95 1.09 -10.37
N GLY A 96 0.14 1.83 -10.30
CA GLY A 96 0.20 3.04 -9.51
C GLY A 96 1.10 2.89 -8.31
N GLU A 97 1.60 4.00 -7.80
CA GLU A 97 2.41 3.98 -6.59
C GLU A 97 1.52 4.09 -5.37
N PHE A 98 1.72 3.20 -4.44
CA PHE A 98 0.90 3.16 -3.24
C PHE A 98 1.76 3.38 -2.01
N TYR A 99 1.14 3.41 -0.85
CA TYR A 99 1.87 3.48 0.40
C TYR A 99 1.23 2.58 1.44
N ILE A 100 2.09 1.96 2.25
CA ILE A 100 1.65 1.33 3.48
C ILE A 100 1.02 2.39 4.34
N ILE A 101 -0.20 2.18 4.79
CA ILE A 101 -0.88 3.22 5.51
C ILE A 101 -1.35 2.77 6.89
N ASN A 102 -1.54 1.47 7.12
CA ASN A 102 -2.13 1.05 8.38
C ASN A 102 -1.89 -0.42 8.73
N ARG A 103 -2.07 -0.65 10.01
CA ARG A 103 -2.04 -1.97 10.62
C ARG A 103 -3.01 -2.02 11.78
N GLN A 104 -3.85 -3.03 11.77
CA GLN A 104 -4.95 -3.11 12.73
C GLN A 104 -4.72 -4.20 13.75
N ARG A 105 -5.46 -4.04 14.80
CA ARG A 105 -5.60 -4.99 15.87
C ARG A 105 -5.90 -6.40 15.37
N ASN A 106 -5.49 -7.37 16.17
CA ASN A 106 -5.69 -8.79 15.88
C ASN A 106 -7.10 -9.07 15.40
N PRO A 107 -7.18 -9.50 14.13
CA PRO A 107 -8.43 -9.83 13.46
C PRO A 107 -9.28 -10.79 14.27
N GLY A 108 -8.62 -11.84 14.73
CA GLY A 108 -9.28 -12.86 15.51
C GLY A 108 -9.67 -14.07 14.66
N GLY A 109 -9.42 -13.97 13.36
CA GLY A 109 -9.75 -15.05 12.46
C GLY A 109 -8.68 -15.28 11.41
N PRO A 110 -8.99 -16.14 10.42
CA PRO A 110 -8.10 -16.48 9.30
C PRO A 110 -7.77 -15.32 8.36
N PHE A 111 -7.93 -14.09 8.82
CA PHE A 111 -7.62 -12.92 8.02
C PHE A 111 -6.10 -12.73 7.93
N GLY A 112 -5.38 -13.49 8.76
CA GLY A 112 -3.93 -13.50 8.66
C GLY A 112 -3.22 -12.64 9.67
N ALA A 113 -3.75 -12.59 10.90
CA ALA A 113 -3.04 -12.04 12.06
C ALA A 113 -2.95 -10.51 12.07
N TYR A 114 -3.03 -9.88 10.91
CA TYR A 114 -2.91 -8.42 10.82
C TYR A 114 -3.67 -7.89 9.61
N TRP A 115 -4.19 -6.67 9.74
CA TRP A 115 -4.79 -5.96 8.62
C TRP A 115 -3.88 -4.81 8.25
N LEU A 116 -3.09 -4.95 7.20
CA LEU A 116 -2.32 -3.82 6.72
C LEU A 116 -2.84 -3.37 5.35
N SER A 117 -2.93 -2.08 5.17
CA SER A 117 -3.55 -1.52 3.99
C SER A 117 -2.54 -0.93 3.04
N LEU A 118 -2.91 -0.96 1.77
CA LEU A 118 -2.14 -0.30 0.73
C LEU A 118 -2.86 1.00 0.39
N SER A 119 -2.40 1.71 -0.61
CA SER A 119 -3.10 2.92 -1.00
C SER A 119 -4.32 2.59 -1.88
N LYS A 120 -4.09 2.26 -3.14
CA LYS A 120 -5.19 2.14 -4.08
C LYS A 120 -5.17 0.79 -4.81
N GLN A 121 -6.38 0.31 -5.16
CA GLN A 121 -6.58 -0.83 -6.06
C GLN A 121 -6.22 -2.17 -5.42
N HIS A 122 -4.96 -2.34 -5.03
CA HIS A 122 -4.49 -3.63 -4.51
C HIS A 122 -4.90 -3.84 -3.05
N TYR A 123 -5.77 -2.98 -2.58
CA TYR A 123 -6.38 -3.09 -1.25
C TYR A 123 -5.35 -2.97 -0.13
N GLY A 124 -4.74 -4.09 0.25
CA GLY A 124 -3.83 -4.06 1.37
C GLY A 124 -2.81 -5.18 1.34
N ILE A 125 -1.76 -4.99 2.11
CA ILE A 125 -0.79 -6.04 2.38
C ILE A 125 -1.20 -6.74 3.65
N HIS A 126 -1.72 -7.94 3.54
CA HIS A 126 -2.28 -8.60 4.71
C HIS A 126 -1.95 -10.08 4.70
N GLY A 127 -2.69 -10.82 5.49
CA GLY A 127 -2.40 -12.22 5.64
C GLY A 127 -3.54 -13.11 5.24
N THR A 128 -3.39 -14.38 5.50
CA THR A 128 -4.27 -15.39 4.94
C THR A 128 -4.30 -16.62 5.83
N ASN A 129 -5.11 -17.59 5.43
CA ASN A 129 -5.08 -18.91 6.03
C ASN A 129 -4.55 -19.92 5.02
N ASN A 130 -4.46 -19.49 3.77
CA ASN A 130 -3.86 -20.30 2.72
C ASN A 130 -2.75 -19.53 2.04
N PRO A 131 -1.49 -19.83 2.37
CA PRO A 131 -0.33 -19.17 1.79
C PRO A 131 0.20 -19.87 0.55
N ALA A 132 -0.49 -20.91 0.11
CA ALA A 132 0.00 -21.72 -0.99
C ALA A 132 -0.42 -21.10 -2.31
N SER A 133 -1.32 -20.13 -2.20
CA SER A 133 -1.80 -19.39 -3.37
C SER A 133 -1.07 -18.06 -3.45
N ILE A 134 -0.12 -17.84 -2.55
CA ILE A 134 0.65 -16.62 -2.52
C ILE A 134 1.96 -16.80 -3.27
N GLY A 135 2.17 -15.96 -4.27
CA GLY A 135 3.29 -16.12 -5.17
C GLY A 135 2.88 -16.93 -6.39
N LYS A 136 1.67 -17.46 -6.33
CA LYS A 136 1.14 -18.29 -7.40
C LYS A 136 -0.39 -18.18 -7.45
N ALA A 137 -0.88 -17.12 -8.08
CA ALA A 137 -2.30 -16.88 -8.17
C ALA A 137 -2.63 -16.06 -9.41
N VAL A 138 -3.79 -16.31 -10.00
CA VAL A 138 -4.19 -15.61 -11.21
C VAL A 138 -5.37 -14.68 -10.94
N SER A 139 -5.41 -13.58 -11.69
CA SER A 139 -6.46 -12.57 -11.57
C SER A 139 -6.37 -11.82 -10.23
N LYS A 140 -6.99 -10.64 -10.18
CA LYS A 140 -7.09 -9.83 -8.96
C LYS A 140 -5.75 -9.22 -8.55
N GLY A 141 -4.77 -10.06 -8.27
CA GLY A 141 -3.47 -9.56 -7.84
C GLY A 141 -3.50 -8.97 -6.43
N CYS A 142 -3.40 -9.84 -5.44
CA CYS A 142 -3.42 -9.41 -4.04
C CYS A 142 -2.06 -9.60 -3.41
N ILE A 143 -1.86 -8.98 -2.25
CA ILE A 143 -0.58 -9.04 -1.56
C ILE A 143 -0.78 -9.56 -0.14
N ARG A 144 -0.82 -10.89 -0.01
CA ARG A 144 -1.01 -11.53 1.27
C ARG A 144 0.21 -12.40 1.58
N MET A 145 0.39 -12.77 2.84
CA MET A 145 1.50 -13.62 3.22
C MET A 145 1.18 -14.42 4.47
N HIS A 146 2.22 -14.99 5.08
CA HIS A 146 2.06 -15.75 6.32
C HIS A 146 1.77 -14.80 7.46
N ASN A 147 1.11 -15.29 8.49
CA ASN A 147 0.78 -14.46 9.66
C ASN A 147 2.01 -13.74 10.22
N LYS A 148 2.94 -14.47 10.80
CA LYS A 148 4.09 -13.85 11.46
C LYS A 148 4.93 -13.00 10.49
N ASP A 149 4.88 -13.34 9.22
CA ASP A 149 5.65 -12.61 8.21
C ASP A 149 5.00 -11.29 7.83
N VAL A 150 3.67 -11.26 7.83
CA VAL A 150 2.95 -10.01 7.57
C VAL A 150 3.03 -9.11 8.80
N ILE A 151 3.42 -9.69 9.94
CA ILE A 151 3.68 -8.91 11.14
C ILE A 151 5.15 -8.48 11.19
N GLU A 152 6.09 -9.31 10.73
CA GLU A 152 7.42 -8.83 10.38
C GLU A 152 7.38 -7.52 9.60
N LEU A 153 6.94 -7.61 8.33
CA LEU A 153 6.82 -6.44 7.48
C LEU A 153 6.07 -5.33 8.21
N ALA A 154 5.01 -5.75 8.90
CA ALA A 154 4.08 -4.85 9.54
C ALA A 154 4.77 -3.85 10.44
N SER A 155 5.55 -4.39 11.35
CA SER A 155 6.18 -3.61 12.39
C SER A 155 7.40 -2.84 11.87
N ILE A 156 7.87 -3.22 10.69
CA ILE A 156 9.01 -2.55 10.10
C ILE A 156 8.54 -1.43 9.19
N VAL A 157 7.63 -1.76 8.30
CA VAL A 157 7.10 -0.76 7.38
C VAL A 157 6.07 0.11 8.10
N PRO A 158 6.36 1.40 8.19
CA PRO A 158 5.53 2.35 8.92
C PRO A 158 4.36 2.87 8.09
N ASN A 159 3.59 3.77 8.71
CA ASN A 159 2.35 4.30 8.14
C ASN A 159 2.56 5.02 6.80
N GLY A 160 3.79 5.10 6.33
CA GLY A 160 4.06 5.76 5.07
C GLY A 160 5.17 5.08 4.29
N THR A 161 4.99 3.81 3.99
CA THR A 161 5.96 3.08 3.21
C THR A 161 5.58 3.11 1.74
N ARG A 162 6.53 3.41 0.88
CA ARG A 162 6.24 3.50 -0.54
C ARG A 162 6.30 2.13 -1.17
N VAL A 163 5.37 1.87 -2.08
CA VAL A 163 5.27 0.59 -2.75
C VAL A 163 4.80 0.76 -4.19
N THR A 164 5.57 0.20 -5.10
CA THR A 164 5.26 0.30 -6.51
C THR A 164 4.96 -1.06 -7.13
N ILE A 165 4.03 -1.07 -8.07
CA ILE A 165 3.78 -2.31 -8.80
C ILE A 165 3.88 -2.07 -10.30
N ASN A 166 4.89 -2.70 -10.88
CA ASN A 166 5.24 -2.57 -12.29
C ASN A 166 5.74 -3.91 -12.79
N ARG A 167 5.30 -4.29 -13.96
CA ARG A 167 5.65 -5.59 -14.54
C ARG A 167 6.88 -5.50 -15.43
N GLY A 168 7.12 -4.33 -15.95
CA GLY A 168 8.28 -4.10 -16.78
C GLY A 168 8.38 -2.67 -17.22
N SER A 169 8.53 -2.46 -18.51
CA SER A 169 8.58 -1.12 -19.08
C SER A 169 7.63 -1.03 -20.26
N GLY A 1 5.62 18.20 14.92
CA GLY A 1 6.12 16.81 14.92
C GLY A 1 7.01 16.55 13.72
N ARG A 2 6.72 15.49 12.98
CA ARG A 2 7.50 15.17 11.79
C ARG A 2 6.77 15.62 10.53
N LYS A 3 7.42 15.40 9.40
CA LYS A 3 6.81 15.66 8.10
C LYS A 3 5.60 14.75 7.92
N LEU A 4 4.60 15.24 7.21
CA LEU A 4 3.42 14.45 6.90
C LEU A 4 3.47 13.90 5.47
N LEU A 5 2.56 12.97 5.16
CA LEU A 5 2.60 12.20 3.92
C LEU A 5 2.08 12.98 2.74
N THR A 6 2.61 12.67 1.58
CA THR A 6 2.07 13.17 0.35
C THR A 6 1.52 12.04 -0.55
N TYR A 7 0.51 12.41 -1.31
CA TYR A 7 -0.18 11.54 -2.25
C TYR A 7 -0.33 12.31 -3.56
N GLN A 8 -0.35 11.63 -4.67
CA GLN A 8 -0.60 12.25 -5.95
C GLN A 8 -1.67 11.45 -6.65
N VAL A 9 -2.80 12.07 -6.88
CA VAL A 9 -4.00 11.38 -7.26
C VAL A 9 -3.98 10.98 -8.72
N LYS A 10 -4.78 9.99 -9.05
CA LYS A 10 -4.82 9.45 -10.38
C LYS A 10 -6.08 9.93 -11.06
N GLN A 11 -6.02 10.02 -12.38
CA GLN A 11 -7.15 10.50 -13.15
C GLN A 11 -8.42 9.75 -12.83
N GLY A 12 -9.40 10.49 -12.36
CA GLY A 12 -10.69 9.92 -12.08
C GLY A 12 -10.98 9.80 -10.59
N ASP A 13 -9.97 10.02 -9.76
CA ASP A 13 -10.11 9.93 -8.30
C ASP A 13 -11.15 10.90 -7.75
N THR A 14 -11.73 10.55 -6.60
CA THR A 14 -12.75 11.37 -5.96
C THR A 14 -12.50 11.56 -4.48
N LEU A 15 -12.95 12.69 -3.96
CA LEU A 15 -12.66 13.11 -2.59
C LEU A 15 -12.89 12.02 -1.56
N ASN A 16 -14.11 11.51 -1.47
CA ASN A 16 -14.48 10.62 -0.37
C ASN A 16 -13.68 9.34 -0.42
N SER A 17 -13.57 8.87 -1.65
CA SER A 17 -12.91 7.63 -1.97
C SER A 17 -11.47 7.67 -1.51
N ILE A 18 -10.80 8.77 -1.80
CA ILE A 18 -9.42 8.95 -1.48
C ILE A 18 -9.20 9.11 0.02
N ALA A 19 -10.09 9.86 0.68
CA ALA A 19 -10.02 10.07 2.11
C ALA A 19 -10.03 8.76 2.87
N ALA A 20 -11.11 8.02 2.83
CA ALA A 20 -11.15 6.79 3.61
C ALA A 20 -10.38 5.66 2.94
N ASP A 21 -9.89 5.89 1.74
CA ASP A 21 -8.78 5.08 1.21
C ASP A 21 -7.52 5.35 2.03
N PHE A 22 -7.41 6.55 2.59
CA PHE A 22 -6.32 6.88 3.50
C PHE A 22 -6.74 6.72 4.95
N ARG A 23 -7.90 6.12 5.14
CA ARG A 23 -8.45 5.83 6.47
C ARG A 23 -8.64 7.12 7.26
N ILE A 24 -9.29 8.10 6.65
CA ILE A 24 -9.39 9.43 7.24
C ILE A 24 -10.73 10.04 6.83
N SER A 25 -10.92 11.28 7.19
CA SER A 25 -12.08 12.04 6.76
C SER A 25 -11.69 12.96 5.63
N THR A 26 -12.63 13.18 4.74
CA THR A 26 -12.40 14.04 3.60
C THR A 26 -12.08 15.42 4.08
N ALA A 27 -12.75 15.80 5.16
CA ALA A 27 -12.57 17.09 5.76
C ALA A 27 -11.17 17.29 6.31
N ALA A 28 -10.51 16.21 6.74
CA ALA A 28 -9.17 16.33 7.26
C ALA A 28 -8.19 16.43 6.12
N LEU A 29 -8.46 15.69 5.06
CA LEU A 29 -7.64 15.75 3.87
C LEU A 29 -7.95 17.05 3.13
N LEU A 30 -9.09 17.65 3.43
CA LEU A 30 -9.46 18.95 2.90
C LEU A 30 -8.77 20.07 3.67
N GLN A 31 -8.68 19.88 4.97
CA GLN A 31 -8.10 20.88 5.86
C GLN A 31 -6.69 21.18 5.44
N ALA A 32 -6.00 20.11 5.15
CA ALA A 32 -4.64 20.18 4.68
C ALA A 32 -4.58 20.51 3.19
N ASN A 33 -5.66 20.28 2.48
CA ASN A 33 -5.67 20.40 1.02
C ASN A 33 -6.99 20.99 0.57
N PRO A 34 -7.17 22.28 0.82
CA PRO A 34 -8.38 23.01 0.43
C PRO A 34 -8.72 22.92 -1.06
N SER A 35 -7.77 22.51 -1.88
CA SER A 35 -8.06 22.33 -3.30
C SER A 35 -9.15 21.28 -3.49
N LEU A 36 -9.14 20.32 -2.59
CA LEU A 36 -9.97 19.14 -2.68
C LEU A 36 -11.42 19.35 -2.25
N GLN A 37 -11.79 20.53 -1.74
CA GLN A 37 -13.18 20.70 -1.29
C GLN A 37 -14.13 20.25 -2.34
N ALA A 38 -13.76 20.61 -3.54
CA ALA A 38 -14.53 20.27 -4.69
C ALA A 38 -14.17 18.88 -5.22
N GLY A 39 -12.88 18.61 -5.30
CA GLY A 39 -12.44 17.33 -5.78
C GLY A 39 -10.96 17.21 -5.92
N LEU A 40 -10.57 16.17 -6.61
CA LEU A 40 -9.19 15.83 -6.84
C LEU A 40 -8.88 15.91 -8.34
N THR A 41 -7.61 16.08 -8.65
CA THR A 41 -7.17 16.18 -10.03
C THR A 41 -5.99 15.24 -10.29
N ALA A 42 -6.05 14.51 -11.39
CA ALA A 42 -4.92 13.65 -11.80
C ALA A 42 -3.59 14.36 -11.73
N GLY A 43 -2.66 13.71 -11.06
CA GLY A 43 -1.31 14.21 -10.92
C GLY A 43 -1.20 15.24 -9.83
N GLN A 44 -2.33 15.70 -9.33
CA GLN A 44 -2.35 16.60 -8.20
C GLN A 44 -1.82 15.92 -6.97
N SER A 45 -1.26 16.72 -6.10
CA SER A 45 -0.57 16.24 -4.94
C SER A 45 -1.29 16.69 -3.69
N ILE A 46 -1.47 15.78 -2.76
CA ILE A 46 -2.23 16.08 -1.56
C ILE A 46 -1.53 15.52 -0.34
N VAL A 47 -1.63 16.27 0.74
CA VAL A 47 -1.05 15.89 2.01
C VAL A 47 -2.06 15.11 2.83
N ILE A 48 -1.54 14.21 3.64
CA ILE A 48 -2.35 13.35 4.46
C ILE A 48 -2.03 13.64 5.91
N PRO A 49 -2.73 14.62 6.47
CA PRO A 49 -2.46 15.15 7.79
C PRO A 49 -2.57 14.10 8.89
N GLY A 50 -1.70 14.20 9.88
CA GLY A 50 -1.64 13.24 10.95
C GLY A 50 -0.86 11.99 10.58
N LEU A 51 -0.48 11.88 9.32
CA LEU A 51 0.31 10.76 8.84
C LEU A 51 1.66 11.29 8.37
N PRO A 52 2.77 10.70 8.88
CA PRO A 52 4.15 11.13 8.56
C PRO A 52 4.53 10.91 7.10
N ASP A 53 5.71 11.39 6.74
CA ASP A 53 6.13 11.48 5.36
C ASP A 53 6.97 10.28 4.93
N PRO A 54 6.71 9.79 3.71
CA PRO A 54 7.31 8.55 3.21
C PRO A 54 8.75 8.72 2.74
N TYR A 55 9.21 9.96 2.66
CA TYR A 55 10.56 10.24 2.24
C TYR A 55 11.47 10.39 3.45
N THR A 56 10.89 10.77 4.58
CA THR A 56 11.60 10.73 5.85
C THR A 56 11.84 9.27 6.21
N ILE A 57 10.88 8.46 5.78
CA ILE A 57 10.91 7.03 5.96
C ILE A 57 11.85 6.37 4.96
N PRO A 58 12.82 5.55 5.40
CA PRO A 58 13.55 4.70 4.49
C PRO A 58 13.03 3.27 4.55
N TYR A 59 12.15 2.99 3.65
CA TYR A 59 11.64 1.64 3.40
C TYR A 59 11.08 1.64 1.99
N HIS A 60 11.41 0.63 1.19
CA HIS A 60 11.13 0.68 -0.23
C HIS A 60 10.63 -0.70 -0.61
N ILE A 61 9.37 -0.77 -0.90
CA ILE A 61 8.73 -2.03 -1.22
C ILE A 61 8.71 -2.24 -2.72
N ALA A 62 9.52 -3.18 -3.17
CA ALA A 62 9.62 -3.44 -4.58
C ALA A 62 9.07 -4.81 -4.90
N VAL A 63 7.83 -4.79 -5.31
CA VAL A 63 7.16 -6.01 -5.69
C VAL A 63 6.82 -5.97 -7.16
N SER A 64 7.66 -6.58 -7.94
CA SER A 64 7.42 -6.65 -9.35
C SER A 64 6.59 -7.88 -9.64
N ILE A 65 5.50 -7.68 -10.36
CA ILE A 65 4.66 -8.78 -10.79
C ILE A 65 5.50 -9.72 -11.62
N GLY A 66 6.43 -9.14 -12.36
CA GLY A 66 7.36 -9.92 -13.13
C GLY A 66 8.31 -10.71 -12.23
N ALA A 67 8.80 -10.06 -11.19
CA ALA A 67 9.66 -10.69 -10.19
C ALA A 67 8.90 -11.69 -9.32
N LYS A 68 7.59 -11.50 -9.24
CA LYS A 68 6.69 -12.33 -8.43
C LYS A 68 7.07 -12.37 -6.96
N THR A 69 7.92 -11.45 -6.52
CA THR A 69 8.27 -11.34 -5.13
C THR A 69 8.40 -9.90 -4.70
N LEU A 70 7.97 -9.66 -3.48
CA LEU A 70 7.98 -8.34 -2.90
C LEU A 70 9.25 -8.16 -2.09
N THR A 71 10.02 -7.14 -2.42
CA THR A 71 11.29 -6.94 -1.74
C THR A 71 11.18 -5.81 -0.73
N LEU A 72 11.51 -6.10 0.51
CA LEU A 72 11.52 -5.06 1.52
C LEU A 72 12.86 -4.36 1.39
N SER A 73 12.94 -3.05 1.53
CA SER A 73 14.24 -2.39 1.40
C SER A 73 14.40 -1.22 2.34
N LEU A 74 15.47 -1.25 3.13
CA LEU A 74 15.80 -0.17 4.02
C LEU A 74 17.05 0.52 3.55
N ASN A 75 16.99 1.84 3.41
CA ASN A 75 18.18 2.62 3.10
C ASN A 75 18.73 2.20 1.74
N ASN A 76 17.80 1.83 0.85
CA ASN A 76 18.08 1.43 -0.54
C ASN A 76 18.58 -0.01 -0.65
N ARG A 77 18.66 -0.70 0.47
CA ARG A 77 19.00 -2.11 0.42
C ARG A 77 18.05 -3.00 1.19
N VAL A 78 17.75 -4.14 0.55
CA VAL A 78 16.70 -5.05 0.99
C VAL A 78 16.86 -5.50 2.42
N MET A 79 15.70 -5.73 2.99
CA MET A 79 15.55 -6.24 4.33
C MET A 79 15.28 -7.70 4.23
N LYS A 80 14.38 -7.99 3.30
CA LYS A 80 13.89 -9.33 3.06
C LYS A 80 12.93 -9.36 1.88
N THR A 81 12.65 -10.54 1.36
CA THR A 81 11.75 -10.69 0.21
C THR A 81 10.59 -11.65 0.53
N TYR A 82 9.36 -11.26 0.17
CA TYR A 82 8.19 -12.09 0.41
C TYR A 82 7.43 -12.36 -0.88
N PRO A 83 7.03 -13.61 -1.10
CA PRO A 83 6.18 -14.00 -2.22
C PRO A 83 4.79 -13.36 -2.14
N ILE A 84 4.23 -13.05 -3.29
CA ILE A 84 2.90 -12.43 -3.36
C ILE A 84 2.10 -13.03 -4.52
N ALA A 85 0.89 -12.55 -4.73
CA ALA A 85 0.04 -13.08 -5.80
C ALA A 85 0.33 -12.42 -7.13
N VAL A 86 0.76 -13.25 -8.07
CA VAL A 86 1.05 -12.84 -9.43
C VAL A 86 0.57 -13.92 -10.39
N GLY A 87 -0.05 -13.52 -11.48
CA GLY A 87 -0.48 -14.48 -12.48
C GLY A 87 0.55 -14.63 -13.58
N LYS A 88 0.15 -14.28 -14.79
CA LYS A 88 1.02 -14.39 -15.94
C LYS A 88 1.76 -13.08 -16.15
N ILE A 89 3.07 -13.17 -16.40
CA ILE A 89 3.91 -11.97 -16.56
C ILE A 89 3.55 -11.20 -17.84
N LEU A 90 2.73 -11.80 -18.69
CA LEU A 90 2.29 -11.16 -19.93
C LEU A 90 1.08 -10.27 -19.66
N THR A 91 1.15 -9.51 -18.60
CA THR A 91 0.08 -8.61 -18.22
C THR A 91 0.56 -7.16 -18.25
N GLN A 92 -0.37 -6.24 -18.42
CA GLN A 92 -0.03 -4.82 -18.50
C GLN A 92 0.23 -4.25 -17.11
N THR A 93 1.28 -3.46 -17.00
CA THR A 93 1.65 -2.82 -15.76
C THR A 93 0.53 -1.88 -15.30
N PRO A 94 -0.01 -2.10 -14.08
CA PRO A 94 -1.21 -1.39 -13.61
C PRO A 94 -0.92 -0.03 -12.98
N THR A 95 0.27 0.50 -13.25
CA THR A 95 0.72 1.78 -12.70
C THR A 95 0.51 1.83 -11.19
N GLY A 96 0.75 0.69 -10.55
CA GLY A 96 0.48 0.58 -9.13
C GLY A 96 1.63 1.08 -8.29
N GLU A 97 1.56 2.33 -7.89
CA GLU A 97 2.52 2.88 -6.95
C GLU A 97 1.76 3.44 -5.75
N PHE A 98 2.00 2.86 -4.60
CA PHE A 98 1.23 3.18 -3.42
C PHE A 98 2.15 3.37 -2.22
N TYR A 99 1.56 3.68 -1.09
CA TYR A 99 2.26 3.70 0.18
C TYR A 99 1.57 2.78 1.16
N ILE A 100 2.36 2.11 1.99
CA ILE A 100 1.83 1.46 3.18
C ILE A 100 1.20 2.53 4.02
N ILE A 101 -0.07 2.39 4.31
CA ILE A 101 -0.78 3.45 5.00
C ILE A 101 -1.11 3.05 6.42
N ASN A 102 -1.62 1.85 6.61
CA ASN A 102 -2.14 1.52 7.92
C ASN A 102 -2.10 0.03 8.25
N ARG A 103 -2.44 -0.21 9.50
CA ARG A 103 -2.49 -1.54 10.09
C ARG A 103 -3.74 -1.66 10.97
N GLN A 104 -4.52 -2.70 10.77
CA GLN A 104 -5.74 -2.89 11.52
C GLN A 104 -5.56 -3.88 12.62
N ARG A 105 -6.31 -3.63 13.65
CA ARG A 105 -6.41 -4.51 14.78
C ARG A 105 -6.75 -5.93 14.39
N ASN A 106 -6.28 -6.84 15.23
CA ASN A 106 -6.53 -8.26 15.09
C ASN A 106 -7.98 -8.55 14.78
N PRO A 107 -8.22 -8.93 13.52
CA PRO A 107 -9.55 -9.21 12.97
C PRO A 107 -10.33 -10.21 13.81
N GLY A 108 -9.68 -11.32 14.11
CA GLY A 108 -10.30 -12.35 14.90
C GLY A 108 -10.47 -13.65 14.14
N GLY A 109 -10.46 -13.55 12.82
CA GLY A 109 -10.64 -14.72 11.98
C GLY A 109 -9.46 -14.94 11.06
N PRO A 110 -9.60 -15.86 10.10
CA PRO A 110 -8.57 -16.17 9.08
C PRO A 110 -8.28 -15.01 8.12
N PHE A 111 -8.35 -13.79 8.63
CA PHE A 111 -8.13 -12.59 7.82
C PHE A 111 -6.63 -12.26 7.77
N GLY A 112 -5.86 -12.99 8.58
CA GLY A 112 -4.42 -12.96 8.44
C GLY A 112 -3.68 -12.09 9.43
N ALA A 113 -4.22 -11.99 10.64
CA ALA A 113 -3.51 -11.40 11.78
C ALA A 113 -3.32 -9.89 11.69
N TYR A 114 -3.38 -9.35 10.49
CA TYR A 114 -3.20 -7.92 10.27
C TYR A 114 -3.86 -7.54 8.97
N TRP A 115 -4.69 -6.53 9.00
CA TRP A 115 -5.18 -5.94 7.78
C TRP A 115 -4.42 -4.65 7.51
N LEU A 116 -3.44 -4.74 6.64
CA LEU A 116 -2.64 -3.58 6.30
C LEU A 116 -3.10 -3.02 4.98
N SER A 117 -3.22 -1.72 4.93
CA SER A 117 -3.80 -1.06 3.80
C SER A 117 -2.76 -0.37 2.94
N LEU A 118 -3.08 -0.26 1.67
CA LEU A 118 -2.24 0.45 0.72
C LEU A 118 -2.84 1.83 0.48
N SER A 119 -2.07 2.73 -0.12
CA SER A 119 -2.51 4.12 -0.32
C SER A 119 -3.86 4.19 -1.02
N LYS A 120 -4.11 3.23 -1.89
CA LYS A 120 -5.32 3.23 -2.67
C LYS A 120 -6.02 1.90 -2.51
N GLN A 121 -7.32 1.87 -2.82
CA GLN A 121 -8.12 0.66 -2.76
C GLN A 121 -7.77 -0.28 -3.93
N HIS A 122 -6.47 -0.46 -4.14
CA HIS A 122 -5.93 -1.38 -5.14
C HIS A 122 -4.74 -2.08 -4.54
N TYR A 123 -4.83 -3.41 -4.44
CA TYR A 123 -3.84 -4.22 -3.71
C TYR A 123 -3.91 -3.94 -2.21
N GLY A 124 -3.64 -4.97 -1.43
CA GLY A 124 -3.67 -4.83 0.00
C GLY A 124 -2.76 -5.84 0.67
N ILE A 125 -1.88 -5.36 1.53
CA ILE A 125 -0.90 -6.22 2.16
C ILE A 125 -1.45 -6.74 3.47
N HIS A 126 -1.67 -8.03 3.53
CA HIS A 126 -2.25 -8.62 4.71
C HIS A 126 -1.82 -10.07 4.86
N GLY A 127 -2.54 -10.80 5.67
CA GLY A 127 -2.20 -12.18 5.90
C GLY A 127 -3.30 -13.13 5.52
N THR A 128 -2.98 -14.41 5.54
CA THR A 128 -3.84 -15.42 4.97
C THR A 128 -4.08 -16.56 5.93
N ASN A 129 -4.99 -17.45 5.52
CA ASN A 129 -5.14 -18.74 6.14
C ASN A 129 -4.64 -19.81 5.18
N ASN A 130 -4.58 -19.44 3.90
CA ASN A 130 -4.08 -20.33 2.86
C ASN A 130 -2.94 -19.65 2.10
N PRO A 131 -1.69 -20.04 2.38
CA PRO A 131 -0.51 -19.46 1.75
C PRO A 131 -0.07 -20.17 0.47
N ALA A 132 -0.83 -21.16 0.04
CA ALA A 132 -0.42 -21.97 -1.10
C ALA A 132 -0.74 -21.26 -2.40
N SER A 133 -1.54 -20.21 -2.28
CA SER A 133 -1.93 -19.40 -3.42
C SER A 133 -1.03 -18.18 -3.52
N ILE A 134 -0.01 -18.16 -2.69
CA ILE A 134 0.91 -17.05 -2.63
C ILE A 134 2.16 -17.35 -3.44
N GLY A 135 2.38 -16.57 -4.49
CA GLY A 135 3.54 -16.76 -5.32
C GLY A 135 3.26 -17.62 -6.53
N LYS A 136 2.77 -18.82 -6.29
CA LYS A 136 2.49 -19.77 -7.36
C LYS A 136 1.00 -19.81 -7.69
N ALA A 137 0.40 -18.64 -7.76
CA ALA A 137 -1.02 -18.51 -8.10
C ALA A 137 -1.40 -17.05 -8.28
N VAL A 138 -2.32 -16.79 -9.20
CA VAL A 138 -2.76 -15.43 -9.48
C VAL A 138 -3.76 -14.95 -8.42
N SER A 139 -4.56 -15.90 -7.94
CA SER A 139 -5.45 -15.71 -6.80
C SER A 139 -6.36 -14.48 -6.94
N LYS A 140 -6.67 -14.11 -8.19
CA LYS A 140 -7.53 -12.96 -8.48
C LYS A 140 -6.93 -11.65 -7.97
N GLY A 141 -5.63 -11.66 -7.72
CA GLY A 141 -4.98 -10.46 -7.22
C GLY A 141 -4.67 -10.55 -5.74
N CYS A 142 -4.51 -9.37 -5.10
CA CYS A 142 -4.19 -9.25 -3.68
C CYS A 142 -2.70 -9.48 -3.43
N ILE A 143 -2.26 -9.23 -2.20
CA ILE A 143 -0.86 -9.34 -1.86
C ILE A 143 -0.68 -9.64 -0.37
N ARG A 144 -0.59 -10.93 -0.04
CA ARG A 144 -0.59 -11.35 1.35
C ARG A 144 0.35 -12.53 1.59
N MET A 145 0.69 -12.76 2.86
CA MET A 145 1.58 -13.84 3.27
C MET A 145 1.12 -14.42 4.59
N HIS A 146 2.01 -15.13 5.28
CA HIS A 146 1.65 -15.78 6.54
C HIS A 146 1.44 -14.73 7.63
N ASN A 147 0.85 -15.14 8.74
CA ASN A 147 0.60 -14.25 9.87
C ASN A 147 1.88 -13.54 10.34
N LYS A 148 2.82 -14.28 10.93
CA LYS A 148 4.02 -13.66 11.47
C LYS A 148 4.81 -12.95 10.37
N ASP A 149 4.67 -13.43 9.15
CA ASP A 149 5.32 -12.83 7.98
C ASP A 149 4.82 -11.40 7.76
N VAL A 150 3.51 -11.23 7.81
CA VAL A 150 2.88 -9.95 7.56
C VAL A 150 3.00 -9.03 8.78
N ILE A 151 3.32 -9.60 9.95
CA ILE A 151 3.54 -8.81 11.16
C ILE A 151 4.99 -8.33 11.22
N GLU A 152 5.97 -9.15 10.84
CA GLU A 152 7.31 -8.64 10.54
C GLU A 152 7.28 -7.37 9.70
N LEU A 153 6.88 -7.54 8.44
CA LEU A 153 6.78 -6.42 7.50
C LEU A 153 6.00 -5.28 8.13
N ALA A 154 4.91 -5.65 8.77
CA ALA A 154 3.94 -4.70 9.31
C ALA A 154 4.60 -3.69 10.21
N SER A 155 5.42 -4.20 11.12
CA SER A 155 6.02 -3.39 12.15
C SER A 155 7.23 -2.63 11.59
N ILE A 156 7.77 -3.11 10.48
CA ILE A 156 8.95 -2.51 9.90
C ILE A 156 8.54 -1.42 8.92
N VAL A 157 7.63 -1.77 8.03
CA VAL A 157 7.10 -0.81 7.11
C VAL A 157 6.10 0.11 7.81
N PRO A 158 6.42 1.40 7.88
CA PRO A 158 5.62 2.38 8.59
C PRO A 158 4.48 2.92 7.75
N ASN A 159 3.74 3.85 8.34
CA ASN A 159 2.52 4.39 7.76
C ASN A 159 2.75 5.15 6.45
N GLY A 160 3.98 5.13 5.94
CA GLY A 160 4.26 5.72 4.65
C GLY A 160 5.38 5.01 3.90
N THR A 161 5.18 3.73 3.65
CA THR A 161 6.18 2.95 2.92
C THR A 161 5.86 2.94 1.43
N ARG A 162 6.85 3.11 0.58
CA ARG A 162 6.62 3.15 -0.85
C ARG A 162 6.56 1.75 -1.42
N VAL A 163 5.51 1.47 -2.17
CA VAL A 163 5.32 0.15 -2.75
C VAL A 163 4.88 0.23 -4.20
N THR A 164 5.60 -0.48 -5.06
CA THR A 164 5.29 -0.49 -6.47
C THR A 164 4.95 -1.90 -6.97
N ILE A 165 3.89 -2.00 -7.75
CA ILE A 165 3.54 -3.30 -8.34
C ILE A 165 3.51 -3.21 -9.86
N ASN A 166 4.51 -3.83 -10.47
CA ASN A 166 4.77 -3.64 -11.89
C ASN A 166 5.24 -4.93 -12.53
N ARG A 167 4.68 -5.18 -13.68
CA ARG A 167 5.04 -6.33 -14.51
C ARG A 167 6.43 -6.15 -15.11
N GLY A 168 6.80 -4.91 -15.40
CA GLY A 168 8.07 -4.64 -15.99
C GLY A 168 7.91 -3.85 -17.27
N SER A 169 8.55 -4.33 -18.34
CA SER A 169 8.44 -3.73 -19.67
C SER A 169 8.99 -2.29 -19.66
N GLY A 1 10.42 18.40 13.28
CA GLY A 1 9.53 17.22 13.33
C GLY A 1 9.56 16.45 12.04
N ARG A 2 8.66 15.48 11.89
CA ARG A 2 8.58 14.68 10.69
C ARG A 2 7.55 15.26 9.74
N LYS A 3 7.90 15.35 8.47
CA LYS A 3 6.98 15.79 7.43
C LYS A 3 5.80 14.85 7.35
N LEU A 4 4.66 15.36 6.89
CA LEU A 4 3.49 14.54 6.65
C LEU A 4 3.50 14.01 5.21
N LEU A 5 2.60 13.06 4.92
CA LEU A 5 2.63 12.30 3.69
C LEU A 5 2.09 13.09 2.52
N THR A 6 2.60 12.79 1.35
CA THR A 6 2.01 13.28 0.12
C THR A 6 1.46 12.12 -0.73
N TYR A 7 0.43 12.46 -1.49
CA TYR A 7 -0.28 11.55 -2.37
C TYR A 7 -0.51 12.25 -3.69
N GLN A 8 -0.60 11.50 -4.77
CA GLN A 8 -0.92 12.07 -6.07
C GLN A 8 -2.02 11.21 -6.68
N VAL A 9 -3.16 11.82 -6.93
CA VAL A 9 -4.37 11.12 -7.30
C VAL A 9 -4.38 10.75 -8.77
N LYS A 10 -5.20 9.77 -9.11
CA LYS A 10 -5.28 9.26 -10.44
C LYS A 10 -6.58 9.70 -11.08
N GLN A 11 -6.56 9.83 -12.40
CA GLN A 11 -7.72 10.33 -13.13
C GLN A 11 -9.00 9.60 -12.75
N GLY A 12 -9.95 10.36 -12.23
CA GLY A 12 -11.24 9.82 -11.94
C GLY A 12 -11.46 9.60 -10.45
N ASP A 13 -10.43 9.83 -9.63
CA ASP A 13 -10.56 9.69 -8.18
C ASP A 13 -11.52 10.72 -7.58
N THR A 14 -12.06 10.39 -6.41
CA THR A 14 -13.06 11.22 -5.75
C THR A 14 -12.76 11.48 -4.28
N LEU A 15 -13.16 12.65 -3.81
CA LEU A 15 -12.84 13.12 -2.47
C LEU A 15 -13.07 12.07 -1.38
N ASN A 16 -14.30 11.59 -1.26
CA ASN A 16 -14.66 10.73 -0.13
C ASN A 16 -13.88 9.44 -0.16
N SER A 17 -13.77 8.95 -1.39
CA SER A 17 -13.11 7.70 -1.70
C SER A 17 -11.65 7.75 -1.29
N ILE A 18 -11.01 8.87 -1.56
CA ILE A 18 -9.62 9.08 -1.27
C ILE A 18 -9.37 9.29 0.22
N ALA A 19 -10.26 10.02 0.87
CA ALA A 19 -10.17 10.23 2.31
C ALA A 19 -10.15 8.91 3.07
N ALA A 20 -11.21 8.15 3.01
CA ALA A 20 -11.20 6.88 3.72
C ALA A 20 -10.43 5.80 2.95
N ASP A 21 -9.98 6.13 1.75
CA ASP A 21 -8.85 5.41 1.14
C ASP A 21 -7.64 5.61 2.05
N PHE A 22 -7.47 6.84 2.55
CA PHE A 22 -6.39 7.13 3.48
C PHE A 22 -6.83 7.01 4.93
N ARG A 23 -7.96 6.35 5.13
CA ARG A 23 -8.51 6.08 6.46
C ARG A 23 -8.66 7.37 7.26
N ILE A 24 -9.30 8.38 6.68
CA ILE A 24 -9.38 9.69 7.29
C ILE A 24 -10.72 10.33 6.93
N SER A 25 -10.86 11.58 7.27
CA SER A 25 -12.01 12.37 6.87
C SER A 25 -11.66 13.19 5.66
N THR A 26 -12.64 13.43 4.80
CA THR A 26 -12.42 14.26 3.65
C THR A 26 -12.09 15.66 4.12
N ALA A 27 -12.73 16.03 5.20
CA ALA A 27 -12.55 17.33 5.80
C ALA A 27 -11.12 17.51 6.32
N ALA A 28 -10.48 16.43 6.78
CA ALA A 28 -9.13 16.54 7.31
C ALA A 28 -8.14 16.62 6.17
N LEU A 29 -8.42 15.86 5.13
CA LEU A 29 -7.60 15.90 3.93
C LEU A 29 -7.90 17.19 3.17
N LEU A 30 -9.03 17.79 3.47
CA LEU A 30 -9.37 19.11 2.96
C LEU A 30 -8.69 20.20 3.73
N GLN A 31 -8.57 19.98 5.04
CA GLN A 31 -7.97 20.97 5.93
C GLN A 31 -6.58 21.28 5.47
N ALA A 32 -5.88 20.21 5.18
CA ALA A 32 -4.53 20.27 4.69
C ALA A 32 -4.47 20.59 3.21
N ASN A 33 -5.56 20.39 2.49
CA ASN A 33 -5.58 20.52 1.04
C ASN A 33 -6.89 21.12 0.59
N PRO A 34 -7.06 22.42 0.84
CA PRO A 34 -8.26 23.17 0.45
C PRO A 34 -8.56 23.14 -1.05
N SER A 35 -7.64 22.66 -1.86
CA SER A 35 -7.95 22.47 -3.27
C SER A 35 -9.08 21.44 -3.44
N LEU A 36 -9.06 20.48 -2.55
CA LEU A 36 -9.92 19.32 -2.64
C LEU A 36 -11.35 19.56 -2.19
N GLN A 37 -11.68 20.75 -1.67
CA GLN A 37 -13.06 20.98 -1.20
C GLN A 37 -14.03 20.61 -2.26
N ALA A 38 -13.65 20.94 -3.45
CA ALA A 38 -14.44 20.63 -4.61
C ALA A 38 -14.19 19.22 -5.10
N GLY A 39 -12.91 18.84 -5.19
CA GLY A 39 -12.58 17.52 -5.63
C GLY A 39 -11.10 17.28 -5.78
N LEU A 40 -10.82 16.22 -6.49
CA LEU A 40 -9.48 15.79 -6.78
C LEU A 40 -9.25 15.80 -8.29
N THR A 41 -7.99 15.88 -8.66
CA THR A 41 -7.60 15.94 -10.07
C THR A 41 -6.45 15.00 -10.35
N ALA A 42 -6.52 14.27 -11.46
CA ALA A 42 -5.41 13.43 -11.89
C ALA A 42 -4.08 14.12 -11.84
N GLY A 43 -3.14 13.45 -11.15
CA GLY A 43 -1.80 13.96 -11.03
C GLY A 43 -1.67 14.97 -9.93
N GLN A 44 -2.81 15.42 -9.43
CA GLN A 44 -2.82 16.33 -8.31
C GLN A 44 -2.23 15.67 -7.10
N SER A 45 -1.65 16.49 -6.28
CA SER A 45 -0.87 16.04 -5.15
C SER A 45 -1.50 16.55 -3.87
N ILE A 46 -1.63 15.69 -2.89
CA ILE A 46 -2.32 16.05 -1.67
C ILE A 46 -1.56 15.56 -0.47
N VAL A 47 -1.73 16.27 0.63
CA VAL A 47 -1.10 15.92 1.88
C VAL A 47 -2.07 15.14 2.74
N ILE A 48 -1.51 14.26 3.54
CA ILE A 48 -2.28 13.39 4.39
C ILE A 48 -1.94 13.70 5.84
N PRO A 49 -2.66 14.65 6.41
CA PRO A 49 -2.37 15.16 7.74
C PRO A 49 -2.45 14.07 8.82
N GLY A 50 -1.54 14.16 9.78
CA GLY A 50 -1.45 13.16 10.82
C GLY A 50 -0.66 11.93 10.40
N LEU A 51 -0.31 11.87 9.12
CA LEU A 51 0.49 10.78 8.58
C LEU A 51 1.80 11.35 8.07
N PRO A 52 2.94 10.79 8.50
CA PRO A 52 4.29 11.25 8.10
C PRO A 52 4.63 10.99 6.63
N ASP A 53 5.78 11.51 6.24
CA ASP A 53 6.21 11.50 4.84
C ASP A 53 6.99 10.23 4.54
N PRO A 54 6.79 9.69 3.35
CA PRO A 54 7.35 8.41 2.95
C PRO A 54 8.82 8.54 2.52
N TYR A 55 9.30 9.78 2.44
CA TYR A 55 10.69 10.04 2.11
C TYR A 55 11.52 10.24 3.37
N THR A 56 10.87 10.68 4.45
CA THR A 56 11.51 10.74 5.75
C THR A 56 11.72 9.32 6.24
N ILE A 57 10.84 8.47 5.75
CA ILE A 57 10.88 7.04 5.98
C ILE A 57 11.86 6.37 5.03
N PRO A 58 12.79 5.54 5.51
CA PRO A 58 13.53 4.66 4.64
C PRO A 58 13.00 3.24 4.73
N TYR A 59 12.14 2.93 3.81
CA TYR A 59 11.62 1.58 3.59
C TYR A 59 11.12 1.54 2.16
N HIS A 60 11.51 0.55 1.39
CA HIS A 60 11.33 0.61 -0.04
C HIS A 60 10.84 -0.76 -0.49
N ILE A 61 9.58 -0.84 -0.79
CA ILE A 61 8.95 -2.10 -1.10
C ILE A 61 8.93 -2.33 -2.60
N ALA A 62 9.69 -3.34 -3.02
CA ALA A 62 9.78 -3.67 -4.42
C ALA A 62 9.17 -5.04 -4.69
N VAL A 63 7.93 -5.01 -5.08
CA VAL A 63 7.22 -6.23 -5.42
C VAL A 63 6.97 -6.26 -6.91
N SER A 64 7.62 -7.17 -7.58
CA SER A 64 7.52 -7.22 -9.01
C SER A 64 6.68 -8.41 -9.45
N ILE A 65 5.79 -8.17 -10.40
CA ILE A 65 5.02 -9.23 -11.04
C ILE A 65 5.95 -10.26 -11.66
N GLY A 66 7.02 -9.75 -12.24
CA GLY A 66 8.03 -10.60 -12.83
C GLY A 66 8.78 -11.40 -11.78
N ALA A 67 9.17 -10.72 -10.72
CA ALA A 67 9.90 -11.33 -9.62
C ALA A 67 9.00 -12.21 -8.74
N LYS A 68 7.72 -11.88 -8.77
CA LYS A 68 6.68 -12.54 -7.96
C LYS A 68 7.04 -12.55 -6.49
N THR A 69 7.87 -11.59 -6.09
CA THR A 69 8.25 -11.44 -4.70
C THR A 69 8.35 -9.98 -4.32
N LEU A 70 7.95 -9.72 -3.10
CA LEU A 70 7.95 -8.39 -2.54
C LEU A 70 9.18 -8.22 -1.69
N THR A 71 10.03 -7.27 -2.07
CA THR A 71 11.30 -7.11 -1.39
C THR A 71 11.22 -5.96 -0.40
N LEU A 72 11.56 -6.24 0.85
CA LEU A 72 11.58 -5.18 1.83
C LEU A 72 12.91 -4.46 1.70
N SER A 73 13.00 -3.17 1.94
CA SER A 73 14.30 -2.50 1.83
C SER A 73 14.42 -1.30 2.76
N LEU A 74 15.51 -1.28 3.52
CA LEU A 74 15.80 -0.18 4.40
C LEU A 74 17.10 0.50 3.98
N ASN A 75 17.06 1.82 3.84
CA ASN A 75 18.27 2.59 3.61
C ASN A 75 18.89 2.18 2.27
N ASN A 76 18.01 1.89 1.32
CA ASN A 76 18.37 1.50 -0.05
C ASN A 76 18.86 0.04 -0.13
N ARG A 77 18.82 -0.65 1.00
CA ARG A 77 19.13 -2.08 0.94
C ARG A 77 18.10 -2.95 1.64
N VAL A 78 17.82 -4.06 0.97
CA VAL A 78 16.76 -5.00 1.35
C VAL A 78 16.90 -5.47 2.78
N MET A 79 15.74 -5.73 3.33
CA MET A 79 15.61 -6.26 4.66
C MET A 79 15.38 -7.75 4.56
N LYS A 80 14.50 -8.07 3.64
CA LYS A 80 14.04 -9.45 3.43
C LYS A 80 13.01 -9.49 2.29
N THR A 81 12.83 -10.65 1.67
CA THR A 81 11.89 -10.78 0.56
C THR A 81 10.74 -11.75 0.90
N TYR A 82 9.52 -11.35 0.56
CA TYR A 82 8.33 -12.16 0.80
C TYR A 82 7.68 -12.55 -0.52
N PRO A 83 6.95 -13.68 -0.56
CA PRO A 83 6.20 -14.09 -1.73
C PRO A 83 4.82 -13.46 -1.75
N ILE A 84 4.35 -13.10 -2.94
CA ILE A 84 3.04 -12.47 -3.08
C ILE A 84 2.37 -12.89 -4.38
N ALA A 85 1.17 -12.38 -4.64
CA ALA A 85 0.46 -12.67 -5.88
C ALA A 85 0.85 -11.70 -6.98
N VAL A 86 0.62 -12.13 -8.21
CA VAL A 86 1.00 -11.39 -9.42
C VAL A 86 -0.17 -11.41 -10.40
N GLY A 87 -0.41 -10.31 -11.09
CA GLY A 87 -1.58 -10.23 -11.93
C GLY A 87 -1.29 -9.70 -13.31
N LYS A 88 -2.35 -9.67 -14.14
CA LYS A 88 -2.25 -9.17 -15.51
C LYS A 88 -1.22 -9.97 -16.30
N ILE A 89 -1.49 -11.27 -16.46
CA ILE A 89 -0.53 -12.17 -17.08
C ILE A 89 -0.60 -12.08 -18.60
N LEU A 90 -0.24 -10.92 -19.12
CA LEU A 90 -0.18 -10.69 -20.56
C LEU A 90 1.02 -9.81 -20.89
N THR A 91 0.99 -8.59 -20.38
CA THR A 91 2.07 -7.63 -20.56
C THR A 91 1.73 -6.34 -19.81
N GLN A 92 2.56 -5.32 -19.97
CA GLN A 92 2.35 -4.00 -19.36
C GLN A 92 2.63 -4.01 -17.87
N THR A 93 3.49 -3.09 -17.45
CA THR A 93 3.74 -2.86 -16.03
C THR A 93 2.66 -1.94 -15.48
N PRO A 94 1.77 -2.46 -14.62
CA PRO A 94 0.71 -1.64 -14.02
C PRO A 94 1.32 -0.52 -13.18
N THR A 95 0.79 0.68 -13.34
CA THR A 95 1.27 1.82 -12.57
C THR A 95 0.70 1.75 -11.15
N GLY A 96 1.08 0.70 -10.44
CA GLY A 96 0.58 0.49 -9.10
C GLY A 96 1.59 0.87 -8.04
N GLU A 97 1.87 2.17 -7.96
CA GLU A 97 2.73 2.68 -6.92
C GLU A 97 1.90 3.15 -5.76
N PHE A 98 2.14 2.58 -4.63
CA PHE A 98 1.34 2.84 -3.44
C PHE A 98 2.22 3.12 -2.23
N TYR A 99 1.57 3.41 -1.12
CA TYR A 99 2.25 3.53 0.17
C TYR A 99 1.54 2.67 1.20
N ILE A 100 2.33 1.99 2.03
CA ILE A 100 1.82 1.38 3.24
C ILE A 100 1.25 2.48 4.10
N ILE A 101 0.00 2.37 4.49
CA ILE A 101 -0.61 3.42 5.26
C ILE A 101 -0.92 2.99 6.69
N ASN A 102 -1.26 1.72 6.93
CA ASN A 102 -1.65 1.33 8.29
C ASN A 102 -1.70 -0.18 8.51
N ARG A 103 -2.29 -0.50 9.64
CA ARG A 103 -2.51 -1.87 10.07
C ARG A 103 -3.66 -1.98 11.06
N GLN A 104 -4.44 -3.04 10.92
CA GLN A 104 -5.63 -3.26 11.71
C GLN A 104 -5.43 -4.40 12.68
N ARG A 105 -6.00 -4.21 13.83
CA ARG A 105 -5.98 -5.17 14.90
C ARG A 105 -6.49 -6.52 14.46
N ASN A 106 -5.95 -7.54 15.10
CA ASN A 106 -6.31 -8.92 14.84
C ASN A 106 -7.81 -9.09 14.73
N PRO A 107 -8.27 -9.21 13.48
CA PRO A 107 -9.69 -9.32 13.14
C PRO A 107 -10.38 -10.45 13.88
N GLY A 108 -9.75 -11.62 13.82
CA GLY A 108 -10.29 -12.78 14.49
C GLY A 108 -10.71 -13.87 13.51
N GLY A 109 -10.85 -13.49 12.25
CA GLY A 109 -11.26 -14.43 11.23
C GLY A 109 -10.24 -14.60 10.13
N PRO A 110 -10.62 -15.29 9.04
CA PRO A 110 -9.76 -15.55 7.87
C PRO A 110 -9.32 -14.31 7.10
N PHE A 111 -9.46 -13.13 7.70
CA PHE A 111 -9.03 -11.89 7.07
C PHE A 111 -7.50 -11.88 6.93
N GLY A 112 -6.85 -12.65 7.80
CA GLY A 112 -5.43 -12.92 7.62
C GLY A 112 -4.52 -12.08 8.48
N ALA A 113 -4.66 -12.19 9.80
CA ALA A 113 -3.66 -11.67 10.74
C ALA A 113 -3.64 -10.14 10.85
N TYR A 114 -3.43 -9.48 9.73
CA TYR A 114 -3.24 -8.04 9.73
C TYR A 114 -3.82 -7.45 8.45
N TRP A 115 -4.52 -6.33 8.56
CA TRP A 115 -4.91 -5.59 7.36
C TRP A 115 -4.02 -4.38 7.22
N LEU A 116 -3.03 -4.48 6.34
CA LEU A 116 -2.17 -3.36 6.05
C LEU A 116 -2.54 -2.77 4.70
N SER A 117 -3.10 -1.59 4.75
CA SER A 117 -3.73 -1.02 3.57
C SER A 117 -2.68 -0.42 2.64
N LEU A 118 -2.96 -0.51 1.35
CA LEU A 118 -2.16 0.17 0.35
C LEU A 118 -2.82 1.51 0.09
N SER A 119 -2.21 2.33 -0.77
CA SER A 119 -2.67 3.69 -0.98
C SER A 119 -3.88 3.76 -1.92
N LYS A 120 -4.43 2.60 -2.24
CA LYS A 120 -5.69 2.54 -2.96
C LYS A 120 -6.64 1.58 -2.24
N GLN A 121 -7.86 2.05 -1.97
CA GLN A 121 -8.87 1.25 -1.29
C GLN A 121 -9.42 0.14 -2.18
N HIS A 122 -8.51 -0.65 -2.74
CA HIS A 122 -8.85 -1.79 -3.59
C HIS A 122 -7.79 -2.88 -3.45
N TYR A 123 -6.58 -2.46 -3.12
CA TYR A 123 -5.47 -3.37 -2.92
C TYR A 123 -4.88 -3.16 -1.53
N GLY A 124 -4.46 -4.24 -0.89
CA GLY A 124 -3.88 -4.13 0.43
C GLY A 124 -2.94 -5.26 0.74
N ILE A 125 -1.97 -4.99 1.59
CA ILE A 125 -1.00 -5.99 2.02
C ILE A 125 -1.52 -6.66 3.29
N HIS A 126 -1.78 -7.93 3.21
CA HIS A 126 -2.37 -8.63 4.35
C HIS A 126 -1.98 -10.10 4.36
N GLY A 127 -2.71 -10.85 5.16
CA GLY A 127 -2.39 -12.24 5.33
C GLY A 127 -3.54 -13.14 4.97
N THR A 128 -3.31 -14.43 5.14
CA THR A 128 -4.17 -15.44 4.57
C THR A 128 -4.27 -16.65 5.48
N ASN A 129 -5.06 -17.61 5.05
CA ASN A 129 -5.05 -18.94 5.62
C ASN A 129 -4.44 -19.90 4.61
N ASN A 130 -4.39 -19.47 3.35
CA ASN A 130 -3.77 -20.26 2.29
C ASN A 130 -2.69 -19.45 1.60
N PRO A 131 -1.42 -19.70 1.95
CA PRO A 131 -0.27 -19.08 1.30
C PRO A 131 0.30 -19.91 0.15
N ALA A 132 -0.37 -21.01 -0.17
CA ALA A 132 0.18 -21.96 -1.12
C ALA A 132 -0.01 -21.46 -2.55
N SER A 133 -0.95 -20.55 -2.72
CA SER A 133 -1.14 -19.88 -4.00
C SER A 133 -0.38 -18.57 -4.02
N ILE A 134 0.22 -18.23 -2.89
CA ILE A 134 1.00 -17.01 -2.75
C ILE A 134 2.36 -17.16 -3.41
N GLY A 135 2.56 -16.43 -4.48
CA GLY A 135 3.79 -16.53 -5.25
C GLY A 135 3.69 -17.61 -6.31
N LYS A 136 2.49 -18.16 -6.46
CA LYS A 136 2.28 -19.28 -7.36
C LYS A 136 1.20 -18.95 -8.38
N ALA A 137 1.54 -19.14 -9.65
CA ALA A 137 0.62 -18.91 -10.77
C ALA A 137 0.24 -17.44 -10.88
N VAL A 138 -0.92 -17.07 -10.35
CA VAL A 138 -1.44 -15.71 -10.48
C VAL A 138 -2.01 -15.23 -9.14
N SER A 139 -3.23 -15.68 -8.82
CA SER A 139 -3.92 -15.31 -7.58
C SER A 139 -4.08 -13.78 -7.48
N LYS A 140 -4.35 -13.15 -8.62
CA LYS A 140 -4.45 -11.69 -8.69
C LYS A 140 -5.62 -11.14 -7.86
N GLY A 141 -5.57 -9.84 -7.57
CA GLY A 141 -6.60 -9.22 -6.78
C GLY A 141 -6.09 -8.84 -5.39
N CYS A 142 -5.79 -9.84 -4.58
CA CYS A 142 -5.22 -9.61 -3.27
C CYS A 142 -3.75 -10.04 -3.28
N ILE A 143 -2.90 -9.34 -2.52
CA ILE A 143 -1.48 -9.63 -2.54
C ILE A 143 -1.16 -10.78 -1.57
N ARG A 144 -1.46 -10.59 -0.27
CA ARG A 144 -1.41 -11.65 0.76
C ARG A 144 -0.03 -12.30 0.95
N MET A 145 0.23 -12.70 2.20
CA MET A 145 1.47 -13.35 2.58
C MET A 145 1.23 -14.29 3.77
N HIS A 146 2.32 -14.74 4.40
CA HIS A 146 2.21 -15.58 5.59
C HIS A 146 1.91 -14.70 6.78
N ASN A 147 1.26 -15.25 7.80
CA ASN A 147 0.93 -14.47 8.99
C ASN A 147 2.17 -13.78 9.56
N LYS A 148 3.15 -14.52 10.04
CA LYS A 148 4.31 -13.92 10.68
C LYS A 148 5.06 -13.00 9.71
N ASP A 149 5.00 -13.33 8.41
CA ASP A 149 5.65 -12.52 7.38
C ASP A 149 5.01 -11.15 7.31
N VAL A 150 3.69 -11.13 7.37
CA VAL A 150 2.93 -9.90 7.23
C VAL A 150 2.98 -9.09 8.54
N ILE A 151 3.33 -9.73 9.65
CA ILE A 151 3.54 -9.02 10.91
C ILE A 151 4.99 -8.54 11.03
N GLU A 152 5.99 -9.33 10.64
CA GLU A 152 7.32 -8.80 10.38
C GLU A 152 7.28 -7.51 9.59
N LEU A 153 6.89 -7.61 8.32
CA LEU A 153 6.76 -6.44 7.46
C LEU A 153 5.98 -5.34 8.16
N ALA A 154 4.93 -5.77 8.82
CA ALA A 154 3.94 -4.87 9.41
C ALA A 154 4.58 -3.83 10.32
N SER A 155 5.28 -4.34 11.32
CA SER A 155 5.79 -3.49 12.37
C SER A 155 7.01 -2.71 11.91
N ILE A 156 7.58 -3.13 10.78
CA ILE A 156 8.76 -2.48 10.25
C ILE A 156 8.36 -1.38 9.27
N VAL A 157 7.51 -1.72 8.34
CA VAL A 157 7.04 -0.76 7.37
C VAL A 157 6.02 0.19 8.00
N PRO A 158 6.37 1.48 8.06
CA PRO A 158 5.58 2.48 8.76
C PRO A 158 4.41 3.00 7.94
N ASN A 159 3.70 3.95 8.52
CA ASN A 159 2.47 4.51 7.93
C ASN A 159 2.67 5.14 6.56
N GLY A 160 3.89 5.10 6.02
CA GLY A 160 4.14 5.67 4.71
C GLY A 160 5.27 4.96 3.97
N THR A 161 5.12 3.67 3.77
CA THR A 161 6.15 2.89 3.08
C THR A 161 5.86 2.87 1.57
N ARG A 162 6.88 3.05 0.76
CA ARG A 162 6.69 3.06 -0.68
C ARG A 162 6.68 1.65 -1.22
N VAL A 163 5.69 1.36 -2.04
CA VAL A 163 5.53 0.03 -2.60
C VAL A 163 5.12 0.12 -4.06
N THR A 164 5.88 -0.52 -4.92
CA THR A 164 5.62 -0.52 -6.34
C THR A 164 5.31 -1.93 -6.86
N ILE A 165 4.35 -2.00 -7.76
CA ILE A 165 4.09 -3.28 -8.41
C ILE A 165 4.26 -3.17 -9.92
N ASN A 166 5.33 -3.81 -10.39
CA ASN A 166 5.77 -3.71 -11.77
C ASN A 166 6.31 -5.05 -12.21
N ARG A 167 6.14 -5.37 -13.47
CA ARG A 167 6.53 -6.67 -13.97
C ARG A 167 7.95 -6.66 -14.54
N GLY A 168 8.36 -5.55 -15.10
CA GLY A 168 9.69 -5.42 -15.63
C GLY A 168 10.10 -3.97 -15.78
N SER A 169 10.65 -3.63 -16.94
CA SER A 169 11.11 -2.27 -17.24
C SER A 169 12.24 -1.85 -16.29
N GLY A 1 4.82 14.76 15.13
CA GLY A 1 6.26 14.80 14.80
C GLY A 1 6.51 14.48 13.34
N ARG A 2 7.67 14.90 12.83
CA ARG A 2 8.06 14.68 11.44
C ARG A 2 7.15 15.42 10.46
N LYS A 3 7.48 15.29 9.19
CA LYS A 3 6.64 15.77 8.11
C LYS A 3 5.50 14.80 7.89
N LEU A 4 4.40 15.29 7.36
CA LEU A 4 3.25 14.46 7.03
C LEU A 4 3.33 13.97 5.58
N LEU A 5 2.47 13.03 5.22
CA LEU A 5 2.57 12.28 3.96
C LEU A 5 2.09 13.10 2.79
N THR A 6 2.66 12.82 1.64
CA THR A 6 2.13 13.31 0.40
C THR A 6 1.62 12.17 -0.50
N TYR A 7 0.62 12.54 -1.29
CA TYR A 7 -0.04 11.66 -2.24
C TYR A 7 -0.24 12.43 -3.54
N GLN A 8 -0.23 11.75 -4.67
CA GLN A 8 -0.49 12.38 -5.95
C GLN A 8 -1.57 11.57 -6.64
N VAL A 9 -2.68 12.21 -6.98
CA VAL A 9 -3.86 11.52 -7.44
C VAL A 9 -3.78 11.22 -8.95
N LYS A 10 -4.58 10.24 -9.35
CA LYS A 10 -4.59 9.81 -10.73
C LYS A 10 -5.86 10.32 -11.40
N GLN A 11 -5.78 10.55 -12.70
CA GLN A 11 -6.90 11.14 -13.43
C GLN A 11 -8.17 10.36 -13.24
N GLY A 12 -9.14 10.97 -12.57
CA GLY A 12 -10.41 10.34 -12.38
C GLY A 12 -10.72 10.06 -10.92
N ASP A 13 -9.74 10.25 -10.05
CA ASP A 13 -9.92 10.07 -8.61
C ASP A 13 -10.95 11.06 -8.05
N THR A 14 -11.58 10.68 -6.93
CA THR A 14 -12.62 11.49 -6.33
C THR A 14 -12.41 11.66 -4.83
N LEU A 15 -12.92 12.77 -4.30
CA LEU A 15 -12.66 13.18 -2.94
C LEU A 15 -12.89 12.08 -1.90
N ASN A 16 -14.09 11.52 -1.83
CA ASN A 16 -14.43 10.62 -0.73
C ASN A 16 -13.59 9.36 -0.82
N SER A 17 -13.46 8.92 -2.07
CA SER A 17 -12.78 7.70 -2.43
C SER A 17 -11.33 7.74 -2.00
N ILE A 18 -10.71 8.90 -2.17
CA ILE A 18 -9.33 9.13 -1.80
C ILE A 18 -9.16 9.27 -0.29
N ALA A 19 -10.08 9.99 0.35
CA ALA A 19 -10.05 10.15 1.80
C ALA A 19 -10.05 8.81 2.51
N ALA A 20 -11.09 8.03 2.34
CA ALA A 20 -11.10 6.75 3.01
C ALA A 20 -10.29 5.69 2.28
N ASP A 21 -9.78 6.04 1.11
CA ASP A 21 -8.60 5.34 0.57
C ASP A 21 -7.44 5.55 1.55
N PHE A 22 -7.40 6.71 2.17
CA PHE A 22 -6.42 6.99 3.19
C PHE A 22 -6.98 6.82 4.60
N ARG A 23 -8.11 6.12 4.68
CA ARG A 23 -8.77 5.81 5.95
C ARG A 23 -8.98 7.07 6.78
N ILE A 24 -9.58 8.09 6.19
CA ILE A 24 -9.71 9.38 6.84
C ILE A 24 -11.02 10.03 6.40
N SER A 25 -11.22 11.25 6.82
CA SER A 25 -12.34 12.02 6.40
C SER A 25 -11.92 12.99 5.33
N THR A 26 -12.81 13.23 4.37
CA THR A 26 -12.52 14.10 3.26
C THR A 26 -12.24 15.48 3.79
N ALA A 27 -12.95 15.83 4.84
CA ALA A 27 -12.82 17.10 5.49
C ALA A 27 -11.43 17.28 6.09
N ALA A 28 -10.78 16.19 6.50
CA ALA A 28 -9.46 16.30 7.11
C ALA A 28 -8.40 16.42 6.03
N LEU A 29 -8.62 15.69 4.95
CA LEU A 29 -7.75 15.77 3.79
C LEU A 29 -8.04 17.09 3.06
N LEU A 30 -9.19 17.68 3.37
CA LEU A 30 -9.53 19.00 2.89
C LEU A 30 -8.89 20.10 3.71
N GLN A 31 -8.84 19.86 5.01
CA GLN A 31 -8.32 20.84 5.96
C GLN A 31 -6.90 21.18 5.59
N ALA A 32 -6.18 20.13 5.27
CA ALA A 32 -4.81 20.22 4.85
C ALA A 32 -4.68 20.58 3.38
N ASN A 33 -5.74 20.36 2.61
CA ASN A 33 -5.69 20.51 1.16
C ASN A 33 -7.00 21.09 0.65
N PRO A 34 -7.21 22.38 0.91
CA PRO A 34 -8.42 23.10 0.48
C PRO A 34 -8.67 23.08 -1.03
N SER A 35 -7.72 22.63 -1.83
CA SER A 35 -7.98 22.47 -3.24
C SER A 35 -9.07 21.43 -3.45
N LEU A 36 -9.05 20.44 -2.58
CA LEU A 36 -9.87 19.26 -2.74
C LEU A 36 -11.32 19.44 -2.33
N GLN A 37 -11.71 20.59 -1.76
CA GLN A 37 -13.12 20.77 -1.38
C GLN A 37 -14.02 20.43 -2.53
N ALA A 38 -13.57 20.89 -3.65
CA ALA A 38 -14.28 20.67 -4.88
C ALA A 38 -13.92 19.31 -5.48
N GLY A 39 -12.64 19.01 -5.53
CA GLY A 39 -12.22 17.71 -6.01
C GLY A 39 -10.74 17.55 -6.13
N LEU A 40 -10.39 16.52 -6.85
CA LEU A 40 -9.04 16.12 -7.08
C LEU A 40 -8.69 16.26 -8.56
N THR A 41 -7.41 16.37 -8.83
CA THR A 41 -6.93 16.53 -10.19
C THR A 41 -5.75 15.60 -10.45
N ALA A 42 -5.77 14.90 -11.57
CA ALA A 42 -4.65 14.08 -11.99
C ALA A 42 -3.30 14.76 -11.82
N GLY A 43 -2.42 14.06 -11.12
CA GLY A 43 -1.08 14.53 -10.89
C GLY A 43 -1.01 15.51 -9.75
N GLN A 44 -2.16 15.94 -9.28
CA GLN A 44 -2.22 16.79 -8.11
C GLN A 44 -1.71 16.07 -6.91
N SER A 45 -1.17 16.83 -6.01
CA SER A 45 -0.47 16.33 -4.86
C SER A 45 -1.18 16.78 -3.60
N ILE A 46 -1.39 15.88 -2.67
CA ILE A 46 -2.16 16.19 -1.49
C ILE A 46 -1.47 15.65 -0.26
N VAL A 47 -1.69 16.33 0.85
CA VAL A 47 -1.12 15.92 2.12
C VAL A 47 -2.13 15.11 2.89
N ILE A 48 -1.60 14.20 3.69
CA ILE A 48 -2.40 13.28 4.46
C ILE A 48 -2.13 13.55 5.92
N PRO A 49 -2.87 14.48 6.49
CA PRO A 49 -2.66 14.95 7.85
C PRO A 49 -2.79 13.84 8.89
N GLY A 50 -1.92 13.88 9.88
CA GLY A 50 -1.87 12.84 10.87
C GLY A 50 -1.02 11.64 10.46
N LEU A 51 -0.60 11.62 9.21
CA LEU A 51 0.25 10.57 8.68
C LEU A 51 1.58 11.17 8.26
N PRO A 52 2.71 10.64 8.74
CA PRO A 52 4.05 11.15 8.43
C PRO A 52 4.47 10.96 6.98
N ASP A 53 5.63 11.53 6.65
CA ASP A 53 6.11 11.61 5.27
C ASP A 53 6.95 10.39 4.93
N PRO A 54 6.80 9.91 3.70
CA PRO A 54 7.45 8.68 3.24
C PRO A 54 8.86 8.93 2.71
N TYR A 55 9.23 10.20 2.59
CA TYR A 55 10.57 10.56 2.16
C TYR A 55 11.46 10.74 3.38
N THR A 56 10.83 10.82 4.54
CA THR A 56 11.54 10.85 5.80
C THR A 56 11.80 9.41 6.21
N ILE A 57 10.90 8.56 5.78
CA ILE A 57 10.97 7.13 6.00
C ILE A 57 11.87 6.47 4.96
N PRO A 58 12.81 5.61 5.37
CA PRO A 58 13.49 4.76 4.43
C PRO A 58 12.94 3.34 4.50
N TYR A 59 12.03 3.07 3.61
CA TYR A 59 11.49 1.74 3.37
C TYR A 59 10.92 1.73 1.96
N HIS A 60 11.24 0.71 1.18
CA HIS A 60 11.00 0.71 -0.24
C HIS A 60 10.43 -0.67 -0.58
N ILE A 61 9.15 -0.73 -0.81
CA ILE A 61 8.51 -2.01 -1.09
C ILE A 61 8.40 -2.21 -2.59
N ALA A 62 9.16 -3.19 -3.08
CA ALA A 62 9.18 -3.47 -4.50
C ALA A 62 8.62 -4.85 -4.78
N VAL A 63 7.35 -4.87 -5.11
CA VAL A 63 6.66 -6.10 -5.42
C VAL A 63 6.21 -6.11 -6.87
N SER A 64 6.91 -6.84 -7.67
CA SER A 64 6.52 -7.01 -9.03
C SER A 64 5.80 -8.33 -9.16
N ILE A 65 4.51 -8.29 -9.46
CA ILE A 65 3.75 -9.49 -9.71
C ILE A 65 4.39 -10.35 -10.80
N GLY A 66 5.03 -9.70 -11.76
CA GLY A 66 5.82 -10.42 -12.71
C GLY A 66 6.92 -11.22 -12.02
N ALA A 67 7.61 -10.56 -11.09
CA ALA A 67 8.63 -11.19 -10.25
C ALA A 67 8.01 -12.16 -9.23
N LYS A 68 6.74 -11.92 -8.93
CA LYS A 68 5.96 -12.68 -7.95
C LYS A 68 6.51 -12.56 -6.53
N THR A 69 7.32 -11.55 -6.28
CA THR A 69 7.83 -11.37 -4.95
C THR A 69 7.94 -9.91 -4.57
N LEU A 70 7.58 -9.67 -3.33
CA LEU A 70 7.59 -8.36 -2.73
C LEU A 70 8.87 -8.18 -1.95
N THR A 71 9.66 -7.20 -2.34
CA THR A 71 10.95 -7.00 -1.71
C THR A 71 10.89 -5.88 -0.71
N LEU A 72 11.28 -6.17 0.52
CA LEU A 72 11.32 -5.11 1.50
C LEU A 72 12.66 -4.41 1.31
N SER A 73 12.74 -3.12 1.47
CA SER A 73 14.04 -2.46 1.32
C SER A 73 14.19 -1.25 2.20
N LEU A 74 15.30 -1.22 2.93
CA LEU A 74 15.64 -0.12 3.79
C LEU A 74 16.88 0.59 3.30
N ASN A 75 16.79 1.90 3.12
CA ASN A 75 17.96 2.70 2.80
C ASN A 75 18.53 2.27 1.46
N ASN A 76 17.61 1.92 0.55
CA ASN A 76 17.92 1.48 -0.82
C ASN A 76 18.41 0.02 -0.86
N ARG A 77 18.44 -0.64 0.29
CA ARG A 77 18.77 -2.07 0.26
C ARG A 77 17.79 -2.95 1.02
N VAL A 78 17.48 -4.07 0.37
CA VAL A 78 16.46 -5.01 0.83
C VAL A 78 16.64 -5.46 2.26
N MET A 79 15.50 -5.73 2.84
CA MET A 79 15.39 -6.24 4.18
C MET A 79 15.09 -7.71 4.12
N LYS A 80 14.23 -8.01 3.17
CA LYS A 80 13.74 -9.38 2.94
C LYS A 80 12.80 -9.41 1.73
N THR A 81 12.50 -10.60 1.23
CA THR A 81 11.57 -10.74 0.11
C THR A 81 10.44 -11.72 0.46
N TYR A 82 9.19 -11.30 0.22
CA TYR A 82 8.03 -12.11 0.58
C TYR A 82 7.19 -12.43 -0.66
N PRO A 83 6.78 -13.69 -0.81
CA PRO A 83 5.87 -14.14 -1.89
C PRO A 83 4.48 -13.52 -1.76
N ILE A 84 3.87 -13.21 -2.90
CA ILE A 84 2.53 -12.61 -2.92
C ILE A 84 1.69 -13.19 -4.07
N ALA A 85 0.44 -12.75 -4.20
CA ALA A 85 -0.44 -13.25 -5.28
C ALA A 85 -0.18 -12.48 -6.56
N VAL A 86 -0.39 -13.14 -7.70
CA VAL A 86 0.22 -12.70 -8.94
C VAL A 86 -0.61 -13.02 -10.19
N GLY A 87 -0.53 -12.10 -11.16
CA GLY A 87 -0.94 -12.34 -12.53
C GLY A 87 0.19 -11.98 -13.48
N LYS A 88 1.13 -12.91 -13.64
CA LYS A 88 2.42 -12.63 -14.30
C LYS A 88 2.32 -12.63 -15.82
N ILE A 89 3.23 -11.89 -16.46
CA ILE A 89 3.43 -11.98 -17.91
C ILE A 89 4.72 -11.26 -18.33
N LEU A 90 4.97 -10.05 -17.77
CA LEU A 90 6.23 -9.33 -18.06
C LEU A 90 6.51 -8.27 -16.98
N THR A 91 6.12 -7.02 -17.23
CA THR A 91 6.32 -5.95 -16.25
C THR A 91 5.27 -4.83 -16.42
N GLN A 92 5.12 -4.03 -15.37
CA GLN A 92 4.14 -2.92 -15.32
C GLN A 92 2.71 -3.40 -15.09
N THR A 93 2.07 -2.81 -14.09
CA THR A 93 0.64 -2.98 -13.86
C THR A 93 -0.11 -1.97 -14.75
N PRO A 94 -1.38 -1.63 -14.47
CA PRO A 94 -1.98 -0.41 -15.04
C PRO A 94 -1.40 0.86 -14.38
N THR A 95 -0.13 0.78 -13.98
CA THR A 95 0.58 1.88 -13.31
C THR A 95 -0.04 2.19 -11.96
N GLY A 96 0.36 1.44 -10.94
CA GLY A 96 -0.20 1.65 -9.61
C GLY A 96 0.86 1.56 -8.52
N GLU A 97 1.10 2.67 -7.84
CA GLU A 97 1.98 2.69 -6.70
C GLU A 97 1.21 3.14 -5.47
N PHE A 98 1.48 2.51 -4.34
CA PHE A 98 0.70 2.75 -3.12
C PHE A 98 1.62 3.12 -1.97
N TYR A 99 1.03 3.39 -0.81
CA TYR A 99 1.80 3.60 0.41
C TYR A 99 1.23 2.77 1.55
N ILE A 100 2.12 2.19 2.36
CA ILE A 100 1.73 1.53 3.59
C ILE A 100 1.13 2.56 4.51
N ILE A 101 -0.13 2.40 4.84
CA ILE A 101 -0.79 3.39 5.63
C ILE A 101 -1.06 2.92 7.05
N ASN A 102 -1.05 1.60 7.32
CA ASN A 102 -1.22 1.14 8.71
C ASN A 102 -1.22 -0.38 8.87
N ARG A 103 -1.61 -0.74 10.08
CA ARG A 103 -1.68 -2.12 10.56
C ARG A 103 -2.66 -2.23 11.70
N GLN A 104 -3.38 -3.33 11.77
CA GLN A 104 -4.35 -3.54 12.81
C GLN A 104 -3.95 -4.66 13.74
N ARG A 105 -4.50 -4.57 14.92
CA ARG A 105 -4.44 -5.59 15.92
C ARG A 105 -4.87 -6.94 15.39
N ASN A 106 -4.29 -8.00 15.97
CA ASN A 106 -4.65 -9.37 15.65
C ASN A 106 -6.15 -9.55 15.66
N PRO A 107 -6.71 -9.76 14.47
CA PRO A 107 -8.15 -10.03 14.28
C PRO A 107 -8.63 -11.17 15.16
N GLY A 108 -7.86 -12.26 15.13
CA GLY A 108 -8.17 -13.39 15.96
C GLY A 108 -8.63 -14.59 15.16
N GLY A 109 -9.10 -14.34 13.95
CA GLY A 109 -9.56 -15.41 13.09
C GLY A 109 -8.58 -15.71 11.98
N PRO A 110 -8.98 -16.54 11.00
CA PRO A 110 -8.20 -16.84 9.79
C PRO A 110 -7.99 -15.63 8.89
N PHE A 111 -7.82 -14.46 9.49
CA PHE A 111 -7.64 -13.22 8.76
C PHE A 111 -6.16 -13.01 8.45
N GLY A 112 -5.31 -13.75 9.16
CA GLY A 112 -3.90 -13.77 8.86
C GLY A 112 -3.08 -12.89 9.77
N ALA A 113 -3.43 -12.87 11.05
CA ALA A 113 -2.61 -12.26 12.10
C ALA A 113 -2.62 -10.73 12.10
N TYR A 114 -2.65 -10.13 10.93
CA TYR A 114 -2.53 -8.69 10.83
C TYR A 114 -3.31 -8.16 9.63
N TRP A 115 -3.88 -6.98 9.81
CA TRP A 115 -4.51 -6.29 8.70
C TRP A 115 -3.76 -5.00 8.41
N LEU A 116 -2.91 -5.01 7.40
CA LEU A 116 -2.21 -3.83 6.99
C LEU A 116 -2.85 -3.21 5.77
N SER A 117 -2.82 -1.90 5.70
CA SER A 117 -3.57 -1.18 4.70
C SER A 117 -2.68 -0.60 3.61
N LEU A 118 -3.14 -0.75 2.37
CA LEU A 118 -2.45 -0.19 1.23
C LEU A 118 -3.24 1.00 0.71
N SER A 119 -2.88 1.54 -0.45
CA SER A 119 -3.69 2.61 -1.05
C SER A 119 -4.81 2.03 -1.93
N LYS A 120 -4.59 1.97 -3.24
CA LYS A 120 -5.65 1.62 -4.20
C LYS A 120 -5.74 0.12 -4.46
N GLN A 121 -6.92 -0.29 -4.95
CA GLN A 121 -7.15 -1.65 -5.49
C GLN A 121 -6.86 -2.73 -4.47
N HIS A 122 -5.62 -3.17 -4.41
CA HIS A 122 -5.18 -4.15 -3.43
C HIS A 122 -4.88 -3.41 -2.14
N TYR A 123 -5.92 -2.81 -1.58
CA TYR A 123 -5.78 -1.86 -0.47
C TYR A 123 -5.39 -2.52 0.84
N GLY A 124 -4.81 -3.71 0.79
CA GLY A 124 -4.44 -4.38 2.00
C GLY A 124 -3.31 -5.37 1.84
N ILE A 125 -2.25 -5.14 2.59
CA ILE A 125 -1.21 -6.14 2.79
C ILE A 125 -1.57 -6.92 4.04
N HIS A 126 -2.00 -8.16 3.89
CA HIS A 126 -2.49 -8.90 5.03
C HIS A 126 -2.02 -10.34 5.04
N GLY A 127 -2.69 -11.13 5.85
CA GLY A 127 -2.33 -12.52 5.99
C GLY A 127 -3.46 -13.45 5.65
N THR A 128 -3.22 -14.73 5.81
CA THR A 128 -4.11 -15.73 5.26
C THR A 128 -4.28 -16.91 6.21
N ASN A 129 -5.15 -17.82 5.81
CA ASN A 129 -5.25 -19.13 6.42
C ASN A 129 -4.75 -20.18 5.44
N ASN A 130 -4.70 -19.80 4.17
CA ASN A 130 -4.16 -20.65 3.12
C ASN A 130 -3.06 -19.90 2.37
N PRO A 131 -1.80 -20.22 2.66
CA PRO A 131 -0.66 -19.60 2.01
C PRO A 131 -0.18 -20.34 0.76
N ALA A 132 -0.87 -21.41 0.39
CA ALA A 132 -0.37 -22.31 -0.63
C ALA A 132 -0.58 -21.73 -2.03
N SER A 133 -1.46 -20.73 -2.12
CA SER A 133 -1.70 -20.06 -3.39
C SER A 133 -0.83 -18.80 -3.49
N ILE A 134 -0.09 -18.54 -2.43
CA ILE A 134 0.72 -17.34 -2.32
C ILE A 134 2.03 -17.48 -3.10
N GLY A 135 2.20 -16.63 -4.09
CA GLY A 135 3.38 -16.68 -4.92
C GLY A 135 3.11 -17.38 -6.23
N LYS A 136 1.86 -17.77 -6.42
CA LYS A 136 1.45 -18.48 -7.62
C LYS A 136 0.35 -17.70 -8.33
N ALA A 137 0.30 -17.82 -9.65
CA ALA A 137 -0.69 -17.13 -10.45
C ALA A 137 -2.01 -17.90 -10.44
N VAL A 138 -2.59 -18.04 -9.26
CA VAL A 138 -3.83 -18.77 -9.08
C VAL A 138 -5.03 -17.91 -9.42
N SER A 139 -5.12 -16.75 -8.77
CA SER A 139 -6.22 -15.83 -8.98
C SER A 139 -5.79 -14.40 -8.68
N LYS A 140 -6.45 -13.45 -9.33
CA LYS A 140 -6.11 -12.04 -9.18
C LYS A 140 -6.90 -11.43 -8.02
N GLY A 141 -6.59 -11.86 -6.80
CA GLY A 141 -7.29 -11.35 -5.63
C GLY A 141 -6.54 -10.21 -4.96
N CYS A 142 -6.36 -10.30 -3.65
CA CYS A 142 -5.64 -9.27 -2.90
C CYS A 142 -4.24 -9.77 -2.57
N ILE A 143 -3.56 -9.11 -1.64
CA ILE A 143 -2.21 -9.47 -1.29
C ILE A 143 -2.13 -9.95 0.16
N ARG A 144 -1.71 -11.19 0.35
CA ARG A 144 -1.66 -11.78 1.67
C ARG A 144 -0.54 -12.81 1.75
N MET A 145 -0.02 -13.04 2.95
CA MET A 145 1.11 -13.95 3.13
C MET A 145 1.01 -14.69 4.46
N HIS A 146 2.11 -15.29 4.87
CA HIS A 146 2.17 -16.00 6.15
C HIS A 146 2.07 -15.02 7.29
N ASN A 147 1.52 -15.46 8.42
CA ASN A 147 1.30 -14.59 9.56
C ASN A 147 2.57 -13.84 9.96
N LYS A 148 3.56 -14.56 10.44
CA LYS A 148 4.74 -13.90 10.98
C LYS A 148 5.50 -13.11 9.91
N ASP A 149 5.33 -13.50 8.65
CA ASP A 149 5.96 -12.77 7.54
C ASP A 149 5.31 -11.42 7.33
N VAL A 150 3.99 -11.35 7.49
CA VAL A 150 3.27 -10.09 7.32
C VAL A 150 3.40 -9.23 8.57
N ILE A 151 3.84 -9.83 9.68
CA ILE A 151 4.13 -9.07 10.90
C ILE A 151 5.58 -8.59 10.90
N GLU A 152 6.55 -9.38 10.45
CA GLU A 152 7.87 -8.84 10.11
C GLU A 152 7.76 -7.53 9.33
N LEU A 153 7.26 -7.64 8.10
CA LEU A 153 7.07 -6.47 7.25
C LEU A 153 6.31 -5.40 8.01
N ALA A 154 5.30 -5.86 8.72
CA ALA A 154 4.33 -4.98 9.37
C ALA A 154 5.01 -3.97 10.28
N SER A 155 5.75 -4.49 11.23
CA SER A 155 6.31 -3.69 12.30
C SER A 155 7.49 -2.86 11.79
N ILE A 156 7.99 -3.21 10.61
CA ILE A 156 9.11 -2.51 10.03
C ILE A 156 8.63 -1.40 9.12
N VAL A 157 7.69 -1.72 8.25
CA VAL A 157 7.14 -0.73 7.34
C VAL A 157 6.16 0.19 8.06
N PRO A 158 6.54 1.46 8.25
CA PRO A 158 5.74 2.42 8.98
C PRO A 158 4.63 3.05 8.12
N ASN A 159 3.89 3.95 8.75
CA ASN A 159 2.89 4.73 8.05
C ASN A 159 3.60 5.67 7.08
N GLY A 160 3.45 5.41 5.79
CA GLY A 160 4.20 6.15 4.81
C GLY A 160 5.30 5.34 4.15
N THR A 161 5.09 4.05 3.96
CA THR A 161 6.04 3.24 3.22
C THR A 161 5.63 3.19 1.75
N ARG A 162 6.58 3.34 0.85
CA ARG A 162 6.29 3.30 -0.57
C ARG A 162 6.27 1.86 -1.05
N VAL A 163 5.25 1.53 -1.82
CA VAL A 163 5.08 0.18 -2.33
C VAL A 163 4.58 0.20 -3.77
N THR A 164 5.31 -0.49 -4.63
CA THR A 164 4.99 -0.54 -6.03
C THR A 164 4.59 -1.95 -6.46
N ILE A 165 3.46 -2.05 -7.15
CA ILE A 165 3.11 -3.34 -7.73
C ILE A 165 3.02 -3.19 -9.23
N ASN A 166 3.81 -3.98 -9.95
CA ASN A 166 3.79 -3.99 -11.40
C ASN A 166 3.98 -5.41 -11.92
N ARG A 167 3.00 -5.83 -12.68
CA ARG A 167 2.80 -7.23 -13.06
C ARG A 167 3.34 -7.61 -14.43
N GLY A 168 3.02 -6.80 -15.42
CA GLY A 168 3.16 -7.21 -16.78
C GLY A 168 1.99 -6.78 -17.62
N SER A 169 2.17 -5.70 -18.37
CA SER A 169 1.13 -5.19 -19.25
C SER A 169 1.77 -4.38 -20.38
N GLY A 1 7.04 16.04 16.64
CA GLY A 1 6.26 15.49 15.51
C GLY A 1 7.13 15.14 14.33
N ARG A 2 6.50 14.87 13.20
CA ARG A 2 7.23 14.52 11.98
C ARG A 2 6.51 15.11 10.77
N LYS A 3 7.12 14.95 9.60
CA LYS A 3 6.51 15.39 8.35
C LYS A 3 5.32 14.49 8.02
N LEU A 4 4.35 15.04 7.31
CA LEU A 4 3.17 14.27 6.89
C LEU A 4 3.27 13.83 5.43
N LEU A 5 2.36 12.94 5.03
CA LEU A 5 2.42 12.23 3.76
C LEU A 5 1.94 13.07 2.61
N THR A 6 2.44 12.77 1.43
CA THR A 6 1.87 13.29 0.21
C THR A 6 1.32 12.16 -0.68
N TYR A 7 0.33 12.55 -1.48
CA TYR A 7 -0.36 11.66 -2.41
C TYR A 7 -0.53 12.41 -3.73
N GLN A 8 -0.56 11.69 -4.83
CA GLN A 8 -0.84 12.30 -6.12
C GLN A 8 -1.95 11.48 -6.74
N VAL A 9 -3.07 12.13 -7.02
CA VAL A 9 -4.29 11.46 -7.38
C VAL A 9 -4.33 11.03 -8.84
N LYS A 10 -5.19 10.06 -9.12
CA LYS A 10 -5.32 9.50 -10.44
C LYS A 10 -6.51 10.12 -11.14
N GLN A 11 -6.41 10.21 -12.45
CA GLN A 11 -7.48 10.75 -13.26
C GLN A 11 -8.79 10.04 -12.98
N GLY A 12 -9.70 10.74 -12.33
CA GLY A 12 -11.01 10.20 -12.06
C GLY A 12 -11.26 10.00 -10.57
N ASP A 13 -10.21 10.15 -9.76
CA ASP A 13 -10.34 10.02 -8.31
C ASP A 13 -11.32 11.04 -7.74
N THR A 14 -11.92 10.72 -6.60
CA THR A 14 -12.90 11.59 -5.98
C THR A 14 -12.66 11.78 -4.49
N LEU A 15 -13.12 12.90 -3.97
CA LEU A 15 -12.83 13.32 -2.60
C LEU A 15 -13.09 12.23 -1.56
N ASN A 16 -14.33 11.75 -1.47
CA ASN A 16 -14.72 10.90 -0.35
C ASN A 16 -13.96 9.59 -0.39
N SER A 17 -13.81 9.10 -1.62
CA SER A 17 -13.15 7.84 -1.89
C SER A 17 -11.73 7.92 -1.40
N ILE A 18 -11.03 8.96 -1.79
CA ILE A 18 -9.64 9.12 -1.50
C ILE A 18 -9.41 9.28 0.00
N ALA A 19 -10.30 10.01 0.66
CA ALA A 19 -10.24 10.20 2.10
C ALA A 19 -10.26 8.87 2.83
N ALA A 20 -11.34 8.13 2.76
CA ALA A 20 -11.39 6.88 3.50
C ALA A 20 -10.65 5.75 2.77
N ASP A 21 -10.17 6.02 1.57
CA ASP A 21 -9.07 5.23 0.99
C ASP A 21 -7.80 5.50 1.79
N PHE A 22 -7.66 6.71 2.34
CA PHE A 22 -6.55 7.01 3.22
C PHE A 22 -6.93 6.88 4.68
N ARG A 23 -8.07 6.26 4.92
CA ARG A 23 -8.54 5.97 6.28
C ARG A 23 -8.66 7.26 7.09
N ILE A 24 -9.32 8.25 6.51
CA ILE A 24 -9.39 9.58 7.10
C ILE A 24 -10.73 10.20 6.74
N SER A 25 -10.90 11.45 7.14
CA SER A 25 -12.07 12.21 6.76
C SER A 25 -11.71 13.13 5.61
N THR A 26 -12.66 13.36 4.73
CA THR A 26 -12.44 14.23 3.59
C THR A 26 -12.10 15.60 4.09
N ALA A 27 -12.78 15.98 5.16
CA ALA A 27 -12.60 17.29 5.76
C ALA A 27 -11.19 17.45 6.31
N ALA A 28 -10.54 16.35 6.72
CA ALA A 28 -9.19 16.46 7.24
C ALA A 28 -8.22 16.57 6.09
N LEU A 29 -8.50 15.83 5.04
CA LEU A 29 -7.70 15.90 3.85
C LEU A 29 -7.99 17.21 3.11
N LEU A 30 -9.11 17.81 3.44
CA LEU A 30 -9.46 19.13 2.95
C LEU A 30 -8.75 20.23 3.72
N GLN A 31 -8.66 20.02 5.02
CA GLN A 31 -8.07 21.00 5.92
C GLN A 31 -6.65 21.28 5.49
N ALA A 32 -5.99 20.21 5.16
CA ALA A 32 -4.63 20.25 4.69
C ALA A 32 -4.56 20.58 3.22
N ASN A 33 -5.68 20.44 2.50
CA ASN A 33 -5.70 20.61 1.04
C ASN A 33 -7.01 21.24 0.62
N PRO A 34 -7.18 22.53 0.91
CA PRO A 34 -8.37 23.31 0.56
C PRO A 34 -8.72 23.30 -0.92
N SER A 35 -7.85 22.78 -1.76
CA SER A 35 -8.17 22.60 -3.15
C SER A 35 -9.28 21.57 -3.33
N LEU A 36 -9.22 20.55 -2.49
CA LEU A 36 -10.03 19.36 -2.63
C LEU A 36 -11.48 19.52 -2.21
N GLN A 37 -11.85 20.67 -1.63
CA GLN A 37 -13.23 20.84 -1.15
C GLN A 37 -14.19 20.48 -2.23
N ALA A 38 -13.81 20.88 -3.40
CA ALA A 38 -14.58 20.65 -4.57
C ALA A 38 -14.29 19.27 -5.15
N GLY A 39 -13.01 18.92 -5.24
CA GLY A 39 -12.62 17.63 -5.73
C GLY A 39 -11.14 17.43 -5.86
N LEU A 40 -10.81 16.39 -6.57
CA LEU A 40 -9.44 16.00 -6.83
C LEU A 40 -9.14 16.07 -8.33
N THR A 41 -7.87 16.17 -8.65
CA THR A 41 -7.43 16.28 -10.03
C THR A 41 -6.25 15.35 -10.30
N ALA A 42 -6.30 14.63 -11.41
CA ALA A 42 -5.19 13.78 -11.83
C ALA A 42 -3.84 14.47 -11.79
N GLY A 43 -2.90 13.81 -11.14
CA GLY A 43 -1.55 14.30 -11.04
C GLY A 43 -1.41 15.32 -9.94
N GLN A 44 -2.53 15.79 -9.44
CA GLN A 44 -2.54 16.68 -8.30
C GLN A 44 -2.00 15.97 -7.09
N SER A 45 -1.43 16.75 -6.23
CA SER A 45 -0.71 16.26 -5.08
C SER A 45 -1.39 16.76 -3.82
N ILE A 46 -1.59 15.87 -2.87
CA ILE A 46 -2.32 16.21 -1.67
C ILE A 46 -1.62 15.66 -0.45
N VAL A 47 -1.76 16.39 0.64
CA VAL A 47 -1.18 15.97 1.91
C VAL A 47 -2.19 15.20 2.72
N ILE A 48 -1.68 14.28 3.52
CA ILE A 48 -2.50 13.42 4.32
C ILE A 48 -2.21 13.68 5.78
N PRO A 49 -2.94 14.62 6.36
CA PRO A 49 -2.70 15.06 7.72
C PRO A 49 -2.91 13.94 8.74
N GLY A 50 -2.05 13.93 9.74
CA GLY A 50 -2.07 12.87 10.73
C GLY A 50 -1.33 11.63 10.27
N LEU A 51 -0.91 11.62 9.02
CA LEU A 51 -0.13 10.54 8.47
C LEU A 51 1.25 11.06 8.10
N PRO A 52 2.33 10.44 8.63
CA PRO A 52 3.73 10.86 8.42
C PRO A 52 4.19 10.74 6.97
N ASP A 53 5.40 11.23 6.73
CA ASP A 53 5.95 11.39 5.39
C ASP A 53 6.81 10.21 4.98
N PRO A 54 6.64 9.77 3.73
CA PRO A 54 7.30 8.57 3.22
C PRO A 54 8.73 8.82 2.74
N TYR A 55 9.13 10.09 2.70
CA TYR A 55 10.47 10.44 2.22
C TYR A 55 11.44 10.58 3.39
N THR A 56 10.90 10.83 4.56
CA THR A 56 11.69 10.80 5.79
C THR A 56 11.76 9.36 6.29
N ILE A 57 10.99 8.51 5.63
CA ILE A 57 11.00 7.08 5.88
C ILE A 57 11.92 6.37 4.89
N PRO A 58 12.87 5.54 5.35
CA PRO A 58 13.60 4.68 4.45
C PRO A 58 13.06 3.26 4.52
N TYR A 59 12.21 2.95 3.61
CA TYR A 59 11.70 1.61 3.37
C TYR A 59 11.21 1.55 1.94
N HIS A 60 11.61 0.54 1.18
CA HIS A 60 11.45 0.53 -0.26
C HIS A 60 10.93 -0.85 -0.64
N ILE A 61 9.66 -0.90 -0.93
CA ILE A 61 9.02 -2.18 -1.23
C ILE A 61 9.00 -2.42 -2.72
N ALA A 62 9.75 -3.42 -3.14
CA ALA A 62 9.86 -3.75 -4.54
C ALA A 62 9.24 -5.10 -4.82
N VAL A 63 8.02 -5.05 -5.26
CA VAL A 63 7.28 -6.26 -5.58
C VAL A 63 6.89 -6.27 -7.04
N SER A 64 7.56 -7.06 -7.81
CA SER A 64 7.29 -7.14 -9.20
C SER A 64 6.45 -8.37 -9.50
N ILE A 65 5.31 -8.20 -10.16
CA ILE A 65 4.57 -9.30 -10.75
C ILE A 65 5.50 -10.21 -11.54
N GLY A 66 6.50 -9.60 -12.17
CA GLY A 66 7.49 -10.38 -12.88
C GLY A 66 8.37 -11.17 -11.92
N ALA A 67 8.87 -10.48 -10.91
CA ALA A 67 9.70 -11.08 -9.87
C ALA A 67 8.92 -12.05 -8.99
N LYS A 68 7.61 -11.82 -8.92
CA LYS A 68 6.70 -12.61 -8.12
C LYS A 68 7.12 -12.68 -6.64
N THR A 69 7.96 -11.74 -6.25
CA THR A 69 8.35 -11.60 -4.86
C THR A 69 8.44 -10.13 -4.47
N LEU A 70 7.97 -9.87 -3.27
CA LEU A 70 7.95 -8.55 -2.70
C LEU A 70 9.17 -8.36 -1.82
N THR A 71 10.01 -7.42 -2.17
CA THR A 71 11.25 -7.23 -1.44
C THR A 71 11.14 -6.08 -0.47
N LEU A 72 11.41 -6.35 0.80
CA LEU A 72 11.41 -5.28 1.77
C LEU A 72 12.78 -4.64 1.68
N SER A 73 12.90 -3.34 1.59
CA SER A 73 14.24 -2.75 1.50
C SER A 73 14.39 -1.52 2.38
N LEU A 74 15.47 -1.51 3.16
CA LEU A 74 15.81 -0.38 3.98
C LEU A 74 17.10 0.25 3.52
N ASN A 75 17.09 1.54 3.27
CA ASN A 75 18.31 2.27 2.97
C ASN A 75 18.92 1.74 1.67
N ASN A 76 18.03 1.37 0.75
CA ASN A 76 18.38 0.88 -0.59
C ASN A 76 18.82 -0.58 -0.58
N ARG A 77 18.83 -1.20 0.59
CA ARG A 77 19.08 -2.64 0.60
C ARG A 77 18.07 -3.43 1.41
N VAL A 78 17.72 -4.57 0.83
CA VAL A 78 16.65 -5.43 1.31
C VAL A 78 16.77 -5.79 2.78
N MET A 79 15.61 -5.99 3.34
CA MET A 79 15.42 -6.44 4.69
C MET A 79 15.09 -7.91 4.65
N LYS A 80 14.24 -8.21 3.69
CA LYS A 80 13.70 -9.56 3.47
C LYS A 80 12.82 -9.57 2.23
N THR A 81 12.58 -10.76 1.67
CA THR A 81 11.71 -10.88 0.50
C THR A 81 10.56 -11.85 0.81
N TYR A 82 9.33 -11.46 0.47
CA TYR A 82 8.17 -12.29 0.75
C TYR A 82 7.45 -12.64 -0.55
N PRO A 83 6.69 -13.75 -0.56
CA PRO A 83 5.93 -14.18 -1.72
C PRO A 83 4.60 -13.46 -1.84
N ILE A 84 4.19 -13.16 -3.06
CA ILE A 84 2.89 -12.53 -3.30
C ILE A 84 2.26 -13.09 -4.57
N ALA A 85 1.02 -12.70 -4.84
CA ALA A 85 0.34 -13.11 -6.08
C ALA A 85 0.65 -12.13 -7.21
N VAL A 86 0.66 -12.64 -8.44
CA VAL A 86 1.13 -11.88 -9.61
C VAL A 86 0.17 -12.07 -10.79
N GLY A 87 -0.94 -12.75 -10.55
CA GLY A 87 -1.84 -13.11 -11.63
C GLY A 87 -3.13 -12.32 -11.61
N LYS A 88 -3.03 -11.04 -11.95
CA LYS A 88 -4.19 -10.18 -12.07
C LYS A 88 -3.81 -8.95 -12.88
N ILE A 89 -4.78 -8.33 -13.55
CA ILE A 89 -4.52 -7.17 -14.40
C ILE A 89 -3.69 -7.58 -15.61
N LEU A 90 -4.35 -7.86 -16.72
CA LEU A 90 -3.66 -8.36 -17.91
C LEU A 90 -3.39 -7.23 -18.90
N THR A 91 -3.66 -6.00 -18.50
CA THR A 91 -3.42 -4.86 -19.35
C THR A 91 -1.93 -4.55 -19.44
N GLN A 92 -1.38 -4.02 -18.36
CA GLN A 92 0.02 -3.65 -18.30
C GLN A 92 0.51 -3.75 -16.86
N THR A 93 1.60 -3.05 -16.55
CA THR A 93 2.01 -2.89 -15.17
C THR A 93 0.90 -2.17 -14.39
N PRO A 94 0.40 -2.80 -13.31
CA PRO A 94 -0.77 -2.31 -12.57
C PRO A 94 -0.79 -0.80 -12.34
N THR A 95 0.17 -0.32 -11.57
CA THR A 95 0.26 1.10 -11.28
C THR A 95 1.71 1.46 -10.98
N GLY A 96 1.96 2.67 -10.51
CA GLY A 96 3.31 3.06 -10.16
C GLY A 96 3.65 2.67 -8.73
N GLU A 97 3.68 3.66 -7.85
CA GLU A 97 4.04 3.42 -6.46
C GLU A 97 2.86 3.65 -5.53
N PHE A 98 2.87 2.92 -4.44
CA PHE A 98 1.87 3.07 -3.38
C PHE A 98 2.60 3.31 -2.08
N TYR A 99 1.86 3.50 -1.00
CA TYR A 99 2.46 3.59 0.31
C TYR A 99 1.70 2.72 1.30
N ILE A 100 2.46 2.01 2.13
CA ILE A 100 1.90 1.39 3.33
C ILE A 100 1.29 2.47 4.16
N ILE A 101 0.00 2.41 4.37
CA ILE A 101 -0.66 3.47 5.09
C ILE A 101 -0.97 3.07 6.53
N ASN A 102 -1.29 1.79 6.79
CA ASN A 102 -1.68 1.43 8.14
C ASN A 102 -1.69 -0.08 8.39
N ARG A 103 -2.09 -0.35 9.62
CA ARG A 103 -2.17 -1.69 10.18
C ARG A 103 -3.18 -1.73 11.31
N GLN A 104 -4.07 -2.70 11.27
CA GLN A 104 -5.17 -2.78 12.20
C GLN A 104 -4.92 -3.83 13.24
N ARG A 105 -5.55 -3.60 14.35
CA ARG A 105 -5.52 -4.52 15.45
C ARG A 105 -5.90 -5.92 15.05
N ASN A 106 -5.36 -6.83 15.83
CA ASN A 106 -5.61 -8.24 15.73
C ASN A 106 -7.10 -8.50 15.56
N PRO A 107 -7.45 -8.96 14.35
CA PRO A 107 -8.82 -9.28 13.99
C PRO A 107 -9.47 -10.24 14.96
N GLY A 108 -8.76 -11.32 15.23
CA GLY A 108 -9.23 -12.31 16.19
C GLY A 108 -9.59 -13.63 15.53
N GLY A 109 -9.82 -13.60 14.23
CA GLY A 109 -10.23 -14.79 13.51
C GLY A 109 -9.44 -14.98 12.23
N PRO A 110 -9.87 -15.92 11.38
CA PRO A 110 -9.25 -16.23 10.07
C PRO A 110 -9.29 -15.07 9.07
N PHE A 111 -9.12 -13.86 9.55
CA PHE A 111 -9.11 -12.68 8.71
C PHE A 111 -7.72 -12.51 8.09
N GLY A 112 -6.75 -13.17 8.69
CA GLY A 112 -5.39 -13.17 8.15
C GLY A 112 -4.44 -12.26 8.88
N ALA A 113 -4.36 -12.41 10.20
CA ALA A 113 -3.27 -11.86 11.02
C ALA A 113 -3.30 -10.34 11.16
N TYR A 114 -3.16 -9.64 10.06
CA TYR A 114 -3.01 -8.19 10.09
C TYR A 114 -3.76 -7.57 8.91
N TRP A 115 -4.45 -6.47 9.16
CA TRP A 115 -5.01 -5.68 8.07
C TRP A 115 -4.08 -4.51 7.78
N LEU A 116 -3.26 -4.66 6.75
CA LEU A 116 -2.42 -3.56 6.31
C LEU A 116 -2.89 -3.03 4.97
N SER A 117 -2.95 -1.72 4.87
CA SER A 117 -3.48 -1.06 3.70
C SER A 117 -2.38 -0.42 2.86
N LEU A 118 -2.62 -0.37 1.56
CA LEU A 118 -1.74 0.30 0.61
C LEU A 118 -2.36 1.65 0.25
N SER A 119 -1.78 2.36 -0.70
CA SER A 119 -2.27 3.70 -1.03
C SER A 119 -3.40 3.66 -2.07
N LYS A 120 -3.05 3.51 -3.33
CA LYS A 120 -4.03 3.63 -4.41
C LYS A 120 -3.99 2.44 -5.35
N GLN A 121 -5.09 2.23 -6.08
CA GLN A 121 -5.18 1.27 -7.20
C GLN A 121 -4.65 -0.11 -6.83
N HIS A 122 -5.55 -1.02 -6.44
CA HIS A 122 -5.17 -2.36 -6.01
C HIS A 122 -4.29 -2.26 -4.78
N TYR A 123 -4.83 -1.62 -3.76
CA TYR A 123 -4.05 -1.25 -2.60
C TYR A 123 -4.20 -2.24 -1.45
N GLY A 124 -3.27 -3.19 -1.36
CA GLY A 124 -3.28 -4.12 -0.26
C GLY A 124 -1.92 -4.74 0.05
N ILE A 125 -1.73 -5.03 1.33
CA ILE A 125 -0.68 -5.92 1.81
C ILE A 125 -1.24 -6.61 3.04
N HIS A 126 -1.53 -7.88 2.92
CA HIS A 126 -2.33 -8.52 3.95
C HIS A 126 -1.75 -9.88 4.33
N GLY A 127 -2.43 -10.52 5.26
CA GLY A 127 -2.05 -11.85 5.67
C GLY A 127 -3.20 -12.81 5.52
N THR A 128 -2.93 -14.07 5.80
CA THR A 128 -3.86 -15.13 5.46
C THR A 128 -3.80 -16.26 6.46
N ASN A 129 -4.74 -17.19 6.33
CA ASN A 129 -4.67 -18.46 7.01
C ASN A 129 -4.20 -19.53 6.04
N ASN A 130 -4.24 -19.20 4.76
CA ASN A 130 -3.76 -20.11 3.71
C ASN A 130 -2.73 -19.39 2.85
N PRO A 131 -1.44 -19.66 3.09
CA PRO A 131 -0.36 -19.08 2.31
C PRO A 131 0.03 -19.94 1.11
N ALA A 132 -0.71 -21.02 0.88
CA ALA A 132 -0.32 -22.01 -0.09
C ALA A 132 -0.75 -21.59 -1.50
N SER A 133 -1.36 -20.41 -1.59
CA SER A 133 -1.70 -19.81 -2.87
C SER A 133 -0.84 -18.56 -3.08
N ILE A 134 -0.02 -18.26 -2.08
CA ILE A 134 0.79 -17.06 -2.07
C ILE A 134 2.17 -17.35 -2.65
N GLY A 135 2.56 -16.55 -3.63
CA GLY A 135 3.87 -16.71 -4.22
C GLY A 135 3.90 -17.79 -5.28
N LYS A 136 4.93 -18.63 -5.23
CA LYS A 136 5.06 -19.72 -6.20
C LYS A 136 4.09 -20.85 -5.88
N ALA A 137 2.88 -20.72 -6.41
CA ALA A 137 1.84 -21.71 -6.19
C ALA A 137 0.77 -21.58 -7.26
N VAL A 138 0.11 -20.43 -7.28
CA VAL A 138 -0.89 -20.14 -8.29
C VAL A 138 -0.69 -18.72 -8.83
N SER A 139 -1.43 -18.38 -9.86
CA SER A 139 -1.35 -17.05 -10.43
C SER A 139 -2.37 -16.11 -9.77
N LYS A 140 -3.65 -16.47 -9.87
CA LYS A 140 -4.72 -15.65 -9.34
C LYS A 140 -4.75 -15.68 -7.81
N GLY A 141 -5.01 -14.54 -7.22
CA GLY A 141 -5.08 -14.45 -5.77
C GLY A 141 -4.83 -13.04 -5.28
N CYS A 142 -4.97 -12.82 -3.98
CA CYS A 142 -4.77 -11.50 -3.42
C CYS A 142 -3.39 -11.37 -2.81
N ILE A 143 -2.93 -10.14 -2.64
CA ILE A 143 -1.60 -9.90 -2.07
C ILE A 143 -1.61 -10.13 -0.56
N ARG A 144 -1.51 -11.40 -0.19
CA ARG A 144 -1.44 -11.81 1.21
C ARG A 144 -0.12 -12.52 1.46
N MET A 145 0.16 -12.79 2.73
CA MET A 145 1.40 -13.44 3.13
C MET A 145 1.19 -14.31 4.35
N HIS A 146 2.26 -14.95 4.79
CA HIS A 146 2.22 -15.76 6.00
C HIS A 146 2.12 -14.84 7.20
N ASN A 147 1.42 -15.27 8.25
CA ASN A 147 1.10 -14.40 9.38
C ASN A 147 2.34 -13.67 9.92
N LYS A 148 3.27 -14.39 10.52
CA LYS A 148 4.41 -13.73 11.14
C LYS A 148 5.24 -12.93 10.13
N ASP A 149 5.13 -13.32 8.87
CA ASP A 149 5.84 -12.64 7.78
C ASP A 149 5.21 -11.28 7.49
N VAL A 150 3.87 -11.23 7.50
CA VAL A 150 3.16 -9.97 7.28
C VAL A 150 3.24 -9.10 8.52
N ILE A 151 3.56 -9.70 9.68
CA ILE A 151 3.78 -8.94 10.91
C ILE A 151 5.24 -8.47 11.01
N GLU A 152 6.22 -9.28 10.61
CA GLU A 152 7.56 -8.76 10.33
C GLU A 152 7.52 -7.48 9.52
N LEU A 153 7.12 -7.59 8.26
CA LEU A 153 7.00 -6.43 7.38
C LEU A 153 6.22 -5.33 8.07
N ALA A 154 5.13 -5.74 8.70
CA ALA A 154 4.14 -4.83 9.26
C ALA A 154 4.75 -3.81 10.20
N SER A 155 5.46 -4.34 11.19
CA SER A 155 5.97 -3.53 12.28
C SER A 155 7.21 -2.76 11.84
N ILE A 156 7.79 -3.15 10.72
CA ILE A 156 8.97 -2.49 10.21
C ILE A 156 8.57 -1.38 9.25
N VAL A 157 7.67 -1.70 8.35
CA VAL A 157 7.17 -0.71 7.41
C VAL A 157 6.18 0.23 8.08
N PRO A 158 6.51 1.53 8.08
CA PRO A 158 5.72 2.54 8.75
C PRO A 158 4.55 3.03 7.90
N ASN A 159 3.81 3.98 8.46
CA ASN A 159 2.58 4.50 7.84
C ASN A 159 2.83 5.19 6.50
N GLY A 160 4.06 5.15 6.00
CA GLY A 160 4.35 5.73 4.70
C GLY A 160 5.45 4.98 3.96
N THR A 161 5.27 3.68 3.80
CA THR A 161 6.26 2.87 3.10
C THR A 161 5.98 2.82 1.61
N ARG A 162 6.98 3.06 0.80
CA ARG A 162 6.77 3.10 -0.64
C ARG A 162 6.85 1.70 -1.22
N VAL A 163 5.95 1.42 -2.14
CA VAL A 163 5.83 0.08 -2.71
C VAL A 163 5.40 0.15 -4.17
N THR A 164 6.14 -0.54 -5.03
CA THR A 164 5.86 -0.56 -6.44
C THR A 164 5.39 -1.94 -6.90
N ILE A 165 4.30 -1.98 -7.67
CA ILE A 165 3.92 -3.27 -8.25
C ILE A 165 3.95 -3.21 -9.77
N ASN A 166 4.92 -3.91 -10.34
CA ASN A 166 5.22 -3.82 -11.75
C ASN A 166 5.61 -5.18 -12.28
N ARG A 167 5.18 -5.46 -13.48
CA ARG A 167 5.40 -6.75 -14.10
C ARG A 167 6.67 -6.77 -14.94
N GLY A 168 6.99 -5.62 -15.55
CA GLY A 168 8.25 -5.48 -16.27
C GLY A 168 8.25 -6.16 -17.62
N SER A 169 8.04 -7.47 -17.61
CA SER A 169 8.05 -8.26 -18.84
C SER A 169 6.68 -8.22 -19.50
N GLY A 1 8.09 13.80 16.02
CA GLY A 1 7.34 14.52 14.97
C GLY A 1 8.10 14.57 13.67
N ARG A 2 7.41 14.28 12.57
CA ARG A 2 8.02 14.31 11.25
C ARG A 2 7.10 14.98 10.25
N LYS A 3 7.57 15.06 9.01
CA LYS A 3 6.75 15.52 7.90
C LYS A 3 5.55 14.60 7.71
N LEU A 4 4.49 15.12 7.13
CA LEU A 4 3.33 14.32 6.80
C LEU A 4 3.39 13.79 5.37
N LEU A 5 2.52 12.84 5.05
CA LEU A 5 2.57 12.08 3.80
C LEU A 5 2.04 12.88 2.64
N THR A 6 2.55 12.58 1.47
CA THR A 6 1.99 13.08 0.25
C THR A 6 1.45 11.96 -0.65
N TYR A 7 0.43 12.32 -1.42
CA TYR A 7 -0.26 11.45 -2.36
C TYR A 7 -0.42 12.20 -3.67
N GLN A 8 -0.44 11.50 -4.77
CA GLN A 8 -0.69 12.13 -6.06
C GLN A 8 -1.77 11.32 -6.74
N VAL A 9 -2.91 11.93 -6.95
CA VAL A 9 -4.12 11.25 -7.31
C VAL A 9 -4.11 10.78 -8.76
N LYS A 10 -4.91 9.77 -9.03
CA LYS A 10 -4.98 9.17 -10.35
C LYS A 10 -6.23 9.66 -11.04
N GLN A 11 -6.16 9.76 -12.35
CA GLN A 11 -7.29 10.24 -13.13
C GLN A 11 -8.55 9.46 -12.81
N GLY A 12 -9.54 10.19 -12.30
CA GLY A 12 -10.81 9.58 -11.99
C GLY A 12 -11.06 9.47 -10.50
N ASP A 13 -10.03 9.74 -9.70
CA ASP A 13 -10.16 9.73 -8.25
C ASP A 13 -11.16 10.79 -7.75
N THR A 14 -11.85 10.46 -6.66
CA THR A 14 -12.87 11.35 -6.08
C THR A 14 -12.63 11.60 -4.60
N LEU A 15 -13.04 12.78 -4.16
CA LEU A 15 -12.76 13.25 -2.80
C LEU A 15 -13.04 12.21 -1.71
N ASN A 16 -14.28 11.74 -1.60
CA ASN A 16 -14.68 10.89 -0.49
C ASN A 16 -13.92 9.57 -0.53
N SER A 17 -13.77 9.11 -1.76
CA SER A 17 -13.11 7.87 -2.08
C SER A 17 -11.66 7.88 -1.65
N ILE A 18 -11.01 9.00 -1.86
CA ILE A 18 -9.62 9.21 -1.52
C ILE A 18 -9.40 9.42 -0.03
N ALA A 19 -10.29 10.16 0.60
CA ALA A 19 -10.23 10.37 2.04
C ALA A 19 -10.24 9.06 2.78
N ALA A 20 -11.29 8.28 2.66
CA ALA A 20 -11.30 7.00 3.33
C ALA A 20 -10.50 5.95 2.56
N ASP A 21 -10.03 6.32 1.38
CA ASP A 21 -8.88 5.62 0.78
C ASP A 21 -7.68 5.82 1.68
N PHE A 22 -7.60 6.96 2.34
CA PHE A 22 -6.56 7.21 3.30
C PHE A 22 -7.05 7.06 4.74
N ARG A 23 -8.20 6.41 4.88
CA ARG A 23 -8.79 6.12 6.18
C ARG A 23 -8.93 7.39 7.02
N ILE A 24 -9.55 8.41 6.45
CA ILE A 24 -9.62 9.73 7.07
C ILE A 24 -10.94 10.39 6.68
N SER A 25 -11.06 11.66 7.03
CA SER A 25 -12.17 12.47 6.58
C SER A 25 -11.77 13.29 5.39
N THR A 26 -12.72 13.53 4.50
CA THR A 26 -12.48 14.37 3.36
C THR A 26 -12.15 15.76 3.84
N ALA A 27 -12.82 16.13 4.92
CA ALA A 27 -12.65 17.42 5.54
C ALA A 27 -11.26 17.58 6.13
N ALA A 28 -10.62 16.47 6.53
CA ALA A 28 -9.28 16.56 7.10
C ALA A 28 -8.26 16.66 5.99
N LEU A 29 -8.51 15.91 4.92
CA LEU A 29 -7.67 15.96 3.75
C LEU A 29 -7.94 17.26 3.00
N LEU A 30 -9.07 17.88 3.28
CA LEU A 30 -9.39 19.20 2.78
C LEU A 30 -8.70 20.29 3.58
N GLN A 31 -8.65 20.06 4.89
CA GLN A 31 -8.10 21.06 5.81
C GLN A 31 -6.66 21.31 5.49
N ALA A 32 -5.99 20.25 5.17
CA ALA A 32 -4.61 20.29 4.75
C ALA A 32 -4.47 20.62 3.28
N ASN A 33 -5.53 20.43 2.51
CA ASN A 33 -5.49 20.58 1.06
C ASN A 33 -6.77 21.22 0.57
N PRO A 34 -6.95 22.51 0.85
CA PRO A 34 -8.13 23.27 0.43
C PRO A 34 -8.35 23.27 -1.07
N SER A 35 -7.41 22.80 -1.86
CA SER A 35 -7.65 22.65 -3.29
C SER A 35 -8.79 21.65 -3.53
N LEU A 36 -8.84 20.67 -2.65
CA LEU A 36 -9.73 19.54 -2.79
C LEU A 36 -11.17 19.82 -2.39
N GLN A 37 -11.49 21.02 -1.86
CA GLN A 37 -12.88 21.29 -1.46
C GLN A 37 -13.82 20.91 -2.55
N ALA A 38 -13.39 21.22 -3.73
CA ALA A 38 -14.14 20.92 -4.91
C ALA A 38 -13.89 19.50 -5.40
N GLY A 39 -12.62 19.11 -5.45
CA GLY A 39 -12.30 17.78 -5.90
C GLY A 39 -10.83 17.51 -6.01
N LEU A 40 -10.56 16.43 -6.71
CA LEU A 40 -9.22 15.96 -6.97
C LEU A 40 -8.92 15.99 -8.46
N THR A 41 -7.65 15.99 -8.80
CA THR A 41 -7.21 16.02 -10.18
C THR A 41 -6.04 15.08 -10.40
N ALA A 42 -6.09 14.30 -11.48
CA ALA A 42 -4.99 13.42 -11.85
C ALA A 42 -3.65 14.13 -11.83
N GLY A 43 -2.71 13.49 -11.14
CA GLY A 43 -1.37 14.01 -11.02
C GLY A 43 -1.25 15.06 -9.94
N GLN A 44 -2.39 15.53 -9.46
CA GLN A 44 -2.40 16.45 -8.35
C GLN A 44 -1.89 15.76 -7.10
N SER A 45 -1.31 16.55 -6.25
CA SER A 45 -0.59 16.08 -5.10
C SER A 45 -1.27 16.56 -3.85
N ILE A 46 -1.47 15.69 -2.89
CA ILE A 46 -2.21 16.05 -1.69
C ILE A 46 -1.50 15.53 -0.46
N VAL A 47 -1.65 16.26 0.62
CA VAL A 47 -1.05 15.88 1.88
C VAL A 47 -2.06 15.10 2.70
N ILE A 48 -1.54 14.21 3.52
CA ILE A 48 -2.35 13.34 4.32
C ILE A 48 -2.06 13.62 5.78
N PRO A 49 -2.79 14.57 6.34
CA PRO A 49 -2.57 15.04 7.70
C PRO A 49 -2.69 13.94 8.74
N GLY A 50 -1.85 14.01 9.76
CA GLY A 50 -1.82 13.00 10.78
C GLY A 50 -1.05 11.75 10.37
N LEU A 51 -0.63 11.70 9.11
CA LEU A 51 0.16 10.60 8.60
C LEU A 51 1.53 11.13 8.18
N PRO A 52 2.61 10.53 8.69
CA PRO A 52 3.99 10.96 8.40
C PRO A 52 4.42 10.75 6.94
N ASP A 53 5.58 11.30 6.63
CA ASP A 53 6.08 11.38 5.25
C ASP A 53 6.92 10.17 4.89
N PRO A 54 6.73 9.66 3.67
CA PRO A 54 7.35 8.42 3.20
C PRO A 54 8.78 8.60 2.68
N TYR A 55 9.24 9.84 2.63
CA TYR A 55 10.60 10.11 2.16
C TYR A 55 11.57 10.23 3.32
N THR A 56 11.08 10.66 4.47
CA THR A 56 11.87 10.64 5.68
C THR A 56 11.85 9.23 6.26
N ILE A 57 10.88 8.45 5.80
CA ILE A 57 10.82 7.03 6.07
C ILE A 57 11.73 6.31 5.08
N PRO A 58 12.71 5.51 5.54
CA PRO A 58 13.44 4.67 4.63
C PRO A 58 12.92 3.25 4.72
N TYR A 59 12.02 2.95 3.84
CA TYR A 59 11.48 1.62 3.62
C TYR A 59 10.90 1.62 2.22
N HIS A 60 11.24 0.64 1.41
CA HIS A 60 10.99 0.71 -0.01
C HIS A 60 10.40 -0.64 -0.41
N ILE A 61 9.13 -0.67 -0.66
CA ILE A 61 8.47 -1.92 -0.99
C ILE A 61 8.40 -2.12 -2.49
N ALA A 62 9.18 -3.09 -2.97
CA ALA A 62 9.25 -3.36 -4.37
C ALA A 62 8.66 -4.72 -4.68
N VAL A 63 7.40 -4.69 -5.02
CA VAL A 63 6.70 -5.91 -5.35
C VAL A 63 6.18 -5.86 -6.77
N SER A 64 6.93 -6.44 -7.64
CA SER A 64 6.50 -6.57 -8.98
C SER A 64 5.72 -7.86 -9.10
N ILE A 65 4.42 -7.74 -9.32
CA ILE A 65 3.59 -8.86 -9.65
C ILE A 65 4.30 -9.76 -10.65
N GLY A 66 4.93 -9.17 -11.66
CA GLY A 66 5.72 -9.96 -12.58
C GLY A 66 6.80 -10.75 -11.86
N ALA A 67 7.50 -10.08 -10.96
CA ALA A 67 8.55 -10.70 -10.14
C ALA A 67 7.98 -11.72 -9.14
N LYS A 68 6.70 -11.55 -8.81
CA LYS A 68 6.00 -12.43 -7.86
C LYS A 68 6.59 -12.38 -6.47
N THR A 69 7.44 -11.41 -6.20
CA THR A 69 7.98 -11.25 -4.88
C THR A 69 8.11 -9.79 -4.51
N LEU A 70 7.76 -9.54 -3.27
CA LEU A 70 7.75 -8.23 -2.67
C LEU A 70 9.01 -8.03 -1.87
N THR A 71 9.80 -7.03 -2.22
CA THR A 71 11.06 -6.84 -1.56
C THR A 71 10.99 -5.73 -0.54
N LEU A 72 11.32 -6.04 0.69
CA LEU A 72 11.34 -5.00 1.69
C LEU A 72 12.71 -4.34 1.57
N SER A 73 12.84 -3.04 1.47
CA SER A 73 14.19 -2.47 1.41
C SER A 73 14.36 -1.20 2.22
N LEU A 74 15.41 -1.22 3.05
CA LEU A 74 15.72 -0.13 3.94
C LEU A 74 17.03 0.51 3.54
N ASN A 75 17.00 1.83 3.36
CA ASN A 75 18.24 2.57 3.15
C ASN A 75 18.92 2.11 1.85
N ASN A 76 18.06 1.79 0.86
CA ASN A 76 18.49 1.39 -0.48
C ASN A 76 18.91 -0.08 -0.54
N ARG A 77 18.86 -0.78 0.59
CA ARG A 77 19.06 -2.22 0.53
C ARG A 77 18.01 -3.03 1.28
N VAL A 78 17.63 -4.12 0.62
CA VAL A 78 16.59 -5.01 1.09
C VAL A 78 16.76 -5.45 2.53
N MET A 79 15.63 -5.68 3.10
CA MET A 79 15.49 -6.21 4.42
C MET A 79 15.24 -7.68 4.30
N LYS A 80 14.33 -7.97 3.38
CA LYS A 80 13.88 -9.32 3.10
C LYS A 80 12.87 -9.32 1.96
N THR A 81 12.71 -10.45 1.29
CA THR A 81 11.76 -10.56 0.18
C THR A 81 10.64 -11.55 0.52
N TYR A 82 9.40 -11.16 0.29
CA TYR A 82 8.25 -11.97 0.62
C TYR A 82 7.49 -12.37 -0.64
N PRO A 83 6.88 -13.56 -0.67
CA PRO A 83 6.08 -14.00 -1.80
C PRO A 83 4.64 -13.53 -1.68
N ILE A 84 4.05 -13.16 -2.81
CA ILE A 84 2.69 -12.63 -2.81
C ILE A 84 1.85 -13.25 -3.94
N ALA A 85 0.60 -12.81 -4.10
CA ALA A 85 -0.29 -13.36 -5.14
C ALA A 85 -0.08 -12.66 -6.47
N VAL A 86 0.02 -13.47 -7.52
CA VAL A 86 0.32 -12.97 -8.87
C VAL A 86 -0.31 -13.87 -9.94
N GLY A 87 -0.52 -13.31 -11.13
CA GLY A 87 -0.91 -14.11 -12.28
C GLY A 87 0.27 -14.86 -12.88
N LYS A 88 0.72 -14.43 -14.06
CA LYS A 88 1.79 -15.14 -14.76
C LYS A 88 2.74 -14.19 -15.52
N ILE A 89 2.22 -13.07 -16.01
CA ILE A 89 3.01 -12.14 -16.83
C ILE A 89 4.17 -11.51 -16.05
N LEU A 90 5.06 -10.80 -16.77
CA LEU A 90 6.28 -10.26 -16.18
C LEU A 90 6.73 -8.96 -16.87
N THR A 91 6.10 -7.84 -16.52
CA THR A 91 6.52 -6.52 -16.99
C THR A 91 6.00 -5.40 -16.06
N GLN A 92 4.89 -4.76 -16.41
CA GLN A 92 4.35 -3.65 -15.61
C GLN A 92 2.82 -3.72 -15.48
N THR A 93 2.29 -3.13 -14.41
CA THR A 93 0.85 -3.01 -14.22
C THR A 93 0.30 -1.96 -15.20
N PRO A 94 -1.02 -1.75 -15.24
CA PRO A 94 -1.57 -0.55 -15.87
C PRO A 94 -1.03 0.70 -15.17
N THR A 95 -1.45 0.88 -13.92
CA THR A 95 -0.91 1.93 -13.05
C THR A 95 -1.13 1.50 -11.59
N GLY A 96 -0.08 1.38 -10.80
CA GLY A 96 -0.26 0.89 -9.45
C GLY A 96 0.87 1.24 -8.49
N GLU A 97 0.79 2.41 -7.88
CA GLU A 97 1.66 2.75 -6.76
C GLU A 97 0.82 3.14 -5.56
N PHE A 98 1.15 2.55 -4.43
CA PHE A 98 0.42 2.80 -3.20
C PHE A 98 1.37 3.16 -2.07
N TYR A 99 0.82 3.31 -0.88
CA TYR A 99 1.61 3.48 0.32
C TYR A 99 1.04 2.65 1.45
N ILE A 100 1.92 2.02 2.22
CA ILE A 100 1.53 1.40 3.48
C ILE A 100 0.97 2.47 4.37
N ILE A 101 -0.28 2.33 4.75
CA ILE A 101 -0.89 3.36 5.56
C ILE A 101 -1.25 2.87 6.95
N ASN A 102 -1.41 1.55 7.16
CA ASN A 102 -1.82 1.10 8.47
C ASN A 102 -1.69 -0.42 8.69
N ARG A 103 -2.05 -0.75 9.90
CA ARG A 103 -2.09 -2.12 10.41
C ARG A 103 -3.15 -2.26 11.50
N GLN A 104 -3.96 -3.31 11.36
CA GLN A 104 -5.14 -3.51 12.20
C GLN A 104 -4.94 -4.67 13.16
N ARG A 105 -5.51 -4.49 14.32
CA ARG A 105 -5.55 -5.49 15.37
C ARG A 105 -6.12 -6.79 14.86
N ASN A 106 -5.67 -7.89 15.45
CA ASN A 106 -6.12 -9.23 15.08
C ASN A 106 -7.62 -9.29 14.95
N PRO A 107 -8.08 -9.37 13.70
CA PRO A 107 -9.50 -9.48 13.35
C PRO A 107 -10.17 -10.62 14.09
N GLY A 108 -9.52 -11.78 14.02
CA GLY A 108 -10.01 -12.95 14.72
C GLY A 108 -10.43 -14.05 13.79
N GLY A 109 -10.72 -13.70 12.54
CA GLY A 109 -11.15 -14.67 11.56
C GLY A 109 -10.04 -15.05 10.62
N PRO A 110 -10.36 -15.79 9.55
CA PRO A 110 -9.43 -16.13 8.46
C PRO A 110 -8.92 -14.92 7.67
N PHE A 111 -8.82 -13.79 8.35
CA PHE A 111 -8.33 -12.57 7.74
C PHE A 111 -6.83 -12.68 7.51
N GLY A 112 -6.17 -13.40 8.41
CA GLY A 112 -4.77 -13.73 8.22
C GLY A 112 -3.81 -12.87 9.02
N ALA A 113 -3.95 -12.91 10.35
CA ALA A 113 -2.93 -12.37 11.26
C ALA A 113 -2.89 -10.84 11.33
N TYR A 114 -2.95 -10.19 10.19
CA TYR A 114 -2.85 -8.74 10.14
C TYR A 114 -3.63 -8.20 8.95
N TRP A 115 -4.23 -7.03 9.12
CA TRP A 115 -4.75 -6.29 7.99
C TRP A 115 -3.99 -4.99 7.85
N LEU A 116 -3.06 -4.97 6.91
CA LEU A 116 -2.32 -3.75 6.61
C LEU A 116 -2.88 -3.10 5.36
N SER A 117 -3.19 -1.83 5.49
CA SER A 117 -3.84 -1.10 4.43
C SER A 117 -2.84 -0.50 3.45
N LEU A 118 -3.12 -0.69 2.17
CA LEU A 118 -2.39 0.02 1.13
C LEU A 118 -3.13 1.34 0.90
N SER A 119 -2.66 2.16 -0.03
CA SER A 119 -3.35 3.40 -0.32
C SER A 119 -4.69 3.13 -0.99
N LYS A 120 -4.67 2.95 -2.30
CA LYS A 120 -5.90 2.75 -3.05
C LYS A 120 -6.54 1.42 -2.65
N GLN A 121 -7.76 1.50 -2.14
CA GLN A 121 -8.47 0.35 -1.55
C GLN A 121 -8.89 -0.72 -2.56
N HIS A 122 -8.01 -1.05 -3.48
CA HIS A 122 -8.23 -2.18 -4.38
C HIS A 122 -7.20 -3.26 -4.09
N TYR A 123 -6.16 -2.88 -3.36
CA TYR A 123 -5.12 -3.80 -2.94
C TYR A 123 -4.76 -3.54 -1.49
N GLY A 124 -4.31 -4.58 -0.81
CA GLY A 124 -3.90 -4.46 0.58
C GLY A 124 -2.86 -5.50 0.93
N ILE A 125 -1.93 -5.15 1.81
CA ILE A 125 -0.92 -6.08 2.28
C ILE A 125 -1.40 -6.74 3.56
N HIS A 126 -1.51 -8.05 3.55
CA HIS A 126 -2.02 -8.73 4.72
C HIS A 126 -1.53 -10.17 4.78
N GLY A 127 -2.20 -10.95 5.60
CA GLY A 127 -1.82 -12.32 5.78
C GLY A 127 -2.93 -13.29 5.45
N THR A 128 -2.60 -14.56 5.58
CA THR A 128 -3.46 -15.61 5.08
C THR A 128 -3.59 -16.74 6.09
N ASN A 129 -4.46 -17.68 5.78
CA ASN A 129 -4.50 -18.95 6.48
C ASN A 129 -3.89 -20.02 5.59
N ASN A 130 -3.80 -19.70 4.31
CA ASN A 130 -3.18 -20.60 3.34
C ASN A 130 -2.13 -19.86 2.53
N PRO A 131 -0.85 -20.09 2.83
CA PRO A 131 0.26 -19.49 2.11
C PRO A 131 0.75 -20.36 0.95
N ALA A 132 0.07 -21.47 0.70
CA ALA A 132 0.54 -22.44 -0.26
C ALA A 132 0.09 -22.06 -1.66
N SER A 133 -0.92 -21.21 -1.73
CA SER A 133 -1.42 -20.70 -2.99
C SER A 133 -0.65 -19.43 -3.37
N ILE A 134 0.07 -18.90 -2.40
CA ILE A 134 0.81 -17.66 -2.56
C ILE A 134 1.93 -17.81 -3.58
N GLY A 135 1.82 -17.05 -4.67
CA GLY A 135 2.86 -17.05 -5.68
C GLY A 135 2.48 -17.82 -6.94
N LYS A 136 1.81 -18.96 -6.76
CA LYS A 136 1.58 -19.87 -7.87
C LYS A 136 0.10 -20.20 -8.06
N ALA A 137 -0.76 -19.58 -7.27
CA ALA A 137 -2.19 -19.88 -7.33
C ALA A 137 -3.02 -18.66 -6.94
N VAL A 138 -4.33 -18.74 -7.22
CA VAL A 138 -5.28 -17.68 -6.91
C VAL A 138 -4.78 -16.33 -7.43
N SER A 139 -4.78 -16.19 -8.75
CA SER A 139 -4.29 -14.99 -9.40
C SER A 139 -5.34 -13.87 -9.41
N LYS A 140 -6.30 -13.98 -8.50
CA LYS A 140 -7.32 -12.94 -8.36
C LYS A 140 -6.69 -11.67 -7.81
N GLY A 141 -5.87 -11.83 -6.79
CA GLY A 141 -5.27 -10.70 -6.13
C GLY A 141 -5.07 -10.96 -4.66
N CYS A 142 -5.10 -9.89 -3.85
CA CYS A 142 -4.94 -9.98 -2.40
C CYS A 142 -3.48 -10.22 -2.05
N ILE A 143 -2.82 -9.18 -1.58
CA ILE A 143 -1.40 -9.24 -1.28
C ILE A 143 -1.18 -9.78 0.13
N ARG A 144 -1.59 -11.02 0.31
CA ARG A 144 -1.47 -11.69 1.59
C ARG A 144 -0.30 -12.66 1.59
N MET A 145 0.30 -12.87 2.75
CA MET A 145 1.47 -13.74 2.86
C MET A 145 1.40 -14.56 4.13
N HIS A 146 2.51 -15.17 4.49
CA HIS A 146 2.60 -15.97 5.71
C HIS A 146 2.46 -15.05 6.92
N ASN A 147 1.82 -15.54 7.99
CA ASN A 147 1.54 -14.72 9.17
C ASN A 147 2.77 -13.96 9.65
N LYS A 148 3.77 -14.66 10.14
CA LYS A 148 4.93 -14.02 10.73
C LYS A 148 5.68 -13.16 9.71
N ASP A 149 5.52 -13.49 8.44
CA ASP A 149 6.12 -12.73 7.35
C ASP A 149 5.46 -11.35 7.22
N VAL A 150 4.14 -11.32 7.32
CA VAL A 150 3.40 -10.07 7.19
C VAL A 150 3.50 -9.23 8.47
N ILE A 151 3.82 -9.88 9.61
CA ILE A 151 4.03 -9.16 10.87
C ILE A 151 5.47 -8.65 10.95
N GLU A 152 6.46 -9.41 10.52
CA GLU A 152 7.78 -8.86 10.25
C GLU A 152 7.68 -7.54 9.48
N LEU A 153 7.25 -7.63 8.23
CA LEU A 153 7.10 -6.46 7.37
C LEU A 153 6.29 -5.39 8.09
N ALA A 154 5.22 -5.84 8.73
CA ALA A 154 4.22 -4.97 9.34
C ALA A 154 4.85 -3.97 10.29
N SER A 155 5.59 -4.51 11.23
CA SER A 155 6.13 -3.73 12.32
C SER A 155 7.35 -2.93 11.87
N ILE A 156 7.89 -3.26 10.71
CA ILE A 156 9.04 -2.57 10.18
C ILE A 156 8.60 -1.44 9.26
N VAL A 157 7.67 -1.75 8.37
CA VAL A 157 7.13 -0.74 7.48
C VAL A 157 6.13 0.15 8.24
N PRO A 158 6.38 1.46 8.25
CA PRO A 158 5.59 2.40 9.01
C PRO A 158 4.34 2.86 8.26
N ASN A 159 3.60 3.74 8.89
CA ASN A 159 2.33 4.25 8.37
C ASN A 159 2.47 4.96 7.02
N GLY A 160 3.68 5.03 6.48
CA GLY A 160 3.90 5.72 5.22
C GLY A 160 4.97 5.07 4.38
N THR A 161 4.82 3.79 4.09
CA THR A 161 5.80 3.07 3.30
C THR A 161 5.43 3.11 1.83
N ARG A 162 6.42 3.28 0.97
CA ARG A 162 6.19 3.33 -0.46
C ARG A 162 6.16 1.92 -1.04
N VAL A 163 5.18 1.66 -1.88
CA VAL A 163 5.00 0.34 -2.45
C VAL A 163 4.48 0.41 -3.88
N THR A 164 5.17 -0.29 -4.78
CA THR A 164 4.80 -0.32 -6.18
C THR A 164 4.34 -1.73 -6.59
N ILE A 165 3.21 -1.80 -7.29
CA ILE A 165 2.78 -3.10 -7.79
C ILE A 165 2.67 -3.07 -9.30
N ASN A 166 3.50 -3.87 -9.99
CA ASN A 166 3.56 -3.86 -11.44
C ASN A 166 3.78 -5.26 -11.99
N ARG A 167 2.83 -5.66 -12.84
CA ARG A 167 2.66 -7.04 -13.25
C ARG A 167 3.23 -7.41 -14.61
N GLY A 168 2.72 -6.82 -15.68
CA GLY A 168 3.07 -7.30 -16.99
C GLY A 168 1.90 -7.25 -17.95
N SER A 169 0.73 -6.93 -17.42
CA SER A 169 -0.47 -6.82 -18.21
C SER A 169 -1.28 -5.61 -17.75
N GLY A 1 3.77 17.12 14.35
CA GLY A 1 4.83 16.12 14.62
C GLY A 1 5.91 16.13 13.56
N ARG A 2 5.95 15.09 12.75
CA ARG A 2 6.94 14.98 11.68
C ARG A 2 6.38 15.55 10.40
N LYS A 3 7.12 15.36 9.33
CA LYS A 3 6.60 15.57 8.00
C LYS A 3 5.42 14.68 7.76
N LEU A 4 4.43 15.20 7.09
CA LEU A 4 3.23 14.44 6.78
C LEU A 4 3.26 13.89 5.35
N LEU A 5 2.38 12.93 5.08
CA LEU A 5 2.42 12.14 3.86
C LEU A 5 1.91 12.93 2.68
N THR A 6 2.45 12.59 1.53
CA THR A 6 1.91 13.09 0.28
C THR A 6 1.36 11.96 -0.60
N TYR A 7 0.35 12.34 -1.38
CA TYR A 7 -0.34 11.47 -2.32
C TYR A 7 -0.51 12.23 -3.62
N GLN A 8 -0.49 11.53 -4.73
CA GLN A 8 -0.73 12.15 -6.02
C GLN A 8 -1.78 11.33 -6.73
N VAL A 9 -2.92 11.95 -6.96
CA VAL A 9 -4.12 11.27 -7.36
C VAL A 9 -4.10 10.87 -8.83
N LYS A 10 -4.91 9.89 -9.17
CA LYS A 10 -4.93 9.35 -10.50
C LYS A 10 -6.16 9.86 -11.21
N GLN A 11 -6.09 9.94 -12.52
CA GLN A 11 -7.19 10.46 -13.32
C GLN A 11 -8.49 9.73 -13.04
N GLY A 12 -9.39 10.42 -12.39
CA GLY A 12 -10.71 9.87 -12.12
C GLY A 12 -10.98 9.70 -10.64
N ASP A 13 -9.97 9.93 -9.80
CA ASP A 13 -10.13 9.86 -8.35
C ASP A 13 -11.12 10.91 -7.84
N THR A 14 -11.76 10.62 -6.71
CA THR A 14 -12.74 11.53 -6.12
C THR A 14 -12.51 11.73 -4.63
N LEU A 15 -12.97 12.85 -4.12
CA LEU A 15 -12.70 13.29 -2.76
C LEU A 15 -12.97 12.20 -1.71
N ASN A 16 -14.20 11.71 -1.63
CA ASN A 16 -14.58 10.82 -0.52
C ASN A 16 -13.78 9.53 -0.57
N SER A 17 -13.69 9.04 -1.80
CA SER A 17 -13.04 7.80 -2.14
C SER A 17 -11.61 7.81 -1.67
N ILE A 18 -10.94 8.93 -1.88
CA ILE A 18 -9.56 9.12 -1.52
C ILE A 18 -9.36 9.31 -0.02
N ALA A 19 -10.26 10.07 0.61
CA ALA A 19 -10.20 10.30 2.05
C ALA A 19 -10.25 8.99 2.82
N ALA A 20 -11.34 8.27 2.74
CA ALA A 20 -11.41 7.03 3.48
C ALA A 20 -10.66 5.90 2.78
N ASP A 21 -10.15 6.18 1.61
CA ASP A 21 -9.01 5.42 1.07
C ASP A 21 -7.83 5.61 2.01
N PHE A 22 -7.63 6.84 2.46
CA PHE A 22 -6.56 7.12 3.40
C PHE A 22 -7.04 6.98 4.84
N ARG A 23 -8.18 6.33 5.01
CA ARG A 23 -8.76 6.06 6.31
C ARG A 23 -8.92 7.36 7.12
N ILE A 24 -9.54 8.37 6.51
CA ILE A 24 -9.63 9.69 7.10
C ILE A 24 -10.95 10.34 6.68
N SER A 25 -11.10 11.59 7.03
CA SER A 25 -12.25 12.37 6.60
C SER A 25 -11.85 13.26 5.46
N THR A 26 -12.78 13.49 4.54
CA THR A 26 -12.53 14.33 3.40
C THR A 26 -12.23 15.73 3.86
N ALA A 27 -12.91 16.11 4.93
CA ALA A 27 -12.74 17.41 5.53
C ALA A 27 -11.34 17.58 6.14
N ALA A 28 -10.71 16.48 6.53
CA ALA A 28 -9.37 16.56 7.13
C ALA A 28 -8.33 16.65 6.02
N LEU A 29 -8.58 15.90 4.97
CA LEU A 29 -7.73 15.94 3.78
C LEU A 29 -7.99 17.25 3.03
N LEU A 30 -9.13 17.86 3.29
CA LEU A 30 -9.47 19.17 2.77
C LEU A 30 -8.80 20.27 3.56
N GLN A 31 -8.72 20.06 4.86
CA GLN A 31 -8.18 21.07 5.76
C GLN A 31 -6.73 21.31 5.45
N ALA A 32 -6.07 20.22 5.13
CA ALA A 32 -4.68 20.25 4.73
C ALA A 32 -4.54 20.58 3.25
N ASN A 33 -5.61 20.39 2.49
CA ASN A 33 -5.56 20.54 1.04
C ASN A 33 -6.85 21.17 0.55
N PRO A 34 -7.01 22.46 0.81
CA PRO A 34 -8.19 23.23 0.41
C PRO A 34 -8.49 23.16 -1.08
N SER A 35 -7.53 22.79 -1.90
CA SER A 35 -7.75 22.67 -3.32
C SER A 35 -8.84 21.63 -3.59
N LEU A 36 -8.91 20.66 -2.71
CA LEU A 36 -9.78 19.50 -2.86
C LEU A 36 -11.22 19.77 -2.46
N GLN A 37 -11.57 20.97 -1.94
CA GLN A 37 -12.95 21.20 -1.52
C GLN A 37 -13.90 20.79 -2.60
N ALA A 38 -13.48 21.10 -3.78
CA ALA A 38 -14.25 20.80 -4.96
C ALA A 38 -13.97 19.38 -5.45
N GLY A 39 -12.70 19.01 -5.50
CA GLY A 39 -12.34 17.68 -5.92
C GLY A 39 -10.86 17.46 -6.04
N LEU A 40 -10.56 16.38 -6.70
CA LEU A 40 -9.21 15.95 -6.97
C LEU A 40 -8.94 15.99 -8.47
N THR A 41 -7.67 16.07 -8.82
CA THR A 41 -7.25 16.11 -10.20
C THR A 41 -6.08 15.16 -10.45
N ALA A 42 -6.13 14.42 -11.55
CA ALA A 42 -5.02 13.57 -11.95
C ALA A 42 -3.67 14.26 -11.87
N GLY A 43 -2.77 13.58 -11.17
CA GLY A 43 -1.41 14.06 -11.01
C GLY A 43 -1.30 15.10 -9.93
N GLN A 44 -2.44 15.57 -9.45
CA GLN A 44 -2.46 16.48 -8.33
C GLN A 44 -1.92 15.81 -7.09
N SER A 45 -1.37 16.62 -6.22
CA SER A 45 -0.68 16.14 -5.05
C SER A 45 -1.42 16.61 -3.82
N ILE A 46 -1.58 15.73 -2.84
CA ILE A 46 -2.32 16.06 -1.66
C ILE A 46 -1.60 15.54 -0.42
N VAL A 47 -1.77 16.26 0.67
CA VAL A 47 -1.17 15.88 1.93
C VAL A 47 -2.16 15.11 2.78
N ILE A 48 -1.63 14.23 3.59
CA ILE A 48 -2.44 13.37 4.42
C ILE A 48 -2.13 13.66 5.87
N PRO A 49 -2.83 14.64 6.43
CA PRO A 49 -2.56 15.16 7.77
C PRO A 49 -2.67 14.08 8.84
N GLY A 50 -1.78 14.16 9.81
CA GLY A 50 -1.73 13.19 10.88
C GLY A 50 -0.95 11.94 10.51
N LEU A 51 -0.58 11.83 9.24
CA LEU A 51 0.20 10.72 8.76
C LEU A 51 1.55 11.24 8.28
N PRO A 52 2.66 10.65 8.76
CA PRO A 52 4.02 11.07 8.42
C PRO A 52 4.39 10.84 6.95
N ASP A 53 5.55 11.36 6.57
CA ASP A 53 5.95 11.41 5.17
C ASP A 53 6.81 10.22 4.79
N PRO A 54 6.56 9.65 3.61
CA PRO A 54 7.20 8.42 3.15
C PRO A 54 8.65 8.61 2.72
N TYR A 55 9.10 9.85 2.64
CA TYR A 55 10.47 10.14 2.28
C TYR A 55 11.34 10.20 3.53
N THR A 56 10.77 10.67 4.63
CA THR A 56 11.45 10.64 5.92
C THR A 56 11.69 9.19 6.31
N ILE A 57 10.75 8.39 5.86
CA ILE A 57 10.76 6.96 6.03
C ILE A 57 11.72 6.30 5.05
N PRO A 58 12.68 5.48 5.51
CA PRO A 58 13.45 4.67 4.60
C PRO A 58 12.93 3.24 4.60
N TYR A 59 12.09 2.98 3.67
CA TYR A 59 11.58 1.65 3.35
C TYR A 59 11.11 1.69 1.91
N HIS A 60 11.39 0.67 1.13
CA HIS A 60 11.16 0.73 -0.28
C HIS A 60 10.72 -0.67 -0.73
N ILE A 61 9.44 -0.77 -0.96
CA ILE A 61 8.84 -2.04 -1.28
C ILE A 61 8.73 -2.20 -2.78
N ALA A 62 9.54 -3.11 -3.30
CA ALA A 62 9.60 -3.33 -4.72
C ALA A 62 9.02 -4.69 -5.06
N VAL A 63 7.82 -4.63 -5.56
CA VAL A 63 7.12 -5.83 -5.97
C VAL A 63 6.73 -5.72 -7.43
N SER A 64 7.49 -6.38 -8.27
CA SER A 64 7.20 -6.39 -9.66
C SER A 64 6.38 -7.61 -10.00
N ILE A 65 5.35 -7.43 -10.81
CA ILE A 65 4.61 -8.55 -11.36
C ILE A 65 5.54 -9.43 -12.18
N GLY A 66 6.51 -8.79 -12.81
CA GLY A 66 7.54 -9.50 -13.50
C GLY A 66 8.40 -10.31 -12.54
N ALA A 67 8.82 -9.65 -11.47
CA ALA A 67 9.63 -10.29 -10.43
C ALA A 67 8.83 -11.32 -9.61
N LYS A 68 7.51 -11.14 -9.57
CA LYS A 68 6.59 -12.00 -8.81
C LYS A 68 6.94 -12.07 -7.33
N THR A 69 7.81 -11.19 -6.86
CA THR A 69 8.17 -11.14 -5.46
C THR A 69 8.32 -9.72 -4.97
N LEU A 70 7.88 -9.51 -3.75
CA LEU A 70 7.88 -8.20 -3.13
C LEU A 70 9.10 -8.06 -2.24
N THR A 71 9.95 -7.10 -2.56
CA THR A 71 11.19 -6.96 -1.81
C THR A 71 11.10 -5.83 -0.80
N LEU A 72 11.38 -6.13 0.45
CA LEU A 72 11.38 -5.10 1.46
C LEU A 72 12.74 -4.41 1.38
N SER A 73 12.84 -3.10 1.41
CA SER A 73 14.15 -2.47 1.35
C SER A 73 14.27 -1.30 2.31
N LEU A 74 15.34 -1.33 3.10
CA LEU A 74 15.64 -0.25 4.02
C LEU A 74 16.95 0.40 3.63
N ASN A 75 16.93 1.71 3.41
CA ASN A 75 18.17 2.43 3.19
C ASN A 75 18.75 1.97 1.85
N ASN A 76 17.81 1.74 0.92
CA ASN A 76 18.11 1.34 -0.47
C ASN A 76 18.31 -0.16 -0.59
N ARG A 77 18.49 -0.81 0.54
CA ARG A 77 18.82 -2.20 0.47
C ARG A 77 17.93 -3.12 1.28
N VAL A 78 17.67 -4.26 0.66
CA VAL A 78 16.61 -5.17 1.08
C VAL A 78 16.73 -5.63 2.51
N MET A 79 15.56 -5.86 3.04
CA MET A 79 15.36 -6.39 4.35
C MET A 79 15.06 -7.86 4.20
N LYS A 80 14.20 -8.11 3.22
CA LYS A 80 13.71 -9.43 2.91
C LYS A 80 12.73 -9.40 1.73
N THR A 81 12.51 -10.55 1.10
CA THR A 81 11.57 -10.64 -0.02
C THR A 81 10.41 -11.60 0.31
N TYR A 82 9.18 -11.21 -0.05
CA TYR A 82 8.02 -12.05 0.20
C TYR A 82 7.24 -12.25 -1.09
N PRO A 83 6.78 -13.48 -1.34
CA PRO A 83 5.91 -13.82 -2.48
C PRO A 83 4.57 -13.10 -2.44
N ILE A 84 4.07 -12.75 -3.61
CA ILE A 84 2.75 -12.12 -3.72
C ILE A 84 2.00 -12.69 -4.93
N ALA A 85 0.77 -12.23 -5.17
CA ALA A 85 0.00 -12.72 -6.31
C ALA A 85 0.34 -11.96 -7.58
N VAL A 86 0.37 -12.70 -8.67
CA VAL A 86 0.67 -12.20 -10.00
C VAL A 86 0.02 -13.11 -11.02
N GLY A 87 -0.01 -14.41 -10.70
CA GLY A 87 -0.52 -15.39 -11.62
C GLY A 87 0.55 -15.80 -12.60
N LYS A 88 0.19 -15.87 -13.87
CA LYS A 88 1.18 -16.10 -14.90
C LYS A 88 1.85 -14.78 -15.25
N ILE A 89 1.05 -13.84 -15.77
CA ILE A 89 1.52 -12.49 -16.10
C ILE A 89 0.30 -11.57 -16.12
N LEU A 90 0.08 -10.87 -15.01
CA LEU A 90 -1.04 -9.94 -14.91
C LEU A 90 -0.79 -8.72 -15.79
N THR A 91 -1.32 -8.78 -17.01
CA THR A 91 -1.09 -7.75 -18.02
C THR A 91 -1.95 -6.50 -17.76
N GLN A 92 -1.80 -5.93 -16.57
CA GLN A 92 -2.51 -4.70 -16.24
C GLN A 92 -1.54 -3.65 -15.72
N THR A 93 -0.38 -4.09 -15.24
CA THR A 93 0.56 -3.22 -14.51
C THR A 93 -0.23 -2.34 -13.53
N PRO A 94 -0.82 -2.96 -12.47
CA PRO A 94 -1.89 -2.39 -11.64
C PRO A 94 -2.04 -0.88 -11.72
N THR A 95 -1.11 -0.14 -11.13
CA THR A 95 -1.13 1.32 -11.20
C THR A 95 0.28 1.86 -11.22
N GLY A 96 0.92 1.86 -10.07
CA GLY A 96 2.27 2.35 -9.95
C GLY A 96 2.76 2.24 -8.54
N GLU A 97 2.46 3.25 -7.73
CA GLU A 97 2.97 3.30 -6.38
C GLU A 97 1.86 3.46 -5.36
N PHE A 98 2.01 2.76 -4.26
CA PHE A 98 1.13 2.92 -3.11
C PHE A 98 1.99 3.20 -1.89
N TYR A 99 1.36 3.44 -0.75
CA TYR A 99 2.06 3.50 0.51
C TYR A 99 1.37 2.61 1.54
N ILE A 100 2.17 1.91 2.34
CA ILE A 100 1.69 1.26 3.54
C ILE A 100 1.09 2.32 4.42
N ILE A 101 -0.20 2.26 4.67
CA ILE A 101 -0.82 3.32 5.42
C ILE A 101 -1.02 2.93 6.88
N ASN A 102 -1.22 1.63 7.20
CA ASN A 102 -1.34 1.24 8.61
C ASN A 102 -1.52 -0.27 8.81
N ARG A 103 -1.94 -0.56 10.03
CA ARG A 103 -2.07 -1.90 10.58
C ARG A 103 -3.23 -1.92 11.57
N GLN A 104 -4.10 -2.92 11.46
CA GLN A 104 -5.26 -3.00 12.31
C GLN A 104 -5.07 -4.01 13.42
N ARG A 105 -5.87 -3.81 14.43
CA ARG A 105 -6.02 -4.74 15.50
C ARG A 105 -6.27 -6.15 15.00
N ASN A 106 -5.88 -7.10 15.83
CA ASN A 106 -6.08 -8.51 15.58
C ASN A 106 -7.50 -8.77 15.12
N PRO A 107 -7.61 -9.20 13.85
CA PRO A 107 -8.88 -9.61 13.26
C PRO A 107 -9.51 -10.75 14.05
N GLY A 108 -8.71 -11.78 14.30
CA GLY A 108 -9.14 -12.91 15.09
C GLY A 108 -9.53 -14.09 14.23
N GLY A 109 -9.85 -13.82 12.98
CA GLY A 109 -10.25 -14.87 12.06
C GLY A 109 -9.18 -15.18 11.05
N PRO A 110 -9.51 -15.98 10.02
CA PRO A 110 -8.62 -16.33 8.89
C PRO A 110 -8.18 -15.12 8.04
N PHE A 111 -7.95 -13.99 8.68
CA PHE A 111 -7.62 -12.77 7.97
C PHE A 111 -6.10 -12.59 7.84
N GLY A 112 -5.35 -13.39 8.59
CA GLY A 112 -3.92 -13.44 8.39
C GLY A 112 -3.13 -12.63 9.39
N ALA A 113 -3.64 -12.57 10.62
CA ALA A 113 -2.90 -12.02 11.77
C ALA A 113 -2.77 -10.50 11.76
N TYR A 114 -2.89 -9.89 10.61
CA TYR A 114 -2.80 -8.44 10.52
C TYR A 114 -3.60 -7.95 9.32
N TRP A 115 -4.23 -6.80 9.46
CA TRP A 115 -4.76 -6.10 8.32
C TRP A 115 -3.94 -4.85 8.09
N LEU A 116 -3.04 -4.92 7.12
CA LEU A 116 -2.28 -3.75 6.74
C LEU A 116 -2.79 -3.23 5.42
N SER A 117 -2.91 -1.92 5.35
CA SER A 117 -3.57 -1.28 4.24
C SER A 117 -2.59 -0.61 3.29
N LEU A 118 -2.92 -0.67 2.01
CA LEU A 118 -2.19 0.06 1.00
C LEU A 118 -2.91 1.38 0.76
N SER A 119 -2.48 2.16 -0.21
CA SER A 119 -3.09 3.45 -0.46
C SER A 119 -4.15 3.38 -1.56
N LYS A 120 -4.65 2.18 -1.87
CA LYS A 120 -5.69 2.07 -2.89
C LYS A 120 -6.87 1.23 -2.41
N GLN A 121 -7.91 1.92 -1.95
CA GLN A 121 -9.23 1.32 -1.67
C GLN A 121 -9.13 0.12 -0.72
N HIS A 122 -9.23 -1.08 -1.27
CA HIS A 122 -9.29 -2.29 -0.46
C HIS A 122 -8.02 -3.12 -0.62
N TYR A 123 -7.06 -2.58 -1.34
CA TYR A 123 -5.78 -3.25 -1.53
C TYR A 123 -4.91 -3.04 -0.30
N GLY A 124 -4.34 -4.13 0.19
CA GLY A 124 -3.47 -4.04 1.35
C GLY A 124 -2.51 -5.18 1.41
N ILE A 125 -1.44 -5.00 2.16
CA ILE A 125 -0.49 -6.06 2.42
C ILE A 125 -0.89 -6.77 3.71
N HIS A 126 -1.39 -7.97 3.59
CA HIS A 126 -1.89 -8.66 4.76
C HIS A 126 -1.55 -10.14 4.72
N GLY A 127 -2.24 -10.89 5.53
CA GLY A 127 -1.93 -12.29 5.67
C GLY A 127 -3.07 -13.21 5.32
N THR A 128 -2.79 -14.49 5.35
CA THR A 128 -3.73 -15.50 4.91
C THR A 128 -3.67 -16.71 5.83
N ASN A 129 -4.50 -17.67 5.55
CA ASN A 129 -4.39 -18.98 6.15
C ASN A 129 -4.24 -20.06 5.08
N ASN A 130 -4.31 -19.63 3.82
CA ASN A 130 -3.92 -20.47 2.70
C ASN A 130 -2.91 -19.71 1.84
N PRO A 131 -1.61 -20.04 1.97
CA PRO A 131 -0.52 -19.36 1.27
C PRO A 131 -0.14 -20.03 -0.05
N ALA A 132 -0.86 -21.07 -0.43
CA ALA A 132 -0.41 -21.94 -1.51
C ALA A 132 -0.60 -21.29 -2.88
N SER A 133 -1.46 -20.27 -2.93
CA SER A 133 -1.69 -19.53 -4.16
C SER A 133 -0.76 -18.33 -4.24
N ILE A 134 -0.21 -17.94 -3.10
CA ILE A 134 0.65 -16.77 -3.00
C ILE A 134 1.96 -16.98 -3.74
N GLY A 135 2.12 -16.27 -4.84
CA GLY A 135 3.34 -16.36 -5.61
C GLY A 135 3.19 -17.16 -6.87
N LYS A 136 1.98 -17.64 -7.15
CA LYS A 136 1.78 -18.49 -8.32
C LYS A 136 0.36 -18.35 -8.89
N ALA A 137 -0.64 -18.54 -8.06
CA ALA A 137 -2.01 -18.63 -8.53
C ALA A 137 -2.80 -17.38 -8.17
N VAL A 138 -3.88 -17.15 -8.93
CA VAL A 138 -4.77 -16.01 -8.69
C VAL A 138 -5.93 -16.43 -7.79
N SER A 139 -5.88 -17.69 -7.37
CA SER A 139 -6.97 -18.31 -6.61
C SER A 139 -7.11 -17.71 -5.21
N LYS A 140 -8.02 -16.74 -5.10
CA LYS A 140 -8.38 -16.13 -3.81
C LYS A 140 -7.16 -15.58 -3.09
N GLY A 141 -6.47 -14.66 -3.73
CA GLY A 141 -5.31 -14.06 -3.12
C GLY A 141 -4.70 -12.96 -3.97
N CYS A 142 -4.40 -11.83 -3.34
CA CYS A 142 -3.69 -10.75 -3.99
C CYS A 142 -2.39 -10.45 -3.25
N ILE A 143 -2.49 -9.79 -2.11
CA ILE A 143 -1.31 -9.43 -1.34
C ILE A 143 -1.41 -10.03 0.06
N ARG A 144 -1.18 -11.33 0.16
CA ARG A 144 -1.29 -12.04 1.42
C ARG A 144 -0.03 -12.87 1.67
N MET A 145 0.34 -13.02 2.93
CA MET A 145 1.52 -13.79 3.32
C MET A 145 1.22 -14.61 4.56
N HIS A 146 2.26 -15.14 5.18
CA HIS A 146 2.11 -15.89 6.42
C HIS A 146 1.96 -14.91 7.58
N ASN A 147 1.39 -15.38 8.69
CA ASN A 147 1.17 -14.54 9.86
C ASN A 147 2.47 -13.84 10.29
N LYS A 148 3.44 -14.59 10.78
CA LYS A 148 4.66 -14.00 11.30
C LYS A 148 5.42 -13.23 10.24
N ASP A 149 5.21 -13.61 8.98
CA ASP A 149 5.84 -12.92 7.85
C ASP A 149 5.24 -11.53 7.67
N VAL A 150 3.92 -11.44 7.78
CA VAL A 150 3.22 -10.17 7.59
C VAL A 150 3.36 -9.28 8.82
N ILE A 151 3.69 -9.87 9.97
CA ILE A 151 3.96 -9.09 11.19
C ILE A 151 5.41 -8.62 11.20
N GLU A 152 6.36 -9.44 10.76
CA GLU A 152 7.70 -8.95 10.41
C GLU A 152 7.62 -7.65 9.60
N LEU A 153 7.18 -7.77 8.35
CA LEU A 153 7.05 -6.61 7.47
C LEU A 153 6.28 -5.50 8.17
N ALA A 154 5.23 -5.91 8.85
CA ALA A 154 4.27 -4.99 9.44
C ALA A 154 4.94 -3.99 10.34
N SER A 155 5.65 -4.51 11.33
CA SER A 155 6.20 -3.68 12.39
C SER A 155 7.41 -2.90 11.90
N ILE A 156 7.91 -3.27 10.73
CA ILE A 156 9.04 -2.60 10.14
C ILE A 156 8.57 -1.49 9.21
N VAL A 157 7.62 -1.82 8.36
CA VAL A 157 7.07 -0.84 7.45
C VAL A 157 6.08 0.08 8.17
N PRO A 158 6.38 1.38 8.18
CA PRO A 158 5.59 2.37 8.91
C PRO A 158 4.38 2.86 8.14
N ASN A 159 3.67 3.80 8.75
CA ASN A 159 2.42 4.35 8.22
C ASN A 159 2.57 5.01 6.84
N GLY A 160 3.77 5.00 6.28
CA GLY A 160 3.98 5.59 4.96
C GLY A 160 5.09 4.89 4.20
N THR A 161 4.95 3.59 4.03
CA THR A 161 5.98 2.82 3.34
C THR A 161 5.76 2.88 1.83
N ARG A 162 6.83 3.05 1.08
CA ARG A 162 6.73 3.15 -0.36
C ARG A 162 6.68 1.76 -0.97
N VAL A 163 5.66 1.52 -1.77
CA VAL A 163 5.47 0.22 -2.40
C VAL A 163 5.01 0.38 -3.84
N THR A 164 5.76 -0.21 -4.75
CA THR A 164 5.47 -0.12 -6.16
C THR A 164 5.07 -1.46 -6.75
N ILE A 165 4.03 -1.46 -7.60
CA ILE A 165 3.71 -2.70 -8.32
C ILE A 165 3.65 -2.45 -9.81
N ASN A 166 4.60 -3.07 -10.48
CA ASN A 166 4.81 -2.90 -11.89
C ASN A 166 5.27 -4.21 -12.50
N ARG A 167 4.72 -4.55 -13.63
CA ARG A 167 5.07 -5.78 -14.31
C ARG A 167 6.17 -5.51 -15.31
N GLY A 168 6.15 -4.30 -15.84
CA GLY A 168 7.24 -3.83 -16.65
C GLY A 168 7.65 -2.43 -16.26
N SER A 169 8.94 -2.19 -16.20
CA SER A 169 9.46 -0.89 -15.85
C SER A 169 10.90 -0.75 -16.33
N GLY A 1 5.00 13.99 15.26
CA GLY A 1 5.82 15.04 14.60
C GLY A 1 6.26 14.62 13.22
N ARG A 2 7.36 15.20 12.76
CA ARG A 2 7.91 14.95 11.43
C ARG A 2 7.00 15.47 10.33
N LYS A 3 7.47 15.35 9.10
CA LYS A 3 6.68 15.74 7.93
C LYS A 3 5.53 14.78 7.75
N LEU A 4 4.48 15.25 7.11
CA LEU A 4 3.33 14.41 6.81
C LEU A 4 3.40 13.88 5.37
N LEU A 5 2.54 12.92 5.06
CA LEU A 5 2.61 12.15 3.83
C LEU A 5 2.12 12.94 2.64
N THR A 6 2.67 12.63 1.49
CA THR A 6 2.12 13.10 0.24
C THR A 6 1.58 11.96 -0.62
N TYR A 7 0.56 12.32 -1.38
CA TYR A 7 -0.13 11.42 -2.29
C TYR A 7 -0.33 12.15 -3.60
N GLN A 8 -0.39 11.42 -4.70
CA GLN A 8 -0.69 12.03 -5.99
C GLN A 8 -1.80 11.21 -6.62
N VAL A 9 -2.91 11.85 -6.91
CA VAL A 9 -4.12 11.19 -7.34
C VAL A 9 -4.09 10.85 -8.83
N LYS A 10 -4.93 9.90 -9.21
CA LYS A 10 -4.96 9.42 -10.57
C LYS A 10 -6.22 9.93 -11.25
N GLN A 11 -6.12 10.10 -12.55
CA GLN A 11 -7.21 10.67 -13.32
C GLN A 11 -8.51 9.93 -13.11
N GLY A 12 -9.47 10.61 -12.50
CA GLY A 12 -10.76 10.03 -12.29
C GLY A 12 -11.06 9.79 -10.82
N ASP A 13 -10.08 10.03 -9.95
CA ASP A 13 -10.27 9.92 -8.51
C ASP A 13 -11.23 11.00 -7.97
N THR A 14 -11.84 10.72 -6.82
CA THR A 14 -12.80 11.64 -6.22
C THR A 14 -12.57 11.82 -4.72
N LEU A 15 -13.01 12.95 -4.21
CA LEU A 15 -12.72 13.37 -2.84
C LEU A 15 -13.00 12.28 -1.80
N ASN A 16 -14.23 11.79 -1.73
CA ASN A 16 -14.65 10.91 -0.67
C ASN A 16 -13.87 9.60 -0.72
N SER A 17 -13.71 9.17 -1.94
CA SER A 17 -13.07 7.92 -2.28
C SER A 17 -11.62 7.93 -1.85
N ILE A 18 -10.96 9.06 -2.02
CA ILE A 18 -9.58 9.25 -1.66
C ILE A 18 -9.38 9.41 -0.16
N ALA A 19 -10.28 10.13 0.49
CA ALA A 19 -10.23 10.29 1.94
C ALA A 19 -10.24 8.96 2.65
N ALA A 20 -11.28 8.17 2.48
CA ALA A 20 -11.28 6.87 3.13
C ALA A 20 -10.47 5.86 2.34
N ASP A 21 -9.98 6.25 1.18
CA ASP A 21 -8.82 5.57 0.58
C ASP A 21 -7.65 5.75 1.53
N PHE A 22 -7.58 6.89 2.19
CA PHE A 22 -6.55 7.13 3.18
C PHE A 22 -7.04 6.96 4.61
N ARG A 23 -8.18 6.29 4.73
CA ARG A 23 -8.77 5.97 6.03
C ARG A 23 -8.93 7.23 6.89
N ILE A 24 -9.58 8.25 6.33
CA ILE A 24 -9.66 9.56 6.98
C ILE A 24 -10.97 10.22 6.56
N SER A 25 -11.12 11.47 6.96
CA SER A 25 -12.23 12.28 6.54
C SER A 25 -11.82 13.13 5.36
N THR A 26 -12.76 13.37 4.46
CA THR A 26 -12.50 14.25 3.36
C THR A 26 -12.16 15.62 3.90
N ALA A 27 -12.84 15.95 4.97
CA ALA A 27 -12.67 17.23 5.61
C ALA A 27 -11.27 17.39 6.20
N ALA A 28 -10.64 16.29 6.61
CA ALA A 28 -9.31 16.37 7.19
C ALA A 28 -8.28 16.47 6.09
N LEU A 29 -8.52 15.75 5.01
CA LEU A 29 -7.67 15.81 3.84
C LEU A 29 -7.93 17.12 3.10
N LEU A 30 -9.07 17.72 3.36
CA LEU A 30 -9.40 19.04 2.86
C LEU A 30 -8.72 20.13 3.65
N GLN A 31 -8.66 19.92 4.96
CA GLN A 31 -8.11 20.91 5.86
C GLN A 31 -6.67 21.18 5.51
N ALA A 32 -6.00 20.10 5.21
CA ALA A 32 -4.63 20.14 4.78
C ALA A 32 -4.50 20.47 3.29
N ASN A 33 -5.57 20.26 2.54
CA ASN A 33 -5.54 20.39 1.08
C ASN A 33 -6.82 21.02 0.60
N PRO A 34 -6.99 22.31 0.85
CA PRO A 34 -8.18 23.07 0.43
C PRO A 34 -8.42 23.03 -1.08
N SER A 35 -7.47 22.56 -1.86
CA SER A 35 -7.72 22.42 -3.29
C SER A 35 -8.85 21.42 -3.50
N LEU A 36 -8.90 20.45 -2.60
CA LEU A 36 -9.79 19.31 -2.72
C LEU A 36 -11.23 19.58 -2.31
N GLN A 37 -11.56 20.74 -1.73
CA GLN A 37 -12.96 20.99 -1.34
C GLN A 37 -13.87 20.69 -2.48
N ALA A 38 -13.42 21.12 -3.61
CA ALA A 38 -14.13 20.90 -4.83
C ALA A 38 -13.87 19.52 -5.41
N GLY A 39 -12.59 19.13 -5.45
CA GLY A 39 -12.25 17.82 -5.93
C GLY A 39 -10.78 17.57 -6.04
N LEU A 40 -10.48 16.54 -6.78
CA LEU A 40 -9.14 16.10 -7.03
C LEU A 40 -8.81 16.17 -8.51
N THR A 41 -7.54 16.22 -8.82
CA THR A 41 -7.07 16.29 -10.19
C THR A 41 -5.97 15.27 -10.42
N ALA A 42 -6.04 14.56 -11.53
CA ALA A 42 -4.96 13.67 -11.94
C ALA A 42 -3.59 14.30 -11.82
N GLY A 43 -2.71 13.60 -11.14
CA GLY A 43 -1.35 14.05 -10.96
C GLY A 43 -1.23 15.05 -9.84
N GLN A 44 -2.36 15.52 -9.35
CA GLN A 44 -2.38 16.41 -8.21
C GLN A 44 -1.84 15.70 -7.00
N SER A 45 -1.28 16.48 -6.14
CA SER A 45 -0.57 16.00 -5.00
C SER A 45 -1.25 16.47 -3.74
N ILE A 46 -1.45 15.60 -2.79
CA ILE A 46 -2.18 15.94 -1.60
C ILE A 46 -1.49 15.42 -0.37
N VAL A 47 -1.66 16.15 0.72
CA VAL A 47 -1.08 15.78 1.99
C VAL A 47 -2.07 15.00 2.82
N ILE A 48 -1.55 14.11 3.63
CA ILE A 48 -2.36 13.24 4.44
C ILE A 48 -2.06 13.53 5.90
N PRO A 49 -2.79 14.50 6.45
CA PRO A 49 -2.56 15.00 7.79
C PRO A 49 -2.64 13.92 8.86
N GLY A 50 -1.78 14.03 9.86
CA GLY A 50 -1.69 13.03 10.91
C GLY A 50 -0.89 11.81 10.47
N LEU A 51 -0.55 11.74 9.20
CA LEU A 51 0.26 10.66 8.67
C LEU A 51 1.59 11.23 8.23
N PRO A 52 2.71 10.69 8.75
CA PRO A 52 4.07 11.16 8.45
C PRO A 52 4.48 10.95 6.99
N ASP A 53 5.65 11.47 6.66
CA ASP A 53 6.13 11.49 5.29
C ASP A 53 6.91 10.23 4.99
N PRO A 54 6.76 9.71 3.79
CA PRO A 54 7.32 8.43 3.40
C PRO A 54 8.79 8.55 3.00
N TYR A 55 9.24 9.78 2.80
CA TYR A 55 10.63 10.03 2.47
C TYR A 55 11.44 10.39 3.70
N THR A 56 10.75 10.63 4.81
CA THR A 56 11.40 10.71 6.10
C THR A 56 11.60 9.29 6.59
N ILE A 57 10.77 8.43 6.02
CA ILE A 57 10.85 7.01 6.20
C ILE A 57 11.79 6.39 5.18
N PRO A 58 12.72 5.52 5.57
CA PRO A 58 13.42 4.69 4.62
C PRO A 58 12.88 3.26 4.66
N TYR A 59 11.99 2.98 3.75
CA TYR A 59 11.46 1.64 3.49
C TYR A 59 10.91 1.64 2.09
N HIS A 60 11.27 0.66 1.29
CA HIS A 60 11.05 0.71 -0.14
C HIS A 60 10.51 -0.66 -0.55
N ILE A 61 9.24 -0.71 -0.79
CA ILE A 61 8.58 -1.96 -1.10
C ILE A 61 8.50 -2.16 -2.61
N ALA A 62 9.28 -3.11 -3.09
CA ALA A 62 9.35 -3.36 -4.51
C ALA A 62 8.77 -4.72 -4.84
N VAL A 63 7.53 -4.70 -5.22
CA VAL A 63 6.84 -5.91 -5.62
C VAL A 63 6.52 -5.86 -7.09
N SER A 64 7.36 -6.51 -7.84
CA SER A 64 7.18 -6.58 -9.26
C SER A 64 6.43 -7.84 -9.61
N ILE A 65 5.28 -7.70 -10.25
CA ILE A 65 4.51 -8.84 -10.72
C ILE A 65 5.33 -9.70 -11.68
N GLY A 66 6.29 -9.08 -12.35
CA GLY A 66 7.26 -9.83 -13.10
C GLY A 66 8.17 -10.64 -12.19
N ALA A 67 8.65 -9.98 -11.14
CA ALA A 67 9.49 -10.63 -10.12
C ALA A 67 8.71 -11.62 -9.27
N LYS A 68 7.40 -11.41 -9.20
CA LYS A 68 6.48 -12.22 -8.42
C LYS A 68 6.84 -12.26 -6.93
N THR A 69 7.64 -11.31 -6.50
CA THR A 69 8.01 -11.19 -5.11
C THR A 69 8.10 -9.74 -4.67
N LEU A 70 7.63 -9.52 -3.46
CA LEU A 70 7.62 -8.22 -2.85
C LEU A 70 8.86 -8.04 -2.00
N THR A 71 9.67 -7.07 -2.34
CA THR A 71 10.94 -6.89 -1.66
C THR A 71 10.86 -5.81 -0.61
N LEU A 72 11.20 -6.15 0.62
CA LEU A 72 11.23 -5.13 1.64
C LEU A 72 12.59 -4.44 1.50
N SER A 73 12.68 -3.15 1.51
CA SER A 73 13.99 -2.51 1.37
C SER A 73 14.17 -1.33 2.30
N LEU A 74 15.30 -1.32 3.00
CA LEU A 74 15.65 -0.22 3.86
C LEU A 74 16.92 0.45 3.38
N ASN A 75 16.85 1.76 3.20
CA ASN A 75 18.05 2.53 2.87
C ASN A 75 18.58 2.09 1.50
N ASN A 76 17.63 1.81 0.60
CA ASN A 76 17.91 1.41 -0.79
C ASN A 76 18.42 -0.03 -0.89
N ARG A 77 18.49 -0.71 0.24
CA ARG A 77 18.82 -2.12 0.18
C ARG A 77 17.87 -3.00 0.99
N VAL A 78 17.53 -4.12 0.36
CA VAL A 78 16.51 -5.04 0.85
C VAL A 78 16.72 -5.47 2.29
N MET A 79 15.60 -5.70 2.91
CA MET A 79 15.51 -6.24 4.24
C MET A 79 15.28 -7.72 4.12
N LYS A 80 14.36 -8.01 3.22
CA LYS A 80 13.93 -9.38 2.94
C LYS A 80 12.82 -9.36 1.88
N THR A 81 12.62 -10.48 1.20
CA THR A 81 11.63 -10.55 0.13
C THR A 81 10.52 -11.54 0.48
N TYR A 82 9.26 -11.16 0.22
CA TYR A 82 8.12 -12.02 0.51
C TYR A 82 7.35 -12.30 -0.77
N PRO A 83 7.00 -13.57 -1.01
CA PRO A 83 6.17 -13.97 -2.16
C PRO A 83 4.77 -13.38 -2.09
N ILE A 84 4.21 -13.08 -3.26
CA ILE A 84 2.85 -12.56 -3.35
C ILE A 84 2.18 -13.14 -4.61
N ALA A 85 0.92 -12.83 -4.83
CA ALA A 85 0.25 -13.23 -6.08
C ALA A 85 0.46 -12.16 -7.14
N VAL A 86 0.42 -12.59 -8.39
CA VAL A 86 0.77 -11.72 -9.51
C VAL A 86 -0.36 -11.59 -10.51
N GLY A 87 -1.12 -10.51 -10.40
CA GLY A 87 -2.21 -10.24 -11.32
C GLY A 87 -1.69 -9.75 -12.66
N LYS A 88 -1.34 -10.69 -13.53
CA LYS A 88 -0.73 -10.37 -14.81
C LYS A 88 -1.79 -10.02 -15.87
N ILE A 89 -3.05 -10.00 -15.46
CA ILE A 89 -4.13 -9.66 -16.39
C ILE A 89 -4.27 -8.14 -16.53
N LEU A 90 -4.04 -7.41 -15.44
CA LEU A 90 -4.13 -5.96 -15.46
C LEU A 90 -2.87 -5.34 -16.02
N THR A 91 -3.01 -4.55 -17.07
CA THR A 91 -1.88 -3.88 -17.69
C THR A 91 -1.62 -2.52 -17.04
N GLN A 92 -1.26 -2.54 -15.76
CA GLN A 92 -0.93 -1.31 -15.05
C GLN A 92 0.47 -1.39 -14.46
N THR A 93 1.46 -1.07 -15.27
CA THR A 93 2.85 -1.20 -14.85
C THR A 93 3.33 -0.02 -13.98
N PRO A 94 3.35 1.23 -14.50
CA PRO A 94 3.93 2.36 -13.77
C PRO A 94 2.91 3.11 -12.91
N THR A 95 1.64 2.76 -13.03
CA THR A 95 0.58 3.47 -12.32
C THR A 95 0.11 2.68 -11.10
N GLY A 96 0.88 1.67 -10.73
CA GLY A 96 0.50 0.85 -9.59
C GLY A 96 1.33 1.14 -8.36
N GLU A 97 1.40 2.40 -7.98
CA GLU A 97 2.16 2.78 -6.80
C GLU A 97 1.22 3.12 -5.64
N PHE A 98 1.49 2.48 -4.52
CA PHE A 98 0.72 2.68 -3.31
C PHE A 98 1.64 3.04 -2.15
N TYR A 99 1.05 3.26 -0.98
CA TYR A 99 1.80 3.45 0.24
C TYR A 99 1.18 2.64 1.36
N ILE A 100 2.03 2.04 2.18
CA ILE A 100 1.61 1.45 3.43
C ILE A 100 1.00 2.53 4.29
N ILE A 101 -0.21 2.32 4.76
CA ILE A 101 -0.86 3.34 5.54
C ILE A 101 -1.31 2.83 6.91
N ASN A 102 -1.47 1.51 7.09
CA ASN A 102 -2.01 1.03 8.34
C ASN A 102 -1.71 -0.44 8.63
N ARG A 103 -1.85 -0.71 9.91
CA ARG A 103 -1.78 -2.06 10.47
C ARG A 103 -2.76 -2.17 11.63
N GLN A 104 -3.60 -3.17 11.59
CA GLN A 104 -4.69 -3.27 12.53
C GLN A 104 -4.39 -4.26 13.63
N ARG A 105 -5.10 -4.05 14.70
CA ARG A 105 -5.22 -4.96 15.79
C ARG A 105 -5.62 -6.35 15.33
N ASN A 106 -5.27 -7.31 16.14
CA ASN A 106 -5.58 -8.71 15.92
C ASN A 106 -7.04 -8.88 15.49
N PRO A 107 -7.21 -9.26 14.23
CA PRO A 107 -8.51 -9.57 13.64
C PRO A 107 -9.19 -10.73 14.35
N GLY A 108 -8.45 -11.82 14.48
CA GLY A 108 -8.96 -13.01 15.13
C GLY A 108 -9.54 -14.00 14.13
N GLY A 109 -9.68 -13.54 12.89
CA GLY A 109 -10.22 -14.38 11.84
C GLY A 109 -9.15 -14.81 10.85
N PRO A 110 -9.57 -15.39 9.72
CA PRO A 110 -8.66 -15.79 8.62
C PRO A 110 -7.97 -14.61 7.92
N PHE A 111 -7.95 -13.47 8.58
CA PHE A 111 -7.35 -12.25 8.02
C PHE A 111 -5.83 -12.37 7.91
N GLY A 112 -5.27 -13.31 8.65
CA GLY A 112 -3.85 -13.59 8.53
C GLY A 112 -3.01 -12.84 9.54
N ALA A 113 -3.50 -12.77 10.78
CA ALA A 113 -2.75 -12.25 11.92
C ALA A 113 -2.67 -10.72 11.93
N TYR A 114 -2.74 -10.10 10.77
CA TYR A 114 -2.65 -8.65 10.68
C TYR A 114 -3.39 -8.13 9.46
N TRP A 115 -3.96 -6.95 9.59
CA TRP A 115 -4.54 -6.26 8.45
C TRP A 115 -3.78 -4.97 8.19
N LEU A 116 -2.91 -5.01 7.19
CA LEU A 116 -2.20 -3.81 6.78
C LEU A 116 -2.80 -3.24 5.50
N SER A 117 -2.86 -1.94 5.44
CA SER A 117 -3.57 -1.26 4.38
C SER A 117 -2.61 -0.63 3.37
N LEU A 118 -2.98 -0.73 2.10
CA LEU A 118 -2.26 -0.03 1.04
C LEU A 118 -2.97 1.28 0.77
N SER A 119 -2.50 2.07 -0.20
CA SER A 119 -3.18 3.32 -0.52
C SER A 119 -4.63 3.08 -0.91
N LYS A 120 -4.84 2.26 -1.92
CA LYS A 120 -6.19 1.98 -2.37
C LYS A 120 -6.93 1.14 -1.33
N GLN A 121 -8.09 1.62 -0.94
CA GLN A 121 -8.90 1.02 0.12
C GLN A 121 -9.21 -0.45 -0.16
N HIS A 122 -9.31 -0.81 -1.43
CA HIS A 122 -9.62 -2.19 -1.81
C HIS A 122 -8.36 -3.03 -1.98
N TYR A 123 -7.23 -2.49 -1.56
CA TYR A 123 -5.96 -3.22 -1.63
C TYR A 123 -5.21 -3.11 -0.32
N GLY A 124 -4.67 -4.22 0.14
CA GLY A 124 -3.94 -4.20 1.39
C GLY A 124 -2.93 -5.32 1.48
N ILE A 125 -1.94 -5.12 2.34
CA ILE A 125 -0.97 -6.14 2.67
C ILE A 125 -1.47 -6.89 3.89
N HIS A 126 -1.88 -8.13 3.71
CA HIS A 126 -2.36 -8.89 4.85
C HIS A 126 -1.90 -10.34 4.80
N GLY A 127 -2.55 -11.15 5.60
CA GLY A 127 -2.15 -12.53 5.71
C GLY A 127 -3.24 -13.52 5.38
N THR A 128 -2.90 -14.78 5.46
CA THR A 128 -3.76 -15.84 4.97
C THR A 128 -3.76 -17.03 5.92
N ASN A 129 -4.61 -17.99 5.62
CA ASN A 129 -4.60 -19.29 6.26
C ASN A 129 -3.99 -20.30 5.31
N ASN A 130 -4.02 -19.95 4.03
CA ASN A 130 -3.48 -20.80 2.97
C ASN A 130 -2.50 -20.01 2.12
N PRO A 131 -1.20 -20.24 2.30
CA PRO A 131 -0.14 -19.53 1.59
C PRO A 131 0.21 -20.19 0.27
N ALA A 132 -0.53 -21.21 -0.10
CA ALA A 132 -0.18 -22.02 -1.26
C ALA A 132 -0.54 -21.28 -2.54
N SER A 133 -1.37 -20.26 -2.41
CA SER A 133 -1.70 -19.39 -3.53
C SER A 133 -0.65 -18.29 -3.66
N ILE A 134 0.11 -18.11 -2.59
CA ILE A 134 1.08 -17.04 -2.51
C ILE A 134 2.38 -17.42 -3.22
N GLY A 135 2.68 -16.69 -4.28
CA GLY A 135 3.84 -17.00 -5.09
C GLY A 135 3.60 -18.21 -5.97
N LYS A 136 2.35 -18.41 -6.35
CA LYS A 136 1.97 -19.57 -7.14
C LYS A 136 0.71 -19.27 -7.96
N ALA A 137 -0.23 -18.55 -7.35
CA ALA A 137 -1.47 -18.20 -8.02
C ALA A 137 -1.30 -16.94 -8.85
N VAL A 138 -2.12 -16.81 -9.88
CA VAL A 138 -2.05 -15.67 -10.79
C VAL A 138 -3.30 -14.80 -10.64
N SER A 139 -4.31 -15.33 -9.97
CA SER A 139 -5.56 -14.59 -9.76
C SER A 139 -6.26 -15.04 -8.48
N LYS A 140 -5.47 -15.30 -7.44
CA LYS A 140 -6.02 -15.73 -6.16
C LYS A 140 -5.10 -15.32 -5.01
N GLY A 141 -5.69 -14.76 -3.96
CA GLY A 141 -4.92 -14.39 -2.79
C GLY A 141 -4.38 -12.97 -2.85
N CYS A 142 -4.02 -12.53 -4.06
CA CYS A 142 -3.32 -11.27 -4.29
C CYS A 142 -2.23 -10.97 -3.22
N ILE A 143 -2.56 -10.26 -2.15
CA ILE A 143 -1.56 -9.86 -1.17
C ILE A 143 -1.94 -10.35 0.24
N ARG A 144 -1.98 -11.66 0.43
CA ARG A 144 -2.23 -12.24 1.76
C ARG A 144 -1.21 -13.34 2.07
N MET A 145 -0.13 -12.94 2.69
CA MET A 145 1.07 -13.77 2.84
C MET A 145 1.15 -14.41 4.23
N HIS A 146 2.34 -14.93 4.55
CA HIS A 146 2.56 -15.65 5.80
C HIS A 146 2.39 -14.74 7.00
N ASN A 147 1.66 -15.20 8.01
CA ASN A 147 1.29 -14.37 9.15
C ASN A 147 2.50 -13.68 9.80
N LYS A 148 3.43 -14.43 10.35
CA LYS A 148 4.53 -13.83 11.09
C LYS A 148 5.41 -12.95 10.20
N ASP A 149 5.39 -13.22 8.90
CA ASP A 149 6.18 -12.44 7.94
C ASP A 149 5.53 -11.09 7.66
N VAL A 150 4.20 -11.06 7.67
CA VAL A 150 3.47 -9.82 7.45
C VAL A 150 3.45 -8.99 8.73
N ILE A 151 3.75 -9.62 9.86
CA ILE A 151 3.94 -8.90 11.12
C ILE A 151 5.40 -8.45 11.25
N GLU A 152 6.36 -9.25 10.82
CA GLU A 152 7.69 -8.74 10.51
C GLU A 152 7.62 -7.44 9.73
N LEU A 153 7.19 -7.52 8.47
CA LEU A 153 7.10 -6.33 7.64
C LEU A 153 6.24 -5.27 8.32
N ALA A 154 5.21 -5.72 9.01
CA ALA A 154 4.23 -4.84 9.64
C ALA A 154 4.90 -3.85 10.57
N SER A 155 5.71 -4.38 11.47
CA SER A 155 6.33 -3.57 12.50
C SER A 155 7.51 -2.78 11.93
N ILE A 156 7.95 -3.16 10.75
CA ILE A 156 9.09 -2.52 10.11
C ILE A 156 8.61 -1.43 9.16
N VAL A 157 7.65 -1.76 8.32
CA VAL A 157 7.09 -0.79 7.40
C VAL A 157 6.11 0.14 8.14
N PRO A 158 6.48 1.41 8.26
CA PRO A 158 5.66 2.38 8.96
C PRO A 158 4.49 2.88 8.13
N ASN A 159 3.72 3.78 8.75
CA ASN A 159 2.45 4.28 8.20
C ASN A 159 2.62 5.02 6.88
N GLY A 160 3.84 5.09 6.37
CA GLY A 160 4.09 5.76 5.11
C GLY A 160 5.18 5.09 4.30
N THR A 161 5.00 3.83 4.00
CA THR A 161 5.97 3.08 3.22
C THR A 161 5.56 3.07 1.75
N ARG A 162 6.52 3.28 0.86
CA ARG A 162 6.21 3.29 -0.56
C ARG A 162 6.25 1.88 -1.11
N VAL A 163 5.25 1.55 -1.90
CA VAL A 163 5.12 0.23 -2.48
C VAL A 163 4.66 0.31 -3.93
N THR A 164 5.45 -0.26 -4.82
CA THR A 164 5.18 -0.20 -6.23
C THR A 164 4.86 -1.58 -6.79
N ILE A 165 3.85 -1.62 -7.66
CA ILE A 165 3.58 -2.86 -8.36
C ILE A 165 3.72 -2.65 -9.85
N ASN A 166 4.76 -3.27 -10.39
CA ASN A 166 5.14 -3.08 -11.78
C ASN A 166 5.60 -4.41 -12.34
N ARG A 167 5.20 -4.63 -13.57
CA ARG A 167 5.49 -5.84 -14.30
C ARG A 167 6.89 -5.78 -14.90
N GLY A 168 7.47 -4.60 -14.83
CA GLY A 168 8.82 -4.40 -15.32
C GLY A 168 9.23 -2.94 -15.22
N SER A 169 8.81 -2.16 -16.20
CA SER A 169 9.10 -0.73 -16.22
C SER A 169 8.01 0.00 -17.01
N GLY A 1 6.23 17.96 15.86
CA GLY A 1 5.95 16.58 15.38
C GLY A 1 6.66 16.29 14.08
N ARG A 2 6.40 15.12 13.52
CA ARG A 2 7.01 14.73 12.25
C ARG A 2 6.28 15.38 11.09
N LYS A 3 6.88 15.26 9.91
CA LYS A 3 6.23 15.69 8.68
C LYS A 3 5.14 14.69 8.33
N LEU A 4 4.13 15.15 7.62
CA LEU A 4 3.03 14.29 7.20
C LEU A 4 3.18 13.82 5.76
N LEU A 5 2.31 12.89 5.36
CA LEU A 5 2.45 12.13 4.12
C LEU A 5 2.06 12.96 2.90
N THR A 6 2.64 12.61 1.78
CA THR A 6 2.17 13.08 0.50
C THR A 6 1.64 11.93 -0.37
N TYR A 7 0.63 12.31 -1.16
CA TYR A 7 -0.04 11.43 -2.10
C TYR A 7 -0.17 12.18 -3.42
N GLN A 8 -0.15 11.48 -4.52
CA GLN A 8 -0.36 12.11 -5.81
C GLN A 8 -1.42 11.29 -6.53
N VAL A 9 -2.55 11.92 -6.77
CA VAL A 9 -3.74 11.22 -7.18
C VAL A 9 -3.65 10.74 -8.62
N LYS A 10 -4.42 9.71 -8.92
CA LYS A 10 -4.43 9.08 -10.21
C LYS A 10 -5.59 9.61 -11.02
N GLN A 11 -5.43 9.62 -12.33
CA GLN A 11 -6.47 10.08 -13.21
C GLN A 11 -7.78 9.37 -12.93
N GLY A 12 -8.77 10.15 -12.52
CA GLY A 12 -10.08 9.61 -12.29
C GLY A 12 -10.44 9.53 -10.82
N ASP A 13 -9.47 9.79 -9.95
CA ASP A 13 -9.69 9.77 -8.50
C ASP A 13 -10.74 10.80 -8.07
N THR A 14 -11.47 10.48 -6.99
CA THR A 14 -12.51 11.36 -6.47
C THR A 14 -12.37 11.55 -4.96
N LEU A 15 -12.85 12.69 -4.48
CA LEU A 15 -12.62 13.12 -3.11
C LEU A 15 -12.92 12.04 -2.06
N ASN A 16 -14.14 11.55 -2.01
CA ASN A 16 -14.56 10.67 -0.92
C ASN A 16 -13.79 9.36 -0.97
N SER A 17 -13.61 8.92 -2.22
CA SER A 17 -12.95 7.67 -2.53
C SER A 17 -11.52 7.68 -2.02
N ILE A 18 -10.85 8.81 -2.19
CA ILE A 18 -9.48 8.98 -1.78
C ILE A 18 -9.31 9.13 -0.28
N ALA A 19 -10.22 9.87 0.34
CA ALA A 19 -10.21 10.04 1.79
C ALA A 19 -10.23 8.69 2.50
N ALA A 20 -11.28 7.93 2.36
CA ALA A 20 -11.30 6.64 3.02
C ALA A 20 -10.50 5.58 2.26
N ASP A 21 -9.99 5.96 1.11
CA ASP A 21 -8.84 5.25 0.53
C ASP A 21 -7.63 5.44 1.46
N PHE A 22 -7.56 6.60 2.10
CA PHE A 22 -6.56 6.84 3.11
C PHE A 22 -7.12 6.68 4.52
N ARG A 23 -8.27 6.03 4.61
CA ARG A 23 -8.91 5.71 5.88
C ARG A 23 -9.09 6.97 6.72
N ILE A 24 -9.69 8.01 6.15
CA ILE A 24 -9.78 9.32 6.78
C ILE A 24 -11.07 9.99 6.35
N SER A 25 -11.22 11.24 6.75
CA SER A 25 -12.34 12.05 6.32
C SER A 25 -11.92 12.94 5.18
N THR A 26 -12.83 13.18 4.24
CA THR A 26 -12.55 14.03 3.11
C THR A 26 -12.27 15.42 3.60
N ALA A 27 -13.01 15.80 4.62
CA ALA A 27 -12.87 17.09 5.24
C ALA A 27 -11.51 17.23 5.91
N ALA A 28 -10.91 16.12 6.34
CA ALA A 28 -9.61 16.18 7.00
C ALA A 28 -8.52 16.28 5.97
N LEU A 29 -8.70 15.55 4.88
CA LEU A 29 -7.81 15.63 3.75
C LEU A 29 -8.02 16.96 3.03
N LEU A 30 -9.16 17.58 3.28
CA LEU A 30 -9.43 18.92 2.80
C LEU A 30 -8.79 19.96 3.69
N GLN A 31 -8.80 19.68 4.99
CA GLN A 31 -8.26 20.59 5.99
C GLN A 31 -6.83 20.90 5.67
N ALA A 32 -6.13 19.85 5.32
CA ALA A 32 -4.75 19.92 4.94
C ALA A 32 -4.56 20.30 3.47
N ASN A 33 -5.60 20.14 2.67
CA ASN A 33 -5.50 20.31 1.22
C ASN A 33 -6.76 20.93 0.69
N PRO A 34 -6.95 22.21 0.94
CA PRO A 34 -8.11 22.98 0.48
C PRO A 34 -8.30 22.96 -1.03
N SER A 35 -7.31 22.53 -1.79
CA SER A 35 -7.50 22.41 -3.22
C SER A 35 -8.59 21.38 -3.53
N LEU A 36 -8.65 20.39 -2.66
CA LEU A 36 -9.51 19.24 -2.85
C LEU A 36 -10.97 19.48 -2.49
N GLN A 37 -11.33 20.65 -1.92
CA GLN A 37 -12.74 20.87 -1.56
C GLN A 37 -13.63 20.54 -2.71
N ALA A 38 -13.15 20.94 -3.85
CA ALA A 38 -13.84 20.72 -5.08
C ALA A 38 -13.55 19.33 -5.65
N GLY A 39 -12.28 18.96 -5.67
CA GLY A 39 -11.92 17.64 -6.14
C GLY A 39 -10.44 17.41 -6.23
N LEU A 40 -10.15 16.36 -6.96
CA LEU A 40 -8.80 15.90 -7.16
C LEU A 40 -8.44 15.94 -8.64
N THR A 41 -7.15 16.00 -8.89
CA THR A 41 -6.63 16.05 -10.25
C THR A 41 -5.46 15.08 -10.41
N ALA A 42 -5.49 14.28 -11.46
CA ALA A 42 -4.38 13.39 -11.76
C ALA A 42 -3.04 14.09 -11.70
N GLY A 43 -2.14 13.49 -10.95
CA GLY A 43 -0.81 14.04 -10.79
C GLY A 43 -0.74 15.08 -9.69
N GLN A 44 -1.90 15.54 -9.25
CA GLN A 44 -1.96 16.43 -8.11
C GLN A 44 -1.51 15.74 -6.86
N SER A 45 -0.99 16.51 -5.97
CA SER A 45 -0.33 16.02 -4.79
C SER A 45 -1.08 16.49 -3.55
N ILE A 46 -1.31 15.61 -2.61
CA ILE A 46 -2.10 15.94 -1.45
C ILE A 46 -1.45 15.38 -0.20
N VAL A 47 -1.67 16.08 0.91
CA VAL A 47 -1.14 15.68 2.19
C VAL A 47 -2.18 14.91 2.96
N ILE A 48 -1.69 13.98 3.78
CA ILE A 48 -2.54 13.11 4.54
C ILE A 48 -2.31 13.37 6.01
N PRO A 49 -3.07 14.30 6.57
CA PRO A 49 -2.91 14.75 7.94
C PRO A 49 -3.06 13.62 8.96
N GLY A 50 -2.22 13.65 9.98
CA GLY A 50 -2.20 12.60 10.98
C GLY A 50 -1.38 11.40 10.56
N LEU A 51 -0.92 11.40 9.31
CA LEU A 51 -0.05 10.37 8.80
C LEU A 51 1.28 11.01 8.44
N PRO A 52 2.39 10.49 9.00
CA PRO A 52 3.74 11.04 8.78
C PRO A 52 4.25 10.89 7.35
N ASP A 53 5.41 11.48 7.11
CA ASP A 53 5.95 11.62 5.77
C ASP A 53 6.83 10.44 5.41
N PRO A 54 6.69 9.97 4.16
CA PRO A 54 7.36 8.76 3.68
C PRO A 54 8.77 9.02 3.18
N TYR A 55 9.14 10.29 3.06
CA TYR A 55 10.44 10.65 2.52
C TYR A 55 11.45 10.88 3.63
N THR A 56 10.95 11.03 4.84
CA THR A 56 11.79 11.04 6.02
C THR A 56 11.90 9.61 6.58
N ILE A 57 11.16 8.71 5.97
CA ILE A 57 11.26 7.29 6.23
C ILE A 57 12.12 6.63 5.16
N PRO A 58 13.03 5.71 5.50
CA PRO A 58 13.60 4.86 4.51
C PRO A 58 12.99 3.46 4.61
N TYR A 59 12.02 3.23 3.78
CA TYR A 59 11.44 1.90 3.56
C TYR A 59 10.78 1.93 2.20
N HIS A 60 11.03 0.92 1.39
CA HIS A 60 10.81 1.02 -0.02
C HIS A 60 10.40 -0.36 -0.55
N ILE A 61 9.16 -0.44 -0.95
CA ILE A 61 8.59 -1.70 -1.38
C ILE A 61 8.60 -1.82 -2.88
N ALA A 62 9.31 -2.82 -3.38
CA ALA A 62 9.34 -3.11 -4.79
C ALA A 62 8.70 -4.46 -5.06
N VAL A 63 7.42 -4.40 -5.34
CA VAL A 63 6.68 -5.59 -5.67
C VAL A 63 6.30 -5.55 -7.13
N SER A 64 7.03 -6.25 -7.92
CA SER A 64 6.73 -6.30 -9.32
C SER A 64 5.88 -7.53 -9.58
N ILE A 65 4.65 -7.30 -10.04
CA ILE A 65 3.80 -8.37 -10.53
C ILE A 65 4.57 -9.28 -11.49
N GLY A 66 5.46 -8.67 -12.26
CA GLY A 66 6.34 -9.44 -13.12
C GLY A 66 7.28 -10.34 -12.31
N ALA A 67 7.83 -9.75 -11.27
CA ALA A 67 8.71 -10.45 -10.33
C ALA A 67 7.95 -11.45 -9.45
N LYS A 68 6.64 -11.21 -9.29
CA LYS A 68 5.76 -12.02 -8.42
C LYS A 68 6.22 -12.01 -6.96
N THR A 69 7.11 -11.10 -6.62
CA THR A 69 7.55 -11.00 -5.25
C THR A 69 7.71 -9.56 -4.83
N LEU A 70 7.30 -9.32 -3.61
CA LEU A 70 7.33 -8.02 -3.01
C LEU A 70 8.61 -7.87 -2.22
N THR A 71 9.47 -6.98 -2.67
CA THR A 71 10.78 -6.88 -2.07
C THR A 71 10.81 -5.75 -1.07
N LEU A 72 11.16 -6.08 0.16
CA LEU A 72 11.22 -5.04 1.16
C LEU A 72 12.58 -4.37 0.98
N SER A 73 12.65 -3.07 0.85
CA SER A 73 13.96 -2.45 0.66
C SER A 73 14.15 -1.27 1.57
N LEU A 74 15.27 -1.30 2.30
CA LEU A 74 15.64 -0.21 3.15
C LEU A 74 16.90 0.45 2.62
N ASN A 75 16.84 1.73 2.33
CA ASN A 75 18.04 2.49 1.98
C ASN A 75 18.55 2.01 0.63
N ASN A 76 17.57 1.71 -0.25
CA ASN A 76 17.81 1.23 -1.61
C ASN A 76 18.31 -0.21 -1.65
N ARG A 77 18.41 -0.84 -0.49
CA ARG A 77 18.73 -2.26 -0.50
C ARG A 77 17.80 -3.11 0.35
N VAL A 78 17.46 -4.24 -0.23
CA VAL A 78 16.45 -5.15 0.30
C VAL A 78 16.70 -5.56 1.73
N MET A 79 15.59 -5.78 2.38
CA MET A 79 15.52 -6.27 3.73
C MET A 79 15.23 -7.75 3.66
N LYS A 80 14.29 -8.04 2.78
CA LYS A 80 13.76 -9.38 2.58
C LYS A 80 12.71 -9.35 1.48
N THR A 81 12.41 -10.50 0.89
CA THR A 81 11.42 -10.57 -0.18
C THR A 81 10.25 -11.48 0.23
N TYR A 82 9.03 -11.00 0.05
CA TYR A 82 7.85 -11.76 0.42
C TYR A 82 7.02 -12.03 -0.82
N PRO A 83 6.44 -13.23 -0.93
CA PRO A 83 5.63 -13.59 -2.08
C PRO A 83 4.22 -13.04 -1.98
N ILE A 84 3.66 -12.64 -3.11
CA ILE A 84 2.32 -12.08 -3.12
C ILE A 84 1.50 -12.71 -4.25
N ALA A 85 0.23 -12.33 -4.37
CA ALA A 85 -0.65 -12.89 -5.40
C ALA A 85 -0.48 -12.17 -6.72
N VAL A 86 -0.06 -12.92 -7.73
CA VAL A 86 0.06 -12.41 -9.09
C VAL A 86 -0.57 -13.40 -10.06
N GLY A 87 -1.66 -13.00 -10.69
CA GLY A 87 -2.33 -13.84 -11.67
C GLY A 87 -2.69 -13.05 -12.91
N LYS A 88 -2.49 -13.64 -14.08
CA LYS A 88 -2.69 -12.92 -15.33
C LYS A 88 -4.10 -13.12 -15.89
N ILE A 89 -5.08 -12.64 -15.16
CA ILE A 89 -6.46 -12.66 -15.62
C ILE A 89 -6.85 -11.26 -16.13
N LEU A 90 -8.06 -10.81 -15.84
CA LEU A 90 -8.48 -9.46 -16.20
C LEU A 90 -7.75 -8.45 -15.30
N THR A 91 -6.48 -8.23 -15.62
CA THR A 91 -5.63 -7.35 -14.84
C THR A 91 -4.32 -7.12 -15.58
N GLN A 92 -3.70 -5.97 -15.36
CA GLN A 92 -2.46 -5.64 -16.02
C GLN A 92 -1.48 -5.04 -15.01
N THR A 93 -0.65 -4.13 -15.47
CA THR A 93 0.25 -3.39 -14.61
C THR A 93 -0.56 -2.48 -13.67
N PRO A 94 -0.48 -2.67 -12.35
CA PRO A 94 -1.19 -1.82 -11.38
C PRO A 94 -0.87 -0.35 -11.59
N THR A 95 -1.83 0.39 -12.12
CA THR A 95 -1.61 1.77 -12.53
C THR A 95 -1.77 2.74 -11.35
N GLY A 96 -1.22 2.37 -10.21
CA GLY A 96 -1.31 3.21 -9.04
C GLY A 96 -0.48 2.70 -7.89
N GLU A 97 0.43 3.54 -7.42
CA GLU A 97 1.26 3.20 -6.28
C GLU A 97 0.46 3.32 -4.99
N PHE A 98 0.86 2.57 -3.98
CA PHE A 98 0.22 2.66 -2.67
C PHE A 98 1.20 3.23 -1.65
N TYR A 99 0.76 3.44 -0.42
CA TYR A 99 1.65 3.72 0.70
C TYR A 99 1.19 2.93 1.91
N ILE A 100 2.15 2.36 2.64
CA ILE A 100 1.84 1.70 3.89
C ILE A 100 1.23 2.70 4.84
N ILE A 101 -0.05 2.56 5.05
CA ILE A 101 -0.78 3.56 5.79
C ILE A 101 -1.10 3.11 7.20
N ASN A 102 -1.31 1.81 7.45
CA ASN A 102 -1.70 1.42 8.80
C ASN A 102 -1.65 -0.09 9.05
N ARG A 103 -1.93 -0.36 10.30
CA ARG A 103 -1.96 -1.70 10.88
C ARG A 103 -3.18 -1.79 11.78
N GLN A 104 -4.01 -2.78 11.58
CA GLN A 104 -5.21 -2.89 12.37
C GLN A 104 -5.01 -3.80 13.55
N ARG A 105 -5.75 -3.49 14.59
CA ARG A 105 -5.90 -4.30 15.74
C ARG A 105 -6.27 -5.72 15.40
N ASN A 106 -5.95 -6.61 16.31
CA ASN A 106 -6.21 -8.03 16.18
C ASN A 106 -7.61 -8.29 15.61
N PRO A 107 -7.62 -8.68 14.33
CA PRO A 107 -8.83 -8.91 13.57
C PRO A 107 -9.72 -9.98 14.19
N GLY A 108 -9.13 -11.15 14.42
CA GLY A 108 -9.87 -12.28 14.95
C GLY A 108 -10.40 -13.17 13.85
N GLY A 109 -10.18 -12.76 12.61
CA GLY A 109 -10.66 -13.51 11.48
C GLY A 109 -9.53 -13.91 10.55
N PRO A 110 -9.87 -14.43 9.36
CA PRO A 110 -8.90 -14.81 8.31
C PRO A 110 -8.08 -13.64 7.75
N PHE A 111 -7.80 -12.66 8.59
CA PHE A 111 -6.99 -11.52 8.20
C PHE A 111 -5.50 -11.81 8.42
N GLY A 112 -5.24 -12.88 9.13
CA GLY A 112 -3.88 -13.36 9.31
C GLY A 112 -3.04 -12.50 10.22
N ALA A 113 -3.55 -12.23 11.41
CA ALA A 113 -2.75 -11.64 12.49
C ALA A 113 -2.49 -10.14 12.32
N TYR A 114 -2.75 -9.61 11.15
CA TYR A 114 -2.63 -8.18 10.92
C TYR A 114 -3.39 -7.76 9.66
N TRP A 115 -4.01 -6.60 9.71
CA TRP A 115 -4.56 -5.98 8.51
C TRP A 115 -3.77 -4.70 8.21
N LEU A 116 -2.86 -4.79 7.26
CA LEU A 116 -2.10 -3.62 6.85
C LEU A 116 -2.79 -2.94 5.68
N SER A 117 -3.32 -1.77 5.95
CA SER A 117 -4.13 -1.02 5.00
C SER A 117 -3.29 -0.55 3.81
N LEU A 118 -3.88 -0.61 2.61
CA LEU A 118 -3.21 -0.17 1.40
C LEU A 118 -3.85 1.13 0.91
N SER A 119 -3.14 1.85 0.06
CA SER A 119 -3.71 3.05 -0.55
C SER A 119 -4.31 2.69 -1.91
N LYS A 120 -4.78 1.46 -2.03
CA LYS A 120 -5.47 1.03 -3.23
C LYS A 120 -6.80 0.36 -2.85
N GLN A 121 -7.88 1.13 -2.90
CA GLN A 121 -9.22 0.60 -2.64
C GLN A 121 -9.27 -0.10 -1.28
N HIS A 122 -9.84 -1.30 -1.26
CA HIS A 122 -9.89 -2.09 -0.03
C HIS A 122 -8.87 -3.21 -0.07
N TYR A 123 -7.89 -3.09 -0.95
CA TYR A 123 -6.78 -4.04 -0.98
C TYR A 123 -5.88 -3.79 0.21
N GLY A 124 -5.15 -4.81 0.62
CA GLY A 124 -4.27 -4.66 1.75
C GLY A 124 -3.16 -5.67 1.76
N ILE A 125 -2.15 -5.37 2.54
CA ILE A 125 -1.11 -6.32 2.84
C ILE A 125 -1.50 -7.02 4.14
N HIS A 126 -1.88 -8.27 4.06
CA HIS A 126 -2.36 -8.96 5.24
C HIS A 126 -1.93 -10.42 5.27
N GLY A 127 -2.60 -11.18 6.12
CA GLY A 127 -2.27 -12.57 6.26
C GLY A 127 -3.42 -13.49 5.97
N THR A 128 -3.12 -14.76 5.85
CA THR A 128 -4.04 -15.71 5.27
C THR A 128 -4.28 -16.91 6.18
N ASN A 129 -5.15 -17.79 5.72
CA ASN A 129 -5.29 -19.12 6.29
C ASN A 129 -4.70 -20.15 5.33
N ASN A 130 -4.53 -19.73 4.08
CA ASN A 130 -3.91 -20.59 3.07
C ASN A 130 -2.74 -19.85 2.43
N PRO A 131 -1.50 -20.22 2.80
CA PRO A 131 -0.30 -19.59 2.27
C PRO A 131 0.19 -20.24 0.99
N ALA A 132 -0.56 -21.21 0.48
CA ALA A 132 -0.13 -21.97 -0.67
C ALA A 132 -0.58 -21.28 -1.95
N SER A 133 -1.59 -20.44 -1.83
CA SER A 133 -2.11 -19.67 -2.96
C SER A 133 -1.38 -18.33 -3.05
N ILE A 134 -0.28 -18.21 -2.33
CA ILE A 134 0.52 -17.00 -2.35
C ILE A 134 1.72 -17.18 -3.26
N GLY A 135 1.73 -16.43 -4.36
CA GLY A 135 2.79 -16.53 -5.33
C GLY A 135 2.26 -16.96 -6.68
N LYS A 136 2.09 -18.26 -6.86
CA LYS A 136 1.59 -18.80 -8.12
C LYS A 136 0.17 -19.31 -7.96
N ALA A 137 -0.77 -18.37 -7.84
CA ALA A 137 -2.18 -18.70 -7.75
C ALA A 137 -3.03 -17.47 -8.04
N VAL A 138 -4.18 -17.69 -8.65
CA VAL A 138 -5.06 -16.59 -9.03
C VAL A 138 -6.21 -16.47 -8.03
N SER A 139 -5.88 -16.06 -6.83
CA SER A 139 -6.86 -15.89 -5.77
C SER A 139 -7.42 -14.47 -5.77
N LYS A 140 -8.73 -14.36 -5.56
CA LYS A 140 -9.39 -13.07 -5.48
C LYS A 140 -8.88 -12.31 -4.26
N GLY A 141 -8.70 -13.03 -3.17
CA GLY A 141 -8.06 -12.47 -2.00
C GLY A 141 -6.56 -12.42 -2.17
N CYS A 142 -6.01 -11.23 -2.31
CA CYS A 142 -4.61 -11.08 -2.66
C CYS A 142 -3.78 -10.63 -1.46
N ILE A 143 -2.46 -10.70 -1.61
CA ILE A 143 -1.50 -10.14 -0.65
C ILE A 143 -1.82 -10.57 0.79
N ARG A 144 -1.92 -11.88 1.01
CA ARG A 144 -2.22 -12.42 2.32
C ARG A 144 -1.23 -13.54 2.66
N MET A 145 -0.20 -13.20 3.41
CA MET A 145 0.92 -14.11 3.64
C MET A 145 0.81 -14.81 4.98
N HIS A 146 1.92 -15.41 5.39
CA HIS A 146 2.01 -16.12 6.65
C HIS A 146 2.04 -15.11 7.79
N ASN A 147 1.49 -15.48 8.94
CA ASN A 147 1.32 -14.56 10.06
C ASN A 147 2.60 -13.80 10.41
N LYS A 148 3.65 -14.49 10.83
CA LYS A 148 4.85 -13.81 11.30
C LYS A 148 5.53 -13.02 10.18
N ASP A 149 5.24 -13.38 8.94
CA ASP A 149 5.77 -12.69 7.78
C ASP A 149 5.10 -11.34 7.60
N VAL A 150 3.81 -11.29 7.84
CA VAL A 150 3.05 -10.07 7.70
C VAL A 150 3.20 -9.18 8.94
N ILE A 151 3.66 -9.77 10.05
CA ILE A 151 4.03 -9.00 11.24
C ILE A 151 5.46 -8.50 11.14
N GLU A 152 6.40 -9.31 10.65
CA GLU A 152 7.69 -8.80 10.24
C GLU A 152 7.58 -7.50 9.45
N LEU A 153 7.05 -7.61 8.23
CA LEU A 153 6.88 -6.45 7.36
C LEU A 153 6.15 -5.34 8.09
N ALA A 154 5.10 -5.75 8.81
CA ALA A 154 4.18 -4.83 9.47
C ALA A 154 4.92 -3.84 10.34
N SER A 155 5.78 -4.37 11.20
CA SER A 155 6.44 -3.57 12.21
C SER A 155 7.61 -2.80 11.62
N ILE A 156 8.07 -3.24 10.45
CA ILE A 156 9.22 -2.60 9.82
C ILE A 156 8.76 -1.48 8.91
N VAL A 157 7.80 -1.79 8.05
CA VAL A 157 7.25 -0.78 7.17
C VAL A 157 6.25 0.09 7.94
N PRO A 158 6.63 1.35 8.17
CA PRO A 158 5.86 2.27 9.00
C PRO A 158 4.81 3.02 8.19
N ASN A 159 4.10 3.90 8.88
CA ASN A 159 3.12 4.76 8.22
C ASN A 159 3.87 5.70 7.29
N GLY A 160 3.72 5.48 5.99
CA GLY A 160 4.51 6.23 5.03
C GLY A 160 5.59 5.41 4.36
N THR A 161 5.32 4.16 4.06
CA THR A 161 6.25 3.37 3.27
C THR A 161 5.93 3.49 1.79
N ARG A 162 6.95 3.76 0.99
CA ARG A 162 6.77 3.92 -0.44
C ARG A 162 6.83 2.58 -1.14
N VAL A 163 5.92 2.38 -2.06
CA VAL A 163 5.77 1.09 -2.71
C VAL A 163 5.29 1.24 -4.14
N THR A 164 5.88 0.48 -5.04
CA THR A 164 5.41 0.43 -6.40
C THR A 164 4.96 -0.97 -6.80
N ILE A 165 3.88 -1.04 -7.56
CA ILE A 165 3.48 -2.33 -8.10
C ILE A 165 3.31 -2.29 -9.61
N ASN A 166 4.16 -3.06 -10.26
CA ASN A 166 4.32 -3.02 -11.70
C ASN A 166 4.61 -4.40 -12.26
N ARG A 167 4.08 -4.63 -13.45
CA ARG A 167 4.15 -5.94 -14.09
C ARG A 167 5.36 -6.02 -14.99
N GLY A 168 5.69 -4.89 -15.62
CA GLY A 168 6.84 -4.85 -16.49
C GLY A 168 6.81 -3.66 -17.41
N SER A 169 7.65 -2.68 -17.16
CA SER A 169 7.73 -1.49 -17.99
C SER A 169 9.17 -1.00 -18.07
N GLY A 1 5.91 18.86 14.45
CA GLY A 1 6.14 17.40 14.52
C GLY A 1 6.84 16.89 13.29
N ARG A 2 6.79 15.58 13.06
CA ARG A 2 7.40 14.97 11.89
C ARG A 2 6.65 15.41 10.64
N LYS A 3 7.28 15.28 9.49
CA LYS A 3 6.64 15.62 8.23
C LYS A 3 5.51 14.64 7.95
N LEU A 4 4.48 15.13 7.28
CA LEU A 4 3.34 14.30 6.93
C LEU A 4 3.44 13.77 5.49
N LEU A 5 2.55 12.83 5.14
CA LEU A 5 2.63 12.07 3.90
C LEU A 5 2.15 12.87 2.71
N THR A 6 2.72 12.57 1.57
CA THR A 6 2.20 13.07 0.32
C THR A 6 1.66 11.94 -0.57
N TYR A 7 0.65 12.31 -1.34
CA TYR A 7 -0.02 11.42 -2.28
C TYR A 7 -0.20 12.17 -3.59
N GLN A 8 -0.24 11.46 -4.69
CA GLN A 8 -0.53 12.07 -5.98
C GLN A 8 -1.63 11.26 -6.61
N VAL A 9 -2.78 11.88 -6.77
CA VAL A 9 -4.00 11.19 -7.08
C VAL A 9 -4.00 10.68 -8.52
N LYS A 10 -4.83 9.69 -8.76
CA LYS A 10 -4.85 9.02 -10.03
C LYS A 10 -6.15 9.33 -10.74
N GLN A 11 -6.06 9.44 -12.05
CA GLN A 11 -7.18 9.88 -12.88
C GLN A 11 -8.42 9.03 -12.64
N GLY A 12 -9.49 9.69 -12.22
CA GLY A 12 -10.71 9.00 -11.90
C GLY A 12 -11.07 9.18 -10.44
N ASP A 13 -10.13 9.77 -9.71
CA ASP A 13 -10.28 10.14 -8.30
C ASP A 13 -11.65 10.72 -7.93
N THR A 14 -12.11 10.36 -6.73
CA THR A 14 -13.18 11.07 -6.06
C THR A 14 -12.83 11.36 -4.61
N LEU A 15 -13.11 12.59 -4.21
CA LEU A 15 -12.74 13.09 -2.88
C LEU A 15 -12.97 12.08 -1.77
N ASN A 16 -14.20 11.59 -1.63
CA ASN A 16 -14.56 10.76 -0.49
C ASN A 16 -13.80 9.45 -0.53
N SER A 17 -13.65 8.97 -1.75
CA SER A 17 -12.99 7.71 -2.05
C SER A 17 -11.53 7.78 -1.66
N ILE A 18 -10.89 8.90 -1.97
CA ILE A 18 -9.49 9.10 -1.68
C ILE A 18 -9.25 9.25 -0.17
N ALA A 19 -10.16 9.98 0.49
CA ALA A 19 -10.09 10.16 1.93
C ALA A 19 -10.12 8.83 2.66
N ALA A 20 -11.17 8.06 2.48
CA ALA A 20 -11.22 6.79 3.17
C ALA A 20 -10.44 5.70 2.43
N ASP A 21 -9.91 6.02 1.27
CA ASP A 21 -8.75 5.30 0.76
C ASP A 21 -7.60 5.48 1.75
N PHE A 22 -7.50 6.67 2.32
CA PHE A 22 -6.50 6.95 3.33
C PHE A 22 -7.05 6.85 4.74
N ARG A 23 -8.08 6.01 4.89
CA ARG A 23 -8.93 5.91 6.08
C ARG A 23 -8.96 7.18 6.93
N ILE A 24 -9.54 8.23 6.37
CA ILE A 24 -9.60 9.53 7.01
C ILE A 24 -10.91 10.19 6.61
N SER A 25 -11.05 11.44 6.99
CA SER A 25 -12.18 12.23 6.55
C SER A 25 -11.76 13.15 5.44
N THR A 26 -12.67 13.39 4.51
CA THR A 26 -12.39 14.23 3.37
C THR A 26 -12.07 15.62 3.85
N ALA A 27 -12.75 16.00 4.91
CA ALA A 27 -12.58 17.29 5.52
C ALA A 27 -11.20 17.44 6.14
N ALA A 28 -10.55 16.34 6.51
CA ALA A 28 -9.24 16.41 7.11
C ALA A 28 -8.19 16.48 6.03
N LEU A 29 -8.42 15.73 4.96
CA LEU A 29 -7.57 15.76 3.80
C LEU A 29 -7.82 17.08 3.05
N LEU A 30 -8.95 17.70 3.34
CA LEU A 30 -9.27 19.02 2.85
C LEU A 30 -8.59 20.10 3.66
N GLN A 31 -8.53 19.87 4.96
CA GLN A 31 -7.95 20.84 5.88
C GLN A 31 -6.52 21.12 5.49
N ALA A 32 -5.84 20.05 5.17
CA ALA A 32 -4.48 20.10 4.72
C ALA A 32 -4.39 20.46 3.25
N ASN A 33 -5.46 20.25 2.51
CA ASN A 33 -5.44 20.39 1.05
C ASN A 33 -6.74 21.00 0.57
N PRO A 34 -6.92 22.29 0.82
CA PRO A 34 -8.11 23.03 0.40
C PRO A 34 -8.37 22.99 -1.10
N SER A 35 -7.41 22.55 -1.89
CA SER A 35 -7.66 22.39 -3.31
C SER A 35 -8.77 21.37 -3.54
N LEU A 36 -8.81 20.40 -2.64
CA LEU A 36 -9.67 19.24 -2.77
C LEU A 36 -11.11 19.47 -2.35
N GLN A 37 -11.46 20.63 -1.77
CA GLN A 37 -12.85 20.85 -1.35
C GLN A 37 -13.79 20.52 -2.45
N ALA A 38 -13.41 20.98 -3.60
CA ALA A 38 -14.17 20.77 -4.79
C ALA A 38 -13.88 19.38 -5.36
N GLY A 39 -12.60 19.04 -5.43
CA GLY A 39 -12.22 17.74 -5.89
C GLY A 39 -10.75 17.55 -6.00
N LEU A 40 -10.41 16.45 -6.61
CA LEU A 40 -9.05 16.04 -6.86
C LEU A 40 -8.77 16.10 -8.35
N THR A 41 -7.50 16.17 -8.69
CA THR A 41 -7.07 16.16 -10.07
C THR A 41 -6.00 15.10 -10.27
N ALA A 42 -6.14 14.28 -11.31
CA ALA A 42 -5.10 13.33 -11.66
C ALA A 42 -3.74 13.97 -11.71
N GLY A 43 -2.80 13.33 -11.02
CA GLY A 43 -1.44 13.82 -10.97
C GLY A 43 -1.24 14.89 -9.92
N GLN A 44 -2.35 15.40 -9.40
CA GLN A 44 -2.29 16.34 -8.30
C GLN A 44 -1.75 15.67 -7.06
N SER A 45 -1.17 16.48 -6.23
CA SER A 45 -0.46 16.00 -5.07
C SER A 45 -1.18 16.48 -3.81
N ILE A 46 -1.35 15.61 -2.84
CA ILE A 46 -2.09 15.96 -1.65
C ILE A 46 -1.39 15.43 -0.41
N VAL A 47 -1.59 16.13 0.68
CA VAL A 47 -1.01 15.76 1.95
C VAL A 47 -2.02 14.98 2.77
N ILE A 48 -1.51 14.09 3.59
CA ILE A 48 -2.34 13.23 4.40
C ILE A 48 -2.04 13.52 5.85
N PRO A 49 -2.78 14.48 6.41
CA PRO A 49 -2.56 14.97 7.75
C PRO A 49 -2.70 13.88 8.81
N GLY A 50 -1.86 13.95 9.83
CA GLY A 50 -1.85 12.94 10.85
C GLY A 50 -1.07 11.69 10.43
N LEU A 51 -0.66 11.66 9.18
CA LEU A 51 0.14 10.57 8.66
C LEU A 51 1.50 11.11 8.26
N PRO A 52 2.59 10.53 8.79
CA PRO A 52 3.98 10.99 8.53
C PRO A 52 4.43 10.81 7.08
N ASP A 53 5.61 11.36 6.81
CA ASP A 53 6.13 11.48 5.45
C ASP A 53 6.97 10.28 5.06
N PRO A 54 6.77 9.79 3.84
CA PRO A 54 7.40 8.56 3.35
C PRO A 54 8.82 8.77 2.85
N TYR A 55 9.25 10.02 2.77
CA TYR A 55 10.59 10.32 2.29
C TYR A 55 11.57 10.39 3.44
N THR A 56 11.07 10.75 4.62
CA THR A 56 11.88 10.70 5.81
C THR A 56 11.84 9.28 6.39
N ILE A 57 10.90 8.50 5.86
CA ILE A 57 10.85 7.07 6.11
C ILE A 57 11.75 6.35 5.10
N PRO A 58 12.69 5.51 5.54
CA PRO A 58 13.39 4.68 4.61
C PRO A 58 12.84 3.26 4.68
N TYR A 59 11.93 3.01 3.77
CA TYR A 59 11.36 1.69 3.53
C TYR A 59 10.79 1.72 2.12
N HIS A 60 11.14 0.74 1.32
CA HIS A 60 10.94 0.81 -0.11
C HIS A 60 10.43 -0.55 -0.55
N ILE A 61 9.15 -0.60 -0.83
CA ILE A 61 8.52 -1.86 -1.17
C ILE A 61 8.49 -2.04 -2.67
N ALA A 62 9.31 -2.96 -3.14
CA ALA A 62 9.44 -3.20 -4.55
C ALA A 62 8.90 -4.57 -4.91
N VAL A 63 7.67 -4.55 -5.36
CA VAL A 63 7.02 -5.76 -5.79
C VAL A 63 6.80 -5.70 -7.29
N SER A 64 7.68 -6.33 -8.00
CA SER A 64 7.60 -6.35 -9.43
C SER A 64 6.87 -7.60 -9.86
N ILE A 65 5.79 -7.43 -10.61
CA ILE A 65 4.98 -8.51 -11.08
C ILE A 65 5.78 -9.49 -11.94
N GLY A 66 6.76 -8.94 -12.65
CA GLY A 66 7.69 -9.79 -13.38
C GLY A 66 8.52 -10.63 -12.43
N ALA A 67 8.93 -10.00 -11.34
CA ALA A 67 9.69 -10.66 -10.28
C ALA A 67 8.82 -11.59 -9.42
N LYS A 68 7.51 -11.29 -9.41
CA LYS A 68 6.51 -12.02 -8.64
C LYS A 68 6.84 -12.08 -7.15
N THR A 69 7.69 -11.18 -6.70
CA THR A 69 8.04 -11.10 -5.29
C THR A 69 8.16 -9.67 -4.84
N LEU A 70 7.67 -9.45 -3.63
CA LEU A 70 7.66 -8.14 -3.03
C LEU A 70 8.89 -7.98 -2.16
N THR A 71 9.71 -7.00 -2.50
CA THR A 71 10.98 -6.83 -1.82
C THR A 71 10.91 -5.71 -0.80
N LEU A 72 11.25 -6.02 0.44
CA LEU A 72 11.27 -4.99 1.45
C LEU A 72 12.62 -4.28 1.31
N SER A 73 12.69 -2.99 1.42
CA SER A 73 14.00 -2.32 1.29
C SER A 73 14.15 -1.14 2.24
N LEU A 74 15.26 -1.16 2.98
CA LEU A 74 15.58 -0.11 3.91
C LEU A 74 16.86 0.58 3.50
N ASN A 75 16.83 1.88 3.34
CA ASN A 75 18.03 2.67 3.13
C ASN A 75 18.71 2.22 1.83
N ASN A 76 17.88 1.98 0.82
CA ASN A 76 18.31 1.60 -0.54
C ASN A 76 18.64 0.11 -0.65
N ARG A 77 18.63 -0.59 0.48
CA ARG A 77 18.89 -2.02 0.40
C ARG A 77 17.85 -2.87 1.12
N VAL A 78 17.52 -3.97 0.44
CA VAL A 78 16.46 -4.89 0.85
C VAL A 78 16.63 -5.38 2.26
N MET A 79 15.49 -5.65 2.83
CA MET A 79 15.38 -6.20 4.15
C MET A 79 15.12 -7.67 4.04
N LYS A 80 14.23 -7.96 3.11
CA LYS A 80 13.75 -9.32 2.85
C LYS A 80 12.72 -9.31 1.72
N THR A 81 12.51 -10.46 1.09
CA THR A 81 11.56 -10.55 -0.02
C THR A 81 10.45 -11.57 0.28
N TYR A 82 9.21 -11.21 -0.06
CA TYR A 82 8.07 -12.09 0.18
C TYR A 82 7.26 -12.29 -1.09
N PRO A 83 6.86 -13.54 -1.35
CA PRO A 83 5.96 -13.88 -2.46
C PRO A 83 4.59 -13.25 -2.30
N ILE A 84 4.00 -12.83 -3.42
CA ILE A 84 2.68 -12.21 -3.40
C ILE A 84 1.86 -12.71 -4.59
N ALA A 85 0.66 -12.17 -4.76
CA ALA A 85 -0.15 -12.48 -5.94
C ALA A 85 0.23 -11.56 -7.08
N VAL A 86 0.26 -12.10 -8.27
CA VAL A 86 0.72 -11.37 -9.44
C VAL A 86 -0.28 -11.49 -10.57
N GLY A 87 -0.52 -10.38 -11.25
CA GLY A 87 -1.52 -10.34 -12.29
C GLY A 87 -1.08 -11.03 -13.56
N LYS A 88 -1.25 -12.35 -13.61
CA LYS A 88 -1.00 -13.10 -14.83
C LYS A 88 -2.04 -12.73 -15.88
N ILE A 89 -3.25 -12.45 -15.42
CA ILE A 89 -4.34 -12.08 -16.31
C ILE A 89 -4.31 -10.57 -16.58
N LEU A 90 -3.75 -9.82 -15.63
CA LEU A 90 -3.69 -8.38 -15.73
C LEU A 90 -2.62 -7.96 -16.73
N THR A 91 -3.03 -7.75 -17.97
CA THR A 91 -2.12 -7.33 -19.02
C THR A 91 -1.89 -5.82 -18.93
N GLN A 92 -1.33 -5.39 -17.82
CA GLN A 92 -1.12 -3.98 -17.54
C GLN A 92 -0.17 -3.82 -16.36
N THR A 93 0.73 -2.86 -16.47
CA THR A 93 1.58 -2.48 -15.34
C THR A 93 0.85 -1.47 -14.48
N PRO A 94 0.42 -1.85 -13.26
CA PRO A 94 -0.32 -0.96 -12.36
C PRO A 94 0.35 0.41 -12.23
N THR A 95 -0.19 1.39 -12.94
CA THR A 95 0.42 2.70 -13.02
C THR A 95 0.24 3.48 -11.72
N GLY A 96 1.35 3.98 -11.18
CA GLY A 96 1.31 4.76 -9.97
C GLY A 96 1.55 3.90 -8.74
N GLU A 97 2.41 4.40 -7.86
CA GLU A 97 2.75 3.68 -6.64
C GLU A 97 1.65 3.77 -5.60
N PHE A 98 1.78 2.98 -4.55
CA PHE A 98 0.91 3.07 -3.38
C PHE A 98 1.77 3.29 -2.16
N TYR A 99 1.14 3.48 -1.03
CA TYR A 99 1.84 3.61 0.24
C TYR A 99 1.18 2.77 1.31
N ILE A 100 2.00 2.10 2.10
CA ILE A 100 1.57 1.50 3.34
C ILE A 100 1.03 2.60 4.21
N ILE A 101 -0.19 2.44 4.66
CA ILE A 101 -0.79 3.49 5.45
C ILE A 101 -1.15 3.03 6.86
N ASN A 102 -1.30 1.72 7.08
CA ASN A 102 -1.73 1.29 8.41
C ASN A 102 -1.59 -0.20 8.66
N ARG A 103 -1.93 -0.50 9.89
CA ARG A 103 -1.98 -1.84 10.45
C ARG A 103 -3.01 -1.87 11.56
N GLN A 104 -3.96 -2.78 11.43
CA GLN A 104 -5.15 -2.77 12.27
C GLN A 104 -5.11 -3.87 13.31
N ARG A 105 -5.93 -3.66 14.29
CA ARG A 105 -6.20 -4.62 15.31
C ARG A 105 -6.61 -5.96 14.74
N ASN A 106 -6.37 -6.95 15.57
CA ASN A 106 -6.71 -8.32 15.29
C ASN A 106 -8.11 -8.43 14.70
N PRO A 107 -8.15 -8.79 13.42
CA PRO A 107 -9.38 -8.99 12.67
C PRO A 107 -10.28 -10.00 13.36
N GLY A 108 -9.67 -11.12 13.73
CA GLY A 108 -10.36 -12.15 14.48
C GLY A 108 -10.74 -13.34 13.62
N GLY A 109 -10.79 -13.13 12.32
CA GLY A 109 -11.15 -14.20 11.41
C GLY A 109 -10.00 -14.58 10.51
N PRO A 110 -10.26 -15.42 9.50
CA PRO A 110 -9.27 -15.85 8.48
C PRO A 110 -8.75 -14.71 7.60
N PHE A 111 -8.63 -13.53 8.18
CA PHE A 111 -8.16 -12.36 7.45
C PHE A 111 -6.63 -12.35 7.41
N GLY A 112 -6.02 -13.12 8.30
CA GLY A 112 -4.59 -13.35 8.23
C GLY A 112 -3.77 -12.49 9.16
N ALA A 113 -4.04 -12.57 10.46
CA ALA A 113 -3.15 -12.06 11.50
C ALA A 113 -3.14 -10.54 11.63
N TYR A 114 -3.05 -9.85 10.51
CA TYR A 114 -2.95 -8.41 10.52
C TYR A 114 -3.78 -7.82 9.40
N TRP A 115 -4.06 -6.53 9.49
CA TRP A 115 -4.71 -5.81 8.42
C TRP A 115 -3.87 -4.58 8.10
N LEU A 116 -3.07 -4.68 7.05
CA LEU A 116 -2.29 -3.55 6.60
C LEU A 116 -2.83 -3.00 5.29
N SER A 117 -2.84 -1.69 5.22
CA SER A 117 -3.53 -0.99 4.15
C SER A 117 -2.59 -0.37 3.15
N LEU A 118 -3.05 -0.31 1.91
CA LEU A 118 -2.36 0.39 0.84
C LEU A 118 -3.09 1.70 0.56
N SER A 119 -2.69 2.44 -0.46
CA SER A 119 -3.31 3.74 -0.73
C SER A 119 -4.72 3.60 -1.30
N LYS A 120 -4.84 3.12 -2.53
CA LYS A 120 -6.12 3.15 -3.23
C LYS A 120 -6.53 1.76 -3.69
N GLN A 121 -7.86 1.57 -3.75
CA GLN A 121 -8.48 0.36 -4.31
C GLN A 121 -8.40 -0.80 -3.33
N HIS A 122 -9.04 -1.91 -3.69
CA HIS A 122 -9.16 -3.06 -2.78
C HIS A 122 -7.91 -3.94 -2.81
N TYR A 123 -6.75 -3.30 -2.83
CA TYR A 123 -5.48 -3.98 -2.71
C TYR A 123 -4.86 -3.66 -1.36
N GLY A 124 -4.48 -4.69 -0.61
CA GLY A 124 -3.92 -4.46 0.69
C GLY A 124 -2.88 -5.51 1.03
N ILE A 125 -1.93 -5.14 1.87
CA ILE A 125 -0.93 -6.07 2.35
C ILE A 125 -1.39 -6.68 3.65
N HIS A 126 -1.61 -7.98 3.66
CA HIS A 126 -2.07 -8.64 4.85
C HIS A 126 -1.70 -10.11 4.83
N GLY A 127 -2.37 -10.88 5.64
CA GLY A 127 -2.01 -12.27 5.78
C GLY A 127 -3.13 -13.20 5.38
N THR A 128 -2.83 -14.47 5.43
CA THR A 128 -3.71 -15.47 4.89
C THR A 128 -3.81 -16.65 5.83
N ASN A 129 -4.70 -17.58 5.52
CA ASN A 129 -4.71 -18.89 6.12
C ASN A 129 -4.12 -19.89 5.14
N ASN A 130 -4.10 -19.50 3.87
CA ASN A 130 -3.56 -20.34 2.81
C ASN A 130 -2.49 -19.57 2.02
N PRO A 131 -1.21 -19.88 2.26
CA PRO A 131 -0.10 -19.24 1.56
C PRO A 131 0.31 -19.98 0.29
N ALA A 132 -0.44 -21.02 -0.07
CA ALA A 132 -0.06 -21.89 -1.16
C ALA A 132 -0.52 -21.32 -2.49
N SER A 133 -1.54 -20.47 -2.44
CA SER A 133 -2.05 -19.80 -3.62
C SER A 133 -1.24 -18.54 -3.89
N ILE A 134 -0.51 -18.10 -2.87
CA ILE A 134 0.35 -16.93 -2.96
C ILE A 134 1.48 -17.17 -3.95
N GLY A 135 1.50 -16.37 -5.01
CA GLY A 135 2.49 -16.52 -6.06
C GLY A 135 1.90 -17.18 -7.30
N LYS A 136 0.65 -17.60 -7.20
CA LYS A 136 0.00 -18.33 -8.28
C LYS A 136 -1.40 -17.77 -8.58
N ALA A 137 -2.20 -17.60 -7.54
CA ALA A 137 -3.57 -17.14 -7.69
C ALA A 137 -3.61 -15.66 -8.07
N VAL A 138 -4.54 -15.31 -8.95
CA VAL A 138 -4.66 -13.95 -9.45
C VAL A 138 -6.02 -13.35 -9.07
N SER A 139 -7.09 -13.98 -9.51
CA SER A 139 -8.44 -13.50 -9.24
C SER A 139 -8.79 -13.66 -7.77
N LYS A 140 -8.45 -14.82 -7.21
CA LYS A 140 -8.64 -15.08 -5.80
C LYS A 140 -7.46 -14.57 -5.01
N GLY A 141 -6.29 -14.62 -5.64
CA GLY A 141 -5.06 -14.26 -4.97
C GLY A 141 -4.94 -12.78 -4.70
N CYS A 142 -4.63 -12.43 -3.46
CA CYS A 142 -4.37 -11.05 -3.08
C CYS A 142 -2.98 -10.95 -2.48
N ILE A 143 -2.62 -9.76 -2.01
CA ILE A 143 -1.29 -9.53 -1.45
C ILE A 143 -1.25 -10.01 0.01
N ARG A 144 -1.23 -11.33 0.16
CA ARG A 144 -1.25 -11.94 1.48
C ARG A 144 0.05 -12.71 1.72
N MET A 145 0.40 -12.85 2.99
CA MET A 145 1.60 -13.57 3.38
C MET A 145 1.30 -14.45 4.58
N HIS A 146 2.33 -15.08 5.14
CA HIS A 146 2.16 -15.88 6.32
C HIS A 146 2.06 -14.96 7.53
N ASN A 147 1.42 -15.42 8.60
CA ASN A 147 1.15 -14.58 9.76
C ASN A 147 2.40 -13.84 10.24
N LYS A 148 3.38 -14.55 10.76
CA LYS A 148 4.54 -13.89 11.35
C LYS A 148 5.27 -13.03 10.32
N ASP A 149 5.17 -13.39 9.05
CA ASP A 149 5.84 -12.67 7.99
C ASP A 149 5.19 -11.33 7.73
N VAL A 150 3.86 -11.30 7.77
CA VAL A 150 3.11 -10.06 7.58
C VAL A 150 3.21 -9.17 8.82
N ILE A 151 3.59 -9.77 9.96
CA ILE A 151 3.83 -9.01 11.18
C ILE A 151 5.29 -8.52 11.23
N GLU A 152 6.26 -9.32 10.80
CA GLU A 152 7.58 -8.79 10.47
C GLU A 152 7.50 -7.52 9.64
N LEU A 153 7.07 -7.65 8.39
CA LEU A 153 6.93 -6.51 7.50
C LEU A 153 6.15 -5.39 8.18
N ALA A 154 5.09 -5.81 8.86
CA ALA A 154 4.13 -4.89 9.45
C ALA A 154 4.79 -3.89 10.37
N SER A 155 5.54 -4.43 11.32
CA SER A 155 6.12 -3.64 12.39
C SER A 155 7.32 -2.86 11.89
N ILE A 156 7.81 -3.22 10.71
CA ILE A 156 8.95 -2.55 10.14
C ILE A 156 8.48 -1.43 9.20
N VAL A 157 7.55 -1.76 8.32
CA VAL A 157 7.01 -0.77 7.40
C VAL A 157 6.00 0.13 8.11
N PRO A 158 6.31 1.42 8.18
CA PRO A 158 5.51 2.39 8.91
C PRO A 158 4.32 2.90 8.09
N ASN A 159 3.58 3.81 8.71
CA ASN A 159 2.35 4.38 8.14
C ASN A 159 2.56 5.06 6.79
N GLY A 160 3.78 5.12 6.31
CA GLY A 160 4.06 5.78 5.05
C GLY A 160 5.16 5.09 4.26
N THR A 161 4.97 3.81 3.99
CA THR A 161 5.92 3.06 3.21
C THR A 161 5.52 3.06 1.74
N ARG A 162 6.47 3.26 0.84
CA ARG A 162 6.16 3.26 -0.58
C ARG A 162 6.18 1.86 -1.13
N VAL A 163 5.26 1.58 -2.04
CA VAL A 163 5.13 0.27 -2.64
C VAL A 163 4.74 0.37 -4.11
N THR A 164 5.56 -0.22 -4.96
CA THR A 164 5.36 -0.16 -6.40
C THR A 164 4.99 -1.52 -6.98
N ILE A 165 4.05 -1.52 -7.94
CA ILE A 165 3.79 -2.77 -8.67
C ILE A 165 3.90 -2.55 -10.16
N ASN A 166 4.90 -3.21 -10.71
CA ASN A 166 5.24 -3.08 -12.11
C ASN A 166 5.71 -4.42 -12.65
N ARG A 167 5.12 -4.84 -13.73
CA ARG A 167 5.43 -6.12 -14.32
C ARG A 167 6.49 -6.00 -15.38
N GLY A 168 6.53 -4.86 -16.04
CA GLY A 168 7.58 -4.59 -16.99
C GLY A 168 8.26 -3.26 -16.72
N SER A 169 9.27 -3.29 -15.86
CA SER A 169 10.03 -2.09 -15.53
C SER A 169 11.46 -2.50 -15.14
N GLY A 1 6.02 17.14 14.21
CA GLY A 1 7.09 16.12 14.35
C GLY A 1 7.74 15.81 13.02
N ARG A 2 7.48 14.63 12.49
CA ARG A 2 7.97 14.26 11.18
C ARG A 2 7.11 14.90 10.10
N LYS A 3 7.62 14.89 8.88
CA LYS A 3 6.83 15.36 7.74
C LYS A 3 5.65 14.44 7.54
N LEU A 4 4.56 14.98 7.01
CA LEU A 4 3.38 14.19 6.73
C LEU A 4 3.40 13.65 5.29
N LEU A 5 2.51 12.71 5.00
CA LEU A 5 2.54 11.96 3.75
C LEU A 5 2.05 12.77 2.59
N THR A 6 2.60 12.48 1.43
CA THR A 6 2.05 12.98 0.19
C THR A 6 1.49 11.84 -0.67
N TYR A 7 0.48 12.20 -1.44
CA TYR A 7 -0.22 11.31 -2.35
C TYR A 7 -0.39 12.04 -3.68
N GLN A 8 -0.43 11.32 -4.77
CA GLN A 8 -0.69 11.90 -6.07
C GLN A 8 -1.81 11.10 -6.70
N VAL A 9 -2.90 11.77 -7.03
CA VAL A 9 -4.12 11.13 -7.43
C VAL A 9 -4.12 10.74 -8.90
N LYS A 10 -4.97 9.78 -9.24
CA LYS A 10 -5.08 9.30 -10.60
C LYS A 10 -6.32 9.87 -11.24
N GLN A 11 -6.28 10.04 -12.55
CA GLN A 11 -7.39 10.61 -13.29
C GLN A 11 -8.69 9.89 -13.00
N GLY A 12 -9.57 10.58 -12.29
CA GLY A 12 -10.87 10.04 -12.00
C GLY A 12 -11.11 9.84 -10.52
N ASP A 13 -10.06 9.99 -9.72
CA ASP A 13 -10.17 9.89 -8.26
C ASP A 13 -11.11 10.98 -7.72
N THR A 14 -11.73 10.70 -6.58
CA THR A 14 -12.68 11.62 -5.98
C THR A 14 -12.46 11.81 -4.49
N LEU A 15 -12.91 12.95 -3.99
CA LEU A 15 -12.64 13.37 -2.63
C LEU A 15 -12.94 12.29 -1.58
N ASN A 16 -14.18 11.81 -1.53
CA ASN A 16 -14.62 10.96 -0.42
C ASN A 16 -13.89 9.63 -0.45
N SER A 17 -13.76 9.13 -1.67
CA SER A 17 -13.08 7.88 -1.96
C SER A 17 -11.68 7.91 -1.40
N ILE A 18 -10.95 8.95 -1.77
CA ILE A 18 -9.57 9.10 -1.43
C ILE A 18 -9.36 9.27 0.07
N ALA A 19 -10.24 10.05 0.70
CA ALA A 19 -10.19 10.28 2.14
C ALA A 19 -10.23 8.98 2.93
N ALA A 20 -11.33 8.26 2.88
CA ALA A 20 -11.41 7.05 3.68
C ALA A 20 -10.72 5.87 3.01
N ASP A 21 -10.26 6.06 1.80
CA ASP A 21 -9.18 5.24 1.26
C ASP A 21 -7.90 5.51 2.07
N PHE A 22 -7.74 6.72 2.57
CA PHE A 22 -6.64 7.02 3.46
C PHE A 22 -7.04 6.94 4.92
N ARG A 23 -8.20 6.32 5.16
CA ARG A 23 -8.69 6.10 6.52
C ARG A 23 -8.78 7.42 7.29
N ILE A 24 -9.43 8.41 6.69
CA ILE A 24 -9.46 9.75 7.25
C ILE A 24 -10.78 10.42 6.87
N SER A 25 -10.89 11.69 7.18
CA SER A 25 -12.02 12.49 6.74
C SER A 25 -11.64 13.28 5.52
N THR A 26 -12.61 13.50 4.63
CA THR A 26 -12.38 14.34 3.50
C THR A 26 -12.04 15.73 3.99
N ALA A 27 -12.69 16.10 5.07
CA ALA A 27 -12.51 17.40 5.67
C ALA A 27 -11.09 17.57 6.23
N ALA A 28 -10.45 16.47 6.64
CA ALA A 28 -9.11 16.56 7.19
C ALA A 28 -8.10 16.62 6.05
N LEU A 29 -8.38 15.85 5.00
CA LEU A 29 -7.55 15.87 3.82
C LEU A 29 -7.81 17.17 3.04
N LEU A 30 -8.94 17.80 3.33
CA LEU A 30 -9.26 19.11 2.81
C LEU A 30 -8.54 20.21 3.56
N GLN A 31 -8.47 20.03 4.86
CA GLN A 31 -7.90 21.04 5.74
C GLN A 31 -6.46 21.27 5.39
N ALA A 32 -5.80 20.17 5.11
CA ALA A 32 -4.43 20.19 4.69
C ALA A 32 -4.31 20.50 3.20
N ASN A 33 -5.39 20.31 2.46
CA ASN A 33 -5.37 20.43 1.00
C ASN A 33 -6.66 21.08 0.52
N PRO A 34 -6.81 22.38 0.78
CA PRO A 34 -7.99 23.15 0.37
C PRO A 34 -8.26 23.11 -1.13
N SER A 35 -7.32 22.64 -1.92
CA SER A 35 -7.56 22.47 -3.33
C SER A 35 -8.70 21.47 -3.55
N LEU A 36 -8.77 20.52 -2.64
CA LEU A 36 -9.67 19.39 -2.75
C LEU A 36 -11.10 19.67 -2.34
N GLN A 37 -11.41 20.86 -1.78
CA GLN A 37 -12.82 21.12 -1.43
C GLN A 37 -13.69 20.86 -2.61
N ALA A 38 -13.17 21.27 -3.72
CA ALA A 38 -13.84 21.08 -4.96
C ALA A 38 -13.63 19.67 -5.51
N GLY A 39 -12.39 19.20 -5.49
CA GLY A 39 -12.12 17.85 -5.90
C GLY A 39 -10.66 17.51 -5.97
N LEU A 40 -10.42 16.43 -6.68
CA LEU A 40 -9.10 15.92 -6.94
C LEU A 40 -8.80 15.96 -8.43
N THR A 41 -7.53 15.96 -8.76
CA THR A 41 -7.09 16.04 -10.16
C THR A 41 -5.96 15.06 -10.42
N ALA A 42 -6.02 14.34 -11.54
CA ALA A 42 -4.93 13.48 -11.97
C ALA A 42 -3.56 14.14 -11.86
N GLY A 43 -2.67 13.44 -11.18
CA GLY A 43 -1.31 13.91 -11.03
C GLY A 43 -1.18 14.91 -9.91
N GLN A 44 -2.32 15.41 -9.44
CA GLN A 44 -2.32 16.30 -8.30
C GLN A 44 -1.80 15.59 -7.08
N SER A 45 -1.24 16.38 -6.22
CA SER A 45 -0.55 15.90 -5.06
C SER A 45 -1.27 16.39 -3.82
N ILE A 46 -1.45 15.53 -2.85
CA ILE A 46 -2.19 15.88 -1.66
C ILE A 46 -1.48 15.35 -0.42
N VAL A 47 -1.59 16.11 0.66
CA VAL A 47 -1.01 15.74 1.92
C VAL A 47 -2.02 14.96 2.76
N ILE A 48 -1.50 14.07 3.57
CA ILE A 48 -2.32 13.21 4.38
C ILE A 48 -2.01 13.49 5.84
N PRO A 49 -2.70 14.46 6.40
CA PRO A 49 -2.44 14.94 7.75
C PRO A 49 -2.59 13.85 8.81
N GLY A 50 -1.69 13.87 9.77
CA GLY A 50 -1.66 12.85 10.79
C GLY A 50 -0.89 11.61 10.37
N LEU A 51 -0.50 11.56 9.10
CA LEU A 51 0.28 10.46 8.56
C LEU A 51 1.62 11.00 8.10
N PRO A 52 2.73 10.39 8.53
CA PRO A 52 4.10 10.83 8.19
C PRO A 52 4.48 10.63 6.72
N ASP A 53 5.63 11.17 6.36
CA ASP A 53 6.09 11.23 4.97
C ASP A 53 6.89 10.00 4.63
N PRO A 54 6.73 9.49 3.42
CA PRO A 54 7.34 8.26 2.98
C PRO A 54 8.75 8.47 2.46
N TYR A 55 9.15 9.74 2.34
CA TYR A 55 10.50 10.08 1.91
C TYR A 55 11.38 10.33 3.12
N THR A 56 10.77 10.69 4.24
CA THR A 56 11.48 10.81 5.50
C THR A 56 11.49 9.45 6.18
N ILE A 57 10.62 8.59 5.69
CA ILE A 57 10.61 7.18 6.04
C ILE A 57 11.56 6.43 5.10
N PRO A 58 12.54 5.65 5.59
CA PRO A 58 13.28 4.81 4.71
C PRO A 58 12.79 3.39 4.80
N TYR A 59 11.90 3.08 3.92
CA TYR A 59 11.35 1.74 3.70
C TYR A 59 10.78 1.75 2.31
N HIS A 60 11.10 0.75 1.50
CA HIS A 60 10.89 0.84 0.08
C HIS A 60 10.40 -0.51 -0.38
N ILE A 61 9.14 -0.57 -0.71
CA ILE A 61 8.51 -1.82 -1.06
C ILE A 61 8.54 -2.00 -2.56
N ALA A 62 9.34 -2.95 -3.01
CA ALA A 62 9.49 -3.21 -4.42
C ALA A 62 8.92 -4.57 -4.76
N VAL A 63 7.68 -4.54 -5.16
CA VAL A 63 7.00 -5.75 -5.55
C VAL A 63 6.65 -5.71 -7.01
N SER A 64 7.45 -6.37 -7.79
CA SER A 64 7.16 -6.51 -9.17
C SER A 64 6.35 -7.78 -9.32
N ILE A 65 5.17 -7.65 -9.87
CA ILE A 65 4.34 -8.79 -10.16
C ILE A 65 5.05 -9.68 -11.18
N GLY A 66 5.89 -9.06 -11.98
CA GLY A 66 6.79 -9.82 -12.82
C GLY A 66 7.79 -10.62 -12.00
N ALA A 67 8.38 -9.95 -11.01
CA ALA A 67 9.31 -10.58 -10.07
C ALA A 67 8.63 -11.60 -9.17
N LYS A 68 7.32 -11.43 -8.98
CA LYS A 68 6.50 -12.28 -8.11
C LYS A 68 6.94 -12.21 -6.66
N THR A 69 7.78 -11.25 -6.32
CA THR A 69 8.20 -11.09 -4.96
C THR A 69 8.31 -9.63 -4.56
N LEU A 70 7.82 -9.38 -3.37
CA LEU A 70 7.78 -8.06 -2.79
C LEU A 70 9.01 -7.86 -1.93
N THR A 71 9.82 -6.88 -2.28
CA THR A 71 11.10 -6.70 -1.61
C THR A 71 11.03 -5.56 -0.62
N LEU A 72 11.38 -5.85 0.63
CA LEU A 72 11.40 -4.81 1.62
C LEU A 72 12.76 -4.12 1.50
N SER A 73 12.85 -2.82 1.40
CA SER A 73 14.17 -2.20 1.29
C SER A 73 14.33 -0.97 2.18
N LEU A 74 15.38 -1.00 2.99
CA LEU A 74 15.69 0.08 3.89
C LEU A 74 16.98 0.74 3.46
N ASN A 75 16.95 2.05 3.28
CA ASN A 75 18.17 2.79 2.99
C ASN A 75 18.75 2.31 1.65
N ASN A 76 17.83 2.07 0.70
CA ASN A 76 18.14 1.57 -0.65
C ASN A 76 18.29 0.06 -0.68
N ARG A 77 18.57 -0.53 0.46
CA ARG A 77 18.89 -1.95 0.43
C ARG A 77 17.99 -2.83 1.26
N VAL A 78 17.68 -3.97 0.65
CA VAL A 78 16.63 -4.88 1.12
C VAL A 78 16.78 -5.30 2.55
N MET A 79 15.63 -5.54 3.12
CA MET A 79 15.48 -6.03 4.46
C MET A 79 15.19 -7.51 4.38
N LYS A 80 14.32 -7.81 3.42
CA LYS A 80 13.83 -9.15 3.18
C LYS A 80 12.88 -9.16 1.98
N THR A 81 12.59 -10.32 1.43
CA THR A 81 11.67 -10.43 0.29
C THR A 81 10.55 -11.43 0.59
N TYR A 82 9.31 -11.05 0.28
CA TYR A 82 8.16 -11.90 0.55
C TYR A 82 7.40 -12.16 -0.74
N PRO A 83 6.81 -13.35 -0.89
CA PRO A 83 6.08 -13.71 -2.10
C PRO A 83 4.65 -13.22 -2.07
N ILE A 84 4.12 -12.90 -3.24
CA ILE A 84 2.75 -12.37 -3.35
C ILE A 84 2.03 -13.00 -4.55
N ALA A 85 0.76 -12.61 -4.78
CA ALA A 85 0.00 -13.15 -5.91
C ALA A 85 0.29 -12.35 -7.18
N VAL A 86 0.41 -13.04 -8.29
CA VAL A 86 0.90 -12.42 -9.51
C VAL A 86 0.07 -12.82 -10.74
N GLY A 87 -0.01 -11.91 -11.71
CA GLY A 87 -0.71 -12.18 -12.95
C GLY A 87 0.17 -12.78 -14.03
N LYS A 88 0.78 -11.95 -14.87
CA LYS A 88 1.55 -12.43 -16.02
C LYS A 88 2.54 -11.35 -16.49
N ILE A 89 3.32 -11.65 -17.54
CA ILE A 89 4.30 -10.70 -18.08
C ILE A 89 4.20 -10.59 -19.61
N LEU A 90 4.17 -9.34 -20.11
CA LEU A 90 4.23 -9.04 -21.54
C LEU A 90 4.76 -7.62 -21.77
N THR A 91 3.89 -6.61 -21.67
CA THR A 91 4.31 -5.21 -21.83
C THR A 91 3.17 -4.20 -21.52
N GLN A 92 2.89 -3.96 -20.23
CA GLN A 92 1.90 -2.96 -19.82
C GLN A 92 2.22 -2.33 -18.45
N THR A 93 1.86 -3.03 -17.35
CA THR A 93 1.98 -2.53 -15.95
C THR A 93 1.12 -1.28 -15.71
N PRO A 94 0.28 -1.30 -14.67
CA PRO A 94 -0.57 -0.17 -14.31
C PRO A 94 0.23 0.95 -13.64
N THR A 95 -0.25 2.17 -13.78
CA THR A 95 0.37 3.30 -13.10
C THR A 95 -0.42 3.63 -11.84
N GLY A 96 0.29 3.85 -10.75
CA GLY A 96 -0.38 4.15 -9.51
C GLY A 96 0.31 3.48 -8.34
N GLU A 97 1.23 4.19 -7.73
CA GLU A 97 1.98 3.68 -6.60
C GLU A 97 1.12 3.74 -5.35
N PHE A 98 1.34 2.80 -4.45
CA PHE A 98 0.56 2.73 -3.22
C PHE A 98 1.44 3.03 -2.03
N TYR A 99 0.85 3.11 -0.85
CA TYR A 99 1.61 3.28 0.38
C TYR A 99 1.00 2.44 1.49
N ILE A 100 1.87 1.86 2.30
CA ILE A 100 1.47 1.24 3.55
C ILE A 100 0.83 2.30 4.40
N ILE A 101 -0.41 2.10 4.78
CA ILE A 101 -1.10 3.11 5.55
C ILE A 101 -1.61 2.56 6.87
N ASN A 102 -1.86 1.26 6.97
CA ASN A 102 -2.46 0.74 8.19
C ASN A 102 -2.09 -0.69 8.52
N ARG A 103 -2.19 -0.92 9.81
CA ARG A 103 -2.05 -2.24 10.43
C ARG A 103 -3.05 -2.35 11.57
N GLN A 104 -3.94 -3.33 11.47
CA GLN A 104 -5.08 -3.39 12.36
C GLN A 104 -4.86 -4.34 13.51
N ARG A 105 -5.67 -4.10 14.52
CA ARG A 105 -5.84 -4.99 15.64
C ARG A 105 -6.11 -6.41 15.19
N ASN A 106 -5.68 -7.34 16.02
CA ASN A 106 -5.85 -8.77 15.76
C ASN A 106 -7.27 -9.11 15.37
N PRO A 107 -7.46 -9.41 14.09
CA PRO A 107 -8.75 -9.81 13.52
C PRO A 107 -9.33 -11.03 14.22
N GLY A 108 -8.51 -12.06 14.34
CA GLY A 108 -8.93 -13.27 14.99
C GLY A 108 -9.49 -14.29 14.02
N GLY A 109 -9.21 -14.08 12.74
CA GLY A 109 -9.74 -14.94 11.71
C GLY A 109 -8.71 -15.26 10.64
N PRO A 110 -9.16 -15.85 9.53
CA PRO A 110 -8.31 -16.13 8.35
C PRO A 110 -7.77 -14.85 7.69
N PHE A 111 -7.84 -13.74 8.40
CA PHE A 111 -7.38 -12.45 7.91
C PHE A 111 -5.86 -12.43 7.81
N GLY A 112 -5.22 -13.32 8.56
CA GLY A 112 -3.78 -13.50 8.45
C GLY A 112 -3.01 -12.78 9.53
N ALA A 113 -3.55 -12.76 10.75
CA ALA A 113 -2.83 -12.26 11.93
C ALA A 113 -2.72 -10.75 11.96
N TYR A 114 -2.90 -10.13 10.80
CA TYR A 114 -2.84 -8.67 10.67
C TYR A 114 -3.58 -8.23 9.40
N TRP A 115 -4.09 -7.01 9.42
CA TRP A 115 -4.64 -6.41 8.23
C TRP A 115 -3.88 -5.13 7.92
N LEU A 116 -3.04 -5.18 6.91
CA LEU A 116 -2.33 -3.99 6.46
C LEU A 116 -2.88 -3.49 5.13
N SER A 117 -3.01 -2.19 5.02
CA SER A 117 -3.69 -1.57 3.91
C SER A 117 -2.72 -0.88 2.95
N LEU A 118 -3.07 -0.91 1.66
CA LEU A 118 -2.36 -0.12 0.66
C LEU A 118 -3.07 1.23 0.50
N SER A 119 -2.63 2.03 -0.47
CA SER A 119 -3.13 3.41 -0.60
C SER A 119 -4.64 3.46 -0.84
N LYS A 120 -5.08 3.22 -2.08
CA LYS A 120 -6.49 3.32 -2.41
C LYS A 120 -6.99 2.04 -3.05
N GLN A 121 -8.32 1.86 -3.02
CA GLN A 121 -8.99 0.65 -3.50
C GLN A 121 -8.78 -0.47 -2.49
N HIS A 122 -9.66 -1.46 -2.51
CA HIS A 122 -9.63 -2.53 -1.52
C HIS A 122 -8.49 -3.51 -1.80
N TYR A 123 -7.27 -2.99 -1.82
CA TYR A 123 -6.07 -3.78 -1.92
C TYR A 123 -5.25 -3.58 -0.65
N GLY A 124 -4.68 -4.66 -0.14
CA GLY A 124 -3.89 -4.55 1.05
C GLY A 124 -2.85 -5.64 1.15
N ILE A 125 -1.86 -5.40 1.98
CA ILE A 125 -0.85 -6.38 2.30
C ILE A 125 -1.30 -7.13 3.55
N HIS A 126 -1.71 -8.37 3.40
CA HIS A 126 -2.22 -9.09 4.54
C HIS A 126 -1.74 -10.54 4.55
N GLY A 127 -2.37 -11.30 5.41
CA GLY A 127 -1.96 -12.68 5.58
C GLY A 127 -3.05 -13.66 5.28
N THR A 128 -2.65 -14.89 5.05
CA THR A 128 -3.53 -15.91 4.54
C THR A 128 -3.50 -17.15 5.43
N ASN A 129 -4.32 -18.13 5.06
CA ASN A 129 -4.27 -19.44 5.67
C ASN A 129 -3.61 -20.43 4.72
N ASN A 130 -3.53 -20.04 3.45
CA ASN A 130 -2.90 -20.88 2.43
C ASN A 130 -1.82 -20.09 1.69
N PRO A 131 -0.55 -20.28 2.04
CA PRO A 131 0.57 -19.59 1.42
C PRO A 131 1.17 -20.34 0.24
N ALA A 132 0.56 -21.46 -0.12
CA ALA A 132 1.13 -22.32 -1.13
C ALA A 132 0.72 -21.87 -2.52
N SER A 133 -0.37 -21.13 -2.58
CA SER A 133 -0.84 -20.53 -3.82
C SER A 133 -0.07 -19.24 -4.08
N ILE A 134 0.37 -18.62 -2.99
CA ILE A 134 1.06 -17.35 -3.04
C ILE A 134 2.33 -17.41 -3.88
N GLY A 135 2.26 -16.80 -5.06
CA GLY A 135 3.38 -16.78 -5.98
C GLY A 135 3.74 -18.16 -6.49
N LYS A 136 2.73 -19.01 -6.65
CA LYS A 136 2.99 -20.38 -7.08
C LYS A 136 1.79 -20.99 -7.81
N ALA A 137 0.58 -20.67 -7.36
CA ALA A 137 -0.61 -21.27 -7.94
C ALA A 137 -1.75 -20.27 -8.03
N VAL A 138 -2.73 -20.58 -8.88
CA VAL A 138 -3.94 -19.75 -9.08
C VAL A 138 -3.60 -18.48 -9.84
N SER A 139 -2.71 -17.65 -9.28
CA SER A 139 -2.30 -16.40 -9.89
C SER A 139 -3.45 -15.39 -9.95
N LYS A 140 -3.11 -14.15 -10.31
CA LYS A 140 -4.09 -13.06 -10.45
C LYS A 140 -4.92 -12.92 -9.18
N GLY A 141 -4.34 -12.29 -8.18
CA GLY A 141 -5.01 -12.10 -6.91
C GLY A 141 -4.49 -10.92 -6.14
N CYS A 142 -4.59 -10.95 -4.82
CA CYS A 142 -4.13 -9.85 -3.99
C CYS A 142 -2.91 -10.25 -3.17
N ILE A 143 -2.38 -9.28 -2.43
CA ILE A 143 -1.11 -9.44 -1.74
C ILE A 143 -1.30 -10.09 -0.36
N ARG A 144 -1.14 -11.41 -0.34
CA ARG A 144 -1.24 -12.18 0.90
C ARG A 144 0.08 -12.88 1.18
N MET A 145 0.37 -13.12 2.45
CA MET A 145 1.64 -13.72 2.83
C MET A 145 1.50 -14.50 4.15
N HIS A 146 2.63 -14.87 4.73
CA HIS A 146 2.64 -15.62 5.98
C HIS A 146 2.32 -14.72 7.16
N ASN A 147 1.63 -15.25 8.15
CA ASN A 147 1.22 -14.46 9.33
C ASN A 147 2.40 -13.70 9.93
N LYS A 148 3.37 -14.40 10.50
CA LYS A 148 4.49 -13.74 11.16
C LYS A 148 5.25 -12.83 10.19
N ASP A 149 5.21 -13.15 8.91
CA ASP A 149 5.92 -12.37 7.90
C ASP A 149 5.20 -11.05 7.64
N VAL A 150 3.87 -11.08 7.67
CA VAL A 150 3.09 -9.87 7.47
C VAL A 150 3.12 -8.99 8.72
N ILE A 151 3.49 -9.57 9.85
CA ILE A 151 3.75 -8.81 11.09
C ILE A 151 5.20 -8.35 11.14
N GLU A 152 6.15 -9.20 10.77
CA GLU A 152 7.49 -8.76 10.45
C GLU A 152 7.50 -7.46 9.64
N LEU A 153 7.04 -7.56 8.39
CA LEU A 153 6.92 -6.38 7.53
C LEU A 153 6.16 -5.28 8.25
N ALA A 154 5.08 -5.69 8.92
CA ALA A 154 4.12 -4.77 9.53
C ALA A 154 4.78 -3.76 10.45
N SER A 155 5.57 -4.30 11.37
CA SER A 155 6.16 -3.48 12.43
C SER A 155 7.36 -2.71 11.91
N ILE A 156 7.87 -3.10 10.74
CA ILE A 156 9.01 -2.43 10.16
C ILE A 156 8.53 -1.32 9.23
N VAL A 157 7.60 -1.66 8.37
CA VAL A 157 7.04 -0.69 7.46
C VAL A 157 6.04 0.20 8.21
N PRO A 158 6.32 1.50 8.25
CA PRO A 158 5.51 2.45 8.99
C PRO A 158 4.27 2.88 8.21
N ASN A 159 3.51 3.76 8.84
CA ASN A 159 2.24 4.24 8.30
C ASN A 159 2.37 4.93 6.94
N GLY A 160 3.59 5.02 6.42
CA GLY A 160 3.81 5.70 5.14
C GLY A 160 4.91 5.05 4.33
N THR A 161 4.76 3.76 4.07
CA THR A 161 5.75 3.03 3.29
C THR A 161 5.35 3.01 1.83
N ARG A 162 6.28 3.29 0.94
CA ARG A 162 5.94 3.33 -0.47
C ARG A 162 6.05 1.94 -1.08
N VAL A 163 5.13 1.66 -1.99
CA VAL A 163 5.04 0.36 -2.62
C VAL A 163 4.55 0.47 -4.06
N THR A 164 5.31 -0.11 -4.96
CA THR A 164 4.98 -0.06 -6.37
C THR A 164 4.61 -1.44 -6.91
N ILE A 165 3.62 -1.47 -7.81
CA ILE A 165 3.32 -2.74 -8.48
C ILE A 165 3.37 -2.57 -9.99
N ASN A 166 4.25 -3.35 -10.57
CA ASN A 166 4.45 -3.39 -12.00
C ASN A 166 4.76 -4.82 -12.39
N ARG A 167 3.92 -5.34 -13.24
CA ARG A 167 3.91 -6.76 -13.56
C ARG A 167 4.68 -7.12 -14.82
N GLY A 168 4.39 -6.43 -15.90
CA GLY A 168 4.91 -6.82 -17.16
C GLY A 168 3.77 -6.98 -18.15
N SER A 169 2.86 -7.93 -17.85
CA SER A 169 1.74 -8.28 -18.74
C SER A 169 1.11 -7.06 -19.41
N GLY A 1 7.78 18.29 15.41
CA GLY A 1 6.87 17.72 14.39
C GLY A 1 7.63 17.15 13.22
N ARG A 2 7.09 16.12 12.59
CA ARG A 2 7.71 15.53 11.41
C ARG A 2 6.92 15.89 10.17
N LYS A 3 7.46 15.59 9.00
CA LYS A 3 6.76 15.82 7.75
C LYS A 3 5.64 14.81 7.62
N LEU A 4 4.57 15.22 6.96
CA LEU A 4 3.45 14.33 6.69
C LEU A 4 3.51 13.77 5.26
N LEU A 5 2.61 12.83 4.96
CA LEU A 5 2.66 12.07 3.72
C LEU A 5 2.14 12.87 2.55
N THR A 6 2.63 12.54 1.37
CA THR A 6 2.03 13.01 0.15
C THR A 6 1.45 11.85 -0.68
N TYR A 7 0.40 12.21 -1.42
CA TYR A 7 -0.34 11.30 -2.29
C TYR A 7 -0.53 12.00 -3.62
N GLN A 8 -0.46 11.28 -4.71
CA GLN A 8 -0.66 11.87 -6.02
C GLN A 8 -1.74 11.05 -6.70
N VAL A 9 -2.88 11.67 -6.94
CA VAL A 9 -4.10 10.99 -7.26
C VAL A 9 -4.15 10.50 -8.71
N LYS A 10 -5.00 9.51 -8.95
CA LYS A 10 -5.15 8.91 -10.26
C LYS A 10 -6.31 9.56 -10.98
N GLN A 11 -6.19 9.64 -12.29
CA GLN A 11 -7.24 10.20 -13.12
C GLN A 11 -8.58 9.54 -12.84
N GLY A 12 -9.46 10.31 -12.21
CA GLY A 12 -10.78 9.81 -11.92
C GLY A 12 -11.05 9.66 -10.43
N ASP A 13 -10.01 9.80 -9.61
CA ASP A 13 -10.16 9.68 -8.16
C ASP A 13 -11.13 10.73 -7.60
N THR A 14 -11.73 10.43 -6.46
CA THR A 14 -12.71 11.33 -5.86
C THR A 14 -12.47 11.53 -4.37
N LEU A 15 -12.90 12.69 -3.88
CA LEU A 15 -12.62 13.13 -2.52
C LEU A 15 -12.91 12.08 -1.46
N ASN A 16 -14.14 11.61 -1.38
CA ASN A 16 -14.56 10.76 -0.26
C ASN A 16 -13.82 9.45 -0.27
N SER A 17 -13.69 8.95 -1.49
CA SER A 17 -13.04 7.69 -1.79
C SER A 17 -11.60 7.73 -1.31
N ILE A 18 -10.90 8.80 -1.65
CA ILE A 18 -9.51 8.96 -1.32
C ILE A 18 -9.30 9.14 0.17
N ALA A 19 -10.18 9.91 0.80
CA ALA A 19 -10.11 10.13 2.24
C ALA A 19 -10.15 8.81 3.01
N ALA A 20 -11.23 8.08 2.92
CA ALA A 20 -11.29 6.83 3.68
C ALA A 20 -10.55 5.70 2.97
N ASP A 21 -10.05 5.96 1.77
CA ASP A 21 -8.95 5.17 1.24
C ASP A 21 -7.70 5.45 2.05
N PHE A 22 -7.58 6.65 2.59
CA PHE A 22 -6.49 6.96 3.51
C PHE A 22 -6.92 6.83 4.96
N ARG A 23 -8.06 6.17 5.16
CA ARG A 23 -8.58 5.89 6.49
C ARG A 23 -8.72 7.19 7.30
N ILE A 24 -9.36 8.19 6.70
CA ILE A 24 -9.44 9.51 7.30
C ILE A 24 -10.77 10.15 6.89
N SER A 25 -10.92 11.39 7.26
CA SER A 25 -12.05 12.18 6.84
C SER A 25 -11.66 13.09 5.70
N THR A 26 -12.59 13.33 4.79
CA THR A 26 -12.33 14.17 3.65
C THR A 26 -11.99 15.56 4.14
N ALA A 27 -12.67 15.94 5.20
CA ALA A 27 -12.50 17.24 5.80
C ALA A 27 -11.09 17.41 6.36
N ALA A 28 -10.45 16.32 6.76
CA ALA A 28 -9.10 16.42 7.31
C ALA A 28 -8.11 16.50 6.18
N LEU A 29 -8.37 15.74 5.13
CA LEU A 29 -7.55 15.79 3.93
C LEU A 29 -7.84 17.08 3.17
N LEU A 30 -8.96 17.71 3.47
CA LEU A 30 -9.31 19.01 2.93
C LEU A 30 -8.63 20.12 3.68
N GLN A 31 -8.54 19.95 4.99
CA GLN A 31 -7.97 20.97 5.86
C GLN A 31 -6.54 21.22 5.47
N ALA A 32 -5.88 20.14 5.19
CA ALA A 32 -4.52 20.16 4.73
C ALA A 32 -4.42 20.46 3.25
N ASN A 33 -5.50 20.24 2.51
CA ASN A 33 -5.49 20.35 1.06
C ASN A 33 -6.79 20.94 0.57
N PRO A 34 -6.96 22.24 0.80
CA PRO A 34 -8.15 22.98 0.37
C PRO A 34 -8.42 22.94 -1.13
N SER A 35 -7.50 22.41 -1.91
CA SER A 35 -7.78 22.21 -3.32
C SER A 35 -8.93 21.21 -3.47
N LEU A 36 -8.93 20.25 -2.56
CA LEU A 36 -9.80 19.10 -2.64
C LEU A 36 -11.24 19.36 -2.21
N GLN A 37 -11.56 20.55 -1.66
CA GLN A 37 -12.96 20.81 -1.27
C GLN A 37 -13.88 20.47 -2.40
N ALA A 38 -13.42 20.83 -3.55
CA ALA A 38 -14.14 20.59 -4.76
C ALA A 38 -13.88 19.19 -5.31
N GLY A 39 -12.62 18.79 -5.35
CA GLY A 39 -12.28 17.46 -5.79
C GLY A 39 -10.81 17.21 -5.91
N LEU A 40 -10.52 16.14 -6.62
CA LEU A 40 -9.18 15.69 -6.87
C LEU A 40 -8.88 15.69 -8.36
N THR A 41 -7.61 15.75 -8.70
CA THR A 41 -7.18 15.79 -10.09
C THR A 41 -6.01 14.84 -10.33
N ALA A 42 -6.06 14.08 -11.41
CA ALA A 42 -4.95 13.20 -11.80
C ALA A 42 -3.60 13.87 -11.74
N GLY A 43 -2.68 13.21 -11.06
CA GLY A 43 -1.33 13.69 -10.93
C GLY A 43 -1.20 14.75 -9.88
N GLN A 44 -2.33 15.25 -9.41
CA GLN A 44 -2.35 16.18 -8.31
C GLN A 44 -1.81 15.52 -7.06
N SER A 45 -1.26 16.34 -6.22
CA SER A 45 -0.55 15.88 -5.06
C SER A 45 -1.22 16.41 -3.81
N ILE A 46 -1.42 15.56 -2.83
CA ILE A 46 -2.13 15.96 -1.64
C ILE A 46 -1.40 15.45 -0.41
N VAL A 47 -1.62 16.12 0.70
CA VAL A 47 -1.02 15.75 1.96
C VAL A 47 -2.01 14.97 2.82
N ILE A 48 -1.48 14.10 3.63
CA ILE A 48 -2.27 13.23 4.45
C ILE A 48 -1.96 13.54 5.91
N PRO A 49 -2.70 14.49 6.47
CA PRO A 49 -2.46 14.99 7.81
C PRO A 49 -2.57 13.90 8.88
N GLY A 50 -1.66 13.96 9.83
CA GLY A 50 -1.57 12.95 10.86
C GLY A 50 -0.78 11.73 10.43
N LEU A 51 -0.42 11.68 9.16
CA LEU A 51 0.39 10.61 8.62
C LEU A 51 1.73 11.18 8.17
N PRO A 52 2.84 10.62 8.68
CA PRO A 52 4.21 11.10 8.38
C PRO A 52 4.63 10.91 6.92
N ASP A 53 5.80 11.45 6.61
CA ASP A 53 6.29 11.53 5.24
C ASP A 53 7.12 10.30 4.87
N PRO A 54 6.92 9.80 3.65
CA PRO A 54 7.53 8.56 3.18
C PRO A 54 8.97 8.73 2.71
N TYR A 55 9.42 9.97 2.66
CA TYR A 55 10.77 10.26 2.20
C TYR A 55 11.74 10.36 3.36
N THR A 56 11.24 10.77 4.51
CA THR A 56 12.03 10.72 5.74
C THR A 56 12.02 9.28 6.26
N ILE A 57 10.99 8.55 5.88
CA ILE A 57 10.91 7.12 6.10
C ILE A 57 11.85 6.40 5.14
N PRO A 58 12.79 5.57 5.62
CA PRO A 58 13.54 4.72 4.74
C PRO A 58 13.00 3.31 4.80
N TYR A 59 12.12 3.04 3.88
CA TYR A 59 11.56 1.74 3.62
C TYR A 59 11.02 1.77 2.20
N HIS A 60 11.20 0.72 1.44
CA HIS A 60 10.91 0.76 0.03
C HIS A 60 10.43 -0.63 -0.39
N ILE A 61 9.22 -0.68 -0.86
CA ILE A 61 8.62 -1.93 -1.24
C ILE A 61 8.54 -2.05 -2.75
N ALA A 62 9.31 -2.99 -3.27
CA ALA A 62 9.33 -3.25 -4.69
C ALA A 62 8.68 -4.59 -4.98
N VAL A 63 7.49 -4.52 -5.53
CA VAL A 63 6.78 -5.72 -5.90
C VAL A 63 6.64 -5.79 -7.40
N SER A 64 7.18 -6.81 -7.99
CA SER A 64 7.00 -6.97 -9.39
C SER A 64 6.12 -8.17 -9.67
N ILE A 65 5.08 -7.97 -10.47
CA ILE A 65 4.25 -9.06 -10.94
C ILE A 65 5.08 -10.01 -11.79
N GLY A 66 6.11 -9.45 -12.41
CA GLY A 66 7.07 -10.25 -13.10
C GLY A 66 7.91 -11.09 -12.14
N ALA A 67 8.39 -10.44 -11.08
CA ALA A 67 9.22 -11.08 -10.07
C ALA A 67 8.44 -11.98 -9.12
N LYS A 68 7.15 -11.67 -8.97
CA LYS A 68 6.25 -12.34 -8.04
C LYS A 68 6.85 -12.47 -6.62
N THR A 69 7.70 -11.50 -6.29
CA THR A 69 8.19 -11.36 -4.94
C THR A 69 8.35 -9.90 -4.56
N LEU A 70 7.97 -9.62 -3.34
CA LEU A 70 7.98 -8.29 -2.78
C LEU A 70 9.25 -8.07 -1.98
N THR A 71 10.04 -7.10 -2.36
CA THR A 71 11.30 -6.88 -1.68
C THR A 71 11.20 -5.75 -0.69
N LEU A 72 11.51 -6.03 0.56
CA LEU A 72 11.52 -4.98 1.54
C LEU A 72 12.86 -4.28 1.43
N SER A 73 12.96 -2.98 1.59
CA SER A 73 14.27 -2.35 1.55
C SER A 73 14.39 -1.11 2.42
N LEU A 74 15.41 -1.13 3.27
CA LEU A 74 15.71 -0.04 4.17
C LEU A 74 16.99 0.63 3.76
N ASN A 75 16.96 1.95 3.57
CA ASN A 75 18.17 2.71 3.34
C ASN A 75 18.73 2.33 1.98
N ASN A 76 17.78 1.98 1.08
CA ASN A 76 18.07 1.64 -0.32
C ASN A 76 18.59 0.21 -0.46
N ARG A 77 18.65 -0.49 0.67
CA ARG A 77 19.00 -1.88 0.60
C ARG A 77 18.03 -2.79 1.36
N VAL A 78 17.80 -3.95 0.73
CA VAL A 78 16.74 -4.86 1.13
C VAL A 78 16.86 -5.34 2.56
N MET A 79 15.70 -5.60 3.09
CA MET A 79 15.53 -6.14 4.41
C MET A 79 15.28 -7.62 4.29
N LYS A 80 14.43 -7.92 3.33
CA LYS A 80 13.95 -9.27 3.08
C LYS A 80 12.96 -9.29 1.92
N THR A 81 12.74 -10.45 1.32
CA THR A 81 11.77 -10.58 0.22
C THR A 81 10.64 -11.53 0.59
N TYR A 82 9.41 -11.09 0.36
CA TYR A 82 8.23 -11.89 0.70
C TYR A 82 7.51 -12.33 -0.57
N PRO A 83 6.81 -13.47 -0.50
CA PRO A 83 6.02 -13.96 -1.62
C PRO A 83 4.64 -13.32 -1.68
N ILE A 84 4.21 -12.99 -2.89
CA ILE A 84 2.89 -12.40 -3.10
C ILE A 84 2.31 -12.93 -4.41
N ALA A 85 1.05 -12.62 -4.69
CA ALA A 85 0.42 -13.00 -5.95
C ALA A 85 0.65 -11.95 -7.03
N VAL A 86 0.51 -12.38 -8.28
CA VAL A 86 0.80 -11.55 -9.44
C VAL A 86 -0.22 -11.85 -10.54
N GLY A 87 -0.22 -11.04 -11.59
CA GLY A 87 -1.13 -11.27 -12.69
C GLY A 87 -0.67 -12.40 -13.59
N LYS A 88 -0.65 -12.16 -14.89
CA LYS A 88 -0.21 -13.17 -15.85
C LYS A 88 1.23 -12.89 -16.30
N ILE A 89 1.40 -12.17 -17.40
CA ILE A 89 2.73 -11.84 -17.90
C ILE A 89 2.84 -10.38 -18.36
N LEU A 90 2.33 -10.07 -19.56
CA LEU A 90 2.53 -8.75 -20.15
C LEU A 90 1.20 -8.03 -20.32
N THR A 91 1.19 -6.73 -20.03
CA THR A 91 0.03 -5.87 -20.25
C THR A 91 0.48 -4.41 -20.38
N GLN A 92 0.59 -3.71 -19.24
CA GLN A 92 1.04 -2.32 -19.24
C GLN A 92 1.37 -1.81 -17.83
N THR A 93 1.59 -2.75 -16.89
CA THR A 93 1.76 -2.44 -15.45
C THR A 93 0.55 -1.67 -14.89
N PRO A 94 0.00 -2.14 -13.76
CA PRO A 94 -1.27 -1.60 -13.22
C PRO A 94 -1.14 -0.25 -12.53
N THR A 95 -0.14 0.54 -12.94
CA THR A 95 0.17 1.82 -12.31
C THR A 95 0.19 1.68 -10.80
N GLY A 96 0.89 0.66 -10.33
CA GLY A 96 0.81 0.28 -8.94
C GLY A 96 1.75 1.04 -8.04
N GLU A 97 1.71 2.36 -8.11
CA GLU A 97 2.46 3.16 -7.15
C GLU A 97 1.56 3.48 -5.97
N PHE A 98 1.79 2.79 -4.88
CA PHE A 98 0.96 2.93 -3.69
C PHE A 98 1.83 3.28 -2.50
N TYR A 99 1.19 3.41 -1.35
CA TYR A 99 1.92 3.61 -0.11
C TYR A 99 1.28 2.79 1.01
N ILE A 100 2.13 2.19 1.82
CA ILE A 100 1.70 1.59 3.08
C ILE A 100 1.11 2.68 3.92
N ILE A 101 -0.08 2.47 4.41
CA ILE A 101 -0.70 3.48 5.22
C ILE A 101 -0.98 2.99 6.64
N ASN A 102 -1.26 1.70 6.83
CA ASN A 102 -1.63 1.28 8.16
C ASN A 102 -1.63 -0.23 8.37
N ARG A 103 -2.06 -0.55 9.57
CA ARG A 103 -2.16 -1.91 10.07
C ARG A 103 -3.19 -1.98 11.19
N GLN A 104 -4.04 -3.00 11.11
CA GLN A 104 -5.17 -3.09 12.02
C GLN A 104 -5.02 -4.26 12.96
N ARG A 105 -5.69 -4.09 14.06
CA ARG A 105 -5.85 -5.08 15.08
C ARG A 105 -6.39 -6.38 14.55
N ASN A 106 -6.07 -7.41 15.30
CA ASN A 106 -6.52 -8.76 15.07
C ASN A 106 -8.01 -8.80 14.73
N PRO A 107 -8.25 -8.98 13.43
CA PRO A 107 -9.60 -9.03 12.84
C PRO A 107 -10.46 -10.16 13.43
N GLY A 108 -9.92 -11.37 13.37
CA GLY A 108 -10.64 -12.54 13.84
C GLY A 108 -11.08 -13.43 12.69
N GLY A 109 -11.13 -12.86 11.49
CA GLY A 109 -11.51 -13.61 10.31
C GLY A 109 -10.32 -14.29 9.65
N PRO A 110 -10.52 -14.82 8.44
CA PRO A 110 -9.46 -15.46 7.64
C PRO A 110 -8.29 -14.53 7.30
N PHE A 111 -8.30 -13.33 7.88
CA PHE A 111 -7.16 -12.41 7.81
C PHE A 111 -5.90 -13.13 8.28
N GLY A 112 -6.07 -13.99 9.27
CA GLY A 112 -5.03 -14.91 9.67
C GLY A 112 -3.85 -14.28 10.37
N ALA A 113 -3.86 -12.96 10.50
CA ALA A 113 -2.69 -12.26 11.06
C ALA A 113 -2.93 -10.78 11.23
N TYR A 114 -3.03 -10.07 10.12
CA TYR A 114 -3.08 -8.60 10.14
C TYR A 114 -3.84 -8.05 8.96
N TRP A 115 -4.35 -6.82 9.10
CA TRP A 115 -4.93 -6.09 7.99
C TRP A 115 -4.12 -4.83 7.72
N LEU A 116 -3.26 -4.88 6.72
CA LEU A 116 -2.50 -3.70 6.34
C LEU A 116 -3.05 -3.09 5.06
N SER A 117 -3.06 -1.78 5.02
CA SER A 117 -3.74 -1.03 4.00
C SER A 117 -2.76 -0.41 3.00
N LEU A 118 -3.17 -0.40 1.73
CA LEU A 118 -2.41 0.27 0.68
C LEU A 118 -3.11 1.59 0.35
N SER A 119 -2.66 2.33 -0.65
CA SER A 119 -3.26 3.63 -0.94
C SER A 119 -4.25 3.57 -2.11
N LYS A 120 -3.88 2.91 -3.19
CA LYS A 120 -4.70 2.92 -4.42
C LYS A 120 -5.10 1.51 -4.82
N GLN A 121 -6.14 1.42 -5.65
CA GLN A 121 -6.53 0.18 -6.31
C GLN A 121 -7.05 -0.86 -5.33
N HIS A 122 -7.44 -2.01 -5.87
CA HIS A 122 -7.95 -3.12 -5.07
C HIS A 122 -6.81 -3.96 -4.52
N TYR A 123 -5.76 -3.29 -4.07
CA TYR A 123 -4.60 -3.97 -3.53
C TYR A 123 -4.40 -3.62 -2.06
N GLY A 124 -4.01 -4.61 -1.29
CA GLY A 124 -3.70 -4.41 0.11
C GLY A 124 -2.76 -5.48 0.59
N ILE A 125 -1.98 -5.20 1.61
CA ILE A 125 -1.07 -6.19 2.13
C ILE A 125 -1.73 -6.95 3.27
N HIS A 126 -1.98 -8.22 3.00
CA HIS A 126 -2.95 -8.98 3.76
C HIS A 126 -2.37 -10.32 4.24
N GLY A 127 -3.14 -11.00 5.05
CA GLY A 127 -2.78 -12.32 5.49
C GLY A 127 -3.81 -13.34 5.09
N THR A 128 -3.70 -14.56 5.56
CA THR A 128 -4.43 -15.63 4.92
C THR A 128 -4.61 -16.84 5.83
N ASN A 129 -5.37 -17.78 5.32
CA ASN A 129 -5.46 -19.12 5.86
C ASN A 129 -4.67 -20.06 4.98
N ASN A 130 -4.44 -19.63 3.74
CA ASN A 130 -3.67 -20.40 2.77
C ASN A 130 -2.57 -19.54 2.16
N PRO A 131 -1.31 -19.73 2.60
CA PRO A 131 -0.15 -19.06 2.01
C PRO A 131 0.46 -19.88 0.88
N ALA A 132 -0.16 -20.99 0.54
CA ALA A 132 0.40 -21.91 -0.41
C ALA A 132 0.16 -21.41 -1.83
N SER A 133 -0.87 -20.59 -1.97
CA SER A 133 -1.18 -19.94 -3.23
C SER A 133 -0.47 -18.58 -3.29
N ILE A 134 0.46 -18.40 -2.38
CA ILE A 134 1.16 -17.14 -2.23
C ILE A 134 2.59 -17.25 -2.73
N GLY A 135 2.91 -16.50 -3.79
CA GLY A 135 4.27 -16.48 -4.30
C GLY A 135 4.54 -17.57 -5.30
N LYS A 136 3.96 -18.74 -5.07
CA LYS A 136 4.14 -19.86 -5.98
C LYS A 136 2.78 -20.31 -6.51
N ALA A 137 2.60 -20.19 -7.82
CA ALA A 137 1.35 -20.53 -8.51
C ALA A 137 0.21 -19.59 -8.10
N VAL A 138 -0.91 -19.71 -8.80
CA VAL A 138 -2.13 -18.94 -8.51
C VAL A 138 -1.94 -17.44 -8.77
N SER A 139 -2.95 -16.83 -9.38
CA SER A 139 -2.89 -15.44 -9.76
C SER A 139 -3.83 -14.60 -8.87
N LYS A 140 -4.43 -13.56 -9.46
CA LYS A 140 -5.32 -12.65 -8.75
C LYS A 140 -4.54 -11.73 -7.81
N GLY A 141 -4.46 -10.47 -8.18
CA GLY A 141 -3.72 -9.50 -7.39
C GLY A 141 -4.50 -9.05 -6.17
N CYS A 142 -4.31 -9.77 -5.06
CA CYS A 142 -4.89 -9.38 -3.80
C CYS A 142 -3.79 -9.11 -2.78
N ILE A 143 -2.69 -9.87 -2.87
CA ILE A 143 -1.48 -9.63 -2.06
C ILE A 143 -1.69 -10.11 -0.62
N ARG A 144 -1.51 -11.41 -0.42
CA ARG A 144 -1.55 -11.99 0.92
C ARG A 144 -0.20 -12.63 1.20
N MET A 145 0.10 -12.89 2.46
CA MET A 145 1.39 -13.47 2.83
C MET A 145 1.26 -14.41 4.01
N HIS A 146 2.40 -14.81 4.55
CA HIS A 146 2.45 -15.58 5.78
C HIS A 146 1.93 -14.74 6.94
N ASN A 147 1.83 -15.31 8.12
CA ASN A 147 1.19 -14.61 9.21
C ASN A 147 2.22 -13.69 9.83
N LYS A 148 3.27 -14.27 10.38
CA LYS A 148 4.31 -13.50 11.04
C LYS A 148 5.08 -12.64 10.05
N ASP A 149 5.05 -13.02 8.78
CA ASP A 149 5.69 -12.22 7.73
C ASP A 149 4.98 -10.90 7.53
N VAL A 150 3.65 -10.93 7.55
CA VAL A 150 2.86 -9.74 7.31
C VAL A 150 2.80 -8.87 8.59
N ILE A 151 3.22 -9.46 9.72
CA ILE A 151 3.44 -8.68 10.95
C ILE A 151 4.90 -8.22 11.04
N GLU A 152 5.87 -9.06 10.68
CA GLU A 152 7.23 -8.59 10.41
C GLU A 152 7.22 -7.31 9.60
N LEU A 153 6.84 -7.42 8.33
CA LEU A 153 6.73 -6.26 7.44
C LEU A 153 5.93 -5.16 8.11
N ALA A 154 4.85 -5.58 8.76
CA ALA A 154 3.87 -4.67 9.34
C ALA A 154 4.53 -3.64 10.24
N SER A 155 5.28 -4.14 11.21
CA SER A 155 5.84 -3.31 12.25
C SER A 155 7.06 -2.55 11.74
N ILE A 156 7.61 -2.99 10.61
CA ILE A 156 8.80 -2.38 10.05
C ILE A 156 8.40 -1.27 9.07
N VAL A 157 7.51 -1.60 8.17
CA VAL A 157 7.02 -0.62 7.22
C VAL A 157 5.99 0.29 7.89
N PRO A 158 6.32 1.57 8.00
CA PRO A 158 5.52 2.54 8.74
C PRO A 158 4.33 3.04 7.94
N ASN A 159 3.59 3.95 8.57
CA ASN A 159 2.36 4.51 8.01
C ASN A 159 2.55 5.16 6.63
N GLY A 160 3.79 5.24 6.15
CA GLY A 160 4.06 5.89 4.90
C GLY A 160 5.17 5.22 4.13
N THR A 161 5.01 3.95 3.85
CA THR A 161 6.01 3.21 3.10
C THR A 161 5.72 3.27 1.61
N ARG A 162 6.77 3.41 0.83
CA ARG A 162 6.63 3.46 -0.61
C ARG A 162 6.58 2.05 -1.17
N VAL A 163 5.54 1.76 -1.92
CA VAL A 163 5.34 0.43 -2.49
C VAL A 163 4.92 0.49 -3.94
N THR A 164 5.64 -0.22 -4.79
CA THR A 164 5.38 -0.25 -6.21
C THR A 164 5.01 -1.67 -6.68
N ILE A 165 4.04 -1.73 -7.59
CA ILE A 165 3.74 -3.02 -8.22
C ILE A 165 3.70 -2.88 -9.73
N ASN A 166 4.64 -3.58 -10.34
CA ASN A 166 4.88 -3.50 -11.77
C ASN A 166 5.28 -4.86 -12.30
N ARG A 167 4.74 -5.17 -13.45
CA ARG A 167 4.97 -6.45 -14.10
C ARG A 167 6.14 -6.38 -15.06
N GLY A 168 6.55 -5.15 -15.31
CA GLY A 168 7.68 -4.91 -16.18
C GLY A 168 7.23 -4.40 -17.51
N SER A 169 6.39 -5.17 -18.16
CA SER A 169 5.76 -4.75 -19.40
C SER A 169 4.25 -4.70 -19.19
N GLY A 1 6.83 18.67 15.35
CA GLY A 1 6.52 17.28 14.95
C GLY A 1 7.37 16.84 13.76
N ARG A 2 6.84 15.91 12.98
CA ARG A 2 7.54 15.44 11.80
C ARG A 2 6.82 15.89 10.53
N LYS A 3 7.40 15.53 9.41
CA LYS A 3 6.79 15.79 8.11
C LYS A 3 5.64 14.82 7.92
N LEU A 4 4.57 15.28 7.30
CA LEU A 4 3.43 14.42 7.00
C LEU A 4 3.51 13.86 5.58
N LEU A 5 2.63 12.92 5.26
CA LEU A 5 2.71 12.14 4.03
C LEU A 5 2.22 12.92 2.84
N THR A 6 2.77 12.60 1.69
CA THR A 6 2.23 13.07 0.44
C THR A 6 1.71 11.90 -0.41
N TYR A 7 0.71 12.23 -1.20
CA TYR A 7 0.03 11.32 -2.11
C TYR A 7 -0.13 12.03 -3.44
N GLN A 8 -0.13 11.30 -4.53
CA GLN A 8 -0.40 11.87 -5.84
C GLN A 8 -1.44 11.00 -6.51
N VAL A 9 -2.59 11.59 -6.78
CA VAL A 9 -3.74 10.87 -7.22
C VAL A 9 -3.65 10.51 -8.69
N LYS A 10 -4.41 9.51 -9.09
CA LYS A 10 -4.34 9.02 -10.44
C LYS A 10 -5.62 9.38 -11.17
N GLN A 11 -5.53 9.44 -12.48
CA GLN A 11 -6.65 9.89 -13.30
C GLN A 11 -7.96 9.19 -12.95
N GLY A 12 -8.91 9.98 -12.50
CA GLY A 12 -10.24 9.48 -12.27
C GLY A 12 -10.59 9.35 -10.80
N ASP A 13 -9.61 9.58 -9.91
CA ASP A 13 -9.84 9.48 -8.47
C ASP A 13 -10.72 10.62 -7.94
N THR A 14 -11.35 10.38 -6.79
CA THR A 14 -12.29 11.35 -6.20
C THR A 14 -12.07 11.52 -4.69
N LEU A 15 -12.60 12.62 -4.16
CA LEU A 15 -12.38 13.02 -2.78
C LEU A 15 -12.66 11.91 -1.77
N ASN A 16 -13.89 11.43 -1.72
CA ASN A 16 -14.32 10.55 -0.63
C ASN A 16 -13.53 9.25 -0.66
N SER A 17 -13.39 8.77 -1.88
CA SER A 17 -12.73 7.52 -2.19
C SER A 17 -11.28 7.55 -1.75
N ILE A 18 -10.63 8.68 -1.93
CA ILE A 18 -9.26 8.87 -1.54
C ILE A 18 -9.10 9.03 -0.03
N ALA A 19 -10.01 9.77 0.59
CA ALA A 19 -9.99 9.97 2.03
C ALA A 19 -10.03 8.66 2.77
N ALA A 20 -11.08 7.88 2.60
CA ALA A 20 -11.14 6.62 3.30
C ALA A 20 -10.35 5.52 2.58
N ASP A 21 -9.81 5.85 1.42
CA ASP A 21 -8.64 5.11 0.91
C ASP A 21 -7.49 5.30 1.90
N PHE A 22 -7.38 6.51 2.43
CA PHE A 22 -6.40 6.81 3.46
C PHE A 22 -6.99 6.65 4.85
N ARG A 23 -8.03 5.82 4.93
CA ARG A 23 -8.92 5.68 6.10
C ARG A 23 -8.94 6.92 6.99
N ILE A 24 -9.53 7.99 6.47
CA ILE A 24 -9.60 9.28 7.14
C ILE A 24 -10.90 9.96 6.73
N SER A 25 -11.03 11.21 7.09
CA SER A 25 -12.13 12.02 6.61
C SER A 25 -11.70 12.85 5.44
N THR A 26 -12.62 13.08 4.52
CA THR A 26 -12.35 13.95 3.42
C THR A 26 -12.04 15.31 3.95
N ALA A 27 -12.73 15.66 5.02
CA ALA A 27 -12.58 16.94 5.66
C ALA A 27 -11.18 17.12 6.25
N ALA A 28 -10.54 16.03 6.67
CA ALA A 28 -9.22 16.14 7.26
C ALA A 28 -8.18 16.25 6.16
N LEU A 29 -8.41 15.51 5.09
CA LEU A 29 -7.55 15.58 3.92
C LEU A 29 -7.83 16.89 3.17
N LEU A 30 -8.97 17.48 3.45
CA LEU A 30 -9.33 18.79 2.93
C LEU A 30 -8.65 19.90 3.71
N GLN A 31 -8.61 19.72 5.03
CA GLN A 31 -8.08 20.73 5.92
C GLN A 31 -6.65 21.01 5.57
N ALA A 32 -5.96 19.94 5.27
CA ALA A 32 -4.59 19.99 4.85
C ALA A 32 -4.46 20.33 3.38
N ASN A 33 -5.53 20.12 2.61
CA ASN A 33 -5.49 20.27 1.16
C ASN A 33 -6.78 20.86 0.66
N PRO A 34 -6.99 22.15 0.91
CA PRO A 34 -8.17 22.89 0.48
C PRO A 34 -8.41 22.84 -1.03
N SER A 35 -7.45 22.37 -1.81
CA SER A 35 -7.68 22.21 -3.22
C SER A 35 -8.79 21.17 -3.43
N LEU A 36 -8.83 20.22 -2.53
CA LEU A 36 -9.69 19.07 -2.64
C LEU A 36 -11.14 19.32 -2.21
N GLN A 37 -11.48 20.47 -1.64
CA GLN A 37 -12.88 20.71 -1.27
C GLN A 37 -13.76 20.47 -2.46
N ALA A 38 -13.24 20.91 -3.56
CA ALA A 38 -13.89 20.74 -4.81
C ALA A 38 -13.63 19.36 -5.39
N GLY A 39 -12.37 18.93 -5.38
CA GLY A 39 -12.06 17.60 -5.85
C GLY A 39 -10.59 17.30 -5.92
N LEU A 40 -10.32 16.20 -6.61
CA LEU A 40 -8.97 15.72 -6.86
C LEU A 40 -8.69 15.76 -8.35
N THR A 41 -7.42 15.77 -8.68
CA THR A 41 -6.98 15.82 -10.07
C THR A 41 -5.82 14.85 -10.30
N ALA A 42 -5.87 14.12 -11.41
CA ALA A 42 -4.77 13.25 -11.79
C ALA A 42 -3.41 13.93 -11.70
N GLY A 43 -2.51 13.27 -11.00
CA GLY A 43 -1.17 13.77 -10.83
C GLY A 43 -1.08 14.78 -9.73
N GLN A 44 -2.22 15.25 -9.26
CA GLN A 44 -2.25 16.15 -8.13
C GLN A 44 -1.70 15.49 -6.91
N SER A 45 -1.15 16.30 -6.06
CA SER A 45 -0.42 15.85 -4.91
C SER A 45 -1.09 16.35 -3.66
N ILE A 46 -1.31 15.48 -2.71
CA ILE A 46 -2.03 15.85 -1.52
C ILE A 46 -1.30 15.37 -0.28
N VAL A 47 -1.62 15.99 0.83
CA VAL A 47 -1.01 15.65 2.10
C VAL A 47 -1.99 14.91 2.96
N ILE A 48 -1.47 14.02 3.78
CA ILE A 48 -2.28 13.16 4.60
C ILE A 48 -1.98 13.47 6.04
N PRO A 49 -2.72 14.42 6.59
CA PRO A 49 -2.49 14.93 7.93
C PRO A 49 -2.56 13.86 9.01
N GLY A 50 -1.69 13.97 9.99
CA GLY A 50 -1.60 12.98 11.04
C GLY A 50 -0.79 11.76 10.63
N LEU A 51 -0.41 11.71 9.37
CA LEU A 51 0.40 10.62 8.85
C LEU A 51 1.76 11.18 8.43
N PRO A 52 2.86 10.61 8.93
CA PRO A 52 4.23 11.07 8.64
C PRO A 52 4.65 10.89 7.18
N ASP A 53 5.83 11.39 6.86
CA ASP A 53 6.28 11.50 5.49
C ASP A 53 7.06 10.26 5.08
N PRO A 54 6.87 9.83 3.83
CA PRO A 54 7.46 8.61 3.31
C PRO A 54 8.89 8.83 2.81
N TYR A 55 9.32 10.09 2.80
CA TYR A 55 10.68 10.41 2.43
C TYR A 55 11.55 10.53 3.67
N THR A 56 10.91 10.89 4.79
CA THR A 56 11.57 10.83 6.08
C THR A 56 11.77 9.37 6.44
N ILE A 57 10.77 8.59 6.03
CA ILE A 57 10.79 7.15 6.14
C ILE A 57 11.71 6.54 5.09
N PRO A 58 12.67 5.69 5.48
CA PRO A 58 13.35 4.87 4.53
C PRO A 58 12.83 3.44 4.59
N TYR A 59 11.91 3.17 3.72
CA TYR A 59 11.36 1.82 3.50
C TYR A 59 10.75 1.82 2.11
N HIS A 60 11.10 0.84 1.30
CA HIS A 60 10.85 0.91 -0.12
C HIS A 60 10.33 -0.46 -0.56
N ILE A 61 9.09 -0.51 -0.90
CA ILE A 61 8.47 -1.78 -1.27
C ILE A 61 8.50 -1.96 -2.78
N ALA A 62 9.31 -2.92 -3.22
CA ALA A 62 9.44 -3.19 -4.63
C ALA A 62 8.88 -4.56 -4.96
N VAL A 63 7.62 -4.55 -5.33
CA VAL A 63 6.95 -5.77 -5.71
C VAL A 63 6.63 -5.72 -7.19
N SER A 64 7.47 -6.35 -7.96
CA SER A 64 7.23 -6.42 -9.36
C SER A 64 6.48 -7.70 -9.64
N ILE A 65 5.35 -7.56 -10.29
CA ILE A 65 4.59 -8.68 -10.75
C ILE A 65 5.42 -9.54 -11.71
N GLY A 66 6.35 -8.89 -12.39
CA GLY A 66 7.33 -9.62 -13.17
C GLY A 66 8.24 -10.43 -12.27
N ALA A 67 8.69 -9.79 -11.20
CA ALA A 67 9.53 -10.43 -10.19
C ALA A 67 8.76 -11.46 -9.36
N LYS A 68 7.44 -11.27 -9.28
CA LYS A 68 6.54 -12.12 -8.49
C LYS A 68 6.90 -12.15 -7.01
N THR A 69 7.74 -11.21 -6.59
CA THR A 69 8.10 -11.11 -5.20
C THR A 69 8.18 -9.67 -4.75
N LEU A 70 7.68 -9.45 -3.56
CA LEU A 70 7.64 -8.14 -2.97
C LEU A 70 8.88 -7.94 -2.13
N THR A 71 9.68 -6.98 -2.48
CA THR A 71 10.95 -6.80 -1.82
C THR A 71 10.89 -5.68 -0.81
N LEU A 72 11.26 -5.99 0.43
CA LEU A 72 11.27 -4.95 1.43
C LEU A 72 12.61 -4.23 1.26
N SER A 73 12.69 -2.94 1.42
CA SER A 73 13.98 -2.28 1.27
C SER A 73 14.14 -1.06 2.17
N LEU A 74 15.24 -1.07 2.91
CA LEU A 74 15.60 0.02 3.77
C LEU A 74 16.81 0.75 3.23
N ASN A 75 16.69 2.06 3.09
CA ASN A 75 17.82 2.88 2.70
C ASN A 75 18.34 2.47 1.32
N ASN A 76 17.40 2.08 0.45
CA ASN A 76 17.68 1.66 -0.94
C ASN A 76 18.22 0.24 -1.02
N ARG A 77 18.34 -0.42 0.12
CA ARG A 77 18.71 -1.82 0.06
C ARG A 77 17.77 -2.73 0.86
N VAL A 78 17.47 -3.84 0.22
CA VAL A 78 16.45 -4.78 0.69
C VAL A 78 16.68 -5.24 2.11
N MET A 79 15.56 -5.50 2.73
CA MET A 79 15.50 -6.02 4.06
C MET A 79 15.29 -7.49 3.97
N LYS A 80 14.37 -7.81 3.08
CA LYS A 80 13.95 -9.17 2.83
C LYS A 80 12.90 -9.22 1.73
N THR A 81 12.71 -10.37 1.12
CA THR A 81 11.77 -10.51 0.02
C THR A 81 10.62 -11.47 0.37
N TYR A 82 9.38 -11.04 0.12
CA TYR A 82 8.22 -11.85 0.44
C TYR A 82 7.50 -12.29 -0.83
N PRO A 83 6.89 -13.48 -0.83
CA PRO A 83 6.10 -13.96 -1.94
C PRO A 83 4.70 -13.40 -1.92
N ILE A 84 4.15 -13.09 -3.09
CA ILE A 84 2.81 -12.55 -3.18
C ILE A 84 2.06 -13.18 -4.37
N ALA A 85 0.77 -12.90 -4.50
CA ALA A 85 0.01 -13.38 -5.66
C ALA A 85 0.16 -12.41 -6.82
N VAL A 86 0.54 -12.94 -7.97
CA VAL A 86 0.77 -12.14 -9.15
C VAL A 86 -0.24 -12.46 -10.25
N GLY A 87 -0.30 -13.73 -10.66
CA GLY A 87 -1.24 -14.15 -11.69
C GLY A 87 -0.84 -13.71 -13.08
N LYS A 88 -0.64 -12.40 -13.24
CA LYS A 88 -0.30 -11.78 -14.52
C LYS A 88 -1.35 -12.10 -15.58
N ILE A 89 -2.43 -11.31 -15.56
CA ILE A 89 -3.49 -11.49 -16.54
C ILE A 89 -3.07 -10.92 -17.89
N LEU A 90 -2.13 -9.98 -17.86
CA LEU A 90 -1.65 -9.31 -19.06
C LEU A 90 -0.51 -8.35 -18.68
N THR A 91 0.15 -7.77 -19.67
CA THR A 91 1.22 -6.82 -19.44
C THR A 91 0.78 -5.71 -18.50
N GLN A 92 -0.04 -4.77 -19.00
CA GLN A 92 -0.68 -3.73 -18.19
C GLN A 92 0.33 -2.75 -17.57
N THR A 93 1.16 -3.26 -16.65
CA THR A 93 2.10 -2.45 -15.87
C THR A 93 1.43 -1.22 -15.25
N PRO A 94 0.78 -1.41 -14.08
CA PRO A 94 0.13 -0.31 -13.35
C PRO A 94 1.10 0.83 -13.04
N THR A 95 0.98 1.90 -13.81
CA THR A 95 1.87 3.05 -13.67
C THR A 95 1.43 3.98 -12.54
N GLY A 96 1.65 3.53 -11.32
CA GLY A 96 1.32 4.34 -10.16
C GLY A 96 1.90 3.76 -8.89
N GLU A 97 2.15 4.61 -7.91
CA GLU A 97 2.72 4.16 -6.65
C GLU A 97 1.71 4.28 -5.52
N PHE A 98 1.81 3.36 -4.58
CA PHE A 98 0.89 3.30 -3.45
C PHE A 98 1.69 3.42 -2.17
N TYR A 99 1.02 3.53 -1.04
CA TYR A 99 1.73 3.64 0.23
C TYR A 99 1.09 2.76 1.30
N ILE A 100 1.96 2.11 2.08
CA ILE A 100 1.56 1.52 3.33
C ILE A 100 1.04 2.61 4.21
N ILE A 101 -0.16 2.44 4.73
CA ILE A 101 -0.75 3.48 5.54
C ILE A 101 -1.19 2.96 6.91
N ASN A 102 -1.52 1.68 7.02
CA ASN A 102 -2.17 1.23 8.23
C ASN A 102 -1.91 -0.23 8.56
N ARG A 103 -2.11 -0.51 9.83
CA ARG A 103 -2.03 -1.85 10.40
C ARG A 103 -3.03 -2.01 11.52
N GLN A 104 -3.74 -3.12 11.51
CA GLN A 104 -4.79 -3.37 12.47
C GLN A 104 -4.41 -4.51 13.39
N ARG A 105 -4.80 -4.33 14.63
CA ARG A 105 -4.60 -5.26 15.69
C ARG A 105 -5.14 -6.64 15.38
N ASN A 106 -4.50 -7.63 16.00
CA ASN A 106 -4.87 -9.02 15.88
C ASN A 106 -6.36 -9.23 16.01
N PRO A 107 -7.00 -9.42 14.84
CA PRO A 107 -8.44 -9.58 14.72
C PRO A 107 -8.98 -10.73 15.56
N GLY A 108 -8.37 -11.89 15.40
CA GLY A 108 -8.77 -13.06 16.14
C GLY A 108 -9.44 -14.11 15.25
N GLY A 109 -9.56 -13.80 13.97
CA GLY A 109 -10.20 -14.71 13.04
C GLY A 109 -9.44 -14.84 11.75
N PRO A 110 -10.04 -15.50 10.74
CA PRO A 110 -9.46 -15.66 9.39
C PRO A 110 -9.29 -14.34 8.62
N PHE A 111 -8.69 -13.37 9.28
CA PHE A 111 -8.42 -12.07 8.67
C PHE A 111 -6.93 -11.95 8.39
N GLY A 112 -6.15 -12.83 9.02
CA GLY A 112 -4.74 -12.95 8.67
C GLY A 112 -3.80 -12.24 9.61
N ALA A 113 -4.16 -12.23 10.89
CA ALA A 113 -3.28 -11.73 11.97
C ALA A 113 -3.16 -10.21 11.98
N TYR A 114 -3.13 -9.61 10.81
CA TYR A 114 -2.92 -8.17 10.66
C TYR A 114 -3.59 -7.70 9.38
N TRP A 115 -4.26 -6.56 9.43
CA TRP A 115 -4.78 -5.94 8.24
C TRP A 115 -4.02 -4.66 7.95
N LEU A 116 -3.10 -4.73 7.00
CA LEU A 116 -2.36 -3.55 6.61
C LEU A 116 -2.91 -2.99 5.31
N SER A 117 -2.89 -1.68 5.23
CA SER A 117 -3.58 -0.99 4.17
C SER A 117 -2.64 -0.40 3.14
N LEU A 118 -3.11 -0.44 1.91
CA LEU A 118 -2.38 0.07 0.77
C LEU A 118 -3.06 1.37 0.33
N SER A 119 -2.66 1.94 -0.80
CA SER A 119 -3.31 3.17 -1.27
C SER A 119 -3.77 3.06 -2.72
N LYS A 120 -4.33 1.91 -3.08
CA LYS A 120 -4.94 1.77 -4.41
C LYS A 120 -6.36 1.19 -4.29
N GLN A 121 -7.36 2.08 -4.28
CA GLN A 121 -8.78 1.70 -4.29
C GLN A 121 -9.09 0.52 -3.36
N HIS A 122 -9.06 -0.69 -3.91
CA HIS A 122 -9.18 -1.90 -3.12
C HIS A 122 -7.80 -2.25 -2.56
N TYR A 123 -7.36 -1.43 -1.64
CA TYR A 123 -6.00 -1.50 -1.11
C TYR A 123 -5.81 -2.72 -0.20
N GLY A 124 -4.67 -3.40 -0.35
CA GLY A 124 -4.40 -4.52 0.53
C GLY A 124 -2.95 -4.91 0.69
N ILE A 125 -2.61 -5.21 1.94
CA ILE A 125 -1.44 -6.00 2.32
C ILE A 125 -1.80 -6.69 3.62
N HIS A 126 -2.04 -7.99 3.59
CA HIS A 126 -2.54 -8.65 4.77
C HIS A 126 -2.08 -10.11 4.86
N GLY A 127 -2.75 -10.85 5.73
CA GLY A 127 -2.38 -12.22 5.96
C GLY A 127 -3.52 -13.18 5.69
N THR A 128 -3.21 -14.47 5.80
CA THR A 128 -4.08 -15.50 5.28
C THR A 128 -4.22 -16.67 6.24
N ASN A 129 -5.13 -17.57 5.91
CA ASN A 129 -5.20 -18.88 6.52
C ASN A 129 -4.65 -19.90 5.53
N ASN A 130 -4.61 -19.50 4.26
CA ASN A 130 -4.05 -20.34 3.20
C ASN A 130 -2.94 -19.59 2.49
N PRO A 131 -1.68 -19.93 2.78
CA PRO A 131 -0.52 -19.30 2.17
C PRO A 131 -0.07 -20.00 0.90
N ALA A 132 -0.81 -21.01 0.48
CA ALA A 132 -0.41 -21.82 -0.64
C ALA A 132 -0.77 -21.12 -1.94
N SER A 133 -1.59 -20.08 -1.82
CA SER A 133 -1.96 -19.25 -2.95
C SER A 133 -1.01 -18.06 -3.03
N ILE A 134 0.00 -18.08 -2.17
CA ILE A 134 0.98 -17.02 -2.10
C ILE A 134 2.24 -17.40 -2.88
N GLY A 135 2.50 -16.64 -3.92
CA GLY A 135 3.56 -16.99 -4.86
C GLY A 135 2.96 -17.50 -6.15
N LYS A 136 2.15 -18.54 -6.02
CA LYS A 136 1.37 -19.06 -7.13
C LYS A 136 -0.06 -18.57 -7.01
N ALA A 137 -0.37 -17.50 -7.74
CA ALA A 137 -1.67 -16.86 -7.65
C ALA A 137 -2.77 -17.73 -8.25
N VAL A 138 -3.61 -18.26 -7.39
CA VAL A 138 -4.74 -19.06 -7.81
C VAL A 138 -5.91 -18.17 -8.23
N SER A 139 -5.89 -17.76 -9.49
CA SER A 139 -6.94 -16.93 -10.09
C SER A 139 -6.99 -15.53 -9.44
N LYS A 140 -7.66 -15.42 -8.32
CA LYS A 140 -7.80 -14.14 -7.64
C LYS A 140 -6.51 -13.77 -6.90
N GLY A 141 -5.77 -12.84 -7.48
CA GLY A 141 -4.55 -12.37 -6.85
C GLY A 141 -4.84 -11.55 -5.61
N CYS A 142 -4.71 -12.18 -4.45
CA CYS A 142 -4.94 -11.51 -3.19
C CYS A 142 -3.69 -11.57 -2.32
N ILE A 143 -3.27 -10.43 -1.79
CA ILE A 143 -2.00 -10.35 -1.07
C ILE A 143 -2.21 -10.73 0.41
N ARG A 144 -2.59 -11.98 0.62
CA ARG A 144 -2.78 -12.53 1.95
C ARG A 144 -1.66 -13.50 2.31
N MET A 145 -0.59 -12.95 2.86
CA MET A 145 0.65 -13.70 3.07
C MET A 145 0.70 -14.33 4.45
N HIS A 146 1.89 -14.79 4.84
CA HIS A 146 2.07 -15.51 6.10
C HIS A 146 1.85 -14.55 7.26
N ASN A 147 1.17 -15.01 8.31
CA ASN A 147 0.83 -14.14 9.43
C ASN A 147 2.06 -13.44 9.99
N LYS A 148 3.00 -14.19 10.53
CA LYS A 148 4.17 -13.58 11.15
C LYS A 148 4.96 -12.74 10.16
N ASP A 149 4.88 -13.07 8.87
CA ASP A 149 5.57 -12.32 7.82
C ASP A 149 4.94 -10.95 7.63
N VAL A 150 3.61 -10.91 7.61
CA VAL A 150 2.87 -9.67 7.42
C VAL A 150 2.95 -8.80 8.68
N ILE A 151 3.35 -9.42 9.81
CA ILE A 151 3.60 -8.65 11.04
C ILE A 151 5.07 -8.20 11.10
N GLU A 152 6.02 -9.05 10.72
CA GLU A 152 7.36 -8.58 10.41
C GLU A 152 7.35 -7.30 9.58
N LEU A 153 6.89 -7.42 8.34
CA LEU A 153 6.74 -6.27 7.44
C LEU A 153 6.01 -5.14 8.16
N ALA A 154 4.96 -5.54 8.85
CA ALA A 154 4.01 -4.61 9.46
C ALA A 154 4.70 -3.60 10.36
N SER A 155 5.52 -4.12 11.25
CA SER A 155 6.14 -3.30 12.27
C SER A 155 7.32 -2.52 11.69
N ILE A 156 7.82 -2.96 10.55
CA ILE A 156 8.97 -2.34 9.93
C ILE A 156 8.51 -1.26 8.97
N VAL A 157 7.59 -1.62 8.10
CA VAL A 157 7.04 -0.66 7.16
C VAL A 157 6.02 0.24 7.88
N PRO A 158 6.35 1.52 7.97
CA PRO A 158 5.56 2.49 8.72
C PRO A 158 4.37 3.00 7.93
N ASN A 159 3.65 3.92 8.56
CA ASN A 159 2.40 4.47 8.03
C ASN A 159 2.56 5.15 6.67
N GLY A 160 3.78 5.19 6.15
CA GLY A 160 4.03 5.84 4.88
C GLY A 160 5.12 5.16 4.08
N THR A 161 4.91 3.89 3.78
CA THR A 161 5.87 3.14 2.99
C THR A 161 5.46 3.15 1.53
N ARG A 162 6.41 3.40 0.63
CA ARG A 162 6.11 3.44 -0.79
C ARG A 162 6.14 2.04 -1.37
N VAL A 163 5.21 1.78 -2.28
CA VAL A 163 5.09 0.46 -2.89
C VAL A 163 4.62 0.57 -4.33
N THR A 164 5.33 -0.10 -5.23
CA THR A 164 4.99 -0.10 -6.64
C THR A 164 4.62 -1.51 -7.14
N ILE A 165 3.59 -1.58 -7.96
CA ILE A 165 3.24 -2.87 -8.57
C ILE A 165 3.25 -2.78 -10.08
N ASN A 166 4.25 -3.43 -10.65
CA ASN A 166 4.57 -3.31 -12.06
C ASN A 166 5.03 -4.65 -12.59
N ARG A 167 4.90 -4.83 -13.88
CA ARG A 167 5.29 -6.07 -14.51
C ARG A 167 6.74 -6.01 -14.98
N GLY A 168 7.32 -4.81 -14.89
CA GLY A 168 8.73 -4.65 -15.19
C GLY A 168 8.98 -4.29 -16.63
N SER A 169 8.73 -5.22 -17.53
CA SER A 169 8.98 -5.03 -18.94
C SER A 169 7.88 -5.67 -19.77
N GLY A 1 8.24 17.80 15.28
CA GLY A 1 7.62 16.55 14.79
C GLY A 1 8.10 16.20 13.40
N ARG A 2 7.48 15.19 12.79
CA ARG A 2 7.87 14.76 11.46
C ARG A 2 6.96 15.37 10.41
N LYS A 3 7.41 15.38 9.16
CA LYS A 3 6.58 15.80 8.04
C LYS A 3 5.45 14.80 7.87
N LEU A 4 4.35 15.27 7.31
CA LEU A 4 3.22 14.41 7.01
C LEU A 4 3.32 13.86 5.58
N LEU A 5 2.45 12.91 5.26
CA LEU A 5 2.54 12.14 4.02
C LEU A 5 2.08 12.94 2.83
N THR A 6 2.67 12.66 1.69
CA THR A 6 2.15 13.15 0.44
C THR A 6 1.65 12.01 -0.45
N TYR A 7 0.65 12.36 -1.24
CA TYR A 7 -0.01 11.49 -2.18
C TYR A 7 -0.16 12.24 -3.49
N GLN A 8 -0.10 11.56 -4.59
CA GLN A 8 -0.35 12.17 -5.89
C GLN A 8 -1.39 11.32 -6.56
N VAL A 9 -2.56 11.89 -6.72
CA VAL A 9 -3.74 11.15 -7.06
C VAL A 9 -3.70 10.66 -8.50
N LYS A 10 -4.47 9.62 -8.75
CA LYS A 10 -4.50 8.99 -10.05
C LYS A 10 -5.80 9.31 -10.74
N GLN A 11 -5.74 9.40 -12.06
CA GLN A 11 -6.89 9.81 -12.86
C GLN A 11 -8.14 9.01 -12.54
N GLY A 12 -9.23 9.72 -12.34
CA GLY A 12 -10.49 9.08 -12.01
C GLY A 12 -10.83 9.26 -10.56
N ASP A 13 -9.91 9.86 -9.83
CA ASP A 13 -10.06 10.21 -8.42
C ASP A 13 -11.38 10.87 -8.05
N THR A 14 -11.87 10.53 -6.86
CA THR A 14 -12.93 11.28 -6.22
C THR A 14 -12.63 11.56 -4.75
N LEU A 15 -12.97 12.76 -4.31
CA LEU A 15 -12.65 13.23 -2.96
C LEU A 15 -12.90 12.17 -1.89
N ASN A 16 -14.11 11.63 -1.84
CA ASN A 16 -14.51 10.73 -0.76
C ASN A 16 -13.70 9.46 -0.81
N SER A 17 -13.55 8.99 -2.04
CA SER A 17 -12.89 7.75 -2.37
C SER A 17 -11.43 7.80 -1.97
N ILE A 18 -10.81 8.95 -2.16
CA ILE A 18 -9.42 9.18 -1.80
C ILE A 18 -9.23 9.35 -0.30
N ALA A 19 -10.15 10.05 0.34
CA ALA A 19 -10.10 10.23 1.78
C ALA A 19 -10.11 8.88 2.49
N ALA A 20 -11.12 8.08 2.29
CA ALA A 20 -11.08 6.77 2.92
C ALA A 20 -10.25 5.77 2.12
N ASP A 21 -9.77 6.19 0.96
CA ASP A 21 -8.60 5.56 0.36
C ASP A 21 -7.43 5.74 1.33
N PHE A 22 -7.46 6.82 2.10
CA PHE A 22 -6.47 7.04 3.14
C PHE A 22 -7.04 6.88 4.54
N ARG A 23 -8.18 6.20 4.62
CA ARG A 23 -8.86 5.92 5.90
C ARG A 23 -8.99 7.18 6.74
N ILE A 24 -9.59 8.22 6.17
CA ILE A 24 -9.67 9.52 6.82
C ILE A 24 -10.97 10.20 6.42
N SER A 25 -11.10 11.44 6.80
CA SER A 25 -12.21 12.26 6.36
C SER A 25 -11.78 13.10 5.19
N THR A 26 -12.72 13.34 4.29
CA THR A 26 -12.47 14.20 3.17
C THR A 26 -12.15 15.58 3.67
N ALA A 27 -12.84 15.93 4.75
CA ALA A 27 -12.67 17.22 5.38
C ALA A 27 -11.29 17.37 5.99
N ALA A 28 -10.67 16.27 6.43
CA ALA A 28 -9.36 16.36 7.04
C ALA A 28 -8.30 16.45 5.96
N LEU A 29 -8.53 15.71 4.90
CA LEU A 29 -7.68 15.77 3.73
C LEU A 29 -7.94 17.10 3.00
N LEU A 30 -9.07 17.72 3.31
CA LEU A 30 -9.36 19.05 2.84
C LEU A 30 -8.67 20.09 3.70
N GLN A 31 -8.61 19.81 4.99
CA GLN A 31 -8.04 20.74 5.95
C GLN A 31 -6.63 21.07 5.57
N ALA A 32 -5.92 20.03 5.24
CA ALA A 32 -4.55 20.11 4.81
C ALA A 32 -4.44 20.47 3.33
N ASN A 33 -5.51 20.27 2.58
CA ASN A 33 -5.47 20.43 1.12
C ASN A 33 -6.76 21.06 0.63
N PRO A 34 -6.94 22.35 0.89
CA PRO A 34 -8.11 23.11 0.45
C PRO A 34 -8.36 23.08 -1.05
N SER A 35 -7.40 22.65 -1.84
CA SER A 35 -7.65 22.51 -3.27
C SER A 35 -8.76 21.49 -3.51
N LEU A 36 -8.82 20.53 -2.60
CA LEU A 36 -9.70 19.39 -2.75
C LEU A 36 -11.14 19.64 -2.33
N GLN A 37 -11.48 20.81 -1.75
CA GLN A 37 -12.88 21.05 -1.37
C GLN A 37 -13.79 20.78 -2.51
N ALA A 38 -13.32 21.20 -3.64
CA ALA A 38 -14.03 21.01 -4.86
C ALA A 38 -13.77 19.63 -5.44
N GLY A 39 -12.50 19.24 -5.46
CA GLY A 39 -12.16 17.91 -5.90
C GLY A 39 -10.68 17.66 -5.98
N LEU A 40 -10.38 16.52 -6.57
CA LEU A 40 -9.03 16.09 -6.81
C LEU A 40 -8.73 16.14 -8.29
N THR A 41 -7.46 16.12 -8.63
CA THR A 41 -7.02 16.09 -10.00
C THR A 41 -5.89 15.09 -10.18
N ALA A 42 -5.97 14.26 -11.21
CA ALA A 42 -4.88 13.35 -11.54
C ALA A 42 -3.54 14.05 -11.59
N GLY A 43 -2.58 13.48 -10.89
CA GLY A 43 -1.25 14.03 -10.81
C GLY A 43 -1.13 15.08 -9.73
N GLN A 44 -2.25 15.53 -9.21
CA GLN A 44 -2.26 16.46 -8.10
C GLN A 44 -1.71 15.78 -6.87
N SER A 45 -1.16 16.59 -6.01
CA SER A 45 -0.44 16.12 -4.85
C SER A 45 -1.14 16.58 -3.59
N ILE A 46 -1.36 15.68 -2.67
CA ILE A 46 -2.14 15.99 -1.49
C ILE A 46 -1.46 15.45 -0.25
N VAL A 47 -1.60 16.18 0.82
CA VAL A 47 -1.04 15.80 2.11
C VAL A 47 -2.05 15.00 2.89
N ILE A 48 -1.54 14.10 3.69
CA ILE A 48 -2.37 13.23 4.49
C ILE A 48 -2.10 13.50 5.95
N PRO A 49 -2.85 14.45 6.51
CA PRO A 49 -2.64 14.93 7.86
C PRO A 49 -2.76 13.83 8.91
N GLY A 50 -1.89 13.90 9.91
CA GLY A 50 -1.84 12.90 10.94
C GLY A 50 -0.99 11.70 10.57
N LEU A 51 -0.55 11.66 9.32
CA LEU A 51 0.31 10.59 8.83
C LEU A 51 1.63 11.19 8.39
N PRO A 52 2.77 10.66 8.86
CA PRO A 52 4.11 11.15 8.52
C PRO A 52 4.50 10.93 7.05
N ASP A 53 5.66 11.45 6.68
CA ASP A 53 6.10 11.50 5.29
C ASP A 53 6.87 10.24 4.94
N PRO A 54 6.68 9.74 3.72
CA PRO A 54 7.26 8.49 3.26
C PRO A 54 8.68 8.66 2.74
N TYR A 55 9.15 9.90 2.69
CA TYR A 55 10.52 10.17 2.32
C TYR A 55 11.38 10.30 3.57
N THR A 56 10.74 10.69 4.67
CA THR A 56 11.38 10.69 5.97
C THR A 56 11.52 9.24 6.43
N ILE A 57 10.57 8.46 5.94
CA ILE A 57 10.58 7.02 6.08
C ILE A 57 11.49 6.40 5.03
N PRO A 58 12.48 5.59 5.41
CA PRO A 58 13.21 4.81 4.45
C PRO A 58 12.72 3.37 4.48
N TYR A 59 11.83 3.09 3.57
CA TYR A 59 11.33 1.75 3.29
C TYR A 59 10.78 1.76 1.89
N HIS A 60 11.12 0.77 1.09
CA HIS A 60 10.87 0.81 -0.33
C HIS A 60 10.35 -0.58 -0.70
N ILE A 61 9.07 -0.66 -0.92
CA ILE A 61 8.46 -1.94 -1.22
C ILE A 61 8.39 -2.13 -2.71
N ALA A 62 9.25 -3.01 -3.19
CA ALA A 62 9.39 -3.21 -4.60
C ALA A 62 8.90 -4.58 -4.98
N VAL A 63 7.67 -4.59 -5.41
CA VAL A 63 7.06 -5.79 -5.90
C VAL A 63 6.77 -5.61 -7.37
N SER A 64 7.66 -6.10 -8.15
CA SER A 64 7.52 -6.01 -9.56
C SER A 64 6.90 -7.28 -10.08
N ILE A 65 5.77 -7.15 -10.74
CA ILE A 65 5.14 -8.24 -11.46
C ILE A 65 6.17 -8.99 -12.30
N GLY A 66 7.12 -8.24 -12.81
CA GLY A 66 8.22 -8.81 -13.55
C GLY A 66 9.19 -9.56 -12.64
N ALA A 67 9.58 -8.93 -11.54
CA ALA A 67 10.40 -9.56 -10.50
C ALA A 67 9.69 -10.73 -9.82
N LYS A 68 8.37 -10.68 -9.86
CA LYS A 68 7.48 -11.68 -9.28
C LYS A 68 7.73 -11.94 -7.80
N THR A 69 8.43 -11.01 -7.15
CA THR A 69 8.60 -11.04 -5.70
C THR A 69 8.58 -9.65 -5.12
N LEU A 70 7.97 -9.53 -3.96
CA LEU A 70 7.84 -8.26 -3.29
C LEU A 70 9.03 -8.05 -2.36
N THR A 71 9.80 -7.03 -2.63
CA THR A 71 11.03 -6.83 -1.91
C THR A 71 10.93 -5.72 -0.88
N LEU A 72 11.27 -6.04 0.36
CA LEU A 72 11.26 -5.01 1.38
C LEU A 72 12.60 -4.30 1.26
N SER A 73 12.66 -2.99 1.31
CA SER A 73 13.96 -2.32 1.18
C SER A 73 14.11 -1.12 2.09
N LEU A 74 15.22 -1.11 2.82
CA LEU A 74 15.55 -0.02 3.70
C LEU A 74 16.81 0.68 3.24
N ASN A 75 16.73 1.99 3.07
CA ASN A 75 17.91 2.79 2.76
C ASN A 75 18.47 2.38 1.40
N ASN A 76 17.55 2.08 0.48
CA ASN A 76 17.87 1.66 -0.90
C ASN A 76 18.36 0.22 -0.98
N ARG A 77 18.42 -0.46 0.15
CA ARG A 77 18.76 -1.87 0.09
C ARG A 77 17.80 -2.76 0.85
N VAL A 78 17.51 -3.88 0.21
CA VAL A 78 16.50 -4.83 0.66
C VAL A 78 16.71 -5.28 2.09
N MET A 79 15.59 -5.53 2.70
CA MET A 79 15.51 -6.06 4.03
C MET A 79 15.31 -7.54 3.91
N LYS A 80 14.41 -7.85 3.02
CA LYS A 80 13.99 -9.21 2.74
C LYS A 80 12.99 -9.25 1.60
N THR A 81 12.84 -10.40 0.96
CA THR A 81 11.93 -10.53 -0.16
C THR A 81 10.84 -11.57 0.11
N TYR A 82 9.59 -11.24 -0.21
CA TYR A 82 8.48 -12.15 0.03
C TYR A 82 7.76 -12.50 -1.28
N PRO A 83 7.60 -13.80 -1.56
CA PRO A 83 6.93 -14.32 -2.77
C PRO A 83 5.50 -13.84 -2.93
N ILE A 84 5.13 -13.47 -4.15
CA ILE A 84 3.76 -13.05 -4.41
C ILE A 84 3.26 -13.65 -5.73
N ALA A 85 1.96 -13.53 -5.96
CA ALA A 85 1.36 -14.04 -7.20
C ALA A 85 1.45 -13.03 -8.32
N VAL A 86 1.80 -13.54 -9.49
CA VAL A 86 2.02 -12.72 -10.68
C VAL A 86 1.27 -13.30 -11.86
N GLY A 87 0.27 -14.11 -11.56
CA GLY A 87 -0.53 -14.73 -12.59
C GLY A 87 -1.58 -13.80 -13.14
N LYS A 88 -1.14 -12.79 -13.85
CA LYS A 88 -2.02 -11.83 -14.48
C LYS A 88 -1.38 -11.37 -15.78
N ILE A 89 -2.19 -11.22 -16.82
CA ILE A 89 -1.70 -10.87 -18.16
C ILE A 89 -0.84 -9.60 -18.11
N LEU A 90 0.35 -9.68 -18.68
CA LEU A 90 1.31 -8.59 -18.63
C LEU A 90 1.00 -7.56 -19.72
N THR A 91 -0.21 -7.02 -19.68
CA THR A 91 -0.65 -6.05 -20.65
C THR A 91 0.09 -4.72 -20.53
N GLN A 92 0.08 -4.15 -19.33
CA GLN A 92 0.67 -2.85 -19.12
C GLN A 92 1.16 -2.71 -17.68
N THR A 93 2.19 -1.91 -17.50
CA THR A 93 2.74 -1.61 -16.19
C THR A 93 1.87 -0.58 -15.47
N PRO A 94 1.26 -0.94 -14.33
CA PRO A 94 0.47 -0.02 -13.51
C PRO A 94 1.30 1.19 -13.07
N THR A 95 0.77 2.38 -13.29
CA THR A 95 1.48 3.61 -13.01
C THR A 95 1.29 4.06 -11.56
N GLY A 96 2.23 4.85 -11.07
CA GLY A 96 2.12 5.39 -9.73
C GLY A 96 2.59 4.42 -8.67
N GLU A 97 2.29 4.74 -7.42
CA GLU A 97 2.65 3.89 -6.30
C GLU A 97 1.51 3.83 -5.31
N PHE A 98 1.61 2.91 -4.37
CA PHE A 98 0.68 2.84 -3.26
C PHE A 98 1.48 3.09 -1.99
N TYR A 99 0.82 3.32 -0.88
CA TYR A 99 1.53 3.47 0.39
C TYR A 99 0.91 2.61 1.47
N ILE A 100 1.78 1.94 2.21
CA ILE A 100 1.41 1.34 3.47
C ILE A 100 0.93 2.43 4.36
N ILE A 101 -0.30 2.34 4.81
CA ILE A 101 -0.84 3.40 5.60
C ILE A 101 -0.99 3.02 7.07
N ASN A 102 -1.07 1.71 7.38
CA ASN A 102 -1.13 1.31 8.80
C ASN A 102 -1.18 -0.20 9.02
N ARG A 103 -1.54 -0.53 10.25
CA ARG A 103 -1.61 -1.90 10.72
C ARG A 103 -2.65 -2.07 11.82
N GLN A 104 -3.36 -3.18 11.73
CA GLN A 104 -4.50 -3.47 12.58
C GLN A 104 -4.16 -4.54 13.60
N ARG A 105 -4.75 -4.36 14.76
CA ARG A 105 -4.74 -5.33 15.82
C ARG A 105 -5.32 -6.66 15.37
N ASN A 106 -4.84 -7.73 15.98
CA ASN A 106 -5.28 -9.08 15.67
C ASN A 106 -6.79 -9.17 15.58
N PRO A 107 -7.29 -9.24 14.34
CA PRO A 107 -8.72 -9.34 14.03
C PRO A 107 -9.35 -10.54 14.72
N GLY A 108 -8.73 -11.70 14.53
CA GLY A 108 -9.22 -12.92 15.14
C GLY A 108 -9.70 -13.92 14.12
N GLY A 109 -10.04 -13.45 12.93
CA GLY A 109 -10.53 -14.32 11.89
C GLY A 109 -9.46 -14.65 10.87
N PRO A 110 -9.84 -15.28 9.75
CA PRO A 110 -8.95 -15.56 8.61
C PRO A 110 -8.40 -14.30 7.92
N PHE A 111 -8.19 -13.26 8.70
CA PHE A 111 -7.69 -11.99 8.19
C PHE A 111 -6.16 -12.02 8.15
N GLY A 112 -5.59 -12.91 8.95
CA GLY A 112 -4.16 -13.18 8.85
C GLY A 112 -3.34 -12.41 9.86
N ALA A 113 -3.82 -12.34 11.10
CA ALA A 113 -3.04 -11.81 12.23
C ALA A 113 -2.93 -10.29 12.23
N TYR A 114 -2.86 -9.70 11.06
CA TYR A 114 -2.64 -8.27 10.92
C TYR A 114 -3.31 -7.76 9.65
N TRP A 115 -4.13 -6.74 9.79
CA TRP A 115 -4.66 -6.05 8.62
C TRP A 115 -3.87 -4.78 8.38
N LEU A 116 -2.96 -4.83 7.44
CA LEU A 116 -2.23 -3.65 7.04
C LEU A 116 -2.81 -3.12 5.75
N SER A 117 -2.88 -1.81 5.66
CA SER A 117 -3.61 -1.19 4.57
C SER A 117 -2.68 -0.57 3.54
N LEU A 118 -3.10 -0.66 2.28
CA LEU A 118 -2.42 0.02 1.20
C LEU A 118 -3.17 1.31 0.92
N SER A 119 -2.79 2.02 -0.11
CA SER A 119 -3.53 3.21 -0.50
C SER A 119 -4.84 2.84 -1.20
N LYS A 120 -4.72 2.25 -2.40
CA LYS A 120 -5.86 2.10 -3.30
C LYS A 120 -6.95 1.19 -2.75
N GLN A 121 -8.08 1.80 -2.42
CA GLN A 121 -9.30 1.09 -2.01
C GLN A 121 -9.04 0.16 -0.82
N HIS A 122 -9.59 -1.04 -0.87
CA HIS A 122 -9.47 -1.98 0.24
C HIS A 122 -8.22 -2.85 0.06
N TYR A 123 -7.33 -2.43 -0.82
CA TYR A 123 -6.05 -3.13 -0.96
C TYR A 123 -5.24 -2.98 0.31
N GLY A 124 -4.67 -4.07 0.76
CA GLY A 124 -3.85 -4.04 1.94
C GLY A 124 -2.87 -5.17 1.96
N ILE A 125 -1.82 -4.99 2.73
CA ILE A 125 -0.86 -6.04 2.96
C ILE A 125 -1.24 -6.77 4.23
N HIS A 126 -1.76 -7.96 4.07
CA HIS A 126 -2.33 -8.67 5.19
C HIS A 126 -1.91 -10.15 5.17
N GLY A 127 -2.66 -10.93 5.91
CA GLY A 127 -2.32 -12.32 6.04
C GLY A 127 -3.40 -13.25 5.56
N THR A 128 -2.97 -14.43 5.21
CA THR A 128 -3.81 -15.42 4.56
C THR A 128 -4.32 -16.44 5.57
N ASN A 129 -5.22 -17.29 5.12
CA ASN A 129 -5.52 -18.54 5.79
C ASN A 129 -5.06 -19.70 4.91
N ASN A 130 -4.77 -19.38 3.65
CA ASN A 130 -4.16 -20.33 2.73
C ASN A 130 -2.88 -19.71 2.17
N PRO A 131 -1.72 -20.12 2.69
CA PRO A 131 -0.43 -19.58 2.27
C PRO A 131 0.20 -20.36 1.13
N ALA A 132 -0.51 -21.36 0.63
CA ALA A 132 -0.01 -22.18 -0.44
C ALA A 132 -0.51 -21.65 -1.77
N SER A 133 -1.33 -20.60 -1.70
CA SER A 133 -1.83 -19.93 -2.88
C SER A 133 -0.89 -18.82 -3.28
N ILE A 134 0.04 -18.49 -2.39
CA ILE A 134 1.04 -17.48 -2.65
C ILE A 134 1.88 -17.87 -3.86
N GLY A 135 2.04 -16.94 -4.78
CA GLY A 135 2.77 -17.25 -6.01
C GLY A 135 2.02 -18.24 -6.87
N LYS A 136 2.66 -19.36 -7.16
CA LYS A 136 1.98 -20.48 -7.81
C LYS A 136 1.79 -21.59 -6.79
N ALA A 137 2.89 -22.13 -6.32
CA ALA A 137 2.86 -23.16 -5.28
C ALA A 137 3.89 -22.85 -4.20
N VAL A 138 4.16 -21.56 -4.01
CA VAL A 138 5.11 -21.14 -2.99
C VAL A 138 4.34 -20.78 -1.71
N SER A 139 5.03 -20.30 -0.70
CA SER A 139 4.38 -19.98 0.56
C SER A 139 5.03 -18.80 1.27
N LYS A 140 4.35 -18.33 2.31
CA LYS A 140 4.76 -17.16 3.12
C LYS A 140 5.25 -15.99 2.25
N GLY A 141 4.31 -15.18 1.79
CA GLY A 141 4.64 -14.00 1.02
C GLY A 141 3.39 -13.34 0.47
N CYS A 142 3.58 -12.26 -0.32
CA CYS A 142 2.46 -11.55 -0.96
C CYS A 142 1.79 -10.63 0.06
N ILE A 143 0.94 -9.75 -0.42
CA ILE A 143 0.19 -8.87 0.45
C ILE A 143 -0.95 -9.63 1.13
N ARG A 144 -0.76 -10.96 1.23
CA ARG A 144 -1.67 -11.89 1.89
C ARG A 144 -0.87 -13.11 2.37
N MET A 145 0.02 -12.89 3.33
CA MET A 145 1.05 -13.86 3.68
C MET A 145 0.80 -14.56 5.02
N HIS A 146 1.83 -15.25 5.50
CA HIS A 146 1.74 -15.98 6.77
C HIS A 146 1.70 -14.98 7.92
N ASN A 147 1.12 -15.37 9.05
CA ASN A 147 0.89 -14.43 10.16
C ASN A 147 2.19 -13.73 10.59
N LYS A 148 3.11 -14.45 11.21
CA LYS A 148 4.31 -13.83 11.74
C LYS A 148 5.14 -13.18 10.63
N ASP A 149 4.90 -13.61 9.41
CA ASP A 149 5.61 -13.10 8.25
C ASP A 149 5.11 -11.69 7.89
N VAL A 150 3.79 -11.52 7.89
CA VAL A 150 3.19 -10.21 7.65
C VAL A 150 3.39 -9.27 8.85
N ILE A 151 3.71 -9.85 10.00
CA ILE A 151 3.97 -9.05 11.20
C ILE A 151 5.43 -8.58 11.22
N GLU A 152 6.38 -9.38 10.76
CA GLU A 152 7.70 -8.86 10.39
C GLU A 152 7.60 -7.59 9.56
N LEU A 153 7.15 -7.74 8.32
CA LEU A 153 6.99 -6.60 7.43
C LEU A 153 6.24 -5.48 8.11
N ALA A 154 5.21 -5.90 8.85
CA ALA A 154 4.26 -4.98 9.46
C ALA A 154 4.94 -3.96 10.34
N SER A 155 5.71 -4.47 11.29
CA SER A 155 6.29 -3.66 12.34
C SER A 155 7.47 -2.85 11.81
N ILE A 156 7.92 -3.21 10.61
CA ILE A 156 9.02 -2.52 9.97
C ILE A 156 8.50 -1.43 9.05
N VAL A 157 7.56 -1.79 8.21
CA VAL A 157 6.97 -0.84 7.29
C VAL A 157 5.96 0.05 8.02
N PRO A 158 6.26 1.35 8.10
CA PRO A 158 5.49 2.31 8.87
C PRO A 158 4.26 2.82 8.13
N ASN A 159 3.56 3.73 8.77
CA ASN A 159 2.29 4.30 8.28
C ASN A 159 2.41 4.96 6.90
N GLY A 160 3.61 5.00 6.34
CA GLY A 160 3.79 5.63 5.05
C GLY A 160 4.87 4.97 4.22
N THR A 161 4.71 3.68 3.97
CA THR A 161 5.68 2.94 3.18
C THR A 161 5.28 2.94 1.71
N ARG A 162 6.23 3.19 0.83
CA ARG A 162 5.94 3.22 -0.58
C ARG A 162 6.03 1.82 -1.18
N VAL A 163 5.09 1.51 -2.05
CA VAL A 163 4.99 0.19 -2.66
C VAL A 163 4.49 0.29 -4.09
N THR A 164 5.23 -0.31 -5.01
CA THR A 164 4.90 -0.26 -6.41
C THR A 164 4.58 -1.65 -6.97
N ILE A 165 3.60 -1.70 -7.87
CA ILE A 165 3.34 -2.96 -8.58
C ILE A 165 3.43 -2.74 -10.09
N ASN A 166 4.51 -3.24 -10.67
CA ASN A 166 4.88 -2.92 -12.03
C ASN A 166 5.48 -4.12 -12.73
N ARG A 167 5.21 -4.22 -14.01
CA ARG A 167 5.75 -5.27 -14.86
C ARG A 167 7.16 -4.94 -15.31
N GLY A 168 7.59 -3.71 -15.06
CA GLY A 168 8.90 -3.29 -15.48
C GLY A 168 8.93 -2.86 -16.93
N SER A 169 8.65 -3.80 -17.81
CA SER A 169 8.62 -3.55 -19.24
C SER A 169 7.20 -3.23 -19.69
N GLY A 1 6.49 16.35 15.55
CA GLY A 1 7.57 17.15 14.93
C GLY A 1 8.17 16.45 13.72
N ARG A 2 7.36 16.22 12.70
CA ARG A 2 7.81 15.55 11.50
C ARG A 2 6.95 15.99 10.31
N LYS A 3 7.39 15.64 9.11
CA LYS A 3 6.61 15.91 7.91
C LYS A 3 5.52 14.88 7.77
N LEU A 4 4.42 15.28 7.16
CA LEU A 4 3.31 14.38 6.91
C LEU A 4 3.38 13.80 5.50
N LEU A 5 2.50 12.85 5.20
CA LEU A 5 2.57 12.07 3.99
C LEU A 5 2.11 12.85 2.78
N THR A 6 2.67 12.53 1.65
CA THR A 6 2.16 13.02 0.39
C THR A 6 1.62 11.87 -0.48
N TYR A 7 0.60 12.23 -1.22
CA TYR A 7 -0.10 11.34 -2.14
C TYR A 7 -0.26 12.07 -3.46
N GLN A 8 -0.23 11.37 -4.55
CA GLN A 8 -0.45 11.98 -5.85
C GLN A 8 -1.53 11.17 -6.53
N VAL A 9 -2.68 11.78 -6.69
CA VAL A 9 -3.88 11.06 -7.03
C VAL A 9 -3.84 10.55 -8.45
N LYS A 10 -4.64 9.52 -8.70
CA LYS A 10 -4.67 8.86 -9.97
C LYS A 10 -5.97 9.18 -10.69
N GLN A 11 -5.89 9.25 -12.00
CA GLN A 11 -7.02 9.69 -12.81
C GLN A 11 -8.28 8.89 -12.51
N GLY A 12 -9.38 9.61 -12.30
CA GLY A 12 -10.63 8.97 -11.98
C GLY A 12 -10.98 9.15 -10.51
N ASP A 13 -10.06 9.74 -9.78
CA ASP A 13 -10.21 10.08 -8.36
C ASP A 13 -11.55 10.71 -7.99
N THR A 14 -12.00 10.39 -6.77
CA THR A 14 -13.05 11.17 -6.12
C THR A 14 -12.70 11.46 -4.66
N LEU A 15 -13.02 12.68 -4.24
CA LEU A 15 -12.68 13.16 -2.91
C LEU A 15 -12.95 12.12 -1.81
N ASN A 16 -14.17 11.62 -1.73
CA ASN A 16 -14.58 10.77 -0.64
C ASN A 16 -13.81 9.47 -0.66
N SER A 17 -13.64 9.00 -1.87
CA SER A 17 -12.94 7.76 -2.15
C SER A 17 -11.53 7.84 -1.65
N ILE A 18 -10.85 8.92 -2.00
CA ILE A 18 -9.47 9.09 -1.68
C ILE A 18 -9.26 9.21 -0.17
N ALA A 19 -10.18 9.93 0.48
CA ALA A 19 -10.15 10.09 1.93
C ALA A 19 -10.18 8.75 2.64
N ALA A 20 -11.22 7.97 2.48
CA ALA A 20 -11.27 6.70 3.19
C ALA A 20 -10.50 5.60 2.45
N ASP A 21 -9.99 5.92 1.28
CA ASP A 21 -8.84 5.18 0.75
C ASP A 21 -7.67 5.37 1.70
N PHE A 22 -7.60 6.55 2.31
CA PHE A 22 -6.59 6.81 3.33
C PHE A 22 -7.16 6.72 4.74
N ARG A 23 -8.20 5.89 4.87
CA ARG A 23 -9.07 5.81 6.06
C ARG A 23 -9.07 7.09 6.91
N ILE A 24 -9.66 8.14 6.35
CA ILE A 24 -9.70 9.44 6.99
C ILE A 24 -11.01 10.12 6.58
N SER A 25 -11.15 11.36 6.96
CA SER A 25 -12.27 12.15 6.52
C SER A 25 -11.84 13.06 5.40
N THR A 26 -12.73 13.30 4.47
CA THR A 26 -12.45 14.16 3.34
C THR A 26 -12.14 15.54 3.83
N ALA A 27 -12.84 15.90 4.89
CA ALA A 27 -12.68 17.20 5.52
C ALA A 27 -11.29 17.36 6.10
N ALA A 28 -10.66 16.27 6.53
CA ALA A 28 -9.33 16.34 7.14
C ALA A 28 -8.29 16.42 6.04
N LEU A 29 -8.51 15.67 4.99
CA LEU A 29 -7.65 15.72 3.83
C LEU A 29 -7.89 17.04 3.08
N LEU A 30 -9.02 17.66 3.36
CA LEU A 30 -9.32 19.00 2.86
C LEU A 30 -8.62 20.05 3.69
N GLN A 31 -8.56 19.80 4.99
CA GLN A 31 -7.98 20.75 5.93
C GLN A 31 -6.57 21.06 5.53
N ALA A 32 -5.87 19.99 5.26
CA ALA A 32 -4.49 20.05 4.84
C ALA A 32 -4.36 20.39 3.37
N ASN A 33 -5.44 20.23 2.61
CA ASN A 33 -5.38 20.38 1.16
C ASN A 33 -6.67 21.01 0.66
N PRO A 34 -6.84 22.31 0.93
CA PRO A 34 -8.01 23.08 0.50
C PRO A 34 -8.22 23.06 -1.01
N SER A 35 -7.25 22.62 -1.78
CA SER A 35 -7.43 22.47 -3.20
C SER A 35 -8.56 21.48 -3.48
N LEU A 36 -8.68 20.53 -2.57
CA LEU A 36 -9.57 19.40 -2.73
C LEU A 36 -11.02 19.67 -2.33
N GLN A 37 -11.34 20.85 -1.76
CA GLN A 37 -12.75 21.13 -1.42
C GLN A 37 -13.62 20.87 -2.60
N ALA A 38 -13.11 21.30 -3.71
CA ALA A 38 -13.78 21.13 -4.95
C ALA A 38 -13.57 19.73 -5.51
N GLY A 39 -12.33 19.27 -5.50
CA GLY A 39 -12.03 17.93 -5.90
C GLY A 39 -10.57 17.61 -5.98
N LEU A 40 -10.31 16.49 -6.59
CA LEU A 40 -8.98 15.99 -6.83
C LEU A 40 -8.69 15.99 -8.33
N THR A 41 -7.42 15.96 -8.66
CA THR A 41 -6.99 15.91 -10.04
C THR A 41 -5.88 14.89 -10.21
N ALA A 42 -5.96 14.06 -11.26
CA ALA A 42 -4.89 13.14 -11.57
C ALA A 42 -3.53 13.81 -11.60
N GLY A 43 -2.59 13.20 -10.90
CA GLY A 43 -1.25 13.72 -10.81
C GLY A 43 -1.10 14.79 -9.76
N GLN A 44 -2.23 15.29 -9.28
CA GLN A 44 -2.23 16.24 -8.19
C GLN A 44 -1.70 15.58 -6.94
N SER A 45 -1.15 16.41 -6.09
CA SER A 45 -0.43 15.96 -4.94
C SER A 45 -1.12 16.45 -3.68
N ILE A 46 -1.33 15.57 -2.73
CA ILE A 46 -2.08 15.94 -1.54
C ILE A 46 -1.37 15.41 -0.30
N VAL A 47 -1.64 16.06 0.80
CA VAL A 47 -1.07 15.67 2.08
C VAL A 47 -2.09 14.90 2.89
N ILE A 48 -1.58 14.00 3.70
CA ILE A 48 -2.40 13.13 4.50
C ILE A 48 -2.11 13.42 5.96
N PRO A 49 -2.84 14.39 6.52
CA PRO A 49 -2.59 14.90 7.86
C PRO A 49 -2.68 13.81 8.93
N GLY A 50 -1.81 13.93 9.93
CA GLY A 50 -1.73 12.94 10.98
C GLY A 50 -0.91 11.73 10.60
N LEU A 51 -0.51 11.66 9.33
CA LEU A 51 0.33 10.59 8.83
C LEU A 51 1.65 11.19 8.38
N PRO A 52 2.78 10.66 8.88
CA PRO A 52 4.13 11.16 8.57
C PRO A 52 4.54 10.95 7.11
N ASP A 53 5.70 11.48 6.76
CA ASP A 53 6.16 11.52 5.38
C ASP A 53 6.94 10.26 5.05
N PRO A 54 6.76 9.76 3.84
CA PRO A 54 7.37 8.51 3.40
C PRO A 54 8.80 8.70 2.93
N TYR A 55 9.26 9.95 2.92
CA TYR A 55 10.65 10.24 2.60
C TYR A 55 11.45 10.39 3.88
N THR A 56 10.76 10.74 4.97
CA THR A 56 11.38 10.74 6.29
C THR A 56 11.53 9.30 6.73
N ILE A 57 10.61 8.50 6.21
CA ILE A 57 10.64 7.06 6.33
C ILE A 57 11.59 6.47 5.30
N PRO A 58 12.54 5.61 5.66
CA PRO A 58 13.25 4.83 4.69
C PRO A 58 12.74 3.39 4.69
N TYR A 59 11.86 3.12 3.78
CA TYR A 59 11.34 1.79 3.49
C TYR A 59 10.81 1.81 2.07
N HIS A 60 11.15 0.81 1.27
CA HIS A 60 10.97 0.88 -0.17
C HIS A 60 10.47 -0.48 -0.63
N ILE A 61 9.22 -0.55 -0.94
CA ILE A 61 8.59 -1.82 -1.30
C ILE A 61 8.55 -1.99 -2.80
N ALA A 62 9.29 -2.99 -3.28
CA ALA A 62 9.34 -3.27 -4.70
C ALA A 62 8.75 -4.64 -4.99
N VAL A 63 7.49 -4.61 -5.38
CA VAL A 63 6.78 -5.83 -5.73
C VAL A 63 6.29 -5.75 -7.16
N SER A 64 7.01 -6.39 -8.03
CA SER A 64 6.65 -6.39 -9.42
C SER A 64 5.84 -7.64 -9.72
N ILE A 65 4.74 -7.45 -10.44
CA ILE A 65 3.91 -8.56 -10.89
C ILE A 65 4.74 -9.50 -11.74
N GLY A 66 5.67 -8.92 -12.46
CA GLY A 66 6.61 -9.68 -13.24
C GLY A 66 7.65 -10.38 -12.36
N ALA A 67 8.17 -9.66 -11.37
CA ALA A 67 9.11 -10.24 -10.41
C ALA A 67 8.45 -11.25 -9.49
N LYS A 68 7.15 -11.10 -9.33
CA LYS A 68 6.31 -11.98 -8.52
C LYS A 68 6.78 -12.12 -7.08
N THR A 69 7.62 -11.21 -6.64
CA THR A 69 8.04 -11.15 -5.26
C THR A 69 8.19 -9.72 -4.80
N LEU A 70 7.81 -9.49 -3.57
CA LEU A 70 7.80 -8.18 -2.98
C LEU A 70 9.07 -7.97 -2.18
N THR A 71 9.84 -6.98 -2.55
CA THR A 71 11.12 -6.78 -1.89
C THR A 71 11.04 -5.66 -0.87
N LEU A 72 11.36 -5.98 0.36
CA LEU A 72 11.36 -4.95 1.38
C LEU A 72 12.71 -4.24 1.26
N SER A 73 12.77 -2.94 1.23
CA SER A 73 14.08 -2.29 1.10
C SER A 73 14.22 -1.09 2.02
N LEU A 74 15.30 -1.10 2.79
CA LEU A 74 15.62 -0.01 3.68
C LEU A 74 16.89 0.68 3.22
N ASN A 75 16.82 1.99 3.04
CA ASN A 75 18.01 2.79 2.75
C ASN A 75 18.54 2.40 1.36
N ASN A 76 17.60 2.10 0.46
CA ASN A 76 17.85 1.69 -0.92
C ASN A 76 18.34 0.24 -1.02
N ARG A 77 18.47 -0.43 0.11
CA ARG A 77 18.84 -1.83 0.05
C ARG A 77 17.92 -2.74 0.85
N VAL A 78 17.65 -3.90 0.24
CA VAL A 78 16.64 -4.83 0.71
C VAL A 78 16.85 -5.27 2.14
N MET A 79 15.71 -5.51 2.73
CA MET A 79 15.60 -6.04 4.06
C MET A 79 15.39 -7.52 3.93
N LYS A 80 14.48 -7.82 3.02
CA LYS A 80 14.05 -9.19 2.75
C LYS A 80 13.00 -9.20 1.64
N THR A 81 12.88 -10.32 0.95
CA THR A 81 11.90 -10.46 -0.13
C THR A 81 10.79 -11.43 0.27
N TYR A 82 9.54 -11.03 0.07
CA TYR A 82 8.40 -11.84 0.47
C TYR A 82 7.52 -12.21 -0.72
N PRO A 83 7.11 -13.49 -0.78
CA PRO A 83 6.16 -13.97 -1.79
C PRO A 83 4.79 -13.32 -1.67
N ILE A 84 4.20 -13.02 -2.82
CA ILE A 84 2.86 -12.45 -2.87
C ILE A 84 2.11 -13.05 -4.06
N ALA A 85 0.86 -12.65 -4.29
CA ALA A 85 0.11 -13.12 -5.46
C ALA A 85 0.42 -12.27 -6.67
N VAL A 86 0.39 -12.90 -7.83
CA VAL A 86 0.73 -12.25 -9.08
C VAL A 86 -0.14 -12.76 -10.21
N GLY A 87 -0.86 -11.83 -10.83
CA GLY A 87 -1.72 -12.19 -11.95
C GLY A 87 -0.98 -12.23 -13.26
N LYS A 88 -1.67 -11.91 -14.33
CA LYS A 88 -1.10 -11.96 -15.66
C LYS A 88 -0.02 -10.88 -15.82
N ILE A 89 1.08 -11.23 -16.48
CA ILE A 89 2.17 -10.29 -16.72
C ILE A 89 2.01 -9.62 -18.08
N LEU A 90 0.85 -9.01 -18.30
CA LEU A 90 0.59 -8.27 -19.53
C LEU A 90 1.04 -6.82 -19.34
N THR A 91 0.94 -6.03 -20.39
CA THR A 91 1.36 -4.62 -20.36
C THR A 91 0.39 -3.76 -19.54
N GLN A 92 -0.42 -4.40 -18.71
CA GLN A 92 -1.34 -3.69 -17.83
C GLN A 92 -0.61 -3.31 -16.55
N THR A 93 0.49 -2.59 -16.71
CA THR A 93 1.29 -2.15 -15.58
C THR A 93 0.61 -0.98 -14.87
N PRO A 94 0.15 -1.18 -13.63
CA PRO A 94 -0.46 -0.10 -12.84
C PRO A 94 0.53 1.03 -12.59
N THR A 95 0.20 2.20 -13.09
CA THR A 95 1.07 3.36 -12.96
C THR A 95 0.90 4.01 -11.59
N GLY A 96 1.91 4.75 -11.18
CA GLY A 96 1.85 5.43 -9.91
C GLY A 96 2.30 4.55 -8.77
N GLU A 97 2.57 5.16 -7.63
CA GLU A 97 3.00 4.41 -6.46
C GLU A 97 1.94 4.42 -5.38
N PHE A 98 2.02 3.44 -4.50
CA PHE A 98 1.07 3.30 -3.42
C PHE A 98 1.83 3.38 -2.11
N TYR A 99 1.12 3.46 -0.99
CA TYR A 99 1.79 3.51 0.29
C TYR A 99 1.13 2.61 1.31
N ILE A 100 1.97 1.92 2.08
CA ILE A 100 1.55 1.29 3.31
C ILE A 100 1.03 2.38 4.20
N ILE A 101 -0.27 2.43 4.37
CA ILE A 101 -0.84 3.49 5.16
C ILE A 101 -1.05 3.07 6.61
N ASN A 102 -1.18 1.77 6.88
CA ASN A 102 -1.41 1.37 8.26
C ASN A 102 -1.34 -0.13 8.50
N ARG A 103 -1.66 -0.45 9.74
CA ARG A 103 -1.69 -1.81 10.26
C ARG A 103 -2.73 -1.93 11.34
N GLN A 104 -3.46 -3.03 11.29
CA GLN A 104 -4.54 -3.30 12.21
C GLN A 104 -4.13 -4.35 13.21
N ARG A 105 -4.64 -4.14 14.39
CA ARG A 105 -4.55 -5.05 15.50
C ARG A 105 -5.06 -6.43 15.13
N ASN A 106 -4.56 -7.42 15.85
CA ASN A 106 -5.00 -8.79 15.70
C ASN A 106 -6.52 -8.86 15.64
N PRO A 107 -7.03 -9.19 14.45
CA PRO A 107 -8.46 -9.34 14.20
C PRO A 107 -9.08 -10.43 15.08
N GLY A 108 -8.45 -11.60 15.05
CA GLY A 108 -8.92 -12.72 15.85
C GLY A 108 -9.52 -13.81 15.00
N GLY A 109 -9.91 -13.46 13.79
CA GLY A 109 -10.53 -14.42 12.89
C GLY A 109 -9.70 -14.70 11.66
N PRO A 110 -10.29 -15.41 10.67
CA PRO A 110 -9.63 -15.76 9.40
C PRO A 110 -9.19 -14.55 8.55
N PHE A 111 -9.26 -13.36 9.12
CA PHE A 111 -8.83 -12.15 8.44
C PHE A 111 -7.32 -12.24 8.13
N GLY A 112 -6.62 -12.99 8.97
CA GLY A 112 -5.23 -13.30 8.70
C GLY A 112 -4.25 -12.46 9.49
N ALA A 113 -4.39 -12.49 10.82
CA ALA A 113 -3.35 -11.98 11.73
C ALA A 113 -3.24 -10.46 11.77
N TYR A 114 -3.21 -9.83 10.61
CA TYR A 114 -2.98 -8.39 10.50
C TYR A 114 -3.64 -7.84 9.24
N TRP A 115 -4.11 -6.60 9.32
CA TRP A 115 -4.64 -5.92 8.15
C TRP A 115 -3.82 -4.66 7.86
N LEU A 116 -2.94 -4.75 6.88
CA LEU A 116 -2.18 -3.59 6.46
C LEU A 116 -2.68 -3.10 5.11
N SER A 117 -2.75 -1.79 4.98
CA SER A 117 -3.44 -1.17 3.86
C SER A 117 -2.50 -0.54 2.85
N LEU A 118 -2.94 -0.57 1.60
CA LEU A 118 -2.25 0.11 0.51
C LEU A 118 -3.02 1.39 0.20
N SER A 119 -2.68 2.11 -0.86
CA SER A 119 -3.49 3.25 -1.25
C SER A 119 -4.74 2.77 -2.01
N LYS A 120 -4.68 2.73 -3.33
CA LYS A 120 -5.80 2.22 -4.13
C LYS A 120 -5.33 1.21 -5.18
N GLN A 121 -5.75 -0.04 -5.00
CA GLN A 121 -5.53 -1.09 -5.99
C GLN A 121 -6.55 -2.20 -5.83
N HIS A 122 -7.48 -2.02 -4.90
CA HIS A 122 -8.40 -3.08 -4.46
C HIS A 122 -7.58 -4.22 -3.84
N TYR A 123 -6.41 -3.85 -3.35
CA TYR A 123 -5.49 -4.79 -2.74
C TYR A 123 -4.92 -4.22 -1.45
N GLY A 124 -4.47 -5.10 -0.59
CA GLY A 124 -3.86 -4.71 0.64
C GLY A 124 -2.83 -5.72 1.06
N ILE A 125 -1.88 -5.31 1.87
CA ILE A 125 -0.88 -6.23 2.38
C ILE A 125 -1.34 -6.78 3.71
N HIS A 126 -1.72 -8.04 3.72
CA HIS A 126 -2.26 -8.63 4.93
C HIS A 126 -1.87 -10.09 5.05
N GLY A 127 -2.57 -10.80 5.90
CA GLY A 127 -2.24 -12.19 6.13
C GLY A 127 -3.40 -13.12 5.87
N THR A 128 -3.12 -14.40 5.94
CA THR A 128 -4.04 -15.42 5.47
C THR A 128 -4.13 -16.59 6.44
N ASN A 129 -5.03 -17.52 6.12
CA ASN A 129 -5.03 -18.82 6.75
C ASN A 129 -4.49 -19.86 5.78
N ASN A 130 -4.47 -19.50 4.49
CA ASN A 130 -3.95 -20.39 3.45
C ASN A 130 -2.87 -19.68 2.65
N PRO A 131 -1.59 -20.01 2.90
CA PRO A 131 -0.45 -19.38 2.24
C PRO A 131 -0.03 -20.10 0.97
N ALA A 132 -0.76 -21.13 0.57
CA ALA A 132 -0.34 -21.98 -0.51
C ALA A 132 -0.56 -21.29 -1.86
N SER A 133 -1.47 -20.34 -1.87
CA SER A 133 -1.76 -19.55 -3.06
C SER A 133 -0.85 -18.34 -3.14
N ILE A 134 -0.07 -18.14 -2.08
CA ILE A 134 0.86 -17.03 -2.02
C ILE A 134 2.14 -17.38 -2.77
N GLY A 135 2.28 -16.81 -3.94
CA GLY A 135 3.39 -17.09 -4.81
C GLY A 135 3.02 -16.84 -6.25
N LYS A 136 3.69 -17.53 -7.16
CA LYS A 136 3.44 -17.36 -8.58
C LYS A 136 2.17 -18.10 -9.00
N ALA A 137 1.03 -17.55 -8.60
CA ALA A 137 -0.26 -18.12 -8.92
C ALA A 137 -1.28 -17.03 -9.20
N VAL A 138 -2.10 -17.24 -10.24
CA VAL A 138 -3.13 -16.28 -10.59
C VAL A 138 -4.52 -16.91 -10.45
N SER A 139 -4.94 -17.06 -9.19
CA SER A 139 -6.25 -17.59 -8.88
C SER A 139 -6.70 -17.07 -7.52
N LYS A 140 -7.70 -16.19 -7.54
CA LYS A 140 -8.18 -15.53 -6.32
C LYS A 140 -7.03 -14.77 -5.66
N GLY A 141 -6.25 -14.10 -6.49
CA GLY A 141 -5.03 -13.46 -6.04
C GLY A 141 -5.25 -12.40 -4.97
N CYS A 142 -4.74 -12.67 -3.78
CA CYS A 142 -4.73 -11.69 -2.71
C CYS A 142 -3.32 -11.55 -2.14
N ILE A 143 -3.00 -10.36 -1.66
CA ILE A 143 -1.67 -10.10 -1.08
C ILE A 143 -1.71 -10.40 0.42
N ARG A 144 -1.96 -11.67 0.73
CA ARG A 144 -2.11 -12.09 2.12
C ARG A 144 -1.15 -13.24 2.45
N MET A 145 0.00 -12.85 2.98
CA MET A 145 1.11 -13.78 3.21
C MET A 145 1.05 -14.40 4.59
N HIS A 146 2.15 -15.04 5.01
CA HIS A 146 2.20 -15.76 6.28
C HIS A 146 1.96 -14.79 7.43
N ASN A 147 1.27 -15.25 8.48
CA ASN A 147 0.94 -14.38 9.61
C ASN A 147 2.19 -13.67 10.15
N LYS A 148 3.13 -14.43 10.68
CA LYS A 148 4.29 -13.83 11.30
C LYS A 148 5.12 -13.02 10.30
N ASP A 149 5.03 -13.39 9.03
CA ASP A 149 5.75 -12.68 7.98
C ASP A 149 5.16 -11.30 7.75
N VAL A 150 3.82 -11.22 7.74
CA VAL A 150 3.13 -9.96 7.51
C VAL A 150 3.19 -9.08 8.76
N ILE A 151 3.51 -9.69 9.90
CA ILE A 151 3.72 -8.92 11.14
C ILE A 151 5.17 -8.48 11.25
N GLU A 152 6.14 -9.30 10.85
CA GLU A 152 7.47 -8.82 10.54
C GLU A 152 7.44 -7.53 9.73
N LEU A 153 7.03 -7.66 8.46
CA LEU A 153 6.91 -6.52 7.57
C LEU A 153 6.13 -5.40 8.24
N ALA A 154 5.07 -5.80 8.93
CA ALA A 154 4.13 -4.87 9.53
C ALA A 154 4.82 -3.86 10.43
N SER A 155 5.63 -4.40 11.34
CA SER A 155 6.26 -3.61 12.37
C SER A 155 7.45 -2.83 11.82
N ILE A 156 7.89 -3.20 10.63
CA ILE A 156 8.99 -2.52 9.98
C ILE A 156 8.49 -1.43 9.05
N VAL A 157 7.56 -1.79 8.20
CA VAL A 157 6.98 -0.84 7.28
C VAL A 157 5.93 0.02 7.99
N PRO A 158 6.21 1.32 8.09
CA PRO A 158 5.38 2.26 8.84
C PRO A 158 4.21 2.80 8.03
N ASN A 159 3.46 3.70 8.66
CA ASN A 159 2.23 4.30 8.09
C ASN A 159 2.44 4.96 6.73
N GLY A 160 3.67 5.00 6.23
CA GLY A 160 3.94 5.64 4.97
C GLY A 160 5.05 4.96 4.20
N THR A 161 4.88 3.69 3.93
CA THR A 161 5.87 2.94 3.16
C THR A 161 5.50 2.97 1.68
N ARG A 162 6.46 3.26 0.84
CA ARG A 162 6.18 3.35 -0.59
C ARG A 162 6.24 1.98 -1.23
N VAL A 163 5.25 1.69 -2.03
CA VAL A 163 5.11 0.38 -2.65
C VAL A 163 4.56 0.48 -4.06
N THR A 164 5.22 -0.19 -4.99
CA THR A 164 4.80 -0.19 -6.37
C THR A 164 4.37 -1.58 -6.83
N ILE A 165 3.30 -1.64 -7.64
CA ILE A 165 2.95 -2.91 -8.26
C ILE A 165 2.89 -2.75 -9.78
N ASN A 166 3.85 -3.35 -10.44
CA ASN A 166 4.05 -3.20 -11.86
C ASN A 166 4.49 -4.50 -12.49
N ARG A 167 3.95 -4.76 -13.67
CA ARG A 167 4.28 -5.95 -14.45
C ARG A 167 5.67 -5.83 -15.07
N GLY A 168 6.20 -4.62 -15.10
CA GLY A 168 7.53 -4.42 -15.64
C GLY A 168 7.55 -3.29 -16.65
N SER A 169 7.77 -2.08 -16.17
CA SER A 169 7.82 -0.93 -17.04
C SER A 169 9.27 -0.56 -17.34
#